data_6AHF
#
_entry.id   6AHF
#
_cell.length_a   1.0
_cell.length_b   1.0
_cell.length_c   1.0
_cell.angle_alpha   90.00
_cell.angle_beta   90.00
_cell.angle_gamma   90.00
#
_symmetry.space_group_name_H-M   'P 1'
#
loop_
_entity.id
_entity.type
_entity.pdbx_description
1 polymer 'Heat shock protein 104'
2 non-polymer 'PHOSPHOTHIOPHOSPHORIC ACID-ADENYLATE ESTER'
#
_entity_poly.entity_id   1
_entity_poly.type   'polypeptide(L)'
_entity_poly.pdbx_seq_one_letter_code
;MNDQTQFTERALTILTLAQKLASDHQHPQLQPIHILAAFIETPEDGSVPYLQNLIEKGRYDYDLFKKVVNRNLVRIPQQQ
PAPAEITPSYALGKVLQDAAKIQKQQKDSFIAQDHILFALFNDSSIQQIFKEAQVDIEAIKQQALELRGNTRIDSRGADT
NTPLEYLSKYAIDMTEQARQGKLDPVIGREEEIRSTIRVLARRIKSNPCLIGEPGIGKTAIIEGVAQRIIDDDVPTILQG
AKLFSLDLAALTAGAKYKGDFEERFKGVLKEIEESKTLIVLFIDEIHMLMGNGKDDAANILKPALSRGQLKVIGATTNNE
YRSIVEKDGAFERRFQKIEVAEPSVRQTVAILRGLQPKYEIHHGVRILDSALVTAAQLAKRYLPYRRLPDSALDLVDISC
AGVAVARDSKPEELDSKERQLQLIQVEIKALERDEDADSTTKDRLKLARQKEASLQEELEPLRQRYNEEKHGHEELTQAK
KKLDELENKALDAERRYDTATAADLRYFAIPDIKKQIEKLEDQVAEEERRAGANSMIQNVVDSDTISETAARLTGIPVKK
LSESENEKLIHMERDLSSEVVGQMDAIKAVSNAVRLSRSGLANPRQPASFLFLGLSGSGKTELAKKVAGFLFNDEDMMIR
VDCSELSEKYAVSKLLGTTAGYVGYDEGGFLTNQLQYKPYSVLLFDEVEKAHPDVLTVMLQMLDDGRITSGQGKTIDCSN
CIVIMTSALGAEFINSQQGSKIQESTKNLVMGAVRQHFRPEFLNRISSIVIFNKLSRKAIHKIVDIRLKEIEERFEQNDK
HYKLNLTQEAKDFLAKYGYSDDMGARPLNRLIQNEILNKLALRILKNEIKDKETVNVVLKKGKSRDENVPEEAEECLEVL
PNHEATIGADTLGDDDNEDSMEIDDDLD
;
_entity_poly.pdbx_strand_id   A,B,C,D,E,F
#
loop_
_chem_comp.id
_chem_comp.type
_chem_comp.name
_chem_comp.formula
AGS non-polymer 'PHOSPHOTHIOPHOSPHORIC ACID-ADENYLATE ESTER' 'C10 H16 N5 O12 P3 S'
#
# COMPACT_ATOMS: atom_id res chain seq x y z
N TYR A 166 7.53 -30.42 60.55
CA TYR A 166 7.23 -29.60 59.40
C TYR A 166 8.13 -30.00 58.25
N LEU A 167 9.40 -30.13 58.58
CA LEU A 167 10.42 -30.34 57.57
C LEU A 167 10.09 -31.51 56.67
N SER A 168 9.62 -32.60 57.24
CA SER A 168 9.53 -33.88 56.52
C SER A 168 8.90 -33.77 55.15
N LYS A 169 7.58 -33.57 55.04
CA LYS A 169 6.98 -33.54 53.71
C LYS A 169 7.72 -32.58 52.83
N TYR A 170 8.20 -31.51 53.43
CA TYR A 170 9.11 -30.64 52.73
C TYR A 170 10.48 -31.30 52.59
N ALA A 171 10.88 -32.12 53.56
CA ALA A 171 12.24 -32.65 53.58
C ALA A 171 12.31 -33.93 52.77
N ILE A 172 13.03 -33.87 51.65
CA ILE A 172 13.42 -35.06 50.91
C ILE A 172 14.81 -35.51 51.30
N ASP A 173 15.43 -34.83 52.28
CA ASP A 173 16.87 -34.86 52.45
C ASP A 173 17.42 -36.25 52.37
N MET A 174 18.51 -36.39 51.66
CA MET A 174 19.16 -37.67 51.55
C MET A 174 20.18 -37.89 52.64
N THR A 175 20.31 -36.95 53.57
CA THR A 175 21.48 -36.92 54.42
C THR A 175 21.76 -38.28 55.03
N GLU A 176 20.89 -38.69 55.92
CA GLU A 176 21.22 -39.85 56.72
C GLU A 176 20.95 -41.12 55.95
N GLN A 177 19.85 -41.19 55.21
CA GLN A 177 19.61 -42.33 54.35
C GLN A 177 20.80 -42.60 53.46
N ALA A 178 21.48 -41.54 53.05
CA ALA A 178 22.84 -41.72 52.59
C ALA A 178 23.75 -41.95 53.77
N ARG A 179 23.82 -40.97 54.67
CA ARG A 179 24.78 -41.02 55.77
C ARG A 179 24.73 -42.36 56.48
N GLN A 180 23.58 -43.02 56.45
CA GLN A 180 23.51 -44.44 56.72
C GLN A 180 22.47 -45.03 55.79
N GLY A 181 22.82 -46.09 55.09
CA GLY A 181 21.90 -46.76 54.21
C GLY A 181 22.15 -46.51 52.75
N LYS A 182 22.89 -45.46 52.39
CA LYS A 182 23.42 -45.33 51.04
C LYS A 182 24.86 -44.86 51.12
N LEU A 183 25.81 -45.71 50.71
CA LEU A 183 27.18 -45.29 50.40
C LEU A 183 27.45 -45.19 48.90
N ASP A 184 26.48 -45.53 48.05
CA ASP A 184 26.73 -45.91 46.67
C ASP A 184 27.51 -44.87 45.90
N PRO A 185 28.76 -45.15 45.53
CA PRO A 185 29.38 -44.39 44.45
C PRO A 185 28.82 -44.89 43.12
N VAL A 186 28.29 -43.98 42.33
CA VAL A 186 28.01 -44.28 40.92
C VAL A 186 28.96 -43.37 40.16
N ILE A 187 30.00 -43.95 39.61
CA ILE A 187 31.17 -43.12 39.36
C ILE A 187 31.63 -43.20 37.93
N GLY A 188 32.81 -42.64 37.66
CA GLY A 188 33.26 -42.34 36.32
C GLY A 188 33.31 -40.87 36.02
N ARG A 189 32.81 -40.02 36.91
CA ARG A 189 32.89 -38.58 36.75
C ARG A 189 33.26 -37.97 38.09
N GLU A 190 34.37 -37.26 38.14
CA GLU A 190 34.76 -36.46 39.30
C GLU A 190 34.61 -34.99 38.96
N GLU A 191 35.26 -34.59 37.90
CA GLU A 191 35.38 -33.23 37.45
C GLU A 191 34.12 -32.41 37.64
N GLU A 192 32.98 -32.97 37.25
CA GLU A 192 31.72 -32.29 37.45
C GLU A 192 31.56 -31.93 38.90
N ILE A 193 31.95 -32.84 39.77
CA ILE A 193 32.00 -32.51 41.19
C ILE A 193 32.92 -31.34 41.38
N ARG A 194 34.19 -31.53 41.03
CA ARG A 194 35.10 -30.42 41.00
C ARG A 194 34.43 -29.23 40.35
N SER A 195 33.76 -29.47 39.23
CA SER A 195 33.00 -28.41 38.60
C SER A 195 31.92 -27.90 39.53
N THR A 196 31.27 -28.79 40.24
CA THR A 196 30.26 -28.27 41.12
C THR A 196 30.85 -27.79 42.41
N ILE A 197 31.89 -28.47 42.86
CA ILE A 197 32.80 -27.89 43.83
C ILE A 197 33.08 -26.47 43.43
N ARG A 198 33.19 -26.25 42.14
CA ARG A 198 33.24 -24.90 41.66
C ARG A 198 31.85 -24.28 41.61
N VAL A 199 30.84 -25.05 41.19
CA VAL A 199 29.50 -24.48 41.06
C VAL A 199 29.15 -23.68 42.29
N LEU A 200 29.39 -24.26 43.44
CA LEU A 200 28.98 -23.61 44.67
C LEU A 200 29.68 -22.28 44.92
N ALA A 201 30.79 -22.00 44.24
CA ALA A 201 31.89 -21.33 44.93
C ALA A 201 31.57 -20.06 45.73
N ARG A 202 31.48 -18.91 45.08
CA ARG A 202 31.25 -17.66 45.77
C ARG A 202 31.14 -16.58 44.70
N ARG A 203 31.12 -15.31 45.09
CA ARG A 203 30.93 -14.22 44.15
C ARG A 203 29.84 -14.57 43.16
N ILE A 204 28.63 -14.62 43.69
CA ILE A 204 27.45 -15.08 42.97
C ILE A 204 27.82 -16.39 42.30
N LYS A 205 27.41 -16.57 41.06
CA LYS A 205 28.05 -17.52 40.17
C LYS A 205 27.85 -18.96 40.66
N SER A 206 26.60 -19.42 40.58
CA SER A 206 26.30 -20.85 40.74
C SER A 206 25.13 -21.44 39.94
N ASN A 207 25.39 -22.48 39.14
CA ASN A 207 24.62 -23.75 39.13
C ASN A 207 24.96 -24.66 37.93
N PRO A 208 25.03 -25.98 38.17
CA PRO A 208 25.69 -26.89 37.20
C PRO A 208 24.92 -27.20 35.92
N CYS A 209 23.61 -27.41 35.99
CA CYS A 209 22.74 -27.63 34.84
C CYS A 209 23.17 -28.69 33.83
N LEU A 210 22.93 -28.37 32.56
CA LEU A 210 23.29 -29.14 31.38
C LEU A 210 22.75 -30.55 31.33
N ILE A 211 21.51 -30.65 30.89
CA ILE A 211 21.07 -31.81 30.12
C ILE A 211 21.08 -33.05 31.00
N GLY A 212 20.45 -32.95 32.15
CA GLY A 212 20.02 -34.14 32.85
C GLY A 212 18.92 -34.77 32.04
N GLU A 213 18.95 -36.08 31.91
CA GLU A 213 18.16 -36.70 30.86
C GLU A 213 17.42 -37.91 31.38
N PRO A 214 16.75 -38.67 30.54
CA PRO A 214 16.08 -39.86 31.05
C PRO A 214 17.01 -40.89 31.65
N GLY A 215 17.62 -40.58 32.78
CA GLY A 215 18.40 -41.57 33.50
C GLY A 215 18.39 -41.33 34.99
N ILE A 216 18.82 -42.35 35.72
CA ILE A 216 18.92 -42.28 37.17
C ILE A 216 20.29 -41.83 37.60
N GLY A 217 21.30 -42.64 37.24
CA GLY A 217 22.64 -42.43 37.75
C GLY A 217 22.93 -40.96 37.69
N LYS A 218 22.58 -40.33 36.57
CA LYS A 218 22.65 -38.89 36.46
C LYS A 218 21.95 -38.23 37.63
N THR A 219 20.62 -38.34 37.69
CA THR A 219 19.89 -37.86 38.85
C THR A 219 20.58 -38.36 40.10
N ALA A 220 20.90 -39.64 40.11
CA ALA A 220 21.65 -40.20 41.22
C ALA A 220 22.97 -39.44 41.40
N ILE A 221 23.71 -39.21 40.31
CA ILE A 221 24.89 -38.35 40.45
C ILE A 221 24.52 -37.12 41.20
N ILE A 222 23.49 -36.43 40.70
CA ILE A 222 23.11 -35.14 41.25
C ILE A 222 23.09 -35.25 42.74
N GLU A 223 22.66 -36.41 43.22
CA GLU A 223 22.72 -36.70 44.62
C GLU A 223 24.13 -37.11 44.99
N GLY A 224 24.55 -38.26 44.49
CA GLY A 224 25.87 -38.79 44.76
C GLY A 224 26.95 -37.86 44.33
N VAL A 225 26.58 -36.80 43.65
CA VAL A 225 27.34 -35.59 43.77
C VAL A 225 27.68 -35.50 45.24
N ALA A 226 26.67 -35.27 46.05
CA ALA A 226 26.90 -34.83 47.41
C ALA A 226 27.93 -35.68 48.11
N GLN A 227 28.06 -36.94 47.73
CA GLN A 227 28.47 -37.92 48.71
C GLN A 227 29.79 -37.60 49.39
N ARG A 228 30.95 -37.87 48.79
CA ARG A 228 32.13 -37.65 49.61
C ARG A 228 32.31 -36.19 49.85
N ILE A 229 31.94 -35.39 48.85
CA ILE A 229 31.87 -33.98 49.05
C ILE A 229 30.85 -33.62 50.12
N ILE A 230 30.00 -34.55 50.51
CA ILE A 230 29.49 -34.45 51.87
C ILE A 230 30.50 -35.12 52.77
N ASP A 231 30.68 -36.41 52.53
CA ASP A 231 31.11 -37.36 53.55
C ASP A 231 32.24 -36.77 54.37
N ASP A 232 33.40 -36.72 53.77
CA ASP A 232 34.36 -35.67 54.06
C ASP A 232 34.83 -35.18 52.72
N ASP A 233 34.50 -33.93 52.38
CA ASP A 233 35.03 -33.07 51.33
C ASP A 233 34.23 -31.78 51.42
N VAL A 234 34.83 -30.68 50.94
CA VAL A 234 34.29 -29.32 50.86
C VAL A 234 35.30 -28.45 50.12
N PRO A 235 34.87 -27.55 49.24
CA PRO A 235 35.46 -26.22 49.30
C PRO A 235 35.29 -25.78 50.72
N THR A 236 36.39 -25.41 51.38
CA THR A 236 36.30 -25.20 52.80
C THR A 236 35.10 -24.34 53.11
N ILE A 237 34.89 -23.30 52.29
CA ILE A 237 33.72 -22.43 52.41
C ILE A 237 32.43 -23.22 52.42
N LEU A 238 32.47 -24.50 52.12
CA LEU A 238 31.33 -25.30 52.53
C LEU A 238 31.40 -25.60 54.01
N GLN A 239 32.59 -25.99 54.49
CA GLN A 239 32.77 -26.37 55.89
C GLN A 239 31.72 -27.37 56.32
N GLY A 240 30.88 -26.97 57.29
CA GLY A 240 29.97 -27.88 57.96
C GLY A 240 29.12 -28.67 56.99
N ALA A 241 28.35 -27.96 56.17
CA ALA A 241 27.89 -28.51 54.90
C ALA A 241 27.48 -29.97 54.98
N LYS A 242 26.40 -30.27 55.68
CA LYS A 242 25.76 -31.59 55.61
C LYS A 242 24.88 -31.57 54.37
N LEU A 243 23.88 -32.44 54.23
CA LEU A 243 23.20 -32.45 52.95
C LEU A 243 21.69 -32.46 53.10
N PHE A 244 21.05 -32.42 51.94
CA PHE A 244 19.66 -32.08 51.74
C PHE A 244 19.04 -33.08 50.77
N SER A 245 17.78 -32.85 50.42
CA SER A 245 17.31 -33.27 49.11
C SER A 245 16.15 -32.39 48.69
N LEU A 246 16.18 -31.87 47.48
CA LEU A 246 15.17 -30.93 47.01
C LEU A 246 14.58 -31.36 45.68
N ASP A 247 13.33 -31.76 45.71
CA ASP A 247 12.56 -32.17 44.53
C ASP A 247 11.09 -32.23 44.94
N LEU A 248 10.28 -32.91 44.14
CA LEU A 248 8.89 -33.01 44.50
C LEU A 248 8.68 -34.09 45.54
N ALA A 249 8.48 -33.60 46.76
CA ALA A 249 7.52 -34.12 47.71
C ALA A 249 6.40 -33.10 47.58
N ALA A 250 6.63 -32.27 46.58
CA ALA A 250 6.24 -30.86 46.53
C ALA A 250 5.20 -30.54 45.47
N LEU A 251 5.46 -30.87 44.21
CA LEU A 251 4.65 -30.46 43.09
C LEU A 251 3.25 -31.03 43.23
N THR A 252 2.42 -30.80 42.22
CA THR A 252 0.99 -31.11 42.28
C THR A 252 0.75 -32.47 42.90
N ALA A 253 1.63 -33.41 42.62
CA ALA A 253 1.68 -34.64 43.41
C ALA A 253 1.75 -34.29 44.88
N GLY A 254 2.85 -33.67 45.31
CA GLY A 254 2.98 -33.26 46.68
C GLY A 254 2.48 -31.88 46.97
N ALA A 255 1.82 -31.26 46.00
CA ALA A 255 1.08 -30.02 46.21
C ALA A 255 -0.40 -30.30 46.24
N LYS A 256 -1.17 -29.25 46.51
CA LYS A 256 -2.64 -29.31 46.51
C LYS A 256 -3.19 -28.29 45.55
N TYR A 257 -3.11 -27.01 45.89
CA TYR A 257 -3.40 -25.91 44.99
C TYR A 257 -2.15 -25.05 44.90
N LYS A 258 -2.23 -23.97 44.13
CA LYS A 258 -1.41 -22.84 44.49
C LYS A 258 -1.86 -22.36 45.85
N GLY A 259 -0.91 -22.04 46.69
CA GLY A 259 -1.05 -22.17 48.11
C GLY A 259 -0.28 -23.34 48.68
N ASP A 260 0.14 -24.31 47.87
CA ASP A 260 1.25 -25.14 48.32
C ASP A 260 2.42 -24.29 47.95
N PHE A 261 2.69 -24.26 46.66
CA PHE A 261 3.13 -23.03 46.06
C PHE A 261 4.42 -22.49 46.67
N GLU A 262 4.58 -21.17 46.69
CA GLU A 262 5.65 -20.57 47.46
C GLU A 262 5.33 -20.68 48.93
N GLU A 263 4.04 -20.75 49.23
CA GLU A 263 3.62 -21.11 50.57
C GLU A 263 4.39 -22.33 51.05
N ARG A 264 4.37 -23.40 50.27
CA ARG A 264 5.41 -24.41 50.46
C ARG A 264 6.71 -23.69 50.15
N PHE A 265 6.94 -23.38 48.88
CA PHE A 265 8.28 -23.01 48.43
C PHE A 265 8.90 -21.88 49.23
N LYS A 266 8.43 -20.66 48.99
CA LYS A 266 8.86 -19.52 49.80
C LYS A 266 8.80 -19.89 51.27
N GLY A 267 7.66 -20.44 51.67
CA GLY A 267 7.57 -20.93 53.03
C GLY A 267 8.68 -21.90 53.34
N VAL A 268 8.85 -22.92 52.51
CA VAL A 268 9.89 -23.87 52.84
C VAL A 268 11.24 -23.26 52.57
N LEU A 269 11.34 -22.43 51.54
CA LEU A 269 12.43 -21.47 51.52
C LEU A 269 12.55 -20.78 52.87
N LYS A 270 11.45 -20.33 53.41
CA LYS A 270 11.59 -19.80 54.73
C LYS A 270 11.67 -20.88 55.77
N GLU A 271 11.17 -22.08 55.47
CA GLU A 271 11.60 -23.20 56.28
C GLU A 271 13.11 -23.29 56.21
N ILE A 272 13.73 -22.67 55.22
CA ILE A 272 15.17 -22.55 55.22
C ILE A 272 15.59 -21.19 55.73
N GLU A 273 14.64 -20.34 56.09
CA GLU A 273 14.95 -18.93 56.26
C GLU A 273 16.13 -18.71 57.17
N GLU A 274 16.18 -19.44 58.27
CA GLU A 274 17.32 -19.36 59.17
C GLU A 274 18.64 -19.55 58.43
N SER A 275 19.63 -18.81 58.87
CA SER A 275 21.01 -19.09 58.52
C SER A 275 21.34 -20.54 58.81
N LYS A 276 21.89 -21.24 57.82
CA LYS A 276 22.08 -22.67 57.93
C LYS A 276 23.40 -23.07 57.30
N THR A 277 24.15 -23.96 57.97
CA THR A 277 25.48 -24.33 57.48
C THR A 277 25.38 -24.76 56.04
N LEU A 278 26.39 -24.41 55.25
CA LEU A 278 26.14 -24.24 53.83
C LEU A 278 25.78 -25.55 53.21
N ILE A 279 24.53 -25.63 52.75
CA ILE A 279 24.00 -26.84 52.15
C ILE A 279 22.94 -26.39 51.18
N VAL A 280 22.84 -27.09 50.07
CA VAL A 280 21.96 -26.62 49.03
C VAL A 280 20.89 -27.66 48.79
N LEU A 281 19.67 -27.32 49.15
CA LEU A 281 18.56 -28.01 48.54
C LEU A 281 18.58 -27.64 47.09
N PHE A 282 18.57 -28.63 46.25
CA PHE A 282 18.57 -28.30 44.85
C PHE A 282 17.59 -29.21 44.17
N ILE A 283 16.80 -28.61 43.30
CA ILE A 283 15.92 -29.34 42.42
C ILE A 283 16.76 -30.38 41.70
N ASP A 284 16.14 -31.49 41.35
CA ASP A 284 16.75 -32.27 40.29
C ASP A 284 15.99 -31.95 39.02
N GLU A 285 14.72 -32.32 38.95
CA GLU A 285 14.04 -32.16 37.67
C GLU A 285 13.93 -30.70 37.35
N ILE A 286 14.54 -30.32 36.25
CA ILE A 286 14.43 -28.97 35.76
C ILE A 286 12.99 -28.54 35.73
N HIS A 287 12.10 -29.45 35.38
CA HIS A 287 10.75 -28.99 35.49
C HIS A 287 10.22 -29.10 36.91
N MET A 288 11.02 -29.56 37.89
CA MET A 288 10.57 -29.44 39.27
C MET A 288 10.02 -28.06 39.52
N LEU A 289 10.74 -27.05 39.06
CA LEU A 289 10.11 -25.76 38.84
C LEU A 289 10.13 -25.45 37.35
N MET A 290 8.98 -25.61 36.73
CA MET A 290 8.67 -24.84 35.55
C MET A 290 7.23 -24.33 35.56
N GLY A 291 6.27 -25.24 35.55
CA GLY A 291 5.07 -24.89 34.84
C GLY A 291 5.69 -24.82 33.47
N ASN A 292 5.67 -23.67 32.85
CA ASN A 292 6.77 -23.34 31.96
C ASN A 292 7.55 -22.28 32.71
N GLY A 293 8.61 -22.71 33.37
CA GLY A 293 9.55 -21.87 34.10
C GLY A 293 8.93 -20.80 34.99
N LYS A 294 7.73 -21.01 35.51
CA LYS A 294 6.98 -19.85 36.00
C LYS A 294 6.07 -20.27 37.15
N ASP A 295 5.07 -19.43 37.43
CA ASP A 295 4.28 -19.42 38.66
C ASP A 295 5.08 -18.92 39.85
N ASP A 296 5.99 -17.97 39.57
CA ASP A 296 6.71 -17.19 40.57
C ASP A 296 7.69 -18.01 41.38
N ALA A 297 7.38 -19.28 41.55
CA ALA A 297 8.34 -20.17 42.18
C ALA A 297 9.56 -20.19 41.29
N ALA A 298 10.73 -20.26 41.91
CA ALA A 298 11.91 -19.91 41.15
C ALA A 298 11.75 -18.49 40.64
N ASN A 299 11.36 -18.38 39.37
CA ASN A 299 11.66 -17.22 38.54
C ASN A 299 11.50 -15.92 39.29
N ILE A 300 10.38 -15.71 39.95
CA ILE A 300 10.28 -14.58 40.84
C ILE A 300 10.58 -14.97 42.28
N LEU A 301 10.66 -16.26 42.57
CA LEU A 301 10.82 -16.68 43.94
C LEU A 301 12.23 -16.40 44.42
N LYS A 302 13.18 -17.17 43.94
CA LYS A 302 14.54 -17.04 44.46
C LYS A 302 15.11 -15.63 44.32
N PRO A 303 14.91 -14.91 43.22
CA PRO A 303 15.52 -13.59 43.10
C PRO A 303 15.17 -12.70 44.24
N ALA A 304 14.20 -13.11 45.06
CA ALA A 304 14.05 -12.48 46.36
C ALA A 304 15.44 -12.31 46.95
N LEU A 305 16.23 -13.38 46.88
CA LEU A 305 17.68 -13.32 46.82
C LEU A 305 18.21 -14.73 46.94
N SER A 306 19.51 -14.88 46.84
CA SER A 306 20.17 -16.12 47.17
C SER A 306 21.39 -15.80 48.00
N ARG A 307 21.38 -16.20 49.28
CA ARG A 307 22.51 -15.96 50.16
C ARG A 307 22.64 -17.10 51.16
N GLY A 308 23.85 -17.63 51.25
CA GLY A 308 24.30 -18.43 52.38
C GLY A 308 24.03 -19.92 52.29
N GLN A 309 22.96 -20.33 51.62
CA GLN A 309 22.94 -21.65 51.02
C GLN A 309 22.35 -21.50 49.63
N LEU A 310 21.04 -21.29 49.61
CA LEU A 310 20.32 -20.57 48.57
C LEU A 310 20.82 -20.86 47.17
N LYS A 311 21.18 -22.10 46.92
CA LYS A 311 21.37 -22.55 45.56
C LYS A 311 20.45 -23.72 45.33
N VAL A 312 20.24 -24.03 44.06
CA VAL A 312 19.33 -25.09 43.64
C VAL A 312 19.68 -25.41 42.20
N ILE A 313 19.29 -26.60 41.73
CA ILE A 313 19.92 -27.18 40.56
C ILE A 313 18.90 -27.80 39.62
N GLY A 314 19.09 -27.57 38.33
CA GLY A 314 18.68 -28.51 37.32
C GLY A 314 19.88 -29.14 36.64
N ALA A 315 19.58 -30.05 35.73
CA ALA A 315 20.43 -30.33 34.59
C ALA A 315 19.49 -30.48 33.42
N THR A 316 19.60 -29.61 32.44
CA THR A 316 18.47 -29.25 31.61
C THR A 316 18.04 -30.39 30.69
N THR A 317 17.11 -30.09 29.81
CA THR A 317 16.84 -31.10 28.80
C THR A 317 18.02 -31.21 27.88
N ASN A 318 18.15 -32.38 27.27
CA ASN A 318 18.82 -32.41 25.98
C ASN A 318 18.23 -31.36 25.08
N ASN A 319 16.91 -31.24 25.08
CA ASN A 319 16.27 -30.43 24.07
C ASN A 319 15.42 -29.30 24.61
N GLU A 320 14.16 -29.59 24.92
CA GLU A 320 13.20 -28.50 24.82
C GLU A 320 13.15 -27.63 26.05
N TYR A 321 13.18 -28.20 27.26
CA TYR A 321 13.39 -27.31 28.39
C TYR A 321 14.67 -26.54 28.18
N ARG A 322 15.75 -27.26 27.87
CA ARG A 322 16.94 -26.59 27.43
C ARG A 322 16.65 -25.66 26.28
N SER A 323 15.76 -26.06 25.38
CA SER A 323 15.47 -25.19 24.25
C SER A 323 14.81 -23.90 24.70
N ILE A 324 14.01 -23.95 25.76
CA ILE A 324 13.46 -22.72 26.28
C ILE A 324 14.30 -22.17 27.42
N VAL A 325 15.26 -22.95 27.92
CA VAL A 325 16.16 -22.47 28.98
C VAL A 325 16.63 -21.06 28.66
N GLU A 326 16.86 -20.80 27.39
CA GLU A 326 17.20 -19.47 26.93
C GLU A 326 16.03 -18.53 27.16
N LYS A 327 14.88 -18.86 26.58
CA LYS A 327 13.68 -18.09 26.89
C LYS A 327 13.40 -18.14 28.37
N ASP A 328 13.91 -19.15 29.05
CA ASP A 328 13.90 -19.16 30.50
C ASP A 328 14.93 -18.17 31.05
N GLY A 329 16.17 -18.28 30.57
CA GLY A 329 17.30 -17.57 31.16
C GLY A 329 17.30 -16.08 30.99
N ALA A 330 16.27 -15.53 30.33
CA ALA A 330 16.24 -14.10 30.04
C ALA A 330 16.48 -13.26 31.27
N PHE A 331 16.26 -13.82 32.46
CA PHE A 331 16.60 -13.11 33.67
C PHE A 331 18.10 -12.94 33.79
N GLU A 332 18.83 -14.04 33.74
CA GLU A 332 20.19 -14.13 34.23
C GLU A 332 20.54 -15.60 34.16
N ARG A 333 21.77 -15.97 34.43
CA ARG A 333 22.06 -17.30 34.93
C ARG A 333 23.24 -17.19 35.87
N ARG A 334 23.14 -17.81 37.02
CA ARG A 334 24.34 -18.08 37.77
C ARG A 334 24.97 -19.37 37.32
N PHE A 335 24.40 -19.94 36.29
CA PHE A 335 24.32 -21.38 36.15
C PHE A 335 25.33 -21.82 35.14
N GLN A 336 26.26 -22.65 35.58
CA GLN A 336 27.09 -23.33 34.63
C GLN A 336 26.23 -24.37 33.92
N LYS A 337 26.79 -25.05 32.95
CA LYS A 337 26.11 -26.16 32.33
C LYS A 337 27.06 -27.34 32.35
N ILE A 338 26.73 -28.33 33.18
CA ILE A 338 27.60 -29.47 33.42
C ILE A 338 26.90 -30.72 32.91
N GLU A 339 27.58 -31.45 32.05
CA GLU A 339 26.94 -32.43 31.20
C GLU A 339 26.47 -33.64 31.97
N VAL A 340 25.41 -34.25 31.46
CA VAL A 340 25.28 -35.70 31.56
C VAL A 340 26.24 -36.31 30.57
N ALA A 341 27.16 -37.12 31.07
CA ALA A 341 28.11 -37.80 30.22
C ALA A 341 27.51 -39.15 29.89
N GLU A 342 27.07 -39.31 28.65
CA GLU A 342 26.52 -40.59 28.25
C GLU A 342 27.68 -41.57 28.11
N PRO A 343 27.68 -42.65 28.84
CA PRO A 343 28.93 -43.39 29.07
C PRO A 343 29.50 -44.12 27.86
N SER A 344 30.52 -44.93 28.14
CA SER A 344 31.16 -45.74 27.13
C SER A 344 31.62 -47.03 27.80
N VAL A 345 32.47 -47.77 27.09
CA VAL A 345 32.79 -49.14 27.46
C VAL A 345 33.14 -49.24 28.94
N ARG A 346 34.30 -48.72 29.32
CA ARG A 346 34.71 -48.86 30.70
C ARG A 346 33.71 -48.20 31.63
N GLN A 347 33.30 -46.99 31.27
CA GLN A 347 32.21 -46.33 31.94
C GLN A 347 31.07 -47.31 32.12
N THR A 348 30.80 -48.10 31.09
CA THR A 348 29.84 -49.18 31.23
C THR A 348 30.44 -50.34 31.98
N VAL A 349 31.70 -50.67 31.67
CA VAL A 349 32.37 -51.66 32.50
C VAL A 349 32.32 -51.20 33.94
N ALA A 350 32.21 -49.89 34.16
CA ALA A 350 31.99 -49.42 35.52
C ALA A 350 30.61 -49.81 36.03
N ILE A 351 29.63 -49.97 35.14
CA ILE A 351 28.29 -50.33 35.61
C ILE A 351 28.36 -51.55 36.48
N LEU A 352 29.35 -52.39 36.25
CA LEU A 352 29.37 -53.75 36.72
C LEU A 352 29.05 -53.94 38.19
N ARG A 353 29.99 -53.63 39.07
CA ARG A 353 29.92 -54.30 40.36
C ARG A 353 28.71 -53.87 41.18
N GLY A 354 27.90 -52.94 40.71
CA GLY A 354 26.69 -52.56 41.42
C GLY A 354 25.37 -52.98 40.82
N LEU A 355 25.37 -53.86 39.82
CA LEU A 355 24.12 -54.23 39.14
C LEU A 355 23.00 -54.83 39.99
N GLN A 356 23.11 -56.11 40.30
CA GLN A 356 22.08 -56.91 41.01
C GLN A 356 21.77 -56.61 42.48
N PRO A 357 22.71 -55.97 43.20
CA PRO A 357 23.36 -56.48 44.41
C PRO A 357 22.56 -57.42 45.31
N LYS A 358 21.22 -57.43 45.31
CA LYS A 358 20.54 -58.54 45.94
C LYS A 358 21.16 -59.86 45.50
N TYR A 359 21.40 -60.00 44.21
CA TYR A 359 22.12 -61.14 43.67
C TYR A 359 23.54 -60.85 43.25
N GLU A 360 24.01 -59.62 43.36
CA GLU A 360 25.33 -59.28 42.85
C GLU A 360 26.35 -59.11 43.95
N ILE A 361 26.31 -57.96 44.62
CA ILE A 361 27.31 -57.63 45.61
C ILE A 361 27.22 -58.55 46.81
N HIS A 362 26.17 -59.38 46.88
CA HIS A 362 26.23 -60.58 47.71
C HIS A 362 27.46 -61.40 47.38
N HIS A 363 27.72 -61.62 46.10
CA HIS A 363 29.02 -62.12 45.68
C HIS A 363 30.08 -61.03 45.84
N GLY A 364 29.87 -59.89 45.19
CA GLY A 364 30.63 -58.67 45.40
C GLY A 364 31.89 -58.51 44.57
N VAL A 365 32.53 -59.62 44.19
CA VAL A 365 33.66 -59.61 43.26
C VAL A 365 33.58 -60.84 42.35
N ARG A 366 33.64 -60.60 41.05
CA ARG A 366 33.82 -61.56 39.93
C ARG A 366 32.73 -62.64 39.94
N ILE A 367 33.09 -63.89 39.62
CA ILE A 367 32.27 -65.10 39.48
C ILE A 367 31.32 -64.99 38.29
N LEU A 368 31.05 -63.77 37.84
CA LEU A 368 30.36 -63.54 36.57
C LEU A 368 31.32 -63.17 35.48
N ASP A 369 32.59 -63.08 35.81
CA ASP A 369 33.65 -62.69 34.90
C ASP A 369 33.27 -61.34 34.30
N SER A 370 33.65 -61.11 33.06
CA SER A 370 32.98 -60.13 32.23
C SER A 370 32.03 -60.77 31.24
N ALA A 371 31.97 -62.10 31.24
CA ALA A 371 31.20 -62.82 30.22
C ALA A 371 29.78 -62.29 30.13
N LEU A 372 29.26 -61.76 31.23
CA LEU A 372 27.93 -61.21 31.20
C LEU A 372 27.90 -59.80 30.65
N VAL A 373 29.07 -59.15 30.57
CA VAL A 373 29.10 -57.72 30.28
C VAL A 373 28.53 -57.43 28.90
N THR A 374 29.03 -58.15 27.88
CA THR A 374 28.71 -57.82 26.50
C THR A 374 27.24 -57.56 26.33
N ALA A 375 26.43 -58.22 27.11
CA ALA A 375 25.01 -57.95 27.14
C ALA A 375 24.77 -56.46 27.14
N ALA A 376 25.60 -55.72 27.87
CA ALA A 376 25.54 -54.27 27.75
C ALA A 376 25.85 -53.85 26.33
N GLN A 377 27.02 -54.23 25.86
CA GLN A 377 27.33 -54.06 24.46
C GLN A 377 26.19 -54.58 23.63
N LEU A 378 25.60 -55.66 24.07
CA LEU A 378 24.36 -56.02 23.45
C LEU A 378 23.31 -54.99 23.78
N ALA A 379 23.09 -54.74 25.07
CA ALA A 379 22.13 -53.72 25.46
C ALA A 379 22.35 -52.47 24.62
N LYS A 380 23.61 -52.15 24.38
CA LYS A 380 23.93 -51.21 23.33
C LYS A 380 23.28 -51.60 22.02
N ARG A 381 23.51 -52.83 21.58
CA ARG A 381 23.44 -53.14 20.16
C ARG A 381 22.11 -52.74 19.56
N TYR A 382 21.10 -52.48 20.38
CA TYR A 382 19.76 -52.29 19.87
C TYR A 382 19.07 -51.03 20.42
N LEU A 383 18.71 -51.03 21.70
CA LEU A 383 17.73 -50.09 22.25
C LEU A 383 18.25 -49.36 23.46
N PRO A 384 19.35 -48.64 23.35
CA PRO A 384 19.64 -47.59 24.32
C PRO A 384 18.98 -46.28 23.91
N TYR A 385 17.70 -46.36 23.56
CA TYR A 385 16.92 -45.14 23.46
C TYR A 385 16.66 -44.59 24.84
N ARG A 386 17.10 -45.33 25.85
CA ARG A 386 17.16 -44.94 27.24
C ARG A 386 18.62 -45.02 27.71
N ARG A 387 18.91 -44.37 28.85
CA ARG A 387 20.30 -44.15 29.24
C ARG A 387 21.09 -45.44 29.35
N LEU A 388 22.39 -45.34 29.04
CA LEU A 388 23.16 -46.55 28.77
C LEU A 388 23.15 -47.47 29.98
N PRO A 389 23.65 -47.08 31.15
CA PRO A 389 23.48 -47.96 32.30
C PRO A 389 22.02 -48.21 32.56
N ASP A 390 21.22 -47.16 32.50
CA ASP A 390 19.79 -47.32 32.61
C ASP A 390 19.29 -48.48 31.76
N SER A 391 19.33 -48.31 30.44
CA SER A 391 18.94 -49.40 29.56
C SER A 391 19.63 -50.68 29.94
N ALA A 392 20.95 -50.62 30.15
CA ALA A 392 21.65 -51.76 30.70
C ALA A 392 20.90 -52.29 31.89
N LEU A 393 20.82 -51.48 32.93
CA LEU A 393 20.21 -51.97 34.15
C LEU A 393 18.71 -52.08 33.99
N ASP A 394 18.18 -51.51 32.92
CA ASP A 394 16.77 -51.70 32.62
C ASP A 394 16.42 -53.17 32.61
N LEU A 395 17.09 -53.96 31.79
CA LEU A 395 16.86 -55.38 31.89
C LEU A 395 17.38 -55.90 33.22
N VAL A 396 18.48 -55.34 33.69
CA VAL A 396 19.00 -55.81 34.97
C VAL A 396 17.95 -55.59 36.04
N ASP A 397 17.15 -54.54 35.89
CA ASP A 397 15.96 -54.41 36.73
C ASP A 397 15.11 -55.66 36.62
N ILE A 398 14.76 -56.03 35.39
CA ILE A 398 14.10 -57.31 35.18
C ILE A 398 15.00 -58.43 35.69
N SER A 399 16.31 -58.27 35.51
CA SER A 399 17.23 -59.36 35.78
C SER A 399 17.53 -59.53 37.27
N CYS A 400 17.28 -58.50 38.08
CA CYS A 400 17.44 -58.69 39.53
C CYS A 400 16.42 -59.68 40.08
N ALA A 401 15.43 -60.07 39.29
CA ALA A 401 14.54 -61.18 39.61
C ALA A 401 14.90 -62.46 38.89
N GLY A 402 15.92 -62.44 38.02
CA GLY A 402 16.13 -63.53 37.09
C GLY A 402 16.54 -64.87 37.68
N VAL A 403 17.64 -64.92 38.42
CA VAL A 403 18.18 -66.20 38.85
C VAL A 403 17.21 -66.88 39.81
N ALA A 404 16.44 -66.10 40.55
CA ALA A 404 15.28 -66.66 41.23
C ALA A 404 14.32 -67.29 40.23
N VAL A 405 13.93 -66.51 39.21
CA VAL A 405 13.14 -67.10 38.14
C VAL A 405 13.95 -68.17 37.41
N ALA A 406 15.29 -68.10 37.49
CA ALA A 406 16.13 -69.00 36.70
C ALA A 406 16.59 -70.21 37.51
N ARG A 407 17.58 -70.02 38.40
CA ARG A 407 18.12 -71.16 39.12
C ARG A 407 17.06 -71.84 39.97
N ASP A 408 16.16 -71.05 40.55
CA ASP A 408 15.24 -71.59 41.53
C ASP A 408 14.08 -72.31 40.84
N SER A 409 13.68 -71.84 39.66
CA SER A 409 12.62 -72.49 38.90
C SER A 409 13.20 -73.55 37.96
N GLN A 538 26.59 -71.18 41.29
CA GLN A 538 25.31 -70.63 40.89
C GLN A 538 25.36 -69.10 40.83
N ASN A 539 25.05 -68.55 39.67
CA ASN A 539 25.26 -67.13 39.42
C ASN A 539 24.31 -66.67 38.31
N VAL A 540 24.57 -65.48 37.81
CA VAL A 540 23.76 -64.86 36.76
C VAL A 540 24.28 -65.29 35.40
N VAL A 541 23.38 -65.45 34.45
CA VAL A 541 23.70 -66.00 33.13
C VAL A 541 23.55 -64.91 32.09
N ASP A 542 24.67 -64.52 31.49
CA ASP A 542 24.65 -63.61 30.37
C ASP A 542 23.67 -64.04 29.30
N SER A 543 23.35 -65.31 29.22
CA SER A 543 22.48 -65.68 28.13
C SER A 543 21.05 -65.84 28.62
N ASP A 544 20.79 -66.96 29.27
CA ASP A 544 19.44 -67.23 29.71
C ASP A 544 19.00 -66.09 30.59
N THR A 545 19.61 -65.99 31.77
CA THR A 545 19.20 -64.91 32.65
C THR A 545 19.42 -63.56 32.01
N ILE A 546 20.17 -63.50 30.91
CA ILE A 546 20.32 -62.19 30.33
C ILE A 546 19.99 -62.21 28.86
N SER A 547 20.86 -62.79 28.05
CA SER A 547 20.65 -62.71 26.61
C SER A 547 19.24 -63.14 26.27
N GLU A 548 18.87 -64.32 26.74
CA GLU A 548 17.49 -64.72 26.58
C GLU A 548 16.59 -63.65 27.16
N THR A 549 16.80 -63.37 28.44
CA THR A 549 16.08 -62.31 29.08
C THR A 549 16.13 -61.07 28.21
N ALA A 550 17.32 -60.76 27.72
CA ALA A 550 17.44 -59.74 26.71
C ALA A 550 16.60 -60.15 25.52
N ALA A 551 17.06 -61.18 24.80
CA ALA A 551 16.46 -61.53 23.53
C ALA A 551 14.97 -61.71 23.65
N ARG A 552 14.49 -62.02 24.86
CA ARG A 552 13.09 -62.32 25.06
C ARG A 552 12.18 -61.27 24.42
N LEU A 553 12.61 -60.01 24.38
CA LEU A 553 11.83 -59.06 23.59
C LEU A 553 11.73 -59.53 22.15
N THR A 554 12.83 -59.43 21.44
CA THR A 554 12.81 -59.67 20.01
C THR A 554 13.21 -61.08 19.63
N GLY A 555 13.71 -61.87 20.56
CA GLY A 555 14.17 -63.15 20.14
C GLY A 555 15.42 -63.02 19.27
N ILE A 556 15.62 -64.03 18.44
CA ILE A 556 16.79 -64.16 17.59
C ILE A 556 18.02 -64.01 18.45
N PRO A 557 18.25 -64.88 19.41
CA PRO A 557 19.46 -64.74 20.23
C PRO A 557 20.73 -65.08 19.49
N VAL A 558 20.76 -66.26 18.88
CA VAL A 558 22.02 -66.85 18.44
C VAL A 558 22.43 -66.29 17.09
N LYS A 559 21.53 -66.30 16.14
CA LYS A 559 21.61 -65.24 15.17
C LYS A 559 21.29 -63.97 15.94
N LYS A 560 21.99 -62.91 15.59
CA LYS A 560 22.01 -61.70 16.40
C LYS A 560 22.60 -61.98 17.78
N LEU A 561 23.33 -63.08 17.90
CA LEU A 561 24.48 -63.24 18.77
C LEU A 561 25.75 -62.90 18.03
N SER A 562 25.59 -62.28 16.87
CA SER A 562 26.36 -62.60 15.68
C SER A 562 26.65 -61.31 14.92
N GLU A 563 27.05 -61.45 13.66
CA GLU A 563 27.77 -60.44 12.90
C GLU A 563 29.11 -60.14 13.59
N SER A 564 29.93 -61.18 13.53
CA SER A 564 31.07 -61.39 14.41
C SER A 564 32.18 -60.44 14.17
N GLU A 565 32.02 -59.54 13.22
CA GLU A 565 32.94 -58.49 12.88
C GLU A 565 33.97 -59.04 11.91
N ASN A 566 33.92 -60.33 11.58
CA ASN A 566 34.67 -60.79 10.42
C ASN A 566 33.78 -61.54 9.44
N GLU A 567 33.43 -62.78 9.75
CA GLU A 567 32.63 -63.52 8.80
C GLU A 567 31.26 -62.93 8.63
N LYS A 568 30.86 -62.04 9.54
CA LYS A 568 29.65 -61.28 9.36
C LYS A 568 29.56 -60.75 7.95
N LEU A 569 30.69 -60.29 7.41
CA LEU A 569 30.77 -60.03 5.99
C LEU A 569 31.08 -61.26 5.16
N ILE A 570 32.07 -62.04 5.61
CA ILE A 570 32.97 -62.69 4.67
C ILE A 570 32.19 -63.38 3.56
N HIS A 571 31.08 -63.99 3.90
CA HIS A 571 30.17 -64.44 2.86
C HIS A 571 28.89 -63.64 2.78
N MET A 572 28.66 -62.66 3.66
CA MET A 572 27.44 -61.88 3.53
C MET A 572 27.43 -61.25 2.15
N GLU A 573 28.56 -60.68 1.76
CA GLU A 573 28.81 -60.35 0.37
C GLU A 573 28.40 -61.49 -0.54
N ARG A 574 28.93 -62.68 -0.26
CA ARG A 574 28.63 -63.83 -1.10
C ARG A 574 27.13 -64.04 -1.14
N ASP A 575 26.45 -63.73 -0.04
CA ASP A 575 25.00 -63.79 -0.07
C ASP A 575 24.41 -62.51 -0.62
N LEU A 576 25.01 -61.38 -0.28
CA LEU A 576 24.65 -60.14 -0.94
C LEU A 576 24.62 -60.33 -2.43
N SER A 577 25.71 -60.86 -2.96
CA SER A 577 25.69 -61.35 -4.34
C SER A 577 24.56 -62.34 -4.52
N SER A 578 24.57 -63.42 -3.73
CA SER A 578 23.54 -64.43 -3.85
C SER A 578 22.16 -63.82 -3.76
N GLU A 579 22.03 -62.71 -3.04
CA GLU A 579 20.77 -62.00 -3.06
C GLU A 579 20.44 -61.63 -4.50
N VAL A 580 21.15 -60.69 -5.11
CA VAL A 580 20.90 -60.34 -6.50
C VAL A 580 22.24 -60.02 -7.15
N VAL A 581 22.25 -60.06 -8.47
CA VAL A 581 23.45 -59.89 -9.25
C VAL A 581 23.51 -58.50 -9.87
N GLY A 582 24.66 -57.86 -9.76
CA GLY A 582 24.94 -56.58 -10.39
C GLY A 582 26.04 -55.87 -9.64
N GLN A 583 26.51 -54.77 -10.23
CA GLN A 583 27.40 -53.81 -9.56
C GLN A 583 28.43 -54.49 -8.69
N MET A 584 28.95 -55.61 -9.13
CA MET A 584 29.74 -56.45 -8.24
C MET A 584 30.87 -55.65 -7.66
N ASP A 585 31.76 -55.25 -8.55
CA ASP A 585 32.87 -54.39 -8.19
C ASP A 585 32.37 -53.31 -7.26
N ALA A 586 31.30 -52.64 -7.67
CA ALA A 586 30.66 -51.66 -6.81
C ALA A 586 30.22 -52.30 -5.51
N ILE A 587 29.36 -53.30 -5.60
CA ILE A 587 28.85 -53.90 -4.39
C ILE A 587 29.98 -54.45 -3.56
N LYS A 588 30.94 -55.10 -4.22
CA LYS A 588 32.15 -55.50 -3.51
C LYS A 588 32.75 -54.32 -2.77
N ALA A 589 32.78 -53.17 -3.41
CA ALA A 589 33.14 -51.98 -2.67
C ALA A 589 32.08 -51.65 -1.65
N VAL A 590 30.81 -51.61 -2.07
CA VAL A 590 29.73 -51.26 -1.16
C VAL A 590 29.89 -52.01 0.13
N SER A 591 30.17 -53.30 0.02
CA SER A 591 30.61 -54.06 1.16
C SER A 591 31.78 -53.34 1.81
N ASN A 592 32.90 -53.37 1.11
CA ASN A 592 34.11 -52.77 1.62
C ASN A 592 33.81 -51.40 2.18
N ALA A 593 33.02 -50.63 1.43
CA ALA A 593 32.47 -49.39 1.92
C ALA A 593 31.91 -49.62 3.30
N VAL A 594 30.85 -50.40 3.37
CA VAL A 594 30.26 -50.66 4.66
C VAL A 594 31.28 -51.30 5.58
N ARG A 595 32.04 -52.25 5.04
CA ARG A 595 33.15 -52.79 5.81
C ARG A 595 33.93 -51.67 6.43
N LEU A 596 34.18 -50.65 5.65
CA LEU A 596 34.90 -49.51 6.17
C LEU A 596 33.99 -48.59 6.94
N SER A 597 32.72 -48.52 6.56
CA SER A 597 31.79 -47.81 7.43
C SER A 597 32.00 -48.31 8.82
N ARG A 598 31.96 -49.59 8.95
CA ARG A 598 32.24 -50.26 10.20
C ARG A 598 33.72 -50.63 10.19
N SER A 599 34.06 -51.64 10.99
CA SER A 599 35.43 -52.07 11.22
C SER A 599 36.20 -51.05 12.04
N GLY A 600 35.46 -50.27 12.81
CA GLY A 600 36.05 -49.22 13.60
C GLY A 600 36.85 -48.35 12.68
N LEU A 601 36.25 -47.99 11.55
CA LEU A 601 36.98 -47.27 10.52
C LEU A 601 36.39 -45.89 10.28
N ALA A 602 35.13 -45.81 9.85
CA ALA A 602 34.60 -44.58 9.30
C ALA A 602 34.70 -43.40 10.25
N ASN A 603 34.89 -43.64 11.54
CA ASN A 603 34.85 -42.61 12.56
C ASN A 603 33.44 -42.09 12.65
N PRO A 604 33.03 -41.64 13.84
CA PRO A 604 31.67 -41.11 14.00
C PRO A 604 31.32 -40.06 12.99
N ARG A 605 32.31 -39.47 12.32
CA ARG A 605 32.01 -38.53 11.26
C ARG A 605 30.96 -39.08 10.28
N GLN A 606 31.18 -40.26 9.72
CA GLN A 606 30.42 -40.62 8.52
C GLN A 606 29.57 -41.88 8.61
N PRO A 607 28.27 -41.77 8.44
CA PRO A 607 27.50 -42.82 7.78
C PRO A 607 27.51 -42.67 6.27
N ALA A 608 28.52 -43.20 5.59
CA ALA A 608 28.75 -42.90 4.19
C ALA A 608 27.59 -43.32 3.29
N SER A 609 27.50 -42.70 2.12
CA SER A 609 26.46 -43.08 1.18
C SER A 609 26.87 -42.71 -0.23
N PHE A 610 26.28 -43.43 -1.17
CA PHE A 610 26.83 -43.59 -2.51
C PHE A 610 25.74 -43.96 -3.49
N LEU A 611 25.76 -43.36 -4.69
CA LEU A 611 24.78 -43.81 -5.66
C LEU A 611 25.14 -43.38 -7.09
N PHE A 612 24.93 -44.26 -8.06
CA PHE A 612 24.58 -43.94 -9.44
C PHE A 612 23.08 -44.05 -9.56
N LEU A 613 22.55 -43.74 -10.74
CA LEU A 613 21.22 -44.20 -11.06
C LEU A 613 21.20 -44.79 -12.46
N GLY A 614 21.01 -46.09 -12.53
CA GLY A 614 20.78 -46.80 -13.77
C GLY A 614 19.31 -46.84 -14.12
N LEU A 615 18.91 -47.92 -14.76
CA LEU A 615 17.52 -48.09 -15.13
C LEU A 615 16.62 -47.96 -13.90
N SER A 616 15.52 -47.26 -14.07
CA SER A 616 14.63 -46.91 -12.98
C SER A 616 13.95 -48.15 -12.41
N GLY A 617 13.40 -48.00 -11.22
CA GLY A 617 12.53 -49.03 -10.70
C GLY A 617 13.19 -50.37 -10.49
N SER A 618 14.50 -50.42 -10.36
CA SER A 618 15.23 -51.67 -10.48
C SER A 618 15.85 -52.11 -9.17
N GLY A 619 16.98 -51.52 -8.77
CA GLY A 619 17.74 -52.03 -7.66
C GLY A 619 17.22 -51.47 -6.36
N LYS A 620 15.95 -51.12 -6.39
CA LYS A 620 15.44 -50.00 -5.63
C LYS A 620 15.46 -50.27 -4.14
N THR A 621 14.76 -49.38 -3.43
CA THR A 621 14.74 -49.36 -1.98
C THR A 621 14.68 -50.76 -1.44
N GLU A 622 13.60 -51.46 -1.73
CA GLU A 622 13.48 -52.88 -1.42
C GLU A 622 14.76 -53.58 -1.79
N LEU A 623 15.06 -53.63 -3.08
CA LEU A 623 16.21 -54.37 -3.54
C LEU A 623 17.49 -53.80 -2.94
N ALA A 624 17.47 -52.53 -2.54
CA ALA A 624 18.51 -52.02 -1.67
C ALA A 624 18.24 -52.32 -0.20
N LYS A 625 16.98 -52.36 0.20
CA LYS A 625 16.72 -52.90 1.53
C LYS A 625 17.13 -54.35 1.57
N LYS A 626 16.90 -55.05 0.46
CA LYS A 626 17.58 -56.32 0.26
C LYS A 626 19.05 -56.14 0.57
N VAL A 627 19.67 -55.15 -0.05
CA VAL A 627 21.03 -54.81 0.34
C VAL A 627 21.04 -54.53 1.82
N ALA A 628 19.98 -53.90 2.33
CA ALA A 628 20.05 -53.40 3.68
C ALA A 628 19.78 -54.47 4.71
N GLY A 629 18.51 -54.82 4.89
CA GLY A 629 18.11 -55.58 6.06
C GLY A 629 18.91 -56.84 6.14
N PHE A 630 19.51 -57.18 5.00
CA PHE A 630 20.41 -58.31 4.91
C PHE A 630 21.34 -58.33 6.10
N LEU A 631 21.98 -57.21 6.37
CA LEU A 631 22.73 -57.10 7.60
C LEU A 631 21.83 -57.37 8.80
N PHE A 632 20.85 -56.51 9.01
CA PHE A 632 20.07 -56.62 10.24
C PHE A 632 19.17 -57.82 10.28
N ASN A 633 18.91 -58.46 9.14
CA ASN A 633 17.77 -59.36 9.03
C ASN A 633 16.50 -58.64 9.42
N ASP A 634 16.56 -57.32 9.37
CA ASP A 634 15.40 -56.47 9.50
C ASP A 634 15.56 -55.34 8.49
N GLU A 635 14.67 -55.28 7.52
CA GLU A 635 14.58 -54.16 6.59
C GLU A 635 13.63 -53.11 7.11
N ASP A 636 12.39 -53.49 7.41
CA ASP A 636 11.45 -52.58 8.03
C ASP A 636 12.03 -51.92 9.26
N MET A 637 13.13 -52.48 9.80
CA MET A 637 13.99 -51.70 10.65
C MET A 637 14.19 -50.34 10.00
N MET A 638 14.58 -50.33 8.73
CA MET A 638 14.72 -49.04 8.09
C MET A 638 13.40 -48.62 7.48
N ILE A 639 13.40 -47.43 6.89
CA ILE A 639 12.18 -46.65 6.72
C ILE A 639 12.33 -45.82 5.46
N ARG A 640 11.21 -45.32 4.99
CA ARG A 640 11.13 -44.60 3.74
C ARG A 640 10.90 -43.12 3.98
N VAL A 641 11.47 -42.31 3.10
CA VAL A 641 11.11 -40.90 2.97
C VAL A 641 11.18 -40.52 1.50
N ASP A 642 10.33 -39.57 1.11
CA ASP A 642 10.49 -38.87 -0.15
C ASP A 642 11.44 -37.71 0.03
N CYS A 643 12.51 -37.68 -0.76
CA CYS A 643 13.29 -36.48 -0.84
C CYS A 643 12.94 -35.60 -2.03
N SER A 644 12.01 -36.03 -2.88
CA SER A 644 11.58 -35.16 -3.97
C SER A 644 10.55 -34.15 -3.50
N GLU A 645 9.67 -34.58 -2.60
CA GLU A 645 8.48 -33.81 -2.24
C GLU A 645 8.82 -32.36 -1.92
N LEU A 646 10.04 -32.10 -1.50
CA LEU A 646 10.46 -30.80 -1.03
C LEU A 646 11.00 -29.99 -2.22
N SER A 647 11.80 -28.95 -1.94
CA SER A 647 12.03 -27.72 -2.69
C SER A 647 11.19 -26.57 -2.15
N GLU A 648 10.38 -26.77 -1.12
CA GLU A 648 9.49 -25.69 -0.73
C GLU A 648 9.73 -25.18 0.68
N LYS A 649 9.27 -25.93 1.65
CA LYS A 649 9.25 -25.49 3.04
C LYS A 649 10.01 -26.48 3.88
N TYR A 650 10.90 -25.97 4.70
CA TYR A 650 11.89 -26.77 5.36
C TYR A 650 11.53 -27.15 6.78
N ALA A 651 10.31 -26.91 7.24
CA ALA A 651 10.17 -27.13 8.67
C ALA A 651 9.13 -28.16 9.04
N VAL A 652 7.86 -27.78 9.06
CA VAL A 652 6.84 -28.76 9.35
C VAL A 652 6.71 -29.72 8.19
N SER A 653 6.74 -29.18 6.97
CA SER A 653 6.98 -30.00 5.80
C SER A 653 8.21 -30.86 5.97
N LYS A 654 9.17 -30.40 6.78
CA LYS A 654 10.35 -31.21 7.05
C LYS A 654 10.05 -32.24 8.13
N LEU A 655 10.22 -33.51 7.77
CA LEU A 655 10.23 -34.61 8.74
C LEU A 655 11.20 -34.37 9.88
N LEU A 656 12.22 -33.56 9.65
CA LEU A 656 13.21 -33.28 10.68
C LEU A 656 12.70 -32.28 11.70
N GLY A 657 11.96 -31.26 11.29
CA GLY A 657 11.26 -30.53 12.31
C GLY A 657 11.19 -29.04 12.06
N THR A 658 10.90 -28.35 13.16
CA THR A 658 10.37 -27.00 13.17
C THR A 658 10.74 -26.39 14.53
N THR A 659 10.06 -25.31 14.90
CA THR A 659 10.04 -24.88 16.29
C THR A 659 8.64 -24.33 16.56
N ALA A 660 8.41 -23.83 17.77
CA ALA A 660 7.07 -23.52 18.25
C ALA A 660 6.44 -22.38 17.46
N GLY A 661 5.12 -22.31 17.56
CA GLY A 661 4.37 -21.17 17.07
C GLY A 661 3.65 -21.36 15.75
N TYR A 662 3.93 -22.44 15.01
CA TYR A 662 3.39 -22.62 13.68
C TYR A 662 2.27 -23.66 13.66
N VAL A 663 1.67 -23.84 12.49
CA VAL A 663 0.49 -24.66 12.30
C VAL A 663 0.90 -26.10 12.01
N GLY A 664 0.09 -27.04 12.47
CA GLY A 664 0.47 -28.42 12.36
C GLY A 664 1.64 -28.66 13.27
N TYR A 665 1.44 -28.45 14.58
CA TYR A 665 2.56 -28.24 15.47
C TYR A 665 3.25 -29.56 15.74
N ASP A 666 4.45 -29.70 15.20
CA ASP A 666 5.54 -30.52 15.72
C ASP A 666 6.80 -29.77 15.34
N GLU A 667 7.69 -29.59 16.30
CA GLU A 667 8.89 -28.81 16.08
C GLU A 667 10.04 -29.68 15.59
N GLY A 668 9.78 -30.93 15.25
CA GLY A 668 10.88 -31.85 15.22
C GLY A 668 10.80 -33.03 14.27
N GLY A 669 11.81 -33.88 14.44
CA GLY A 669 11.93 -35.14 13.75
C GLY A 669 11.01 -36.13 14.37
N PHE A 670 9.97 -35.62 15.05
CA PHE A 670 8.87 -36.48 15.45
C PHE A 670 8.48 -37.37 14.31
N LEU A 671 8.59 -36.85 13.09
CA LEU A 671 8.59 -37.71 11.94
C LEU A 671 9.89 -38.50 11.85
N THR A 672 11.01 -37.84 12.07
CA THR A 672 12.31 -38.47 11.89
C THR A 672 12.68 -39.39 13.05
N ASN A 673 12.05 -39.21 14.20
CA ASN A 673 12.43 -39.91 15.43
C ASN A 673 12.27 -41.41 15.34
N GLN A 674 11.82 -41.87 14.19
CA GLN A 674 12.08 -43.24 13.81
C GLN A 674 13.52 -43.57 14.16
N LEU A 675 14.39 -42.61 13.88
CA LEU A 675 15.72 -42.59 14.46
C LEU A 675 15.56 -42.87 15.93
N GLN A 676 15.10 -41.83 16.59
CA GLN A 676 14.97 -41.86 18.03
C GLN A 676 14.19 -43.08 18.45
N TYR A 677 13.30 -43.57 17.60
CA TYR A 677 12.81 -44.91 17.82
C TYR A 677 13.97 -45.87 17.73
N LYS A 678 14.47 -46.07 16.51
CA LYS A 678 15.33 -47.20 16.20
C LYS A 678 16.59 -46.71 15.54
N PRO A 679 17.46 -46.09 16.27
CA PRO A 679 18.66 -45.57 15.64
C PRO A 679 19.81 -46.57 15.62
N TYR A 680 19.53 -47.83 15.30
CA TYR A 680 20.44 -48.62 14.48
C TYR A 680 19.94 -48.79 13.07
N SER A 681 18.73 -48.33 12.78
CA SER A 681 18.04 -48.59 11.53
C SER A 681 18.58 -47.68 10.43
N VAL A 682 17.86 -47.59 9.31
CA VAL A 682 18.20 -46.70 8.21
C VAL A 682 16.92 -46.02 7.72
N LEU A 683 17.07 -45.02 6.88
CA LEU A 683 15.94 -44.42 6.18
C LEU A 683 16.30 -44.38 4.71
N LEU A 684 15.35 -43.94 3.88
CA LEU A 684 15.62 -43.80 2.46
C LEU A 684 14.93 -42.55 1.96
N PHE A 685 15.17 -42.23 0.69
CA PHE A 685 14.69 -40.98 0.17
C PHE A 685 14.49 -41.07 -1.33
N ASP A 686 13.68 -40.16 -1.85
CA ASP A 686 13.17 -40.29 -3.19
C ASP A 686 13.41 -38.98 -3.92
N GLU A 687 14.32 -39.00 -4.87
CA GLU A 687 14.38 -37.97 -5.90
C GLU A 687 14.75 -36.60 -5.31
N VAL A 688 15.75 -36.58 -4.43
CA VAL A 688 16.21 -35.30 -3.86
C VAL A 688 16.55 -34.32 -4.96
N GLU A 689 17.02 -34.81 -6.09
CA GLU A 689 17.59 -33.95 -7.08
C GLU A 689 16.53 -33.03 -7.67
N LYS A 690 15.27 -33.35 -7.48
CA LYS A 690 14.20 -32.37 -7.54
C LYS A 690 13.78 -32.15 -6.09
N ALA A 691 14.24 -31.03 -5.52
CA ALA A 691 13.99 -30.68 -4.13
C ALA A 691 14.84 -29.47 -3.76
N HIS A 692 14.69 -29.04 -2.61
CA HIS A 692 15.57 -27.95 -2.21
C HIS A 692 16.87 -28.43 -1.59
N PRO A 693 17.93 -27.66 -1.77
CA PRO A 693 19.17 -27.91 -1.05
C PRO A 693 18.95 -27.79 0.43
N ASP A 694 18.12 -28.68 0.95
CA ASP A 694 17.43 -28.34 2.16
C ASP A 694 17.99 -29.07 3.38
N VAL A 695 17.50 -30.26 3.65
CA VAL A 695 17.96 -30.89 4.87
C VAL A 695 19.29 -31.51 4.62
N LEU A 696 19.51 -31.90 3.38
CA LEU A 696 20.76 -32.42 2.88
C LEU A 696 21.88 -31.57 3.43
N THR A 697 21.62 -30.28 3.54
CA THR A 697 22.47 -29.38 4.25
C THR A 697 22.73 -30.00 5.59
N VAL A 698 21.74 -29.88 6.46
CA VAL A 698 21.80 -30.53 7.76
C VAL A 698 22.14 -31.99 7.59
N MET A 699 21.47 -32.63 6.64
CA MET A 699 21.65 -34.05 6.46
C MET A 699 23.10 -34.39 6.26
N LEU A 700 23.73 -33.80 5.25
CA LEU A 700 25.16 -34.04 5.15
C LEU A 700 25.86 -33.54 6.40
N GLN A 701 25.48 -32.34 6.84
CA GLN A 701 25.96 -31.85 8.12
C GLN A 701 25.66 -32.82 9.23
N MET A 702 24.59 -33.59 9.09
CA MET A 702 24.41 -34.74 9.97
C MET A 702 25.18 -35.93 9.46
N LEU A 703 25.18 -36.17 8.14
CA LEU A 703 25.97 -37.26 7.63
C LEU A 703 27.40 -37.02 8.04
N ASP A 704 28.02 -36.06 7.41
CA ASP A 704 29.30 -35.63 7.90
C ASP A 704 29.09 -35.24 9.34
N ASP A 705 29.98 -35.72 10.21
CA ASP A 705 29.67 -35.76 11.63
C ASP A 705 28.37 -36.54 11.83
N GLY A 706 28.49 -37.87 11.69
CA GLY A 706 27.37 -38.78 11.64
C GLY A 706 26.39 -38.62 12.78
N ARG A 707 26.84 -37.94 13.82
CA ARG A 707 25.96 -37.41 14.84
C ARG A 707 24.82 -36.63 14.21
N ILE A 708 23.59 -36.93 14.63
CA ILE A 708 22.40 -36.38 14.02
C ILE A 708 21.69 -35.52 15.04
N THR A 709 21.11 -34.42 14.57
CA THR A 709 20.43 -33.44 15.41
C THR A 709 18.95 -33.46 15.05
N SER A 710 18.14 -32.67 15.73
CA SER A 710 16.71 -32.65 15.42
C SER A 710 16.26 -31.25 15.00
N GLY A 711 14.96 -31.15 14.70
CA GLY A 711 14.36 -29.86 14.38
C GLY A 711 14.34 -28.95 15.59
N GLN A 712 13.84 -29.45 16.72
CA GLN A 712 14.14 -28.77 17.97
C GLN A 712 15.62 -28.79 18.28
N GLY A 713 16.35 -29.73 17.68
CA GLY A 713 17.78 -29.82 17.87
C GLY A 713 18.26 -30.97 18.72
N LYS A 714 17.36 -31.82 19.22
CA LYS A 714 17.85 -32.94 20.00
C LYS A 714 18.71 -33.83 19.10
N THR A 715 19.79 -34.33 19.67
CA THR A 715 20.82 -34.98 18.89
C THR A 715 20.55 -36.48 18.80
N ILE A 716 20.41 -36.97 17.57
CA ILE A 716 20.22 -38.41 17.38
C ILE A 716 21.56 -39.15 17.44
N ASP A 717 22.58 -38.66 16.73
CA ASP A 717 23.95 -39.13 16.88
C ASP A 717 24.09 -40.63 16.59
N CYS A 718 23.89 -40.99 15.34
CA CYS A 718 24.26 -42.34 14.93
C CYS A 718 24.53 -42.38 13.44
N SER A 719 25.48 -43.24 13.05
CA SER A 719 25.76 -43.50 11.64
C SER A 719 25.14 -44.80 11.12
N ASN A 720 24.40 -45.55 11.96
CA ASN A 720 23.83 -46.81 11.51
C ASN A 720 22.96 -46.64 10.28
N CYS A 721 22.09 -45.63 10.29
CA CYS A 721 21.40 -45.29 9.05
C CYS A 721 22.41 -44.90 8.00
N ILE A 722 22.27 -45.48 6.84
CA ILE A 722 23.09 -45.12 5.71
C ILE A 722 22.18 -45.10 4.51
N VAL A 723 22.08 -43.95 3.87
CA VAL A 723 21.07 -43.80 2.84
C VAL A 723 21.58 -42.89 1.75
N ILE A 724 21.22 -43.23 0.53
CA ILE A 724 21.57 -42.41 -0.61
C ILE A 724 20.27 -42.01 -1.28
N MET A 725 20.35 -40.99 -2.12
CA MET A 725 19.15 -40.40 -2.69
C MET A 725 19.35 -40.18 -4.18
N THR A 726 18.27 -40.29 -4.93
CA THR A 726 18.28 -40.91 -6.24
C THR A 726 17.84 -39.97 -7.34
N SER A 727 18.67 -39.81 -8.38
CA SER A 727 18.23 -39.26 -9.65
C SER A 727 18.76 -40.06 -10.83
N ALA A 728 17.83 -40.58 -11.62
CA ALA A 728 18.11 -41.18 -12.90
C ALA A 728 18.74 -40.19 -13.86
N LEU A 729 18.99 -38.98 -13.38
CA LEU A 729 19.49 -37.86 -14.17
C LEU A 729 20.53 -38.27 -15.19
N GLY A 730 21.31 -39.29 -14.88
CA GLY A 730 22.26 -39.80 -15.85
C GLY A 730 21.77 -40.99 -16.64
N ALA A 731 20.76 -41.70 -16.13
CA ALA A 731 20.37 -42.96 -16.72
C ALA A 731 20.08 -42.85 -18.21
N GLU A 732 19.63 -41.68 -18.67
CA GLU A 732 19.40 -41.52 -20.10
C GLU A 732 20.69 -41.68 -20.90
N PHE A 733 21.84 -41.65 -20.25
CA PHE A 733 23.05 -42.06 -20.94
C PHE A 733 22.92 -43.49 -21.41
N ILE A 734 22.33 -44.37 -20.60
CA ILE A 734 22.06 -45.72 -21.08
C ILE A 734 20.68 -45.81 -21.73
N ASN A 735 19.89 -44.74 -21.67
CA ASN A 735 18.73 -44.68 -22.57
C ASN A 735 19.16 -44.94 -23.99
N SER A 736 20.10 -44.15 -24.47
CA SER A 736 20.99 -44.66 -25.51
C SER A 736 21.65 -45.89 -24.93
N GLN A 737 21.49 -47.04 -25.58
CA GLN A 737 21.98 -48.23 -24.91
C GLN A 737 23.48 -48.08 -24.82
N GLN A 738 23.98 -47.87 -23.61
CA GLN A 738 25.40 -47.57 -23.43
C GLN A 738 25.88 -48.26 -22.16
N GLY A 739 26.88 -49.13 -22.31
CA GLY A 739 27.63 -49.60 -21.18
C GLY A 739 26.84 -50.14 -20.02
N SER A 740 25.98 -51.14 -20.25
CA SER A 740 25.46 -51.88 -19.11
C SER A 740 26.60 -52.23 -18.18
N LYS A 741 27.72 -52.61 -18.75
CA LYS A 741 29.02 -52.43 -18.13
C LYS A 741 29.55 -51.10 -18.68
N ILE A 742 29.61 -50.09 -17.85
CA ILE A 742 30.26 -48.86 -18.27
C ILE A 742 31.77 -49.03 -18.17
N GLN A 743 32.47 -48.52 -19.17
CA GLN A 743 33.92 -48.36 -19.12
C GLN A 743 34.22 -47.01 -19.76
N GLU A 744 35.53 -46.75 -19.95
CA GLU A 744 36.00 -45.49 -20.50
C GLU A 744 35.49 -44.30 -19.69
N SER A 745 35.05 -43.25 -20.38
CA SER A 745 34.68 -42.00 -19.72
C SER A 745 33.19 -41.87 -19.47
N THR A 746 32.38 -42.86 -19.85
CA THR A 746 30.94 -42.72 -19.70
C THR A 746 30.60 -42.37 -18.27
N LYS A 747 31.08 -43.17 -17.32
CA LYS A 747 30.92 -42.89 -15.91
C LYS A 747 31.21 -41.43 -15.61
N ASN A 748 32.20 -40.89 -16.29
CA ASN A 748 32.59 -39.52 -16.04
C ASN A 748 31.61 -38.58 -16.73
N LEU A 749 31.32 -38.85 -18.00
CA LEU A 749 30.16 -38.22 -18.61
C LEU A 749 28.94 -38.45 -17.77
N VAL A 750 28.76 -39.67 -17.30
CA VAL A 750 27.78 -39.92 -16.26
C VAL A 750 28.06 -39.00 -15.07
N MET A 751 29.30 -39.00 -14.59
CA MET A 751 29.63 -38.10 -13.50
C MET A 751 29.39 -36.64 -13.86
N GLY A 752 29.19 -36.34 -15.14
CA GLY A 752 28.94 -34.96 -15.49
C GLY A 752 27.69 -34.41 -14.84
N ALA A 753 26.54 -35.02 -15.13
CA ALA A 753 25.28 -34.50 -14.63
C ALA A 753 25.28 -34.44 -13.11
N VAL A 754 26.17 -35.20 -12.49
CA VAL A 754 26.36 -35.12 -11.05
C VAL A 754 26.48 -33.68 -10.62
N ARG A 755 27.36 -32.93 -11.28
CA ARG A 755 27.76 -31.63 -10.80
C ARG A 755 26.58 -30.71 -10.57
N GLN A 756 25.45 -31.02 -11.18
CA GLN A 756 24.25 -30.24 -11.00
C GLN A 756 23.85 -30.14 -9.55
N HIS A 757 23.36 -31.25 -9.01
CA HIS A 757 22.75 -31.33 -7.70
C HIS A 757 23.75 -31.18 -6.58
N PHE A 758 25.02 -31.00 -6.94
CA PHE A 758 26.13 -31.47 -6.15
C PHE A 758 26.73 -30.49 -5.14
N ARG A 759 27.53 -29.55 -5.61
CA ARG A 759 28.48 -28.71 -4.88
C ARG A 759 29.69 -29.47 -4.35
N PRO A 760 30.84 -28.81 -4.37
CA PRO A 760 32.08 -29.48 -3.95
C PRO A 760 32.19 -29.71 -2.47
N GLU A 761 31.49 -28.94 -1.64
CA GLU A 761 31.52 -29.31 -0.23
C GLU A 761 30.90 -30.67 -0.04
N PHE A 762 29.76 -30.86 -0.69
CA PHE A 762 29.15 -32.16 -0.78
C PHE A 762 30.16 -33.21 -1.20
N LEU A 763 31.08 -32.85 -2.09
CA LEU A 763 32.09 -33.76 -2.63
C LEU A 763 32.75 -34.59 -1.57
N ASN A 764 33.61 -33.97 -0.77
CA ASN A 764 34.42 -34.72 0.16
C ASN A 764 33.59 -35.70 0.94
N ARG A 765 32.38 -35.31 1.25
CA ARG A 765 31.59 -36.04 2.20
C ARG A 765 30.83 -37.16 1.56
N ILE A 766 31.10 -37.43 0.29
CA ILE A 766 30.40 -38.46 -0.46
C ILE A 766 31.27 -39.71 -0.52
N SER A 767 30.73 -40.83 -0.05
CA SER A 767 31.44 -42.10 -0.16
C SER A 767 31.74 -42.44 -1.61
N SER A 768 30.70 -42.79 -2.35
CA SER A 768 30.88 -43.42 -3.65
C SER A 768 29.64 -43.21 -4.50
N ILE A 769 29.53 -44.01 -5.57
CA ILE A 769 28.48 -43.93 -6.57
C ILE A 769 28.19 -45.33 -7.06
N VAL A 770 26.92 -45.75 -7.06
CA VAL A 770 26.57 -47.13 -7.41
C VAL A 770 25.29 -47.19 -8.23
N ILE A 771 25.31 -48.02 -9.28
CA ILE A 771 24.21 -48.15 -10.22
C ILE A 771 23.11 -49.06 -9.66
N PHE A 772 21.91 -48.90 -10.19
CA PHE A 772 20.98 -50.01 -10.37
C PHE A 772 21.08 -50.43 -11.83
N ASN A 773 21.63 -51.61 -12.08
CA ASN A 773 22.05 -51.95 -13.45
C ASN A 773 20.83 -52.24 -14.33
N LYS A 774 21.13 -52.68 -15.56
CA LYS A 774 20.16 -52.99 -16.60
C LYS A 774 19.75 -54.46 -16.65
N LEU A 775 20.42 -55.29 -15.86
CA LEU A 775 20.20 -56.76 -15.69
C LEU A 775 20.22 -57.42 -17.06
N SER A 776 19.40 -58.46 -17.25
CA SER A 776 19.28 -59.23 -18.47
C SER A 776 18.34 -60.37 -18.15
N ARG A 777 17.73 -60.95 -19.16
CA ARG A 777 17.10 -62.23 -18.90
C ARG A 777 18.18 -63.21 -18.54
N LYS A 778 19.32 -63.08 -19.21
CA LYS A 778 20.51 -63.78 -18.79
C LYS A 778 20.64 -63.63 -17.29
N ALA A 779 20.59 -62.40 -16.80
CA ALA A 779 20.28 -62.30 -15.39
C ALA A 779 18.89 -62.85 -15.16
N ILE A 780 17.89 -62.07 -15.56
CA ILE A 780 16.63 -62.15 -14.85
C ILE A 780 15.95 -63.45 -15.12
N HIS A 781 16.22 -64.06 -16.27
CA HIS A 781 15.52 -65.30 -16.56
C HIS A 781 15.71 -66.25 -15.41
N LYS A 782 16.84 -66.14 -14.74
CA LYS A 782 16.96 -66.79 -13.46
C LYS A 782 16.36 -65.94 -12.35
N ILE A 783 16.55 -64.62 -12.38
CA ILE A 783 16.01 -63.78 -11.32
C ILE A 783 14.51 -64.03 -11.18
N VAL A 784 13.82 -63.94 -12.29
CA VAL A 784 12.39 -64.14 -12.25
C VAL A 784 12.07 -65.39 -11.48
N ASP A 785 12.80 -66.46 -11.75
CA ASP A 785 12.60 -67.67 -10.98
C ASP A 785 12.54 -67.33 -9.52
N ILE A 786 13.49 -66.55 -9.06
CA ILE A 786 13.55 -66.31 -7.64
C ILE A 786 12.24 -65.69 -7.20
N ARG A 787 11.62 -64.96 -8.10
CA ARG A 787 10.45 -64.21 -7.74
C ARG A 787 9.30 -65.11 -7.33
N LEU A 788 9.29 -66.34 -7.79
CA LEU A 788 8.32 -67.24 -7.21
C LEU A 788 8.83 -67.79 -5.89
N LYS A 789 10.07 -68.26 -5.89
CA LYS A 789 10.69 -68.68 -4.65
C LYS A 789 10.57 -67.56 -3.65
N GLU A 790 10.69 -66.34 -4.15
CA GLU A 790 10.17 -65.20 -3.44
C GLU A 790 8.77 -65.54 -2.99
N ILE A 791 7.84 -65.52 -3.93
CA ILE A 791 6.44 -65.42 -3.54
C ILE A 791 5.88 -66.75 -3.10
N GLU A 792 6.69 -67.79 -3.12
CA GLU A 792 6.20 -69.14 -2.91
C GLU A 792 5.20 -69.22 -1.77
N GLU A 793 5.66 -68.96 -0.56
CA GLU A 793 4.84 -69.22 0.62
C GLU A 793 3.96 -68.05 1.00
N ARG A 794 3.88 -67.01 0.17
CA ARG A 794 3.12 -65.83 0.57
C ARG A 794 1.73 -66.16 1.10
N PHE A 795 0.83 -66.42 0.17
CA PHE A 795 -0.54 -66.74 0.52
C PHE A 795 -0.59 -68.03 1.34
N GLU A 796 -0.34 -69.14 0.66
CA GLU A 796 -0.31 -70.42 1.33
C GLU A 796 0.91 -70.42 2.22
N GLN A 797 0.70 -70.53 3.52
CA GLN A 797 1.84 -70.30 4.39
C GLN A 797 2.57 -71.62 4.54
N ASN A 798 2.05 -72.49 5.39
CA ASN A 798 2.46 -73.88 5.43
C ASN A 798 1.45 -74.79 4.77
N ASP A 799 0.33 -74.24 4.29
CA ASP A 799 -0.84 -75.04 4.00
C ASP A 799 -0.52 -76.16 3.01
N LYS A 800 -0.35 -75.82 1.73
CA LYS A 800 0.10 -76.80 0.77
C LYS A 800 1.01 -76.15 -0.26
N HIS A 801 2.18 -76.75 -0.45
CA HIS A 801 3.17 -76.28 -1.40
C HIS A 801 2.76 -76.68 -2.81
N TYR A 802 3.68 -76.64 -3.77
CA TYR A 802 3.36 -76.97 -5.16
C TYR A 802 4.60 -77.58 -5.82
N LYS A 803 4.52 -77.73 -7.14
CA LYS A 803 5.57 -78.35 -7.94
C LYS A 803 6.12 -77.38 -8.98
N LEU A 804 5.26 -76.84 -9.84
CA LEU A 804 5.63 -75.88 -10.87
C LEU A 804 6.52 -76.50 -11.92
N ASN A 805 5.98 -77.42 -12.70
CA ASN A 805 6.62 -77.70 -13.96
C ASN A 805 6.39 -76.52 -14.89
N LEU A 806 7.45 -76.14 -15.57
CA LEU A 806 7.43 -74.98 -16.44
C LEU A 806 8.00 -75.35 -17.80
N THR A 807 9.25 -75.80 -17.76
CA THR A 807 10.19 -75.98 -18.87
C THR A 807 10.37 -74.64 -19.58
N GLN A 808 10.70 -74.67 -20.86
CA GLN A 808 11.36 -73.51 -21.43
C GLN A 808 10.37 -72.41 -21.76
N GLU A 809 9.23 -72.78 -22.32
CA GLU A 809 8.16 -71.80 -22.47
C GLU A 809 7.80 -71.24 -21.11
N ALA A 810 7.24 -72.09 -20.24
CA ALA A 810 6.86 -71.59 -18.94
C ALA A 810 8.05 -71.20 -18.11
N LYS A 811 9.28 -71.50 -18.54
CA LYS A 811 10.34 -70.57 -18.16
C LYS A 811 9.97 -69.21 -18.70
N ASP A 812 10.14 -69.06 -20.01
CA ASP A 812 10.23 -67.74 -20.60
C ASP A 812 8.97 -66.96 -20.37
N PHE A 813 7.85 -67.53 -20.74
CA PHE A 813 6.77 -66.77 -21.34
C PHE A 813 6.61 -65.43 -20.66
N LEU A 814 6.20 -65.45 -19.40
CA LEU A 814 5.66 -64.25 -18.80
C LEU A 814 6.72 -63.19 -18.66
N ALA A 815 7.97 -63.61 -18.61
CA ALA A 815 9.06 -62.65 -18.59
C ALA A 815 8.98 -61.82 -19.86
N LYS A 816 9.24 -62.43 -21.02
CA LYS A 816 9.08 -61.68 -22.26
C LYS A 816 7.69 -61.10 -22.38
N TYR A 817 6.70 -61.68 -21.69
CA TYR A 817 5.44 -60.95 -21.58
C TYR A 817 5.66 -59.61 -20.91
N GLY A 818 5.94 -59.61 -19.61
CA GLY A 818 5.78 -58.40 -18.84
C GLY A 818 7.00 -57.65 -18.36
N TYR A 819 8.19 -58.00 -18.79
CA TYR A 819 9.32 -57.29 -18.23
C TYR A 819 9.32 -55.86 -18.74
N SER A 820 10.24 -55.07 -18.22
CA SER A 820 10.38 -53.71 -18.69
C SER A 820 11.83 -53.47 -19.03
N ASP A 821 12.07 -52.85 -20.17
CA ASP A 821 13.38 -52.30 -20.47
C ASP A 821 13.43 -50.81 -20.20
N ASP A 822 12.34 -50.25 -19.69
CA ASP A 822 12.16 -48.82 -19.46
C ASP A 822 11.66 -48.52 -18.04
N MET A 823 10.54 -49.11 -17.63
CA MET A 823 10.07 -48.87 -16.25
C MET A 823 11.00 -49.48 -15.22
N GLY A 824 11.08 -50.80 -15.17
CA GLY A 824 11.97 -51.44 -14.22
C GLY A 824 11.56 -52.88 -13.95
N ALA A 825 12.04 -53.39 -12.80
CA ALA A 825 11.56 -54.66 -12.28
C ALA A 825 10.12 -54.56 -11.88
N ARG A 826 9.67 -53.36 -11.61
CA ARG A 826 8.35 -53.00 -11.13
C ARG A 826 7.22 -53.68 -11.89
N PRO A 827 7.09 -53.48 -13.20
CA PRO A 827 5.79 -53.75 -13.82
C PRO A 827 5.33 -55.17 -13.70
N LEU A 828 6.19 -56.11 -14.07
CA LEU A 828 5.70 -57.46 -14.28
C LEU A 828 5.30 -58.08 -12.97
N ASN A 829 5.96 -57.67 -11.90
CA ASN A 829 5.70 -58.12 -10.56
C ASN A 829 4.20 -58.13 -10.33
N ARG A 830 3.64 -56.93 -10.28
CA ARG A 830 2.21 -56.80 -10.16
C ARG A 830 1.50 -57.63 -11.20
N LEU A 831 1.94 -57.56 -12.45
CA LEU A 831 1.38 -58.51 -13.41
C LEU A 831 1.50 -59.90 -12.85
N ILE A 832 2.73 -60.28 -12.56
CA ILE A 832 2.97 -61.64 -12.14
C ILE A 832 1.94 -62.04 -11.13
N GLN A 833 1.68 -61.14 -10.18
CA GLN A 833 0.62 -61.35 -9.23
C GLN A 833 -0.66 -61.74 -9.92
N ASN A 834 -0.98 -61.07 -11.02
CA ASN A 834 -2.26 -61.27 -11.68
C ASN A 834 -2.49 -62.73 -12.01
N GLU A 835 -1.77 -63.22 -13.02
CA GLU A 835 -2.07 -64.52 -13.58
C GLU A 835 -2.13 -65.58 -12.50
N ILE A 836 -1.34 -65.42 -11.45
CA ILE A 836 -1.35 -66.32 -10.31
C ILE A 836 -2.78 -66.48 -9.83
N LEU A 837 -3.28 -65.42 -9.22
CA LEU A 837 -4.54 -65.51 -8.51
C LEU A 837 -5.66 -65.88 -9.46
N ASN A 838 -5.50 -65.54 -10.74
CA ASN A 838 -6.51 -65.91 -11.72
C ASN A 838 -6.67 -67.40 -11.77
N LYS A 839 -5.56 -68.10 -12.00
CA LYS A 839 -5.55 -69.54 -11.86
C LYS A 839 -6.03 -69.94 -10.48
N LEU A 840 -5.64 -69.18 -9.46
CA LEU A 840 -6.18 -69.43 -8.13
C LEU A 840 -7.68 -69.17 -8.12
N ALA A 841 -8.09 -68.04 -8.71
CA ALA A 841 -9.52 -67.80 -8.89
C ALA A 841 -10.17 -68.99 -9.55
N LEU A 842 -9.57 -69.47 -10.64
CA LEU A 842 -9.96 -70.76 -11.19
C LEU A 842 -9.99 -71.82 -10.12
N ARG A 843 -8.87 -71.97 -9.42
CA ARG A 843 -8.77 -73.10 -8.52
C ARG A 843 -9.47 -72.89 -7.21
N ILE A 844 -9.78 -71.65 -6.82
CA ILE A 844 -10.73 -71.51 -5.73
C ILE A 844 -12.14 -71.69 -6.25
N LEU A 845 -12.38 -71.32 -7.51
CA LEU A 845 -13.51 -71.88 -8.21
C LEU A 845 -13.43 -73.39 -8.25
N LYS A 846 -12.24 -73.95 -8.18
CA LYS A 846 -12.09 -75.40 -8.32
C LYS A 846 -11.82 -76.09 -6.99
N ASN A 847 -10.62 -75.97 -6.45
CA ASN A 847 -10.18 -76.74 -5.28
C ASN A 847 -10.28 -78.24 -5.53
N GLU A 848 -9.49 -78.71 -6.50
CA GLU A 848 -9.02 -80.08 -6.45
C GLU A 848 -7.55 -79.97 -6.07
N ILE A 849 -6.64 -79.86 -7.04
CA ILE A 849 -5.43 -79.07 -7.00
C ILE A 849 -4.94 -78.93 -5.56
N LYS A 850 -4.50 -80.03 -4.98
CA LYS A 850 -4.26 -80.02 -3.55
C LYS A 850 -2.89 -79.42 -3.23
N ASP A 851 -1.81 -80.16 -3.48
CA ASP A 851 -0.53 -79.64 -3.02
C ASP A 851 0.38 -79.37 -4.21
N LYS A 852 1.04 -80.40 -4.71
CA LYS A 852 2.00 -80.23 -5.78
C LYS A 852 1.30 -79.71 -7.02
N GLU A 853 1.81 -78.59 -7.54
CA GLU A 853 1.17 -77.91 -8.66
C GLU A 853 2.22 -77.59 -9.69
N THR A 854 1.95 -77.97 -10.93
CA THR A 854 2.79 -77.63 -12.05
C THR A 854 2.02 -76.66 -12.93
N VAL A 855 2.70 -76.15 -13.95
CA VAL A 855 2.18 -75.05 -14.73
C VAL A 855 2.21 -75.40 -16.20
N ASN A 856 1.12 -75.08 -16.88
CA ASN A 856 0.98 -75.34 -18.31
C ASN A 856 0.76 -74.00 -18.99
N VAL A 857 1.75 -73.53 -19.75
CA VAL A 857 1.63 -72.25 -20.43
C VAL A 857 1.95 -72.44 -21.90
N VAL A 858 1.27 -71.69 -22.76
CA VAL A 858 1.56 -71.55 -24.17
C VAL A 858 1.22 -70.12 -24.56
N LEU A 859 1.47 -69.75 -25.81
CA LEU A 859 0.92 -68.51 -26.35
C LEU A 859 -0.59 -68.60 -26.43
N GLU A 872 -5.35 -56.53 -28.32
CA GLU A 872 -4.70 -56.55 -27.04
C GLU A 872 -3.23 -56.65 -27.30
N ALA A 873 -2.60 -57.58 -26.59
CA ALA A 873 -1.29 -58.08 -26.93
C ALA A 873 -1.04 -59.31 -26.06
N GLU A 874 0.18 -59.83 -26.17
CA GLU A 874 0.70 -60.83 -25.24
C GLU A 874 -0.18 -62.09 -25.22
N GLU A 875 -0.24 -62.75 -26.37
CA GLU A 875 -1.06 -63.93 -26.52
C GLU A 875 -0.50 -65.04 -25.65
N CYS A 876 -1.33 -65.63 -24.80
CA CYS A 876 -0.83 -66.58 -23.81
C CYS A 876 -1.80 -67.75 -23.63
N LEU A 877 -1.38 -68.69 -22.78
CA LEU A 877 -2.21 -69.80 -22.34
C LEU A 877 -2.17 -69.92 -20.82
N GLU A 878 -1.02 -70.34 -20.28
CA GLU A 878 -0.77 -70.34 -18.84
C GLU A 878 -1.91 -70.99 -18.07
N VAL A 879 -1.94 -72.31 -18.18
CA VAL A 879 -3.03 -73.05 -17.55
C VAL A 879 -2.41 -74.05 -16.58
N LEU A 880 -3.24 -74.75 -15.82
CA LEU A 880 -2.80 -75.80 -14.94
C LEU A 880 -3.68 -77.02 -15.20
N PRO A 881 -3.12 -78.21 -15.19
CA PRO A 881 -3.98 -79.40 -15.16
C PRO A 881 -4.61 -79.57 -13.78
N ASN A 882 -5.45 -80.56 -13.59
CA ASN A 882 -5.99 -80.79 -12.25
C ASN A 882 -6.61 -82.17 -12.13
N GLN B 6 15.25 -2.86 73.92
CA GLN B 6 15.89 -1.73 73.26
C GLN B 6 15.55 -1.71 71.78
N PHE B 7 14.61 -0.85 71.40
CA PHE B 7 14.17 -0.76 70.02
C PHE B 7 13.03 0.24 69.87
N THR B 8 12.58 0.46 68.65
CA THR B 8 11.42 1.32 68.36
C THR B 8 11.74 2.75 68.78
N GLU B 9 10.96 3.36 69.67
CA GLU B 9 11.02 4.80 69.92
C GLU B 9 10.66 5.59 68.67
N ARG B 10 9.98 4.93 67.74
CA ARG B 10 9.41 5.56 66.55
C ARG B 10 7.97 5.08 66.44
N ALA B 11 7.79 3.78 66.17
CA ALA B 11 6.48 3.19 66.32
C ALA B 11 5.96 3.44 67.73
N LEU B 12 6.72 3.01 68.73
CA LEU B 12 6.45 3.45 70.09
C LEU B 12 6.55 4.97 70.18
N THR B 13 7.58 5.56 69.56
CA THR B 13 7.71 7.02 69.58
C THR B 13 6.45 7.69 69.07
N ILE B 14 5.77 7.06 68.10
CA ILE B 14 4.44 7.48 67.69
C ILE B 14 3.34 6.67 68.36
N LEU B 15 3.70 5.68 69.17
CA LEU B 15 2.71 4.90 69.92
C LEU B 15 2.86 5.15 71.40
N THR B 16 3.92 4.63 72.03
CA THR B 16 4.18 4.88 73.44
C THR B 16 4.93 6.19 73.67
N LEU B 17 5.49 6.80 72.62
CA LEU B 17 6.17 8.08 72.73
C LEU B 17 5.21 9.26 72.67
N ALA B 18 3.91 8.99 72.57
CA ALA B 18 2.92 10.06 72.54
C ALA B 18 2.81 10.76 73.89
N GLN B 19 3.43 10.21 74.93
CA GLN B 19 3.54 10.94 76.19
C GLN B 19 4.33 12.22 76.00
N LYS B 20 5.45 12.14 75.27
CA LYS B 20 6.16 13.35 74.88
C LYS B 20 5.26 14.27 74.06
N LEU B 21 4.37 13.69 73.26
CA LEU B 21 3.33 14.48 72.59
C LEU B 21 2.16 14.76 73.51
N ALA B 22 1.98 13.99 74.57
CA ALA B 22 0.90 14.24 75.50
C ALA B 22 1.07 15.55 76.25
N SER B 23 2.31 15.97 76.47
CA SER B 23 2.59 17.26 77.09
C SER B 23 3.88 17.80 76.47
N ASP B 24 3.89 19.09 76.14
CA ASP B 24 5.12 19.73 75.73
C ASP B 24 5.98 19.86 76.97
N HIS B 25 5.53 20.67 77.93
CA HIS B 25 6.02 20.62 79.30
C HIS B 25 4.79 20.50 80.19
N GLN B 26 4.60 19.31 80.77
CA GLN B 26 3.55 19.07 81.74
C GLN B 26 3.50 17.58 82.02
N HIS B 27 2.86 17.20 83.13
CA HIS B 27 2.50 15.81 83.44
C HIS B 27 3.60 14.83 83.08
N PRO B 28 4.72 14.80 83.82
CA PRO B 28 5.78 13.84 83.48
C PRO B 28 5.25 12.43 83.40
N GLN B 29 4.47 12.00 84.39
CA GLN B 29 3.65 10.82 84.27
C GLN B 29 2.20 11.30 84.29
N LEU B 30 1.57 11.30 83.12
CA LEU B 30 0.15 11.57 83.01
C LEU B 30 -0.30 11.03 81.67
N GLN B 31 -1.61 10.79 81.55
CA GLN B 31 -2.20 10.43 80.26
C GLN B 31 -3.36 11.36 79.96
N PRO B 32 -3.14 12.67 79.99
CA PRO B 32 -4.12 13.59 79.40
C PRO B 32 -4.09 13.54 77.89
N ILE B 33 -2.93 13.22 77.31
CA ILE B 33 -2.78 13.11 75.86
C ILE B 33 -1.99 11.84 75.56
N HIS B 34 -2.60 10.91 74.86
CA HIS B 34 -1.91 9.80 74.23
C HIS B 34 -1.87 10.05 72.73
N ILE B 35 -1.21 9.13 72.01
CA ILE B 35 -1.08 9.22 70.56
C ILE B 35 -0.65 10.62 70.15
N LEU B 36 0.55 11.01 70.57
CA LEU B 36 1.09 12.34 70.29
C LEU B 36 0.28 13.45 70.95
N ALA B 37 -0.36 13.13 72.07
CA ALA B 37 -1.28 14.04 72.73
C ALA B 37 -2.52 14.33 71.89
N ALA B 38 -2.91 13.38 71.04
CA ALA B 38 -4.12 13.46 70.24
C ALA B 38 -4.14 14.68 69.32
N PHE B 39 -2.98 15.21 68.98
CA PHE B 39 -2.86 16.23 67.94
C PHE B 39 -1.63 15.89 67.11
N ILE B 40 -1.81 15.60 65.83
CA ILE B 40 -0.68 15.38 64.94
C ILE B 40 -1.12 14.94 63.55
N GLU B 41 -0.21 15.07 62.59
CA GLU B 41 -0.29 14.42 61.29
C GLU B 41 -1.68 14.50 60.67
N THR B 42 -2.14 13.37 60.16
CA THR B 42 -3.44 13.26 59.52
C THR B 42 -3.72 11.78 59.27
N PRO B 43 -4.84 11.44 58.63
CA PRO B 43 -4.96 10.13 58.02
C PRO B 43 -4.62 10.15 56.53
N GLU B 44 -3.34 10.29 56.18
CA GLU B 44 -2.94 10.40 54.77
C GLU B 44 -2.12 9.21 54.29
N ASP B 45 -0.85 9.10 54.68
CA ASP B 45 -0.02 7.94 54.34
C ASP B 45 0.17 7.05 55.56
N GLY B 46 0.95 7.49 56.53
CA GLY B 46 0.68 7.17 57.92
C GLY B 46 1.54 7.99 58.84
N SER B 47 0.95 8.44 59.94
CA SER B 47 1.65 9.21 60.97
C SER B 47 0.57 9.91 61.80
N VAL B 48 0.92 10.42 62.98
CA VAL B 48 0.19 11.57 63.52
C VAL B 48 -1.24 11.19 63.91
N PRO B 49 -1.97 12.09 64.57
CA PRO B 49 -3.42 11.88 64.68
C PRO B 49 -4.01 11.71 63.29
N TYR B 50 -4.74 10.62 63.12
CA TYR B 50 -5.23 10.20 61.81
C TYR B 50 -6.51 9.42 62.03
N LEU B 51 -6.95 8.71 60.99
CA LEU B 51 -8.14 7.86 61.12
C LEU B 51 -8.06 6.97 62.36
N GLN B 52 -6.95 6.24 62.52
CA GLN B 52 -6.83 5.28 63.60
C GLN B 52 -5.35 5.09 63.92
N ASN B 53 -5.09 4.50 65.08
CA ASN B 53 -3.70 4.26 65.50
C ASN B 53 -3.14 3.03 64.79
N LEU B 54 -3.59 1.86 65.20
CA LEU B 54 -3.29 0.66 64.43
C LEU B 54 -4.48 0.41 63.52
N ILE B 55 -5.58 -0.06 64.10
CA ILE B 55 -6.82 -0.32 63.37
C ILE B 55 -7.94 0.33 64.15
N GLU B 56 -8.61 1.31 63.54
CA GLU B 56 -9.79 1.92 64.14
C GLU B 56 -10.86 2.02 63.07
N LYS B 57 -11.96 1.29 63.25
CA LYS B 57 -13.11 1.37 62.37
C LYS B 57 -14.23 2.25 62.90
N GLY B 58 -14.09 2.78 64.11
CA GLY B 58 -15.21 3.47 64.75
C GLY B 58 -15.68 4.71 64.02
N ARG B 59 -14.77 5.66 63.83
CA ARG B 59 -15.11 6.95 63.23
C ARG B 59 -14.77 6.94 61.75
N TYR B 60 -14.86 8.11 61.12
CA TYR B 60 -14.45 8.24 59.73
C TYR B 60 -12.96 7.94 59.62
N ASP B 61 -12.62 7.03 58.71
CA ASP B 61 -11.24 6.62 58.53
C ASP B 61 -10.41 7.77 57.95
N TYR B 62 -9.10 7.66 58.12
CA TYR B 62 -8.14 8.61 57.57
C TYR B 62 -8.37 10.03 58.06
N ASP B 63 -9.01 10.17 59.21
CA ASP B 63 -9.34 11.49 59.75
C ASP B 63 -9.01 11.49 61.24
N LEU B 64 -8.37 12.56 61.68
CA LEU B 64 -7.90 12.65 63.05
C LEU B 64 -9.08 12.79 64.02
N PHE B 65 -9.78 13.92 63.97
CA PHE B 65 -10.85 14.18 64.92
C PHE B 65 -12.03 14.83 64.21
N LYS B 66 -13.23 14.49 64.70
CA LYS B 66 -14.43 15.17 64.25
C LYS B 66 -14.30 16.66 64.55
N LYS B 67 -14.82 17.49 63.66
CA LYS B 67 -14.53 18.92 63.66
C LYS B 67 -13.04 19.09 63.44
N VAL B 68 -12.29 19.75 64.31
CA VAL B 68 -10.86 19.87 64.13
C VAL B 68 -10.22 18.48 64.14
N VAL B 69 -9.21 18.29 63.30
CA VAL B 69 -8.54 17.00 63.20
C VAL B 69 -7.62 16.86 64.41
N ASN B 70 -7.85 15.83 65.20
CA ASN B 70 -7.07 15.53 66.41
C ASN B 70 -7.10 16.75 67.33
N ARG B 71 -5.98 17.13 67.95
CA ARG B 71 -5.92 18.27 68.86
C ARG B 71 -6.76 18.06 70.11
N ASN B 72 -6.98 16.80 70.49
CA ASN B 72 -7.86 16.48 71.60
C ASN B 72 -7.08 16.39 72.90
N LEU B 73 -7.69 16.87 73.98
CA LEU B 73 -7.12 16.80 75.33
C LEU B 73 -5.84 17.61 75.46
N VAL B 74 -5.66 18.63 74.63
CA VAL B 74 -4.43 19.42 74.66
C VAL B 74 -4.42 20.31 75.90
N ARG B 75 -3.21 20.66 76.35
CA ARG B 75 -3.02 21.52 77.51
C ARG B 75 -3.70 20.93 78.74
N ILE B 76 -3.09 19.85 79.25
CA ILE B 76 -3.64 19.09 80.37
C ILE B 76 -3.55 19.92 81.66
N PRO B 77 -4.07 19.41 82.79
CA PRO B 77 -4.17 20.19 84.03
C PRO B 77 -2.88 20.32 84.83
N GLN B 78 -1.81 20.74 84.16
CA GLN B 78 -0.53 21.00 84.80
C GLN B 78 0.03 22.29 84.22
N GLN B 79 1.20 22.69 84.70
CA GLN B 79 1.83 23.88 84.16
C GLN B 79 2.96 23.51 83.22
N GLN B 80 4.13 23.17 83.76
CA GLN B 80 5.26 22.69 82.97
C GLN B 80 6.01 21.61 83.72
N PRO B 81 5.35 20.51 84.07
CA PRO B 81 6.05 19.35 84.63
C PRO B 81 6.39 18.33 83.55
N ALA B 82 7.07 18.78 82.48
CA ALA B 82 7.28 17.90 81.33
C ALA B 82 8.14 16.70 81.67
N PRO B 83 9.39 16.86 82.08
CA PRO B 83 10.20 15.68 82.41
C PRO B 83 10.19 15.36 83.89
N ALA B 84 9.02 15.08 84.45
CA ALA B 84 8.98 14.61 85.83
C ALA B 84 9.84 13.35 85.91
N GLU B 85 9.31 12.23 85.40
CA GLU B 85 10.16 11.15 84.91
C GLU B 85 9.61 10.70 83.58
N ILE B 86 8.49 9.97 83.62
CA ILE B 86 7.65 9.73 82.46
C ILE B 86 6.54 8.77 82.84
N THR B 87 5.43 8.80 82.11
CA THR B 87 4.46 7.71 82.11
C THR B 87 3.20 8.15 81.36
N PRO B 88 2.65 7.31 80.47
CA PRO B 88 1.27 7.54 80.01
C PRO B 88 0.27 6.68 80.76
N SER B 89 -1.03 6.88 80.49
CA SER B 89 -2.09 5.99 80.97
C SER B 89 -1.91 5.59 82.44
N TYR B 90 -1.72 6.57 83.32
CA TYR B 90 -1.27 6.32 84.69
C TYR B 90 0.16 5.77 84.64
N ALA B 91 0.44 4.60 85.20
CA ALA B 91 1.80 4.06 85.23
C ALA B 91 2.10 3.09 84.10
N LEU B 92 1.15 2.82 83.21
CA LEU B 92 1.33 1.79 82.19
C LEU B 92 1.80 2.33 80.84
N GLY B 93 2.09 3.63 80.76
CA GLY B 93 2.44 4.21 79.46
C GLY B 93 3.61 3.53 78.78
N LYS B 94 4.74 3.40 79.47
CA LYS B 94 5.85 2.63 78.90
C LYS B 94 5.44 1.19 78.65
N VAL B 95 4.74 0.58 79.61
CA VAL B 95 4.13 -0.74 79.41
C VAL B 95 3.11 -0.72 78.27
N LEU B 96 2.57 0.45 77.93
CA LEU B 96 1.74 0.57 76.74
C LEU B 96 2.49 0.15 75.49
N GLN B 97 3.82 0.11 75.52
CA GLN B 97 4.61 -0.43 74.43
C GLN B 97 4.61 -1.96 74.41
N ASP B 98 4.05 -2.60 75.43
CA ASP B 98 3.90 -4.05 75.44
C ASP B 98 2.52 -4.52 75.01
N ALA B 99 1.60 -3.61 74.68
CA ALA B 99 0.22 -3.98 74.35
C ALA B 99 -0.04 -4.09 72.85
N ALA B 100 0.96 -3.83 72.00
CA ALA B 100 0.75 -3.99 70.57
C ALA B 100 0.43 -5.42 70.20
N LYS B 101 1.00 -6.38 70.94
CA LYS B 101 0.63 -7.78 70.82
C LYS B 101 -0.35 -8.23 71.90
N ILE B 102 -0.74 -7.35 72.82
CA ILE B 102 -1.63 -7.74 73.92
C ILE B 102 -3.02 -8.10 73.38
N GLN B 103 -3.67 -7.13 72.73
CA GLN B 103 -4.89 -7.43 71.98
C GLN B 103 -4.55 -8.09 70.65
N LYS B 104 -3.64 -7.46 69.89
CA LYS B 104 -2.93 -8.09 68.79
C LYS B 104 -3.86 -8.68 67.72
N GLN B 105 -4.71 -7.82 67.16
CA GLN B 105 -5.28 -8.18 65.86
C GLN B 105 -4.07 -8.40 64.97
N GLN B 106 -3.35 -7.32 64.69
CA GLN B 106 -1.91 -7.42 64.62
C GLN B 106 -1.30 -6.10 64.20
N LYS B 107 -0.07 -5.85 64.64
CA LYS B 107 0.83 -4.89 64.04
C LYS B 107 2.20 -5.54 64.03
N ASP B 108 2.70 -5.77 65.24
CA ASP B 108 4.01 -6.32 65.52
C ASP B 108 4.09 -6.44 67.04
N SER B 109 5.18 -7.00 67.55
CA SER B 109 5.34 -7.13 68.98
C SER B 109 5.24 -5.78 69.67
N PHE B 110 6.23 -4.92 69.45
CA PHE B 110 6.36 -3.69 70.21
C PHE B 110 6.78 -2.56 69.27
N ILE B 111 6.76 -1.35 69.81
CA ILE B 111 7.19 -0.14 69.09
C ILE B 111 6.33 0.07 67.86
N ALA B 112 5.05 0.33 68.07
CA ALA B 112 4.11 0.62 67.00
C ALA B 112 3.27 1.81 67.40
N GLN B 113 2.89 2.62 66.42
CA GLN B 113 1.97 3.72 66.67
C GLN B 113 0.72 3.15 67.32
N ASP B 114 -0.02 2.33 66.56
CA ASP B 114 -1.06 1.53 67.17
C ASP B 114 -0.50 0.55 68.18
N HIS B 115 0.75 0.12 68.01
CA HIS B 115 1.40 -0.71 69.02
C HIS B 115 1.44 -0.01 70.38
N ILE B 116 2.18 1.11 70.46
CA ILE B 116 2.40 1.73 71.75
C ILE B 116 1.14 2.39 72.28
N LEU B 117 0.54 3.30 71.50
CA LEU B 117 -0.60 4.05 71.98
C LEU B 117 -1.83 3.16 72.07
N PHE B 118 -2.16 2.50 70.96
CA PHE B 118 -3.32 1.63 70.91
C PHE B 118 -3.11 0.33 71.66
N ALA B 119 -1.91 0.09 72.18
CA ALA B 119 -1.69 -1.10 73.01
C ALA B 119 -2.69 -1.17 74.14
N LEU B 120 -3.21 -0.03 74.59
CA LEU B 120 -4.24 -0.01 75.62
C LEU B 120 -5.57 -0.39 74.98
N PHE B 121 -6.18 -1.46 75.49
CA PHE B 121 -7.49 -1.90 75.02
C PHE B 121 -8.53 -1.25 75.93
N ASN B 122 -9.29 -0.32 75.37
CA ASN B 122 -10.20 0.55 76.10
C ASN B 122 -9.47 1.77 76.66
N ASP B 123 -8.16 1.88 76.51
CA ASP B 123 -7.39 2.99 77.07
C ASP B 123 -6.46 3.53 76.01
N SER B 124 -6.45 4.85 75.85
CA SER B 124 -5.43 5.52 75.05
C SER B 124 -4.60 6.39 75.98
N SER B 125 -5.14 7.55 76.36
CA SER B 125 -4.63 8.24 77.54
C SER B 125 -5.77 8.48 78.51
N ILE B 126 -6.57 9.52 78.28
CA ILE B 126 -7.89 9.64 78.89
C ILE B 126 -8.87 10.25 77.88
N GLN B 127 -9.79 9.43 77.38
CA GLN B 127 -11.10 9.87 76.95
C GLN B 127 -12.03 8.82 77.54
N GLN B 128 -11.98 7.63 76.95
CA GLN B 128 -12.06 6.37 77.67
C GLN B 128 -10.77 5.68 77.27
N ILE B 129 -10.75 5.11 76.06
CA ILE B 129 -9.56 5.07 75.22
C ILE B 129 -10.06 5.36 73.80
N PHE B 130 -9.69 6.51 73.25
CA PHE B 130 -10.18 6.89 71.93
C PHE B 130 -9.08 7.54 71.11
N LYS B 131 -8.68 6.88 70.03
CA LYS B 131 -8.07 7.58 68.90
C LYS B 131 -8.76 7.06 67.65
N GLU B 132 -8.41 5.84 67.27
CA GLU B 132 -9.20 5.03 66.35
C GLU B 132 -9.16 3.61 66.88
N ALA B 133 -10.32 3.07 67.26
CA ALA B 133 -10.36 1.71 67.77
C ALA B 133 -11.74 1.35 68.29
N GLN B 134 -11.93 0.08 68.66
CA GLN B 134 -13.14 -0.35 69.33
C GLN B 134 -12.83 -1.01 70.67
N VAL B 135 -12.37 -2.27 70.63
CA VAL B 135 -12.08 -3.00 71.85
C VAL B 135 -10.65 -3.52 71.83
N ASP B 136 -10.40 -4.58 71.06
CA ASP B 136 -9.06 -5.16 70.95
C ASP B 136 -9.10 -6.45 70.13
N ILE B 137 -7.94 -6.94 69.70
CA ILE B 137 -7.87 -8.21 68.99
C ILE B 137 -8.15 -8.04 67.51
N GLU B 138 -8.45 -6.81 67.10
CA GLU B 138 -8.83 -6.56 65.71
C GLU B 138 -7.60 -6.23 64.86
N ALA B 139 -6.94 -5.11 65.15
CA ALA B 139 -5.74 -4.68 64.43
C ALA B 139 -5.91 -4.77 62.92
N ILE B 140 -7.08 -4.35 62.44
CA ILE B 140 -7.49 -4.63 61.07
C ILE B 140 -7.91 -3.38 60.33
N LYS B 141 -8.98 -2.74 60.80
CA LYS B 141 -9.63 -1.65 60.09
C LYS B 141 -8.61 -0.66 59.55
N GLN B 142 -7.92 0.05 60.42
CA GLN B 142 -6.78 0.84 59.97
C GLN B 142 -5.54 -0.02 59.77
N GLN B 143 -5.40 -1.09 60.56
CA GLN B 143 -4.17 -1.87 60.57
C GLN B 143 -3.79 -2.33 59.17
N ALA B 144 -4.63 -3.18 58.57
CA ALA B 144 -4.39 -3.58 57.19
C ALA B 144 -4.28 -2.36 56.29
N LEU B 145 -5.25 -1.46 56.36
CA LEU B 145 -5.17 -0.22 55.60
C LEU B 145 -3.93 0.58 55.93
N GLU B 146 -3.32 0.31 57.08
CA GLU B 146 -2.06 0.93 57.46
C GLU B 146 -0.85 0.15 56.99
N LEU B 147 -1.05 -0.92 56.22
CA LEU B 147 0.05 -1.73 55.70
C LEU B 147 0.87 -2.37 56.80
N ARG B 148 0.26 -2.56 57.96
CA ARG B 148 0.92 -3.16 59.11
C ARG B 148 1.04 -4.65 58.85
N GLY B 149 1.33 -5.42 59.89
CA GLY B 149 1.46 -6.85 59.68
C GLY B 149 2.72 -7.16 58.92
N ASN B 150 3.85 -6.89 59.54
CA ASN B 150 5.16 -6.83 58.93
C ASN B 150 5.45 -5.42 58.47
N THR B 151 4.49 -4.51 58.61
CA THR B 151 4.82 -3.10 58.52
C THR B 151 5.95 -2.74 59.47
N ARG B 152 6.15 -3.54 60.51
CA ARG B 152 7.29 -3.31 61.41
C ARG B 152 8.59 -3.74 60.73
N ILE B 153 9.66 -3.00 61.03
CA ILE B 153 10.99 -3.30 60.52
C ILE B 153 12.01 -2.65 61.44
N ASP B 154 13.25 -3.15 61.41
CA ASP B 154 14.30 -2.70 62.31
C ASP B 154 14.95 -1.38 61.90
N SER B 155 14.82 -0.99 60.64
CA SER B 155 15.32 0.31 60.20
C SER B 155 14.47 1.40 60.85
N ARG B 156 15.11 2.52 61.18
CA ARG B 156 14.42 3.60 61.88
C ARG B 156 13.21 4.03 61.06
N GLY B 157 12.03 4.03 61.69
CA GLY B 157 10.80 4.37 61.00
C GLY B 157 9.63 4.41 61.96
N ALA B 158 8.48 4.81 61.43
CA ALA B 158 7.27 5.03 62.22
C ALA B 158 6.33 3.85 62.06
N ASP B 159 6.17 3.07 63.12
CA ASP B 159 5.51 1.77 63.08
C ASP B 159 4.02 1.95 63.33
N THR B 160 3.21 1.57 62.34
CA THR B 160 1.77 1.42 62.48
C THR B 160 1.08 2.78 62.55
N ASN B 161 1.84 3.81 62.85
CA ASN B 161 1.35 5.16 62.78
C ASN B 161 2.39 5.97 62.02
N THR B 162 3.53 6.18 62.65
CA THR B 162 4.51 7.19 62.30
C THR B 162 4.76 7.30 60.80
N PRO B 163 5.14 6.22 60.13
CA PRO B 163 5.25 6.29 58.67
C PRO B 163 4.00 5.77 57.98
N LEU B 164 3.96 5.96 56.66
CA LEU B 164 3.04 5.26 55.77
C LEU B 164 3.85 4.90 54.54
N GLU B 165 4.01 3.62 54.27
CA GLU B 165 4.98 3.17 53.29
C GLU B 165 4.40 2.06 52.43
N TYR B 166 4.29 2.30 51.13
CA TYR B 166 3.78 1.25 50.25
C TYR B 166 4.74 0.96 49.10
N LEU B 167 4.71 1.83 48.12
CA LEU B 167 5.83 1.95 47.23
C LEU B 167 7.10 2.00 48.05
N SER B 168 7.03 2.69 49.18
CA SER B 168 8.13 2.62 50.12
C SER B 168 8.28 1.23 50.68
N LYS B 169 7.19 0.52 50.87
CA LYS B 169 7.35 -0.79 51.46
C LYS B 169 7.81 -1.80 50.40
N TYR B 170 6.94 -2.15 49.48
CA TYR B 170 7.37 -2.98 48.39
C TYR B 170 8.31 -2.09 47.61
N ALA B 171 9.57 -2.50 47.52
CA ALA B 171 10.60 -1.49 47.30
C ALA B 171 11.99 -2.07 47.30
N ILE B 172 12.99 -1.25 46.93
CA ILE B 172 14.41 -1.58 47.10
C ILE B 172 15.13 -0.34 47.60
N ASP B 173 16.28 -0.57 48.25
CA ASP B 173 16.96 0.52 48.94
C ASP B 173 17.40 1.63 48.03
N MET B 174 17.90 1.30 46.85
CA MET B 174 18.29 2.38 46.01
C MET B 174 19.33 3.12 46.82
N THR B 175 18.86 4.22 47.34
CA THR B 175 19.63 5.22 48.05
C THR B 175 20.63 4.60 49.00
N GLU B 176 20.14 4.07 50.10
CA GLU B 176 21.05 3.74 51.18
C GLU B 176 22.01 2.62 50.83
N GLN B 177 21.79 1.95 49.71
CA GLN B 177 22.50 0.72 49.43
C GLN B 177 23.99 0.89 49.64
N ALA B 178 24.43 2.14 49.72
CA ALA B 178 25.83 2.52 49.80
C ALA B 178 26.26 2.91 51.20
N ARG B 179 25.63 3.95 51.76
CA ARG B 179 26.01 4.40 53.07
C ARG B 179 26.11 3.24 54.02
N GLN B 180 25.16 2.34 53.94
CA GLN B 180 25.45 1.01 54.41
C GLN B 180 26.26 0.32 53.34
N GLY B 181 27.49 -0.07 53.72
CA GLY B 181 28.56 -0.12 52.75
C GLY B 181 28.21 -0.88 51.50
N LYS B 182 27.82 -2.14 51.66
CA LYS B 182 27.46 -3.02 50.55
C LYS B 182 28.62 -3.00 49.56
N LEU B 183 28.35 -2.92 48.26
CA LEU B 183 29.43 -3.00 47.31
C LEU B 183 30.30 -1.75 47.40
N ASP B 184 31.51 -1.89 46.87
CA ASP B 184 32.56 -0.89 46.76
C ASP B 184 32.48 -0.11 45.46
N PRO B 185 33.40 0.83 45.23
CA PRO B 185 33.62 1.30 43.86
C PRO B 185 34.31 0.27 43.01
N VAL B 186 33.91 0.21 41.76
CA VAL B 186 34.72 -0.31 40.68
C VAL B 186 34.99 0.90 39.79
N ILE B 187 36.22 1.40 39.82
CA ILE B 187 36.44 2.67 39.15
C ILE B 187 36.36 2.37 37.67
N GLY B 188 36.45 3.38 36.85
CA GLY B 188 35.80 3.22 35.61
C GLY B 188 35.39 4.56 35.03
N ARG B 189 34.18 4.56 34.56
CA ARG B 189 33.51 5.55 33.77
C ARG B 189 32.94 6.67 34.58
N GLU B 190 33.53 6.88 35.74
CA GLU B 190 33.15 8.00 36.59
C GLU B 190 32.90 9.24 35.76
N GLU B 191 33.96 9.74 35.17
CA GLU B 191 33.90 10.90 34.31
C GLU B 191 32.67 10.84 33.43
N GLU B 192 32.35 9.68 32.89
CA GLU B 192 31.10 9.52 32.17
C GLU B 192 29.95 9.86 33.08
N ILE B 193 29.85 9.16 34.19
CA ILE B 193 28.80 9.56 35.10
C ILE B 193 29.06 10.99 35.51
N ARG B 194 30.32 11.28 35.80
CA ARG B 194 30.67 12.63 36.18
C ARG B 194 30.25 13.58 35.11
N SER B 195 30.36 13.16 33.87
CA SER B 195 29.59 13.84 32.88
C SER B 195 28.15 13.70 33.29
N THR B 196 27.63 12.49 33.17
CA THR B 196 26.20 12.27 33.29
C THR B 196 25.64 12.91 34.53
N ILE B 197 26.50 13.07 35.51
CA ILE B 197 26.13 13.81 36.68
C ILE B 197 25.39 15.06 36.29
N ARG B 198 25.87 15.77 35.29
CA ARG B 198 25.05 16.83 34.75
C ARG B 198 23.68 16.29 34.42
N VAL B 199 23.65 15.22 33.64
CA VAL B 199 22.43 14.82 32.98
C VAL B 199 21.38 14.68 34.03
N LEU B 200 21.83 14.60 35.23
CA LEU B 200 20.89 14.47 36.29
C LEU B 200 20.28 15.85 36.38
N ALA B 201 21.08 16.79 36.87
CA ALA B 201 20.54 18.07 37.27
C ALA B 201 19.94 18.86 36.14
N ARG B 202 20.21 18.50 34.90
CA ARG B 202 19.80 19.32 33.78
C ARG B 202 18.30 19.54 33.76
N ARG B 203 17.90 20.70 33.23
CA ARG B 203 16.49 21.05 33.19
C ARG B 203 15.68 19.98 32.51
N ILE B 204 15.78 19.88 31.21
CA ILE B 204 14.84 19.01 30.54
C ILE B 204 15.59 17.73 30.22
N LYS B 205 14.89 16.73 29.66
CA LYS B 205 15.48 15.54 29.06
C LYS B 205 16.50 14.91 29.98
N SER B 206 16.37 15.17 31.28
CA SER B 206 17.44 14.82 32.19
C SER B 206 17.63 13.32 32.31
N ASN B 207 16.71 12.58 31.76
CA ASN B 207 16.59 11.16 31.80
C ASN B 207 17.79 10.47 31.16
N PRO B 208 18.63 9.82 31.94
CA PRO B 208 19.94 9.36 31.47
C PRO B 208 20.12 7.88 31.18
N CYS B 209 19.62 7.36 30.08
CA CYS B 209 19.88 5.96 29.74
C CYS B 209 21.25 5.80 29.12
N LEU B 210 22.05 4.96 29.74
CA LEU B 210 23.29 4.54 29.15
C LEU B 210 23.08 3.09 28.79
N ILE B 211 22.97 2.84 27.50
CA ILE B 211 22.53 1.57 27.01
C ILE B 211 23.72 0.69 26.56
N GLY B 212 24.88 0.92 27.17
CA GLY B 212 26.05 0.06 26.95
C GLY B 212 26.07 -1.26 27.74
N GLU B 213 27.26 -1.70 28.21
CA GLU B 213 27.58 -3.04 28.71
C GLU B 213 26.60 -3.61 29.72
N PRO B 214 26.50 -4.93 29.79
CA PRO B 214 25.84 -5.57 30.92
C PRO B 214 26.74 -5.73 32.14
N GLY B 215 26.24 -6.50 33.09
CA GLY B 215 26.77 -6.93 34.35
C GLY B 215 27.30 -5.76 35.14
N ILE B 216 28.32 -6.05 35.92
CA ILE B 216 29.19 -4.94 36.25
C ILE B 216 29.54 -4.29 34.95
N GLY B 217 29.24 -3.01 34.86
CA GLY B 217 29.27 -2.33 33.62
C GLY B 217 27.91 -2.16 32.98
N LYS B 218 26.96 -3.05 33.23
CA LYS B 218 25.62 -2.49 33.33
C LYS B 218 25.42 -2.02 34.74
N THR B 219 25.96 -2.76 35.67
CA THR B 219 25.65 -2.42 37.02
C THR B 219 26.57 -1.28 37.35
N ALA B 220 27.85 -1.58 37.52
CA ALA B 220 28.68 -0.86 38.50
C ALA B 220 28.52 0.64 38.47
N ILE B 221 27.93 1.15 37.41
CA ILE B 221 27.78 2.56 37.12
C ILE B 221 27.12 3.35 38.22
N ILE B 222 25.80 3.15 38.28
CA ILE B 222 24.86 3.80 39.15
C ILE B 222 25.46 3.78 40.51
N GLU B 223 25.98 2.63 40.79
CA GLU B 223 26.60 2.27 42.00
C GLU B 223 27.61 3.37 42.28
N GLY B 224 28.67 3.39 41.50
CA GLY B 224 29.61 4.47 41.64
C GLY B 224 28.91 5.81 41.57
N VAL B 225 27.90 5.89 40.72
CA VAL B 225 27.12 7.11 40.69
C VAL B 225 26.63 7.31 42.09
N ALA B 226 25.83 6.37 42.56
CA ALA B 226 25.38 6.45 43.93
C ALA B 226 26.54 6.72 44.85
N GLN B 227 27.67 6.07 44.62
CA GLN B 227 28.87 6.44 45.36
C GLN B 227 29.14 7.91 45.20
N ARG B 228 29.44 8.29 43.96
CA ARG B 228 29.62 9.70 43.72
C ARG B 228 28.35 10.46 44.05
N ILE B 229 27.25 9.76 44.31
CA ILE B 229 26.13 10.42 44.94
C ILE B 229 26.33 10.48 46.43
N ILE B 230 26.42 9.32 47.08
CA ILE B 230 26.38 9.29 48.52
C ILE B 230 27.50 10.07 49.14
N ASP B 231 28.60 10.24 48.41
CA ASP B 231 29.58 11.21 48.83
C ASP B 231 28.93 12.55 49.06
N ASP B 232 27.84 12.80 48.34
CA ASP B 232 26.99 13.95 48.57
C ASP B 232 27.72 15.25 48.23
N ASP B 233 28.45 15.23 47.13
CA ASP B 233 29.14 16.44 46.69
C ASP B 233 28.38 17.23 45.62
N VAL B 234 27.11 16.88 45.34
CA VAL B 234 26.34 17.63 44.35
C VAL B 234 26.39 19.10 44.71
N PRO B 235 26.47 19.99 43.73
CA PRO B 235 26.09 21.36 44.01
C PRO B 235 24.72 21.45 44.63
N THR B 236 23.75 20.77 44.07
CA THR B 236 22.40 21.06 44.49
C THR B 236 21.66 19.80 44.83
N ILE B 237 21.33 19.09 43.78
CA ILE B 237 20.13 18.29 43.82
C ILE B 237 20.28 17.16 44.81
N LEU B 238 21.33 16.34 44.70
CA LEU B 238 21.32 15.12 45.48
C LEU B 238 21.20 15.44 46.95
N GLN B 239 21.69 16.61 47.35
CA GLN B 239 21.42 17.12 48.69
C GLN B 239 19.95 16.94 49.00
N GLY B 240 19.10 17.42 48.10
CA GLY B 240 17.69 17.19 48.23
C GLY B 240 17.21 16.13 47.27
N ALA B 241 18.10 15.26 46.80
CA ALA B 241 17.66 14.28 45.83
C ALA B 241 18.10 12.88 46.21
N LYS B 242 17.24 11.92 45.90
CA LYS B 242 17.51 10.49 45.98
C LYS B 242 16.77 9.81 44.83
N LEU B 243 16.56 8.50 44.96
CA LEU B 243 16.63 7.70 43.76
C LEU B 243 15.91 6.36 43.95
N PHE B 244 15.45 5.78 42.83
CA PHE B 244 14.62 4.59 42.83
C PHE B 244 14.82 3.66 41.61
N SER B 245 15.03 2.38 41.85
CA SER B 245 15.10 1.42 40.75
C SER B 245 14.42 0.13 41.17
N LEU B 246 13.32 -0.26 40.53
CA LEU B 246 12.77 -1.57 40.83
C LEU B 246 12.14 -2.20 39.61
N ASP B 247 12.39 -3.49 39.38
CA ASP B 247 11.72 -4.24 38.34
C ASP B 247 11.13 -5.49 38.95
N LEU B 248 9.81 -5.52 39.03
CA LEU B 248 9.10 -6.57 39.72
C LEU B 248 9.65 -6.71 41.12
N ALA B 249 10.32 -5.64 41.56
CA ALA B 249 11.17 -5.61 42.73
C ALA B 249 10.51 -4.98 43.94
N ALA B 250 9.24 -4.62 43.84
CA ALA B 250 8.51 -4.08 44.98
C ALA B 250 7.63 -5.18 45.56
N LEU B 251 6.59 -5.57 44.85
CA LEU B 251 5.56 -6.41 45.40
C LEU B 251 5.36 -7.66 44.55
N THR B 252 4.80 -7.57 43.34
CA THR B 252 4.55 -8.75 42.54
C THR B 252 4.96 -8.50 41.10
N ALA B 253 5.81 -9.36 40.58
CA ALA B 253 5.77 -9.62 39.15
C ALA B 253 4.47 -10.31 38.75
N GLY B 254 3.65 -10.63 39.74
CA GLY B 254 2.70 -11.72 39.64
C GLY B 254 1.64 -11.56 38.57
N ALA B 255 1.00 -12.70 38.32
CA ALA B 255 -0.06 -12.89 37.34
C ALA B 255 -1.46 -12.79 37.93
N LYS B 256 -1.58 -12.35 39.19
CA LYS B 256 -2.75 -12.60 40.03
C LYS B 256 -3.99 -12.53 39.17
N TYR B 257 -4.31 -11.34 38.72
CA TYR B 257 -5.30 -11.16 37.68
C TYR B 257 -4.67 -10.40 36.53
N LYS B 258 -4.53 -9.09 36.69
CA LYS B 258 -4.13 -8.19 35.61
C LYS B 258 -3.57 -6.90 36.21
N GLY B 259 -2.91 -6.12 35.37
CA GLY B 259 -2.47 -4.79 35.76
C GLY B 259 -1.44 -4.77 36.87
N ASP B 260 -0.76 -5.89 37.07
CA ASP B 260 0.23 -5.99 38.14
C ASP B 260 1.16 -4.79 38.10
N PHE B 261 1.69 -4.53 36.92
CA PHE B 261 2.39 -3.28 36.66
C PHE B 261 1.60 -2.12 37.24
N GLU B 262 0.44 -1.85 36.66
CA GLU B 262 -0.42 -0.83 37.23
C GLU B 262 -0.56 -1.04 38.71
N GLU B 263 -0.88 -2.26 39.08
CA GLU B 263 -1.04 -2.56 40.48
C GLU B 263 0.17 -2.09 41.25
N ARG B 264 1.35 -2.49 40.79
CA ARG B 264 2.55 -1.91 41.34
C ARG B 264 2.59 -0.40 41.13
N PHE B 265 1.92 0.11 40.10
CA PHE B 265 2.12 1.52 39.80
C PHE B 265 1.44 2.44 40.77
N LYS B 266 0.32 2.02 41.34
CA LYS B 266 -0.35 2.92 42.25
C LYS B 266 0.64 3.48 43.25
N GLY B 267 1.57 2.66 43.71
CA GLY B 267 2.69 3.23 44.40
C GLY B 267 3.44 4.11 43.45
N VAL B 268 3.90 3.51 42.35
CA VAL B 268 4.65 4.25 41.34
C VAL B 268 3.96 5.54 41.05
N LEU B 269 2.63 5.49 40.99
CA LEU B 269 1.83 6.67 40.77
C LEU B 269 2.26 7.81 41.67
N LYS B 270 1.97 7.70 42.96
CA LYS B 270 2.36 8.81 43.81
C LYS B 270 3.85 8.88 43.97
N GLU B 271 4.55 7.86 43.48
CA GLU B 271 5.69 7.34 44.19
C GLU B 271 6.60 8.44 44.68
N ILE B 272 6.93 9.40 43.84
CA ILE B 272 7.69 10.52 44.35
C ILE B 272 6.79 11.54 44.98
N GLU B 273 5.61 11.74 44.39
CA GLU B 273 4.77 12.87 44.72
C GLU B 273 4.64 13.05 46.22
N GLU B 274 4.76 11.96 46.97
CA GLU B 274 4.94 12.08 48.40
C GLU B 274 6.08 13.04 48.72
N SER B 275 6.93 13.30 47.74
CA SER B 275 7.80 14.47 47.75
C SER B 275 8.86 14.37 48.83
N LYS B 276 9.18 13.16 49.23
CA LYS B 276 10.29 12.97 50.13
C LYS B 276 11.58 13.19 49.35
N THR B 277 12.39 14.13 49.81
CA THR B 277 13.63 14.48 49.14
C THR B 277 13.28 14.78 47.69
N LEU B 278 14.13 14.38 46.76
CA LEU B 278 13.76 14.23 45.35
C LEU B 278 14.22 12.84 44.96
N ILE B 279 13.29 12.02 44.51
CA ILE B 279 13.61 10.63 44.21
C ILE B 279 13.55 10.48 42.70
N VAL B 280 14.70 10.25 42.08
CA VAL B 280 14.77 10.13 40.64
C VAL B 280 15.75 8.99 40.35
N LEU B 281 15.34 8.01 39.55
CA LEU B 281 16.22 6.93 39.13
C LEU B 281 15.45 5.93 38.30
N PHE B 282 16.18 5.20 37.49
CA PHE B 282 15.62 4.11 36.74
C PHE B 282 15.84 2.83 37.49
N ILE B 283 14.89 1.96 37.38
CA ILE B 283 15.26 0.57 37.22
C ILE B 283 15.59 0.31 35.76
N ASP B 284 16.42 -0.69 35.52
CA ASP B 284 17.02 -0.93 34.22
C ASP B 284 16.19 -1.04 32.96
N GLU B 285 15.40 -2.10 32.86
CA GLU B 285 15.31 -2.78 31.60
C GLU B 285 14.36 -2.23 30.58
N ILE B 286 14.85 -2.23 29.36
CA ILE B 286 14.11 -1.83 28.17
C ILE B 286 12.70 -2.33 28.05
N HIS B 287 12.51 -3.60 27.74
CA HIS B 287 11.13 -4.03 27.57
C HIS B 287 10.37 -3.68 28.82
N MET B 288 11.02 -3.80 29.95
CA MET B 288 10.43 -3.32 31.16
C MET B 288 10.26 -1.83 31.06
N LEU B 289 11.30 -1.13 30.60
CA LEU B 289 11.07 0.25 30.21
C LEU B 289 9.97 0.29 29.18
N MET B 290 10.03 -0.64 28.22
CA MET B 290 9.04 -0.64 27.15
C MET B 290 7.67 -0.99 27.68
N GLY B 291 7.54 -2.10 28.36
CA GLY B 291 6.22 -2.63 28.68
C GLY B 291 5.91 -3.87 27.87
N ASN B 292 4.67 -4.34 28.03
CA ASN B 292 4.30 -5.72 27.70
C ASN B 292 4.65 -6.04 26.26
N GLY B 293 3.87 -5.59 25.29
CA GLY B 293 4.56 -5.42 24.04
C GLY B 293 5.34 -4.13 24.12
N LYS B 294 4.60 -3.04 24.02
CA LYS B 294 5.06 -1.67 24.23
C LYS B 294 4.47 -1.02 25.48
N ASP B 295 3.72 -1.77 26.28
CA ASP B 295 2.52 -1.26 26.93
C ASP B 295 2.82 -0.15 27.95
N ASP B 296 1.75 0.54 28.34
CA ASP B 296 1.74 1.70 29.22
C ASP B 296 2.48 1.47 30.51
N ALA B 297 2.80 0.23 30.84
CA ALA B 297 3.31 0.01 32.17
C ALA B 297 4.47 0.95 32.44
N ALA B 298 4.27 1.84 33.40
CA ALA B 298 5.17 2.93 33.73
C ALA B 298 5.47 3.78 32.51
N ASN B 299 4.66 3.65 31.48
CA ASN B 299 5.14 3.93 30.15
C ASN B 299 4.30 4.99 29.50
N ILE B 300 3.18 4.58 28.93
CA ILE B 300 2.31 5.56 28.33
C ILE B 300 1.93 6.57 29.39
N LEU B 301 1.94 6.13 30.63
CA LEU B 301 1.73 7.02 31.75
C LEU B 301 2.97 7.81 32.08
N LYS B 302 4.14 7.32 31.69
CA LYS B 302 5.35 8.04 32.04
C LYS B 302 5.30 9.53 31.73
N PRO B 303 4.75 9.98 30.62
CA PRO B 303 4.73 11.43 30.38
C PRO B 303 4.20 12.19 31.56
N ALA B 304 3.08 11.75 32.10
CA ALA B 304 2.59 12.33 33.34
C ALA B 304 3.70 12.39 34.35
N LEU B 305 4.60 11.43 34.29
CA LEU B 305 5.67 11.46 35.24
C LEU B 305 6.76 12.37 34.73
N SER B 306 6.90 12.46 33.42
CA SER B 306 7.67 13.59 32.90
C SER B 306 7.02 14.85 33.39
N ARG B 307 5.69 14.85 33.33
CA ARG B 307 4.95 15.92 33.97
C ARG B 307 5.14 15.86 35.47
N GLY B 308 5.25 14.66 36.01
CA GLY B 308 5.61 14.55 37.41
C GLY B 308 7.05 14.81 37.67
N GLN B 309 7.84 14.86 36.61
CA GLN B 309 9.29 15.02 36.68
C GLN B 309 9.82 13.85 37.52
N LEU B 310 10.82 14.07 38.37
CA LEU B 310 11.22 13.09 39.37
C LEU B 310 11.56 11.75 38.70
N LYS B 311 12.48 11.85 37.77
CA LYS B 311 12.58 10.96 36.63
C LYS B 311 13.31 9.67 36.95
N VAL B 312 13.60 8.93 35.89
CA VAL B 312 14.37 7.71 35.92
C VAL B 312 15.59 7.90 35.02
N ILE B 313 16.40 6.85 34.86
CA ILE B 313 17.71 7.09 34.29
C ILE B 313 18.15 6.15 33.16
N GLY B 314 18.60 4.95 33.52
CA GLY B 314 19.56 4.20 32.75
C GLY B 314 18.95 3.02 32.01
N ALA B 315 19.75 2.42 31.13
CA ALA B 315 19.10 1.65 30.08
C ALA B 315 19.29 0.14 30.05
N THR B 316 20.39 -0.32 29.45
CA THR B 316 20.47 -1.68 28.89
C THR B 316 21.73 -1.80 28.05
N THR B 317 21.98 -2.90 27.33
CA THR B 317 22.80 -2.80 26.12
C THR B 317 21.96 -2.28 24.96
N ASN B 318 22.62 -1.60 24.07
CA ASN B 318 22.01 -0.70 23.09
C ASN B 318 20.79 -1.16 22.33
N ASN B 319 21.00 -2.03 21.35
CA ASN B 319 20.29 -1.91 20.09
C ASN B 319 18.81 -1.64 20.31
N GLU B 320 18.20 -2.44 21.17
CA GLU B 320 16.78 -2.31 21.37
C GLU B 320 16.43 -0.91 21.77
N TYR B 321 17.42 -0.16 22.24
CA TYR B 321 17.32 1.29 22.29
C TYR B 321 16.74 1.74 20.98
N ARG B 322 17.59 1.67 19.96
CA ARG B 322 17.17 2.12 18.66
C ARG B 322 15.87 1.44 18.33
N SER B 323 15.79 0.15 18.62
CA SER B 323 14.58 -0.58 18.35
C SER B 323 13.38 0.19 18.84
N ILE B 324 13.29 0.38 20.15
CA ILE B 324 12.23 1.24 20.63
C ILE B 324 12.38 2.61 20.04
N VAL B 325 13.57 3.18 20.17
CA VAL B 325 13.82 4.50 19.60
C VAL B 325 13.23 4.54 18.21
N GLU B 326 13.41 3.46 17.46
CA GLU B 326 12.65 3.29 16.24
C GLU B 326 11.19 3.04 16.53
N LYS B 327 10.89 2.03 17.36
CA LYS B 327 9.50 1.71 17.63
C LYS B 327 8.77 2.96 18.08
N ASP B 328 9.26 3.60 19.12
CA ASP B 328 9.08 5.03 19.22
C ASP B 328 10.16 5.60 20.12
N GLY B 329 10.56 6.82 19.80
CA GLY B 329 11.13 7.72 20.77
C GLY B 329 10.06 8.52 21.47
N ALA B 330 8.82 8.01 21.52
CA ALA B 330 7.65 8.86 21.66
C ALA B 330 7.82 9.87 22.78
N PHE B 331 8.20 9.40 23.96
CA PHE B 331 8.84 10.34 24.85
C PHE B 331 10.30 10.48 24.54
N GLU B 332 10.94 9.35 24.28
CA GLU B 332 12.39 9.27 24.26
C GLU B 332 12.97 10.41 23.47
N ARG B 333 12.26 10.83 22.43
CA ARG B 333 12.57 12.10 21.82
C ARG B 333 12.75 13.18 22.88
N ARG B 334 11.95 13.13 23.92
CA ARG B 334 12.20 14.03 25.03
C ARG B 334 12.95 13.35 26.13
N PHE B 335 13.32 12.09 25.94
CA PHE B 335 14.42 11.57 26.70
C PHE B 335 15.70 12.21 26.17
N GLN B 336 16.74 12.22 27.01
CA GLN B 336 18.09 12.37 26.49
C GLN B 336 19.09 11.50 27.23
N LYS B 337 19.67 10.54 26.51
CA LYS B 337 20.99 10.00 26.85
C LYS B 337 21.48 8.94 25.88
N ILE B 338 22.74 8.57 26.06
CA ILE B 338 23.54 7.64 25.31
C ILE B 338 24.49 7.09 26.34
N GLU B 339 25.54 6.42 25.90
CA GLU B 339 26.60 5.98 26.78
C GLU B 339 27.86 5.79 25.99
N VAL B 340 28.82 5.14 26.61
CA VAL B 340 29.86 4.46 25.86
C VAL B 340 29.80 3.00 26.23
N ALA B 341 30.73 2.21 25.74
CA ALA B 341 30.53 0.77 25.90
C ALA B 341 31.57 0.13 26.80
N GLU B 342 32.75 -0.16 26.29
CA GLU B 342 33.61 -0.94 27.12
C GLU B 342 35.04 -0.45 27.08
N PRO B 343 35.67 -0.43 28.18
CA PRO B 343 37.07 -0.02 28.23
C PRO B 343 37.99 -1.18 27.92
N SER B 344 39.25 -0.96 28.13
CA SER B 344 40.29 -1.87 27.73
C SER B 344 40.81 -2.63 28.93
N VAL B 345 41.87 -3.35 28.68
CA VAL B 345 42.59 -4.19 29.60
C VAL B 345 43.05 -3.50 30.87
N ARG B 346 44.12 -2.73 30.74
CA ARG B 346 45.04 -2.63 31.86
C ARG B 346 44.41 -1.84 32.99
N GLN B 347 44.00 -0.62 32.67
CA GLN B 347 43.26 0.18 33.61
C GLN B 347 42.15 -0.65 34.21
N THR B 348 41.53 -1.50 33.41
CA THR B 348 40.63 -2.45 33.99
C THR B 348 41.39 -3.34 34.93
N VAL B 349 42.38 -4.04 34.37
CA VAL B 349 43.19 -4.94 35.16
C VAL B 349 43.53 -4.20 36.41
N ALA B 350 43.96 -2.95 36.24
CA ALA B 350 44.17 -2.10 37.40
C ALA B 350 42.94 -2.09 38.31
N ILE B 351 41.78 -1.72 37.78
CA ILE B 351 40.63 -1.73 38.68
C ILE B 351 40.43 -3.13 39.17
N LEU B 352 40.79 -4.09 38.35
CA LEU B 352 40.77 -5.45 38.85
C LEU B 352 41.90 -5.63 39.83
N ARG B 353 43.08 -5.12 39.48
CA ARG B 353 44.15 -5.03 40.46
C ARG B 353 43.62 -4.36 41.70
N GLY B 354 42.77 -3.35 41.52
CA GLY B 354 42.04 -2.84 42.66
C GLY B 354 41.00 -3.82 43.14
N LEU B 355 40.18 -4.32 42.22
CA LEU B 355 39.17 -5.29 42.59
C LEU B 355 39.78 -6.58 43.10
N GLN B 356 41.06 -6.72 42.95
CA GLN B 356 41.69 -7.95 43.37
C GLN B 356 41.34 -8.34 44.79
N PRO B 357 41.76 -7.57 45.78
CA PRO B 357 41.72 -8.13 47.13
C PRO B 357 40.32 -8.51 47.49
N LYS B 358 39.37 -7.63 47.25
CA LYS B 358 38.07 -7.73 47.87
C LYS B 358 37.50 -9.14 47.86
N TYR B 359 37.15 -9.67 46.69
CA TYR B 359 36.58 -11.00 46.71
C TYR B 359 37.65 -12.05 46.98
N GLU B 360 38.87 -11.79 46.53
CA GLU B 360 39.98 -12.54 47.10
C GLU B 360 39.94 -12.44 48.60
N ILE B 361 39.94 -11.22 49.10
CA ILE B 361 39.78 -11.01 50.53
C ILE B 361 38.56 -11.73 51.02
N HIS B 362 37.47 -11.63 50.28
CA HIS B 362 36.36 -12.50 50.57
C HIS B 362 36.85 -13.91 50.83
N HIS B 363 37.69 -14.42 49.95
CA HIS B 363 38.34 -15.66 50.28
C HIS B 363 39.47 -15.44 51.24
N GLY B 364 40.04 -14.25 51.21
CA GLY B 364 41.27 -14.00 51.92
C GLY B 364 42.43 -14.83 51.42
N VAL B 365 42.25 -15.54 50.32
CA VAL B 365 43.27 -16.47 49.84
C VAL B 365 44.48 -15.68 49.34
N ARG B 366 45.68 -16.16 49.66
CA ARG B 366 46.89 -15.56 49.13
C ARG B 366 46.86 -15.59 47.60
N ILE B 367 47.39 -14.54 46.99
CA ILE B 367 47.31 -14.37 45.53
C ILE B 367 48.39 -13.43 45.03
N LEU B 368 48.82 -13.64 43.79
CA LEU B 368 49.47 -12.60 43.01
C LEU B 368 48.81 -12.41 41.65
N ASP B 369 49.15 -11.27 41.06
CA ASP B 369 48.35 -10.62 40.03
C ASP B 369 48.60 -11.12 38.63
N SER B 370 49.87 -11.30 38.30
CA SER B 370 50.32 -11.19 36.92
C SER B 370 49.56 -12.14 36.02
N ALA B 371 48.97 -13.16 36.61
CA ALA B 371 47.96 -13.93 35.90
C ALA B 371 47.04 -12.99 35.18
N LEU B 372 46.31 -12.22 35.96
CA LEU B 372 45.28 -11.37 35.41
C LEU B 372 45.82 -10.59 34.26
N VAL B 373 47.01 -10.02 34.48
CA VAL B 373 47.76 -9.31 33.49
C VAL B 373 47.65 -10.08 32.19
N THR B 374 48.22 -11.26 32.20
CA THR B 374 47.91 -12.19 31.13
C THR B 374 46.43 -12.42 31.04
N ALA B 375 45.85 -12.91 32.14
CA ALA B 375 44.51 -13.48 32.08
C ALA B 375 43.58 -12.58 31.31
N ALA B 376 43.73 -11.28 31.53
CA ALA B 376 43.01 -10.30 30.75
C ALA B 376 43.11 -10.69 29.31
N GLN B 377 44.32 -10.54 28.79
CA GLN B 377 44.61 -10.98 27.45
C GLN B 377 44.00 -12.33 27.24
N LEU B 378 44.26 -13.22 28.18
CA LEU B 378 43.84 -14.57 28.00
C LEU B 378 42.33 -14.60 27.85
N ALA B 379 41.64 -14.07 28.83
CA ALA B 379 40.24 -13.81 28.60
C ALA B 379 40.11 -13.06 27.30
N LYS B 380 40.78 -11.93 27.21
CA LYS B 380 40.65 -11.10 26.04
C LYS B 380 40.82 -11.93 24.81
N ARG B 381 41.96 -12.60 24.72
CA ARG B 381 42.14 -13.50 23.60
C ARG B 381 41.07 -14.57 23.64
N TYR B 382 40.72 -15.05 24.81
CA TYR B 382 39.74 -16.10 24.73
C TYR B 382 38.36 -15.56 24.49
N LEU B 383 37.98 -14.59 25.28
CA LEU B 383 36.58 -14.39 25.62
C LEU B 383 35.72 -14.42 24.36
N PRO B 384 34.64 -15.18 24.33
CA PRO B 384 33.88 -15.29 23.10
C PRO B 384 33.25 -13.97 22.72
N TYR B 385 32.35 -13.46 23.56
CA TYR B 385 31.79 -12.13 23.39
C TYR B 385 32.05 -11.16 24.52
N ARG B 386 32.78 -11.57 25.53
CA ARG B 386 32.48 -11.17 26.89
C ARG B 386 32.62 -9.68 27.13
N ARG B 387 32.01 -9.23 28.23
CA ARG B 387 32.34 -7.91 28.73
C ARG B 387 33.67 -7.95 29.45
N LEU B 388 34.31 -6.80 29.46
CA LEU B 388 35.56 -6.69 30.19
C LEU B 388 35.38 -7.21 31.61
N PRO B 389 34.52 -6.66 32.42
CA PRO B 389 34.46 -7.17 33.78
C PRO B 389 33.54 -8.36 33.80
N ASP B 390 33.68 -9.21 32.81
CA ASP B 390 32.78 -10.35 32.77
C ASP B 390 33.64 -11.54 33.10
N SER B 391 34.37 -12.01 32.10
CA SER B 391 35.28 -13.11 32.36
C SER B 391 36.14 -12.78 33.54
N ALA B 392 36.27 -11.50 33.81
CA ALA B 392 37.15 -10.95 34.80
C ALA B 392 37.07 -11.84 36.02
N LEU B 393 35.93 -11.84 36.68
CA LEU B 393 35.83 -12.77 37.77
C LEU B 393 35.52 -14.16 37.29
N ASP B 394 34.91 -14.29 36.11
CA ASP B 394 34.70 -15.63 35.60
C ASP B 394 36.03 -16.34 35.65
N LEU B 395 37.04 -15.64 35.20
CA LEU B 395 38.38 -15.99 35.60
C LEU B 395 38.40 -16.19 37.08
N VAL B 396 38.31 -15.07 37.77
CA VAL B 396 38.73 -14.97 39.16
C VAL B 396 38.06 -16.04 39.97
N ASP B 397 36.75 -15.90 40.15
CA ASP B 397 36.05 -16.78 41.06
C ASP B 397 36.30 -18.23 40.68
N ILE B 398 36.32 -18.51 39.40
CA ILE B 398 36.65 -19.86 38.97
C ILE B 398 38.11 -20.13 39.24
N SER B 399 38.95 -19.18 38.90
CA SER B 399 40.33 -19.27 39.34
C SER B 399 40.33 -19.55 40.82
N CYS B 400 39.65 -18.69 41.57
CA CYS B 400 39.42 -18.97 42.97
C CYS B 400 38.86 -20.37 43.13
N ALA B 401 37.77 -20.67 42.43
CA ALA B 401 37.23 -22.02 42.47
C ALA B 401 38.32 -23.01 42.17
N GLY B 402 39.02 -22.79 41.08
CA GLY B 402 40.15 -23.63 40.80
C GLY B 402 41.05 -23.59 42.01
N VAL B 403 41.45 -22.38 42.42
CA VAL B 403 42.27 -22.26 43.62
C VAL B 403 41.58 -22.96 44.77
N ALA B 404 40.30 -22.68 44.95
CA ALA B 404 39.52 -23.40 45.93
C ALA B 404 39.77 -24.86 45.65
N VAL B 405 39.28 -25.33 44.51
CA VAL B 405 39.50 -26.71 44.13
C VAL B 405 40.93 -27.09 44.38
N ALA B 406 41.86 -26.25 43.94
CA ALA B 406 43.25 -26.46 44.26
C ALA B 406 43.43 -26.56 45.77
N ARG B 407 43.17 -25.48 46.49
CA ARG B 407 43.44 -25.49 47.91
C ARG B 407 42.26 -26.04 48.71
N ASP B 408 41.26 -26.60 48.04
CA ASP B 408 40.35 -27.49 48.74
C ASP B 408 41.13 -28.59 49.42
N SER B 409 40.96 -28.70 50.74
CA SER B 409 41.71 -29.63 51.56
C SER B 409 41.36 -29.38 53.02
N GLN B 538 50.71 -21.20 47.46
CA GLN B 538 49.56 -21.69 46.72
C GLN B 538 48.60 -20.57 46.38
N ASN B 539 49.15 -19.44 45.91
CA ASN B 539 48.33 -18.26 45.77
C ASN B 539 47.68 -18.20 44.39
N VAL B 540 48.49 -18.19 43.35
CA VAL B 540 48.09 -17.97 41.98
C VAL B 540 49.04 -18.76 41.09
N VAL B 541 48.51 -19.40 40.06
CA VAL B 541 49.33 -20.25 39.19
C VAL B 541 49.90 -19.37 38.11
N ASP B 542 49.70 -18.08 38.26
CA ASP B 542 49.72 -17.10 37.19
C ASP B 542 48.84 -17.60 36.04
N SER B 543 47.57 -17.74 36.38
CA SER B 543 46.57 -18.30 35.47
C SER B 543 47.14 -19.63 35.11
N ASP B 544 47.57 -19.74 33.88
CA ASP B 544 48.42 -20.84 33.60
C ASP B 544 47.49 -22.02 33.81
N THR B 545 47.87 -23.02 34.61
CA THR B 545 46.99 -24.14 34.83
C THR B 545 45.59 -23.63 35.06
N ILE B 546 45.48 -22.60 35.89
CA ILE B 546 44.24 -21.93 36.14
C ILE B 546 43.63 -21.69 34.79
N SER B 547 44.22 -20.76 34.06
CA SER B 547 43.74 -20.52 32.73
C SER B 547 43.78 -21.80 31.94
N GLU B 548 44.90 -22.51 32.00
CA GLU B 548 45.06 -23.73 31.23
C GLU B 548 43.92 -24.68 31.51
N THR B 549 43.76 -25.08 32.77
CA THR B 549 42.61 -25.88 33.04
C THR B 549 41.38 -25.12 32.63
N ALA B 550 41.26 -23.87 33.08
CA ALA B 550 40.14 -23.07 32.62
C ALA B 550 40.02 -23.18 31.13
N ALA B 551 41.16 -23.18 30.46
CA ALA B 551 41.12 -23.32 29.03
C ALA B 551 40.44 -24.60 28.60
N ARG B 552 40.16 -25.51 29.52
CA ARG B 552 39.23 -26.57 29.16
C ARG B 552 38.00 -25.96 28.54
N LEU B 553 37.48 -24.90 29.15
CA LEU B 553 36.38 -24.22 28.53
C LEU B 553 36.75 -23.78 27.13
N THR B 554 38.04 -23.58 26.89
CA THR B 554 38.51 -23.00 25.65
C THR B 554 39.09 -24.00 24.66
N GLY B 555 39.10 -25.29 24.94
CA GLY B 555 39.72 -26.11 23.90
C GLY B 555 41.23 -26.06 23.76
N ILE B 556 41.93 -26.69 24.71
CA ILE B 556 43.31 -27.19 24.69
C ILE B 556 44.37 -26.21 25.17
N PRO B 557 45.52 -26.72 25.65
CA PRO B 557 46.53 -25.82 26.22
C PRO B 557 47.21 -25.02 25.18
N VAL B 558 47.35 -25.60 24.00
CA VAL B 558 48.50 -25.34 23.15
C VAL B 558 48.70 -23.85 23.00
N LYS B 559 47.66 -23.18 22.52
CA LYS B 559 47.72 -21.76 22.22
C LYS B 559 48.34 -20.97 23.36
N LYS B 560 47.93 -21.26 24.60
CA LYS B 560 48.48 -20.50 25.72
C LYS B 560 49.99 -20.53 25.69
N LEU B 561 50.54 -21.73 25.60
CA LEU B 561 51.84 -21.97 26.17
C LEU B 561 52.83 -20.94 25.67
N SER B 562 53.43 -20.23 26.62
CA SER B 562 54.54 -19.26 26.45
C SER B 562 54.15 -18.16 25.45
N GLU B 563 55.08 -17.73 24.60
CA GLU B 563 54.94 -16.49 23.84
C GLU B 563 53.68 -16.51 23.02
N SER B 564 52.93 -15.43 23.11
CA SER B 564 51.76 -15.25 22.29
C SER B 564 52.17 -14.52 21.05
N GLU B 565 51.65 -14.97 19.92
CA GLU B 565 51.90 -14.34 18.65
C GLU B 565 53.34 -14.45 18.18
N ASN B 566 53.96 -13.30 17.94
CA ASN B 566 54.92 -13.18 16.86
C ASN B 566 55.95 -14.28 16.83
N GLU B 567 56.65 -14.45 17.96
CA GLU B 567 57.84 -15.28 17.95
C GLU B 567 57.55 -16.59 17.28
N LYS B 568 56.49 -17.24 17.73
CA LYS B 568 55.93 -18.38 17.04
C LYS B 568 55.79 -18.05 15.58
N LEU B 569 55.07 -16.97 15.30
CA LEU B 569 54.68 -16.71 13.95
C LEU B 569 55.88 -16.55 13.07
N ILE B 570 56.90 -15.86 13.59
CA ILE B 570 58.13 -15.65 12.84
C ILE B 570 58.54 -16.92 12.12
N HIS B 571 58.39 -18.04 12.80
CA HIS B 571 58.70 -19.28 12.15
C HIS B 571 57.48 -20.10 11.78
N MET B 572 56.28 -19.65 12.13
CA MET B 572 55.13 -20.41 11.66
C MET B 572 55.19 -20.60 10.17
N GLU B 573 55.50 -19.51 9.49
CA GLU B 573 55.94 -19.56 8.11
C GLU B 573 57.04 -20.59 7.92
N ARG B 574 58.07 -20.57 8.78
CA ARG B 574 59.14 -21.54 8.64
C ARG B 574 58.62 -22.95 8.67
N ASP B 575 57.34 -23.12 8.98
CA ASP B 575 56.82 -24.39 9.47
C ASP B 575 55.59 -24.80 8.67
N LEU B 576 54.47 -24.08 8.82
CA LEU B 576 53.28 -24.42 8.07
C LEU B 576 53.60 -24.47 6.59
N SER B 577 54.66 -23.79 6.19
CA SER B 577 55.16 -23.77 4.83
C SER B 577 55.14 -25.15 4.22
N SER B 578 55.67 -26.11 4.96
CA SER B 578 55.43 -27.49 4.62
C SER B 578 53.96 -27.71 4.39
N GLU B 579 53.16 -27.40 5.42
CA GLU B 579 51.94 -28.16 5.66
C GLU B 579 50.98 -28.09 4.49
N VAL B 580 50.97 -27.00 3.77
CA VAL B 580 50.25 -26.93 2.51
C VAL B 580 51.22 -26.34 1.53
N VAL B 581 50.99 -26.59 0.26
CA VAL B 581 52.03 -26.30 -0.71
C VAL B 581 51.45 -25.55 -1.89
N GLY B 582 52.32 -24.87 -2.59
CA GLY B 582 52.13 -23.94 -3.67
C GLY B 582 52.45 -22.53 -3.24
N GLN B 583 52.77 -21.68 -4.20
CA GLN B 583 52.69 -20.24 -4.00
C GLN B 583 53.64 -19.78 -2.92
N MET B 584 54.76 -20.48 -2.81
CA MET B 584 55.58 -20.47 -1.62
C MET B 584 55.61 -19.09 -1.02
N ASP B 585 56.22 -18.20 -1.75
CA ASP B 585 56.53 -16.94 -1.15
C ASP B 585 55.30 -16.07 -1.05
N ALA B 586 54.28 -16.38 -1.83
CA ALA B 586 53.05 -15.61 -1.75
C ALA B 586 52.63 -15.60 -0.30
N ILE B 587 52.32 -16.78 0.20
CA ILE B 587 51.85 -16.87 1.58
C ILE B 587 52.89 -16.33 2.51
N LYS B 588 54.15 -16.57 2.19
CA LYS B 588 55.21 -16.03 3.02
C LYS B 588 54.96 -14.56 3.25
N ALA B 589 54.89 -13.81 2.17
CA ALA B 589 54.49 -12.42 2.28
C ALA B 589 53.20 -12.33 3.05
N VAL B 590 52.19 -13.07 2.61
CA VAL B 590 50.92 -13.15 3.31
C VAL B 590 51.18 -13.33 4.78
N SER B 591 51.82 -14.42 5.10
CA SER B 591 52.15 -14.71 6.48
C SER B 591 52.64 -13.44 7.15
N ASN B 592 53.72 -12.93 6.62
CA ASN B 592 54.20 -11.63 7.02
C ASN B 592 53.03 -10.69 6.93
N ALA B 593 52.56 -10.47 5.71
CA ALA B 593 51.47 -9.53 5.53
C ALA B 593 50.43 -9.75 6.58
N VAL B 594 50.08 -11.01 6.80
CA VAL B 594 49.26 -11.36 7.93
C VAL B 594 49.89 -10.77 9.16
N ARG B 595 51.07 -11.28 9.51
CA ARG B 595 51.76 -10.75 10.67
C ARG B 595 51.76 -9.25 10.58
N LEU B 596 52.29 -8.77 9.47
CA LEU B 596 52.25 -7.36 9.20
C LEU B 596 50.87 -6.83 9.43
N SER B 597 49.87 -7.45 8.85
CA SER B 597 48.52 -7.04 9.19
C SER B 597 48.31 -7.24 10.68
N ARG B 598 48.57 -8.43 11.19
CA ARG B 598 48.31 -8.64 12.60
C ARG B 598 48.98 -7.60 13.44
N SER B 599 49.99 -6.95 12.92
CA SER B 599 50.64 -5.92 13.70
C SER B 599 49.60 -4.95 14.20
N GLY B 600 49.57 -4.76 15.50
CA GLY B 600 48.80 -3.66 16.02
C GLY B 600 49.26 -2.37 15.42
N LEU B 601 50.56 -2.30 15.12
CA LEU B 601 51.06 -1.18 14.36
C LEU B 601 50.80 -1.34 12.88
N ALA B 602 50.16 -2.42 12.45
CA ALA B 602 49.47 -2.27 11.19
C ALA B 602 48.37 -1.24 11.40
N ASN B 603 47.89 -0.70 10.31
CA ASN B 603 46.97 0.40 10.53
C ASN B 603 45.75 -0.13 11.26
N PRO B 604 45.60 0.31 12.51
CA PRO B 604 44.77 -0.42 13.46
C PRO B 604 43.32 -0.39 13.14
N ARG B 605 42.93 0.46 12.23
CA ARG B 605 41.58 0.49 11.76
C ARG B 605 41.03 -0.91 11.51
N GLN B 606 41.54 -1.60 10.52
CA GLN B 606 40.60 -2.40 9.77
C GLN B 606 41.11 -3.79 9.42
N PRO B 607 40.31 -4.63 8.78
CA PRO B 607 40.74 -5.99 8.50
C PRO B 607 41.64 -6.06 7.29
N ALA B 608 42.07 -7.28 6.95
CA ALA B 608 43.05 -7.53 5.89
C ALA B 608 42.43 -8.34 4.77
N SER B 609 42.84 -8.06 3.54
CA SER B 609 42.28 -8.70 2.36
C SER B 609 43.39 -9.20 1.46
N PHE B 610 43.62 -10.46 1.48
CA PHE B 610 44.69 -11.00 0.69
C PHE B 610 44.00 -11.69 -0.46
N LEU B 611 43.97 -11.04 -1.61
CA LEU B 611 43.26 -11.64 -2.72
C LEU B 611 43.96 -12.91 -3.06
N PHE B 612 43.25 -13.83 -3.68
CA PHE B 612 43.85 -15.10 -4.00
C PHE B 612 43.06 -15.75 -5.11
N LEU B 613 43.70 -16.69 -5.78
CA LEU B 613 43.14 -17.28 -6.98
C LEU B 613 43.95 -18.54 -7.30
N GLY B 614 43.59 -19.18 -8.40
CA GLY B 614 44.15 -20.47 -8.73
C GLY B 614 43.18 -21.58 -8.37
N LEU B 615 43.69 -22.80 -8.39
CA LEU B 615 42.80 -23.95 -8.41
C LEU B 615 42.03 -24.10 -7.11
N SER B 616 40.71 -24.10 -7.23
CA SER B 616 39.89 -24.49 -6.13
C SER B 616 39.97 -25.99 -5.97
N GLY B 617 39.28 -26.50 -4.97
CA GLY B 617 39.21 -27.92 -4.75
C GLY B 617 40.60 -28.47 -4.65
N SER B 618 41.57 -27.60 -4.34
CA SER B 618 42.94 -28.04 -4.47
C SER B 618 43.80 -27.78 -3.25
N GLY B 619 44.34 -26.57 -3.22
CA GLY B 619 45.04 -26.08 -2.06
C GLY B 619 44.12 -25.05 -1.49
N LYS B 620 43.08 -24.72 -2.26
CA LYS B 620 42.29 -23.53 -2.03
C LYS B 620 42.00 -23.42 -0.54
N THR B 621 41.25 -24.38 -0.03
CA THR B 621 40.96 -24.43 1.38
C THR B 621 42.10 -25.09 2.13
N GLU B 622 42.77 -26.04 1.47
CA GLU B 622 43.98 -26.64 2.03
C GLU B 622 44.87 -25.55 2.57
N LEU B 623 45.14 -24.55 1.74
CA LEU B 623 45.51 -23.24 2.23
C LEU B 623 44.59 -22.82 3.35
N ALA B 624 43.36 -22.51 2.95
CA ALA B 624 42.51 -21.68 3.77
C ALA B 624 42.36 -22.24 5.16
N LYS B 625 42.68 -23.49 5.34
CA LYS B 625 42.47 -24.00 6.67
C LYS B 625 43.70 -23.84 7.52
N LYS B 626 44.67 -24.73 7.33
CA LYS B 626 45.70 -24.93 8.35
C LYS B 626 46.27 -23.62 8.77
N VAL B 627 46.26 -22.69 7.84
CA VAL B 627 46.54 -21.31 8.13
C VAL B 627 45.78 -20.88 9.37
N ALA B 628 44.60 -21.42 9.56
CA ALA B 628 43.90 -21.04 10.76
C ALA B 628 44.44 -21.74 12.00
N GLY B 629 45.23 -22.78 11.84
CA GLY B 629 45.36 -23.68 12.96
C GLY B 629 45.93 -23.06 14.22
N PHE B 630 47.16 -22.59 14.09
CA PHE B 630 47.85 -21.95 15.20
C PHE B 630 47.07 -20.77 15.69
N LEU B 631 46.39 -20.07 14.82
CA LEU B 631 45.63 -18.98 15.33
C LEU B 631 44.28 -19.53 15.76
N PHE B 632 43.52 -18.68 16.44
CA PHE B 632 42.07 -18.79 16.53
C PHE B 632 41.54 -20.21 16.59
N ASN B 633 42.26 -21.10 17.27
CA ASN B 633 41.88 -22.51 17.30
C ASN B 633 41.41 -22.95 15.94
N ASP B 634 42.36 -23.00 15.02
CA ASP B 634 42.16 -23.63 13.73
C ASP B 634 40.92 -23.13 13.01
N GLU B 635 40.32 -24.05 12.28
CA GLU B 635 39.23 -23.83 11.37
C GLU B 635 37.89 -24.15 11.98
N ASP B 636 37.88 -24.38 13.29
CA ASP B 636 36.63 -24.46 14.01
C ASP B 636 35.72 -23.35 13.56
N MET B 637 36.31 -22.23 13.22
CA MET B 637 35.61 -20.99 13.00
C MET B 637 35.17 -20.80 11.55
N MET B 638 35.28 -21.80 10.69
CA MET B 638 35.04 -21.54 9.28
C MET B 638 33.73 -20.85 9.04
N ILE B 639 33.79 -19.67 8.42
CA ILE B 639 32.61 -18.84 8.25
C ILE B 639 32.19 -19.07 6.82
N ARG B 640 31.24 -19.95 6.65
CA ARG B 640 31.09 -20.60 5.37
C ARG B 640 30.22 -19.73 4.49
N VAL B 641 30.79 -19.25 3.40
CA VAL B 641 30.03 -18.52 2.41
C VAL B 641 29.82 -19.46 1.23
N ASP B 642 28.66 -20.08 1.18
CA ASP B 642 28.24 -20.70 -0.05
C ASP B 642 27.72 -19.66 -1.00
N CYS B 643 27.01 -18.70 -0.45
CA CYS B 643 25.83 -18.19 -1.10
C CYS B 643 26.13 -17.91 -2.54
N SER B 644 25.27 -18.41 -3.41
CA SER B 644 25.45 -18.28 -4.85
C SER B 644 25.58 -16.80 -5.17
N GLU B 645 25.42 -16.00 -4.13
CA GLU B 645 25.10 -14.60 -4.28
C GLU B 645 26.39 -13.82 -4.36
N LEU B 646 26.69 -13.32 -5.56
CA LEU B 646 27.96 -12.70 -5.91
C LEU B 646 27.78 -11.29 -6.52
N SER B 647 26.98 -11.10 -7.57
CA SER B 647 26.68 -9.77 -8.08
C SER B 647 25.19 -9.61 -8.42
N GLU B 648 24.58 -8.50 -8.00
CA GLU B 648 23.24 -8.49 -7.41
C GLU B 648 22.12 -9.06 -8.26
N LYS B 649 21.29 -9.88 -7.60
CA LYS B 649 20.13 -10.54 -8.21
C LYS B 649 18.82 -10.23 -7.48
N TYR B 650 18.47 -11.00 -6.43
CA TYR B 650 17.35 -10.69 -5.55
C TYR B 650 17.74 -9.80 -4.38
N ALA B 651 18.91 -10.05 -3.83
CA ALA B 651 19.59 -9.30 -2.79
C ALA B 651 18.91 -9.37 -1.43
N VAL B 652 17.76 -10.01 -1.30
CA VAL B 652 16.99 -9.84 -0.09
C VAL B 652 17.71 -10.55 1.05
N SER B 653 17.82 -11.88 0.98
CA SER B 653 18.38 -12.62 2.09
C SER B 653 19.82 -12.24 2.38
N LYS B 654 20.52 -11.68 1.39
CA LYS B 654 21.95 -11.58 1.54
C LYS B 654 22.26 -10.69 2.73
N LEU B 655 23.48 -10.85 3.24
CA LEU B 655 23.76 -10.45 4.59
C LEU B 655 22.69 -11.12 5.39
N LEU B 656 21.96 -10.28 6.10
CA LEU B 656 20.61 -10.56 6.49
C LEU B 656 19.61 -9.94 5.53
N GLY B 657 18.54 -10.66 5.31
CA GLY B 657 17.32 -10.03 4.85
C GLY B 657 16.66 -9.30 6.01
N THR B 658 15.98 -8.20 5.69
CA THR B 658 15.10 -7.50 6.61
C THR B 658 13.79 -7.20 5.91
N THR B 659 12.70 -7.78 6.39
CA THR B 659 11.36 -7.34 6.01
C THR B 659 10.60 -7.12 7.29
N ALA B 660 9.31 -6.83 7.15
CA ALA B 660 8.42 -7.06 8.28
C ALA B 660 8.69 -8.44 8.85
N GLY B 661 8.68 -9.45 7.99
CA GLY B 661 9.23 -10.74 8.37
C GLY B 661 10.72 -10.59 8.57
N TYR B 662 11.19 -10.87 9.77
CA TYR B 662 12.61 -10.92 10.08
C TYR B 662 12.91 -12.32 10.57
N VAL B 663 14.21 -12.61 10.63
CA VAL B 663 14.66 -13.71 11.48
C VAL B 663 14.03 -14.99 11.00
N GLY B 664 14.45 -15.48 9.83
CA GLY B 664 14.17 -16.85 9.51
C GLY B 664 14.67 -17.77 10.61
N TYR B 665 15.95 -17.64 10.93
CA TYR B 665 16.51 -18.07 12.21
C TYR B 665 17.38 -16.93 12.70
N ASP B 666 18.49 -16.71 12.01
CA ASP B 666 19.08 -15.42 11.75
C ASP B 666 18.30 -14.81 10.58
N GLU B 667 18.29 -13.47 10.47
CA GLU B 667 17.39 -12.87 9.47
C GLU B 667 17.68 -13.37 8.05
N GLY B 668 18.70 -12.85 7.39
CA GLY B 668 19.43 -13.60 6.38
C GLY B 668 20.86 -13.78 6.83
N GLY B 669 21.16 -13.14 7.95
CA GLY B 669 22.48 -12.70 8.32
C GLY B 669 23.22 -13.82 8.98
N PHE B 670 22.86 -15.05 8.59
CA PHE B 670 23.42 -16.19 9.27
C PHE B 670 24.90 -16.06 9.46
N LEU B 671 25.55 -15.28 8.60
CA LEU B 671 26.90 -14.87 8.89
C LEU B 671 27.02 -14.45 10.34
N THR B 672 26.20 -13.50 10.76
CA THR B 672 26.29 -12.89 12.07
C THR B 672 26.56 -13.89 13.17
N ASN B 673 25.53 -14.69 13.44
CA ASN B 673 25.49 -15.48 14.66
C ASN B 673 26.81 -16.17 14.91
N GLN B 674 27.39 -16.72 13.86
CA GLN B 674 28.72 -17.24 14.01
C GLN B 674 29.58 -16.12 14.53
N LEU B 675 29.79 -15.16 13.65
CA LEU B 675 30.68 -14.05 13.91
C LEU B 675 30.36 -13.58 15.29
N GLN B 676 29.07 -13.40 15.47
CA GLN B 676 28.46 -13.11 16.74
C GLN B 676 28.96 -14.13 17.75
N TYR B 677 28.42 -15.34 17.72
CA TYR B 677 28.79 -16.31 18.76
C TYR B 677 30.27 -16.56 18.74
N LYS B 678 30.84 -16.55 17.55
CA LYS B 678 32.11 -17.17 17.28
C LYS B 678 32.90 -16.01 16.72
N PRO B 679 33.66 -15.34 17.57
CA PRO B 679 34.22 -14.06 17.17
C PRO B 679 35.21 -14.16 16.04
N TYR B 680 36.21 -15.03 16.15
CA TYR B 680 37.53 -14.77 15.57
C TYR B 680 37.66 -15.38 14.18
N SER B 681 37.69 -14.52 13.16
CA SER B 681 37.32 -14.90 11.79
C SER B 681 38.08 -16.08 11.23
N VAL B 682 37.31 -17.06 10.75
CA VAL B 682 37.74 -17.98 9.71
C VAL B 682 36.63 -17.96 8.68
N LEU B 683 36.86 -17.29 7.56
CA LEU B 683 35.76 -16.63 6.88
C LEU B 683 35.70 -17.06 5.44
N LEU B 684 34.70 -17.85 5.11
CA LEU B 684 34.71 -18.50 3.82
C LEU B 684 34.16 -17.53 2.78
N PHE B 685 34.10 -18.01 1.55
CA PHE B 685 34.00 -17.18 0.35
C PHE B 685 33.14 -17.91 -0.67
N ASP B 686 32.33 -17.15 -1.38
CA ASP B 686 31.81 -17.61 -2.64
C ASP B 686 32.34 -16.71 -3.73
N GLU B 687 32.36 -17.23 -4.95
CA GLU B 687 33.19 -16.70 -6.01
C GLU B 687 32.67 -15.34 -6.44
N VAL B 688 33.28 -14.77 -7.47
CA VAL B 688 32.96 -13.38 -7.75
C VAL B 688 31.68 -13.20 -8.52
N GLU B 689 31.31 -14.20 -9.31
CA GLU B 689 30.64 -13.92 -10.56
C GLU B 689 29.18 -13.53 -10.37
N LYS B 690 28.46 -14.27 -9.56
CA LYS B 690 27.03 -14.52 -9.77
C LYS B 690 26.03 -13.47 -9.28
N ALA B 691 25.71 -13.42 -7.99
CA ALA B 691 24.34 -13.07 -7.60
C ALA B 691 24.16 -11.82 -6.73
N HIS B 692 24.93 -11.57 -5.67
CA HIS B 692 24.81 -10.33 -4.88
C HIS B 692 26.09 -9.58 -4.43
N PRO B 693 26.52 -8.55 -5.17
CA PRO B 693 27.79 -7.90 -4.83
C PRO B 693 27.76 -7.12 -3.54
N ASP B 694 26.68 -6.39 -3.29
CA ASP B 694 26.68 -5.22 -2.43
C ASP B 694 27.37 -5.53 -1.12
N VAL B 695 27.35 -6.78 -0.74
CA VAL B 695 28.27 -7.30 0.25
C VAL B 695 29.66 -6.77 -0.01
N LEU B 696 30.04 -6.71 -1.29
CA LEU B 696 31.33 -6.15 -1.64
C LEU B 696 31.54 -4.87 -0.87
N THR B 697 30.54 -4.00 -0.90
CA THR B 697 30.61 -2.86 -0.04
C THR B 697 30.70 -3.35 1.39
N VAL B 698 29.75 -4.20 1.78
CA VAL B 698 29.70 -4.61 3.16
C VAL B 698 31.00 -5.25 3.55
N MET B 699 31.62 -5.94 2.60
CA MET B 699 32.99 -6.36 2.78
C MET B 699 33.75 -5.15 3.25
N LEU B 700 33.92 -4.18 2.36
CA LEU B 700 34.51 -2.94 2.81
C LEU B 700 33.79 -2.47 4.04
N GLN B 701 32.47 -2.51 3.99
CA GLN B 701 31.72 -2.02 5.13
C GLN B 701 31.98 -2.89 6.34
N MET B 702 32.49 -4.08 6.14
CA MET B 702 33.29 -4.56 7.23
C MET B 702 34.72 -4.06 7.13
N LEU B 703 35.30 -4.04 5.92
CA LEU B 703 36.72 -3.76 5.77
C LEU B 703 37.12 -2.42 6.30
N ASP B 704 36.18 -1.58 6.65
CA ASP B 704 36.44 -0.26 7.18
C ASP B 704 36.42 -0.31 8.70
N ASP B 705 37.56 -0.01 9.32
CA ASP B 705 37.79 -0.23 10.75
C ASP B 705 37.31 -1.64 11.07
N GLY B 706 36.46 -1.78 12.08
CA GLY B 706 35.76 -3.03 12.33
C GLY B 706 34.29 -3.02 12.02
N ARG B 707 33.75 -1.95 11.44
CA ARG B 707 32.33 -1.68 11.54
C ARG B 707 31.51 -2.72 10.79
N ILE B 708 30.23 -2.78 11.15
CA ILE B 708 29.40 -3.96 10.94
C ILE B 708 28.00 -3.45 10.64
N THR B 709 27.07 -4.38 10.42
CA THR B 709 25.74 -4.03 9.99
C THR B 709 24.73 -4.96 10.64
N SER B 710 23.47 -4.52 10.63
CA SER B 710 22.32 -5.41 10.77
C SER B 710 21.02 -4.60 10.68
N GLY B 711 19.95 -5.30 10.31
CA GLY B 711 18.61 -4.74 10.32
C GLY B 711 17.91 -5.13 11.59
N GLN B 712 18.40 -6.21 12.18
CA GLN B 712 18.37 -6.35 13.63
C GLN B 712 19.20 -5.28 14.29
N GLY B 713 19.93 -4.52 13.48
CA GLY B 713 20.71 -3.41 13.94
C GLY B 713 22.04 -3.78 14.51
N LYS B 714 22.24 -5.03 14.87
CA LYS B 714 23.45 -5.41 15.57
C LYS B 714 24.65 -5.25 14.65
N THR B 715 25.59 -4.41 15.03
CA THR B 715 26.80 -4.24 14.24
C THR B 715 27.95 -4.40 15.22
N ILE B 716 28.68 -5.51 15.12
CA ILE B 716 29.50 -5.92 16.25
C ILE B 716 30.93 -6.20 15.84
N ASP B 717 31.11 -7.12 14.90
CA ASP B 717 32.39 -7.81 14.72
C ASP B 717 33.55 -6.87 14.58
N CYS B 718 34.69 -7.33 15.06
CA CYS B 718 35.91 -6.57 15.02
C CYS B 718 36.72 -6.94 13.80
N SER B 719 37.35 -5.94 13.21
CA SER B 719 38.48 -6.20 12.34
C SER B 719 39.50 -7.07 13.03
N ASN B 720 39.48 -7.10 14.37
CA ASN B 720 40.21 -8.15 15.07
C ASN B 720 39.77 -9.53 14.59
N CYS B 721 38.72 -9.60 13.81
CA CYS B 721 38.38 -10.80 13.09
C CYS B 721 38.53 -10.52 11.59
N ILE B 722 39.36 -11.33 10.94
CA ILE B 722 39.66 -11.23 9.52
C ILE B 722 39.79 -12.63 8.96
N VAL B 723 39.19 -12.87 7.81
CA VAL B 723 39.69 -13.86 6.88
C VAL B 723 39.33 -13.45 5.47
N ILE B 724 40.25 -13.67 4.57
CA ILE B 724 40.06 -13.20 3.21
C ILE B 724 38.95 -14.00 2.55
N MET B 725 38.45 -13.46 1.46
CA MET B 725 37.57 -14.19 0.57
C MET B 725 38.01 -13.90 -0.85
N THR B 726 38.39 -14.93 -1.59
CA THR B 726 39.09 -14.70 -2.84
C THR B 726 38.64 -15.70 -3.89
N SER B 727 38.45 -15.23 -5.11
CA SER B 727 37.98 -16.11 -6.17
C SER B 727 39.11 -16.48 -7.12
N ALA B 728 38.82 -17.41 -8.01
CA ALA B 728 39.70 -17.70 -9.13
C ALA B 728 38.84 -17.91 -10.36
N LEU B 729 38.83 -16.93 -11.27
CA LEU B 729 37.98 -17.04 -12.44
C LEU B 729 38.70 -17.17 -13.79
N GLY B 730 40.00 -16.95 -13.84
CA GLY B 730 40.57 -16.31 -15.01
C GLY B 730 41.30 -17.21 -15.98
N ALA B 731 42.30 -16.63 -16.64
CA ALA B 731 43.22 -17.28 -17.58
C ALA B 731 43.99 -18.35 -16.86
N GLU B 732 43.74 -18.45 -15.56
CA GLU B 732 43.92 -19.70 -14.85
C GLU B 732 43.34 -20.76 -15.77
N PHE B 733 42.29 -20.35 -16.48
CA PHE B 733 41.75 -21.13 -17.57
C PHE B 733 42.86 -21.70 -18.43
N ILE B 734 43.63 -20.85 -19.11
CA ILE B 734 44.87 -21.39 -19.66
C ILE B 734 45.82 -21.78 -18.56
N ASN B 735 45.67 -21.19 -17.40
CA ASN B 735 46.76 -21.27 -16.46
C ASN B 735 47.97 -20.79 -17.24
N SER B 736 48.93 -21.68 -17.47
CA SER B 736 50.03 -21.37 -18.36
C SER B 736 50.17 -22.40 -19.46
N GLN B 737 50.40 -23.66 -19.09
CA GLN B 737 51.11 -24.73 -19.79
C GLN B 737 52.58 -24.72 -19.41
N GLN B 738 53.03 -23.76 -18.61
CA GLN B 738 54.44 -23.69 -18.24
C GLN B 738 54.70 -24.22 -16.85
N GLY B 739 54.34 -23.43 -15.84
CA GLY B 739 54.72 -23.77 -14.49
C GLY B 739 54.30 -22.65 -13.55
N SER B 740 54.48 -22.92 -12.26
CA SER B 740 54.00 -22.03 -11.22
C SER B 740 54.36 -20.57 -11.49
N LYS B 741 55.50 -20.33 -12.13
CA LYS B 741 55.78 -18.98 -12.56
C LYS B 741 54.65 -18.48 -13.45
N ILE B 742 54.18 -19.33 -14.35
CA ILE B 742 53.28 -18.90 -15.40
C ILE B 742 53.93 -17.63 -15.91
N GLN B 743 53.19 -16.53 -15.91
CA GLN B 743 53.81 -15.29 -16.28
C GLN B 743 52.98 -14.14 -15.76
N GLU B 744 53.64 -13.00 -15.65
CA GLU B 744 52.93 -11.77 -15.39
C GLU B 744 51.82 -11.61 -16.38
N SER B 745 51.99 -12.17 -17.57
CA SER B 745 50.95 -12.19 -18.58
C SER B 745 49.62 -12.58 -17.97
N THR B 746 49.50 -13.86 -17.62
CA THR B 746 48.28 -14.30 -16.97
C THR B 746 48.05 -13.44 -15.76
N LYS B 747 49.10 -13.28 -14.96
CA LYS B 747 49.03 -12.39 -13.83
C LYS B 747 48.40 -11.08 -14.25
N ASN B 748 48.86 -10.53 -15.36
CA ASN B 748 48.18 -9.38 -15.93
C ASN B 748 46.80 -9.77 -16.41
N LEU B 749 46.71 -10.84 -17.21
CA LEU B 749 45.44 -11.22 -17.79
C LEU B 749 44.35 -11.19 -16.75
N VAL B 750 44.69 -11.56 -15.53
CA VAL B 750 43.74 -11.53 -14.45
C VAL B 750 43.38 -10.11 -14.10
N MET B 751 44.37 -9.23 -14.06
CA MET B 751 44.16 -7.91 -13.50
C MET B 751 42.96 -7.23 -14.15
N GLY B 752 42.99 -7.09 -15.48
CA GLY B 752 41.79 -6.68 -16.14
C GLY B 752 40.65 -7.62 -15.82
N ALA B 753 40.90 -8.92 -15.99
CA ALA B 753 39.89 -9.92 -15.67
C ALA B 753 39.37 -9.71 -14.27
N VAL B 754 40.25 -9.33 -13.36
CA VAL B 754 39.75 -8.68 -12.17
C VAL B 754 38.97 -7.49 -12.66
N ARG B 755 39.70 -6.47 -13.04
CA ARG B 755 39.09 -5.17 -12.99
C ARG B 755 37.97 -5.01 -13.99
N GLN B 756 37.66 -6.07 -14.72
CA GLN B 756 36.48 -6.09 -15.57
C GLN B 756 35.26 -5.51 -14.89
N HIS B 757 34.71 -6.26 -13.96
CA HIS B 757 33.42 -5.96 -13.36
C HIS B 757 33.50 -5.19 -12.06
N PHE B 758 34.67 -5.08 -11.49
CA PHE B 758 34.75 -5.00 -10.06
C PHE B 758 34.95 -3.56 -9.63
N ARG B 759 35.15 -3.34 -8.34
CA ARG B 759 35.11 -1.97 -7.88
C ARG B 759 36.47 -1.53 -7.37
N PRO B 760 37.12 -0.59 -8.03
CA PRO B 760 38.57 -0.50 -7.89
C PRO B 760 39.04 -0.22 -6.48
N GLU B 761 38.47 0.77 -5.82
CA GLU B 761 38.86 1.02 -4.45
C GLU B 761 38.54 -0.18 -3.61
N PHE B 762 37.40 -0.79 -3.88
CA PHE B 762 37.13 -2.09 -3.33
C PHE B 762 38.23 -3.05 -3.76
N LEU B 763 38.52 -3.08 -5.04
CA LEU B 763 39.69 -3.83 -5.44
C LEU B 763 40.91 -3.28 -4.71
N ASN B 764 41.01 -1.95 -4.64
CA ASN B 764 42.00 -1.39 -3.76
C ASN B 764 41.80 -1.85 -2.34
N ARG B 765 40.60 -2.25 -1.97
CA ARG B 765 40.59 -2.78 -0.63
C ARG B 765 41.41 -4.05 -0.53
N ILE B 766 41.86 -4.60 -1.64
CA ILE B 766 42.63 -5.83 -1.50
C ILE B 766 43.95 -5.50 -0.84
N SER B 767 44.20 -6.11 0.30
CA SER B 767 45.52 -6.04 0.86
C SER B 767 46.43 -6.71 -0.14
N SER B 768 46.29 -8.02 -0.29
CA SER B 768 47.35 -8.81 -0.87
C SER B 768 46.95 -9.53 -2.14
N ILE B 769 47.93 -9.63 -3.03
CA ILE B 769 47.78 -10.34 -4.29
C ILE B 769 48.22 -11.76 -4.08
N VAL B 770 47.29 -12.69 -4.10
CA VAL B 770 47.67 -14.08 -3.98
C VAL B 770 46.97 -14.87 -5.05
N ILE B 771 47.43 -16.10 -5.20
CA ILE B 771 47.41 -16.81 -6.46
C ILE B 771 47.58 -18.26 -6.08
N PHE B 772 47.25 -19.15 -7.00
CA PHE B 772 47.67 -20.52 -6.84
C PHE B 772 48.41 -21.01 -8.07
N ASN B 773 49.38 -21.89 -7.84
CA ASN B 773 50.43 -22.20 -8.79
C ASN B 773 50.33 -23.64 -9.27
N LYS B 774 51.35 -24.05 -10.04
CA LYS B 774 51.50 -25.43 -10.48
C LYS B 774 52.49 -26.16 -9.58
N LEU B 775 52.06 -27.27 -8.99
CA LEU B 775 52.81 -27.92 -7.91
C LEU B 775 53.64 -29.12 -8.35
N SER B 776 53.67 -29.43 -9.64
CA SER B 776 54.53 -30.47 -10.15
C SER B 776 54.39 -31.78 -9.40
N ARG B 777 55.49 -32.51 -9.35
CA ARG B 777 55.56 -33.73 -8.57
C ARG B 777 55.88 -33.37 -7.15
N LYS B 778 57.05 -32.79 -6.95
CA LYS B 778 57.68 -32.72 -5.65
C LYS B 778 56.64 -32.36 -4.60
N ALA B 779 55.82 -31.39 -4.90
CA ALA B 779 54.72 -31.08 -4.02
C ALA B 779 53.84 -32.30 -3.86
N ILE B 780 53.13 -32.62 -4.93
CA ILE B 780 52.23 -33.75 -4.86
C ILE B 780 53.02 -34.97 -4.44
N HIS B 781 54.25 -35.07 -4.93
CA HIS B 781 55.19 -36.02 -4.40
C HIS B 781 55.23 -35.97 -2.88
N LYS B 782 55.32 -34.78 -2.33
CA LYS B 782 55.25 -34.73 -0.89
C LYS B 782 53.83 -34.91 -0.39
N ILE B 783 52.86 -34.37 -1.12
CA ILE B 783 51.48 -34.48 -0.65
C ILE B 783 51.17 -35.91 -0.33
N VAL B 784 51.69 -36.80 -1.15
CA VAL B 784 51.85 -38.19 -0.78
C VAL B 784 52.38 -38.22 0.63
N ASP B 785 53.65 -37.86 0.71
CA ASP B 785 54.43 -38.07 1.89
C ASP B 785 53.67 -37.55 3.07
N ILE B 786 53.05 -36.41 2.86
CA ILE B 786 52.01 -35.93 3.72
C ILE B 786 51.01 -37.02 3.96
N ARG B 787 50.20 -37.31 2.96
CA ARG B 787 48.94 -37.94 3.27
C ARG B 787 49.13 -39.22 4.03
N LEU B 788 50.30 -39.83 3.89
CA LEU B 788 50.53 -41.22 4.22
C LEU B 788 50.01 -41.52 5.61
N LYS B 789 50.79 -41.07 6.58
CA LYS B 789 50.28 -40.83 7.90
C LYS B 789 48.98 -40.05 7.83
N GLU B 790 48.98 -38.99 7.06
CA GLU B 790 48.34 -37.75 7.45
C GLU B 790 46.90 -37.97 7.88
N ILE B 791 46.18 -38.82 7.18
CA ILE B 791 44.76 -38.90 7.49
C ILE B 791 44.55 -39.61 8.81
N GLU B 792 44.82 -40.90 8.86
CA GLU B 792 44.39 -41.68 9.99
C GLU B 792 44.98 -41.18 11.29
N GLU B 793 45.93 -40.27 11.20
CA GLU B 793 46.67 -39.77 12.34
C GLU B 793 45.76 -39.53 13.52
N ARG B 794 44.92 -38.52 13.41
CA ARG B 794 44.07 -38.15 14.55
C ARG B 794 43.21 -39.29 15.01
N PHE B 795 42.98 -40.29 14.17
CA PHE B 795 41.94 -41.24 14.50
C PHE B 795 42.21 -41.88 15.84
N GLU B 796 41.12 -42.16 16.54
CA GLU B 796 41.11 -42.64 17.90
C GLU B 796 42.16 -43.71 18.05
N GLN B 797 41.94 -44.84 17.42
CA GLN B 797 42.90 -45.91 17.50
C GLN B 797 43.59 -46.04 16.16
N ASN B 798 44.77 -45.49 16.08
CA ASN B 798 45.72 -45.87 15.07
C ASN B 798 46.58 -46.99 15.59
N ASP B 799 46.18 -47.52 16.74
CA ASP B 799 46.75 -48.64 17.44
C ASP B 799 46.88 -49.83 16.53
N LYS B 800 46.38 -49.69 15.32
CA LYS B 800 46.75 -50.66 14.32
C LYS B 800 48.09 -50.29 13.72
N HIS B 801 48.62 -49.13 14.11
CA HIS B 801 50.03 -48.81 13.95
C HIS B 801 50.44 -48.88 12.48
N TYR B 802 49.88 -47.94 11.71
CA TYR B 802 49.95 -48.00 10.26
C TYR B 802 51.16 -47.21 9.76
N LYS B 803 52.17 -47.93 9.31
CA LYS B 803 53.38 -47.46 8.65
C LYS B 803 53.23 -47.22 7.16
N LEU B 804 52.55 -48.13 6.45
CA LEU B 804 52.43 -48.20 4.99
C LEU B 804 53.80 -48.52 4.38
N ASN B 805 54.19 -47.83 3.31
CA ASN B 805 55.51 -47.90 2.68
C ASN B 805 55.48 -46.98 1.47
N LEU B 806 56.66 -46.80 0.87
CA LEU B 806 56.77 -46.31 -0.50
C LEU B 806 57.73 -47.14 -1.33
N THR B 807 58.98 -47.22 -0.85
CA THR B 807 60.18 -47.24 -1.67
C THR B 807 60.13 -45.94 -2.42
N GLN B 808 60.36 -45.97 -3.72
CA GLN B 808 59.61 -45.00 -4.48
C GLN B 808 58.22 -45.50 -4.79
N GLU B 809 58.13 -46.77 -5.16
CA GLU B 809 57.00 -47.27 -5.91
C GLU B 809 55.70 -46.73 -5.36
N ALA B 810 55.42 -47.10 -4.12
CA ALA B 810 54.08 -46.89 -3.59
C ALA B 810 53.63 -45.46 -3.82
N LYS B 811 54.55 -44.51 -3.74
CA LYS B 811 54.18 -43.14 -4.05
C LYS B 811 53.52 -43.07 -5.43
N ASP B 812 54.05 -43.80 -6.39
CA ASP B 812 53.62 -43.54 -7.74
C ASP B 812 52.21 -44.04 -8.01
N PHE B 813 51.86 -45.22 -7.51
CA PHE B 813 50.68 -45.90 -8.05
C PHE B 813 49.49 -44.97 -8.15
N LEU B 814 49.28 -44.16 -7.14
CA LEU B 814 48.28 -43.14 -7.35
C LEU B 814 48.87 -41.96 -8.08
N ALA B 815 50.08 -41.59 -7.70
CA ALA B 815 50.78 -40.56 -8.44
C ALA B 815 50.80 -40.88 -9.92
N LYS B 816 50.64 -42.16 -10.26
CA LYS B 816 50.24 -42.50 -11.61
C LYS B 816 49.13 -41.57 -12.03
N TYR B 817 48.00 -41.70 -11.39
CA TYR B 817 46.88 -40.81 -11.64
C TYR B 817 47.01 -39.52 -10.88
N GLY B 818 48.15 -39.31 -10.23
CA GLY B 818 48.22 -38.44 -9.07
C GLY B 818 47.48 -37.13 -9.21
N TYR B 819 47.51 -36.51 -10.37
CA TYR B 819 46.89 -35.21 -10.48
C TYR B 819 46.02 -35.08 -11.72
N SER B 820 44.73 -34.92 -11.51
CA SER B 820 43.85 -34.48 -12.57
C SER B 820 43.94 -32.98 -12.66
N ASP B 821 44.36 -32.50 -13.83
CA ASP B 821 44.56 -31.08 -14.03
C ASP B 821 43.35 -30.29 -13.59
N ASP B 822 42.17 -30.71 -14.01
CA ASP B 822 40.95 -30.11 -13.49
C ASP B 822 40.87 -30.30 -11.98
N MET B 823 40.72 -31.56 -11.55
CA MET B 823 40.38 -31.84 -10.17
C MET B 823 41.60 -32.25 -9.36
N GLY B 824 42.21 -33.35 -9.71
CA GLY B 824 43.42 -33.71 -9.04
C GLY B 824 43.16 -34.24 -7.65
N ALA B 825 44.19 -34.14 -6.84
CA ALA B 825 44.33 -34.89 -5.59
C ALA B 825 43.08 -34.88 -4.72
N ARG B 826 42.71 -33.73 -4.16
CA ARG B 826 41.56 -33.71 -3.25
C ARG B 826 40.42 -34.57 -3.79
N PRO B 827 39.97 -34.40 -5.04
CA PRO B 827 39.17 -35.46 -5.63
C PRO B 827 39.90 -36.78 -5.71
N LEU B 828 41.11 -36.77 -6.25
CA LEU B 828 41.81 -38.03 -6.47
C LEU B 828 42.11 -38.70 -5.14
N ASN B 829 42.77 -37.97 -4.25
CA ASN B 829 43.02 -38.55 -2.96
C ASN B 829 41.75 -39.07 -2.38
N ARG B 830 40.66 -38.33 -2.52
CA ARG B 830 39.41 -38.73 -1.89
C ARG B 830 39.19 -40.22 -2.09
N LEU B 831 39.37 -40.70 -3.31
CA LEU B 831 39.39 -42.14 -3.49
C LEU B 831 40.74 -42.74 -3.14
N ILE B 832 41.82 -42.07 -3.55
CA ILE B 832 43.14 -42.51 -3.11
C ILE B 832 43.11 -42.76 -1.63
N GLN B 833 42.57 -41.81 -0.91
CA GLN B 833 42.09 -42.05 0.43
C GLN B 833 41.31 -43.35 0.44
N ASN B 834 40.13 -43.36 -0.18
CA ASN B 834 39.26 -44.51 -0.11
C ASN B 834 40.04 -45.75 -0.48
N GLU B 835 40.40 -45.86 -1.75
CA GLU B 835 40.90 -47.14 -2.26
C GLU B 835 41.98 -47.71 -1.38
N ILE B 836 43.02 -46.92 -1.11
CA ILE B 836 44.03 -47.40 -0.19
C ILE B 836 43.36 -47.83 1.10
N LEU B 837 42.65 -46.90 1.70
CA LEU B 837 41.86 -47.27 2.86
C LEU B 837 40.99 -48.46 2.55
N ASN B 838 40.38 -48.45 1.38
CA ASN B 838 39.51 -49.55 1.04
C ASN B 838 40.25 -50.86 1.19
N LYS B 839 41.56 -50.84 0.96
CA LYS B 839 42.34 -52.05 0.94
C LYS B 839 42.39 -52.75 2.28
N LEU B 840 41.92 -52.14 3.34
CA LEU B 840 42.56 -52.34 4.62
C LEU B 840 41.83 -53.33 5.54
N ALA B 841 40.59 -53.04 5.90
CA ALA B 841 39.90 -53.95 6.80
C ALA B 841 39.96 -55.36 6.27
N LEU B 842 40.31 -55.49 5.00
CA LEU B 842 40.85 -56.73 4.50
C LEU B 842 41.83 -57.30 5.50
N ARG B 843 43.00 -56.67 5.70
CA ARG B 843 43.98 -57.34 6.55
C ARG B 843 43.44 -57.53 7.94
N ILE B 844 42.66 -56.57 8.42
CA ILE B 844 41.82 -56.84 9.58
C ILE B 844 41.13 -58.17 9.36
N LEU B 845 40.23 -58.21 8.38
CA LEU B 845 39.64 -59.47 7.98
C LEU B 845 40.69 -60.49 7.63
N LYS B 846 41.84 -60.05 7.11
CA LYS B 846 42.84 -61.05 6.82
C LYS B 846 43.45 -61.61 8.09
N ASN B 847 43.04 -61.08 9.23
CA ASN B 847 42.97 -61.84 10.48
C ASN B 847 44.27 -62.54 10.78
N GLU B 848 45.36 -61.99 10.28
CA GLU B 848 46.67 -62.54 10.56
C GLU B 848 47.60 -61.46 11.08
N ILE B 849 47.87 -60.42 10.30
CA ILE B 849 48.29 -59.17 10.90
C ILE B 849 47.07 -58.55 11.57
N LYS B 850 47.30 -58.00 12.76
CA LYS B 850 46.27 -57.25 13.47
C LYS B 850 46.84 -55.92 13.94
N ASP B 851 47.85 -55.94 14.80
CA ASP B 851 48.56 -54.72 15.13
C ASP B 851 50.00 -54.86 14.64
N LYS B 852 50.31 -54.19 13.55
CA LYS B 852 51.55 -54.13 12.77
C LYS B 852 51.32 -53.18 11.61
N GLU B 853 52.40 -52.80 10.93
CA GLU B 853 52.21 -52.33 9.56
C GLU B 853 53.46 -52.40 8.69
N THR B 854 53.24 -52.70 7.42
CA THR B 854 54.02 -52.26 6.29
C THR B 854 53.05 -52.24 5.12
N VAL B 855 53.40 -51.51 4.07
CA VAL B 855 52.71 -51.74 2.81
C VAL B 855 53.74 -52.28 1.83
N ASN B 856 53.26 -53.10 0.90
CA ASN B 856 54.03 -53.55 -0.24
C ASN B 856 53.06 -53.89 -1.37
N VAL B 857 53.48 -53.61 -2.61
CA VAL B 857 52.63 -53.76 -3.79
C VAL B 857 53.51 -54.05 -5.00
N VAL B 858 52.91 -54.66 -6.03
CA VAL B 858 53.56 -54.93 -7.31
C VAL B 858 52.51 -54.78 -8.40
N LEU B 859 52.90 -54.21 -9.54
CA LEU B 859 52.01 -54.24 -10.68
C LEU B 859 52.60 -55.15 -11.75
N GLU B 872 43.69 -55.45 -16.87
CA GLU B 872 43.93 -54.03 -16.64
C GLU B 872 45.12 -53.84 -15.72
N ALA B 873 45.52 -52.60 -15.49
CA ALA B 873 46.65 -52.30 -14.61
C ALA B 873 46.10 -51.85 -13.27
N GLU B 874 46.15 -52.75 -12.29
CA GLU B 874 45.46 -52.60 -11.02
C GLU B 874 46.34 -53.03 -9.85
N GLU B 875 46.78 -54.28 -9.94
CA GLU B 875 46.87 -55.22 -8.84
C GLU B 875 47.53 -54.71 -7.57
N CYS B 876 48.36 -53.68 -7.66
CA CYS B 876 49.37 -53.44 -6.65
C CYS B 876 48.86 -53.60 -5.22
N LEU B 877 48.12 -52.60 -4.78
CA LEU B 877 47.02 -52.75 -3.83
C LEU B 877 47.33 -53.69 -2.66
N GLU B 878 48.29 -53.29 -1.83
CA GLU B 878 48.32 -53.60 -0.39
C GLU B 878 48.29 -55.12 -0.16
N VAL B 879 47.50 -55.61 0.80
CA VAL B 879 47.29 -57.01 1.16
C VAL B 879 48.60 -57.65 1.59
N LEU B 880 49.07 -57.31 2.78
CA LEU B 880 50.35 -57.85 3.24
C LEU B 880 50.16 -58.88 4.34
N PRO B 881 50.77 -60.06 4.19
CA PRO B 881 50.52 -61.15 5.12
C PRO B 881 51.21 -60.97 6.46
N ASN B 882 50.78 -61.76 7.44
CA ASN B 882 51.44 -61.77 8.73
C ASN B 882 52.89 -62.23 8.58
N GLN C 6 -32.43 4.86 40.45
CA GLN C 6 -31.45 4.41 41.43
C GLN C 6 -30.31 5.39 41.61
N PHE C 7 -29.19 4.89 42.11
CA PHE C 7 -28.02 5.72 42.37
C PHE C 7 -27.00 5.55 41.24
N THR C 8 -26.40 4.38 41.13
CA THR C 8 -25.47 4.14 40.02
C THR C 8 -24.73 2.83 40.19
N GLU C 9 -23.95 2.45 39.17
CA GLU C 9 -23.04 1.33 39.32
C GLU C 9 -21.77 1.73 40.06
N ARG C 10 -21.37 2.98 39.93
CA ARG C 10 -20.11 3.45 40.51
C ARG C 10 -20.25 3.80 41.97
N ALA C 11 -21.43 3.55 42.55
CA ALA C 11 -21.75 3.97 43.91
C ALA C 11 -20.82 3.39 44.95
N LEU C 12 -19.90 2.49 44.56
CA LEU C 12 -19.06 1.84 45.55
C LEU C 12 -18.43 2.84 46.51
N THR C 13 -17.73 3.85 46.01
CA THR C 13 -16.93 4.68 46.89
C THR C 13 -17.74 5.35 47.99
N ILE C 14 -18.50 6.38 47.64
CA ILE C 14 -19.33 7.05 48.62
C ILE C 14 -20.31 6.09 49.24
N LEU C 15 -20.67 5.03 48.53
CA LEU C 15 -21.52 4.00 49.12
C LEU C 15 -20.74 3.07 50.02
N THR C 16 -19.42 3.03 49.88
CA THR C 16 -18.64 2.10 50.70
C THR C 16 -18.60 2.49 52.17
N LEU C 17 -18.80 3.77 52.49
CA LEU C 17 -18.58 4.23 53.85
C LEU C 17 -19.71 3.84 54.80
N ALA C 18 -20.81 3.29 54.29
CA ALA C 18 -21.86 2.81 55.18
C ALA C 18 -21.35 1.70 56.08
N GLN C 19 -20.86 0.61 55.48
CA GLN C 19 -20.20 -0.42 56.27
C GLN C 19 -18.95 0.14 56.93
N LYS C 20 -18.35 1.16 56.33
CA LYS C 20 -17.27 1.87 57.00
C LYS C 20 -17.78 2.63 58.22
N LEU C 21 -18.96 3.23 58.13
CA LEU C 21 -19.57 3.83 59.31
C LEU C 21 -19.81 2.76 60.38
N ALA C 22 -20.31 1.60 59.97
CA ALA C 22 -20.43 0.45 60.85
C ALA C 22 -19.09 -0.19 61.16
N SER C 23 -18.00 0.30 60.56
CA SER C 23 -16.70 -0.35 60.67
C SER C 23 -16.17 -0.40 62.09
N ASP C 24 -16.84 0.22 63.07
CA ASP C 24 -16.35 0.19 64.43
C ASP C 24 -16.49 -1.25 64.88
N HIS C 25 -17.71 -1.72 65.02
CA HIS C 25 -17.98 -3.14 64.87
C HIS C 25 -19.18 -3.19 63.93
N GLN C 26 -18.90 -3.59 62.68
CA GLN C 26 -19.88 -4.16 61.77
C GLN C 26 -21.25 -3.53 61.82
N HIS C 27 -22.27 -4.37 61.80
CA HIS C 27 -23.63 -3.99 62.13
C HIS C 27 -24.52 -5.15 61.71
N PRO C 28 -25.61 -5.44 62.44
CA PRO C 28 -26.70 -6.17 61.81
C PRO C 28 -27.24 -5.43 60.62
N GLN C 29 -26.99 -4.12 60.57
CA GLN C 29 -27.23 -3.16 59.51
C GLN C 29 -26.80 -1.84 60.14
N LEU C 30 -26.58 -0.83 59.30
CA LEU C 30 -26.20 0.42 59.93
C LEU C 30 -27.33 1.43 59.89
N GLN C 31 -27.49 2.14 58.79
CA GLN C 31 -28.64 3.02 58.64
C GLN C 31 -28.34 3.95 57.47
N PRO C 32 -29.34 4.47 56.79
CA PRO C 32 -29.06 5.60 55.91
C PRO C 32 -29.15 6.90 56.67
N ILE C 33 -28.55 6.93 57.86
CA ILE C 33 -28.26 8.18 58.55
C ILE C 33 -26.83 8.64 58.30
N HIS C 34 -25.98 7.79 57.73
CA HIS C 34 -24.58 8.13 57.61
C HIS C 34 -23.92 7.25 56.55
N ILE C 35 -22.75 7.69 56.10
CA ILE C 35 -21.85 6.91 55.28
C ILE C 35 -20.63 7.75 54.95
N LEU C 36 -19.52 7.10 54.57
CA LEU C 36 -18.32 7.83 54.17
C LEU C 36 -18.58 8.70 52.97
N ALA C 37 -19.64 8.40 52.20
CA ALA C 37 -20.09 9.31 51.16
C ALA C 37 -20.40 10.68 51.73
N ALA C 38 -20.75 10.74 53.02
CA ALA C 38 -20.79 12.03 53.69
C ALA C 38 -19.46 12.74 53.56
N PHE C 39 -18.39 12.11 54.03
CA PHE C 39 -17.06 12.62 53.73
C PHE C 39 -16.73 12.47 52.25
N ILE C 40 -17.33 11.50 51.59
CA ILE C 40 -17.04 11.20 50.18
C ILE C 40 -15.53 11.03 50.04
N GLU C 41 -14.96 11.49 48.95
CA GLU C 41 -13.52 11.61 48.85
C GLU C 41 -13.26 13.10 49.04
N THR C 42 -12.96 13.45 50.27
CA THR C 42 -12.54 14.78 50.70
C THR C 42 -12.60 14.73 52.23
N PRO C 43 -11.62 15.28 52.95
CA PRO C 43 -11.72 15.39 54.42
C PRO C 43 -12.20 16.74 54.94
N GLU C 44 -13.32 17.25 54.40
CA GLU C 44 -14.02 18.31 55.12
C GLU C 44 -15.54 18.21 55.12
N ASP C 45 -16.18 18.69 54.05
CA ASP C 45 -17.63 18.73 53.92
C ASP C 45 -18.20 17.64 53.03
N GLY C 46 -17.36 16.81 52.43
CA GLY C 46 -17.79 15.95 51.37
C GLY C 46 -17.71 16.70 50.05
N SER C 47 -17.43 15.99 48.96
CA SER C 47 -17.24 16.62 47.65
C SER C 47 -18.38 17.58 47.34
N VAL C 48 -19.59 17.07 47.26
CA VAL C 48 -20.75 17.90 47.02
C VAL C 48 -20.85 18.96 48.12
N PRO C 49 -21.08 18.57 49.39
CA PRO C 49 -21.24 19.55 50.46
C PRO C 49 -19.92 19.98 51.07
N TYR C 50 -18.93 20.17 50.21
CA TYR C 50 -17.71 20.91 50.46
C TYR C 50 -17.67 21.83 49.26
N LEU C 51 -17.66 21.22 48.06
CA LEU C 51 -17.78 21.95 46.82
C LEU C 51 -18.88 21.40 45.91
N GLN C 52 -18.70 20.16 45.45
CA GLN C 52 -19.27 19.74 44.16
C GLN C 52 -20.73 20.09 43.97
N ASN C 53 -21.62 19.36 44.62
CA ASN C 53 -23.03 19.69 44.54
C ASN C 53 -23.38 20.70 45.63
N LEU C 54 -23.19 20.30 46.89
CA LEU C 54 -23.70 21.01 48.05
C LEU C 54 -22.73 22.04 48.62
N ILE C 55 -21.62 22.30 47.94
CA ILE C 55 -20.66 23.28 48.45
C ILE C 55 -21.34 24.60 48.79
N GLU C 56 -21.79 25.32 47.77
CA GLU C 56 -22.38 26.64 48.01
C GLU C 56 -23.75 26.54 48.64
N LYS C 57 -24.66 25.80 48.02
CA LYS C 57 -26.07 25.80 48.39
C LYS C 57 -26.52 24.61 49.23
N GLY C 58 -25.62 23.71 49.63
CA GLY C 58 -26.03 22.42 50.16
C GLY C 58 -26.59 22.38 51.56
N ARG C 59 -26.89 23.54 52.15
CA ARG C 59 -27.44 23.63 53.49
C ARG C 59 -26.43 23.06 54.49
N TYR C 60 -26.83 22.22 55.44
CA TYR C 60 -26.00 21.92 56.59
C TYR C 60 -24.81 21.06 56.18
N ASP C 61 -23.95 20.77 57.17
CA ASP C 61 -22.69 20.09 56.95
C ASP C 61 -21.79 20.85 55.98
N TYR C 62 -21.42 22.07 56.39
CA TYR C 62 -20.52 22.89 55.60
C TYR C 62 -19.22 22.15 55.40
N ASP C 63 -18.44 22.02 56.47
CA ASP C 63 -17.32 21.09 56.42
C ASP C 63 -17.61 19.95 57.38
N LEU C 64 -17.39 20.20 58.66
CA LEU C 64 -17.56 19.15 59.65
C LEU C 64 -18.97 19.07 60.19
N PHE C 65 -19.90 19.89 59.66
CA PHE C 65 -21.24 20.02 60.23
C PHE C 65 -21.91 18.68 60.46
N LYS C 66 -22.32 18.01 59.39
CA LYS C 66 -23.00 16.73 59.55
C LYS C 66 -22.02 15.58 59.77
N LYS C 67 -20.88 15.61 59.08
CA LYS C 67 -19.97 14.48 59.11
C LYS C 67 -19.16 14.41 60.40
N VAL C 68 -18.84 15.55 61.00
CA VAL C 68 -17.96 15.57 62.16
C VAL C 68 -18.46 14.63 63.24
N VAL C 69 -19.73 14.80 63.64
CA VAL C 69 -20.34 13.95 64.66
C VAL C 69 -21.20 12.85 64.08
N ASN C 70 -21.30 12.75 62.74
CA ASN C 70 -22.26 11.84 62.13
C ASN C 70 -22.04 10.39 62.56
N ARG C 71 -20.80 10.02 62.92
CA ARG C 71 -20.46 8.62 63.14
C ARG C 71 -21.08 8.04 64.41
N ASN C 72 -21.76 8.85 65.23
CA ASN C 72 -22.25 8.37 66.51
C ASN C 72 -23.21 7.19 66.35
N LEU C 73 -23.92 7.11 65.23
CA LEU C 73 -24.97 6.10 65.10
C LEU C 73 -24.38 4.71 64.92
N VAL C 74 -23.45 4.55 63.97
CA VAL C 74 -23.01 3.22 63.55
C VAL C 74 -21.77 2.75 64.26
N ARG C 75 -21.25 3.51 65.22
CA ARG C 75 -20.00 3.15 65.88
C ARG C 75 -20.19 1.89 66.72
N ILE C 76 -19.26 0.95 66.59
CA ILE C 76 -19.16 -0.21 67.47
C ILE C 76 -20.19 -1.28 67.12
N PRO C 77 -19.87 -2.57 67.35
CA PRO C 77 -20.84 -3.65 67.14
C PRO C 77 -21.54 -4.12 68.40
N GLN C 78 -22.39 -5.14 68.25
CA GLN C 78 -22.81 -5.93 69.42
C GLN C 78 -21.74 -6.99 69.71
N GLN C 79 -21.70 -8.04 68.91
CA GLN C 79 -20.58 -8.97 68.88
C GLN C 79 -20.25 -9.23 67.42
N GLN C 80 -19.10 -8.73 66.97
CA GLN C 80 -18.73 -8.79 65.55
C GLN C 80 -17.23 -8.93 65.37
N PRO C 81 -16.70 -10.16 65.50
CA PRO C 81 -15.29 -10.33 65.13
C PRO C 81 -15.02 -10.02 63.67
N ALA C 82 -15.72 -10.67 62.74
CA ALA C 82 -16.00 -10.10 61.42
C ALA C 82 -17.30 -10.67 60.87
N PRO C 83 -18.43 -10.52 61.57
CA PRO C 83 -19.67 -11.14 61.07
C PRO C 83 -20.30 -10.47 59.87
N ALA C 84 -20.40 -9.14 59.92
CA ALA C 84 -21.21 -8.37 58.99
C ALA C 84 -20.70 -6.94 59.00
N GLU C 85 -21.16 -6.15 58.02
CA GLU C 85 -20.72 -4.76 57.90
C GLU C 85 -21.88 -3.76 58.02
N ILE C 86 -22.71 -3.63 56.99
CA ILE C 86 -23.70 -2.55 56.94
C ILE C 86 -24.85 -2.93 56.03
N THR C 87 -25.94 -2.17 56.10
CA THR C 87 -27.11 -2.44 55.29
C THR C 87 -28.13 -1.32 55.51
N PRO C 88 -28.80 -0.86 54.45
CA PRO C 88 -29.73 0.26 54.63
C PRO C 88 -30.94 -0.10 55.45
N SER C 89 -31.45 -1.33 55.29
CA SER C 89 -32.64 -1.79 55.99
C SER C 89 -33.78 -0.83 55.68
N TYR C 90 -34.33 -0.11 56.66
CA TYR C 90 -35.35 0.89 56.36
C TYR C 90 -34.88 1.87 55.29
N ALA C 91 -33.58 2.13 55.23
CA ALA C 91 -33.05 2.95 54.15
C ALA C 91 -32.94 2.18 52.84
N LEU C 92 -33.10 0.85 52.88
CA LEU C 92 -32.95 0.04 51.68
C LEU C 92 -33.83 0.55 50.55
N GLY C 93 -35.11 0.67 50.81
CA GLY C 93 -35.96 1.35 49.86
C GLY C 93 -35.96 2.85 50.00
N LYS C 94 -35.08 3.40 50.83
CA LYS C 94 -35.11 4.83 51.12
C LYS C 94 -34.93 5.67 49.87
N VAL C 95 -33.85 5.42 49.12
CA VAL C 95 -33.64 6.12 47.85
C VAL C 95 -34.13 5.32 46.65
N LEU C 96 -34.75 4.15 46.86
CA LEU C 96 -35.01 3.22 45.77
C LEU C 96 -35.81 3.88 44.64
N GLN C 97 -36.99 4.40 44.96
CA GLN C 97 -37.71 5.19 43.99
C GLN C 97 -37.16 6.60 43.91
N ASP C 98 -36.62 7.11 45.02
CA ASP C 98 -36.03 8.44 45.05
C ASP C 98 -34.73 8.51 44.27
N ALA C 99 -34.17 7.37 43.86
CA ALA C 99 -32.99 7.39 43.01
C ALA C 99 -33.36 7.60 41.55
N ALA C 100 -34.43 6.94 41.08
CA ALA C 100 -34.84 7.01 39.69
C ALA C 100 -35.98 8.01 39.43
N LYS C 101 -36.51 8.63 40.47
CA LYS C 101 -37.60 9.59 40.28
C LYS C 101 -37.07 10.95 39.81
N ILE C 102 -36.04 11.47 40.49
CA ILE C 102 -35.62 12.86 40.30
C ILE C 102 -34.94 13.12 38.97
N GLN C 103 -34.68 12.07 38.18
CA GLN C 103 -33.98 12.26 36.92
C GLN C 103 -34.83 13.06 35.93
N LYS C 104 -36.11 12.73 35.82
CA LYS C 104 -36.94 13.29 34.75
C LYS C 104 -36.24 12.97 33.43
N GLN C 105 -36.19 13.89 32.48
CA GLN C 105 -35.42 13.67 31.26
C GLN C 105 -34.29 14.69 31.27
N GLN C 106 -33.08 14.22 31.53
CA GLN C 106 -31.89 15.05 31.50
C GLN C 106 -31.05 14.90 30.23
N LYS C 107 -31.44 14.00 29.32
CA LYS C 107 -30.49 13.44 28.38
C LYS C 107 -29.42 12.64 29.14
N ASP C 108 -29.88 11.53 29.70
CA ASP C 108 -29.09 10.67 30.57
C ASP C 108 -29.52 9.22 30.34
N SER C 109 -29.09 8.32 31.23
CA SER C 109 -29.30 6.88 31.05
C SER C 109 -29.99 6.22 32.23
N PHE C 110 -29.36 6.17 33.40
CA PHE C 110 -29.84 5.32 34.51
C PHE C 110 -29.98 6.07 35.83
N ILE C 111 -30.22 5.34 36.92
CA ILE C 111 -30.48 5.96 38.21
C ILE C 111 -29.28 6.79 38.67
N ALA C 112 -29.54 7.81 39.48
CA ALA C 112 -28.55 8.82 39.84
C ALA C 112 -28.37 8.85 41.34
N GLN C 113 -27.12 8.92 41.79
CA GLN C 113 -26.87 9.12 43.21
C GLN C 113 -27.17 10.56 43.60
N ASP C 114 -26.70 11.51 42.79
CA ASP C 114 -27.24 12.86 42.90
C ASP C 114 -28.70 12.86 42.49
N HIS C 115 -29.09 11.93 41.64
CA HIS C 115 -30.50 11.66 41.46
C HIS C 115 -31.07 11.07 42.74
N ILE C 116 -30.37 10.11 43.33
CA ILE C 116 -30.67 9.70 44.70
C ILE C 116 -30.51 10.90 45.61
N LEU C 117 -29.66 11.86 45.23
CA LEU C 117 -29.62 13.15 45.90
C LEU C 117 -30.83 14.00 45.58
N PHE C 118 -31.72 13.54 44.70
CA PHE C 118 -32.91 14.32 44.34
C PHE C 118 -33.68 14.77 45.58
N ALA C 119 -34.33 13.83 46.26
CA ALA C 119 -35.28 14.15 47.32
C ALA C 119 -34.70 14.09 48.73
N LEU C 120 -33.45 13.69 48.90
CA LEU C 120 -32.84 13.54 50.23
C LEU C 120 -33.65 12.52 51.02
N PHE C 121 -33.99 12.78 52.28
CA PHE C 121 -34.77 11.83 53.08
C PHE C 121 -35.49 12.59 54.17
N ASN C 122 -36.54 11.98 54.71
CA ASN C 122 -37.33 12.60 55.78
C ASN C 122 -36.44 12.91 56.97
N ASP C 123 -36.03 11.88 57.69
CA ASP C 123 -34.85 11.97 58.54
C ASP C 123 -34.05 10.70 58.35
N SER C 124 -32.90 10.80 57.70
CA SER C 124 -31.79 9.89 57.94
C SER C 124 -30.55 10.77 57.90
N SER C 125 -29.91 10.98 59.04
CA SER C 125 -28.74 11.84 59.01
C SER C 125 -28.28 12.20 60.41
N ILE C 126 -27.16 12.89 60.51
CA ILE C 126 -26.88 13.73 61.67
C ILE C 126 -26.90 15.16 61.14
N GLN C 127 -28.01 15.85 61.39
CA GLN C 127 -28.12 17.29 61.16
C GLN C 127 -29.57 17.70 61.39
N GLN C 128 -29.80 18.97 61.72
CA GLN C 128 -31.14 19.48 61.93
C GLN C 128 -31.69 20.31 60.78
N ILE C 129 -30.89 20.55 59.73
CA ILE C 129 -31.15 21.69 58.87
C ILE C 129 -32.44 21.44 58.08
N PHE C 130 -33.42 22.33 58.28
CA PHE C 130 -34.64 22.36 57.48
C PHE C 130 -35.45 21.08 57.58
N LYS C 131 -34.86 20.05 58.18
CA LYS C 131 -35.46 18.73 58.18
C LYS C 131 -34.46 17.74 58.80
N GLU C 132 -34.86 16.47 58.91
CA GLU C 132 -33.94 15.43 59.34
C GLU C 132 -33.11 14.87 58.19
N ALA C 133 -33.25 15.42 56.99
CA ALA C 133 -32.58 14.89 55.81
C ALA C 133 -31.12 15.37 55.76
N GLN C 134 -30.45 15.07 54.65
CA GLN C 134 -29.02 15.30 54.53
C GLN C 134 -28.70 16.76 54.24
N VAL C 135 -27.49 17.16 54.63
CA VAL C 135 -27.01 18.52 54.45
C VAL C 135 -28.06 19.46 55.01
N ASP C 136 -28.53 20.38 54.19
CA ASP C 136 -29.70 21.16 54.57
C ASP C 136 -30.76 21.07 53.50
N ILE C 137 -30.56 21.79 52.39
CA ILE C 137 -31.60 21.92 51.37
C ILE C 137 -30.93 22.33 50.07
N GLU C 138 -31.67 22.18 48.97
CA GLU C 138 -31.34 22.65 47.63
C GLU C 138 -30.33 21.77 46.90
N ALA C 139 -29.73 20.78 47.55
CA ALA C 139 -28.64 20.02 46.95
C ALA C 139 -29.16 18.82 46.17
N ILE C 140 -28.25 17.94 45.76
CA ILE C 140 -28.58 16.70 45.09
C ILE C 140 -29.30 16.99 43.78
N LYS C 141 -30.41 16.28 43.53
CA LYS C 141 -31.13 16.44 42.28
C LYS C 141 -31.39 17.90 41.97
N GLN C 142 -31.86 18.66 42.95
CA GLN C 142 -32.06 20.09 42.75
C GLN C 142 -30.72 20.79 42.54
N GLN C 143 -29.79 20.60 43.47
CA GLN C 143 -28.48 21.23 43.35
C GLN C 143 -27.81 20.79 42.06
N ALA C 144 -27.71 19.49 41.84
CA ALA C 144 -27.16 18.99 40.59
C ALA C 144 -27.92 19.57 39.42
N LEU C 145 -29.23 19.33 39.37
CA LEU C 145 -30.05 19.92 38.33
C LEU C 145 -29.75 21.41 38.21
N GLU C 146 -29.72 22.11 39.34
CA GLU C 146 -29.23 23.48 39.33
C GLU C 146 -27.79 23.52 38.87
N LEU C 147 -26.94 22.66 39.40
CA LEU C 147 -25.51 22.76 39.12
C LEU C 147 -25.09 22.03 37.86
N ARG C 148 -25.97 21.26 37.24
CA ARG C 148 -25.58 20.45 36.09
C ARG C 148 -26.75 19.62 35.60
N GLY C 149 -26.54 18.86 34.54
CA GLY C 149 -27.60 17.97 34.10
C GLY C 149 -27.19 17.00 33.02
N ASN C 150 -27.90 15.87 32.95
CA ASN C 150 -27.74 14.87 31.90
C ASN C 150 -26.31 14.36 31.79
N THR C 151 -25.53 14.51 32.85
CA THR C 151 -24.14 14.06 32.85
C THR C 151 -23.84 13.44 34.20
N ARG C 152 -23.47 12.16 34.20
CA ARG C 152 -22.93 11.53 35.40
C ARG C 152 -21.67 10.73 35.08
N ILE C 153 -21.84 9.61 34.38
CA ILE C 153 -20.75 8.70 34.05
C ILE C 153 -21.35 7.52 33.31
N ASP C 154 -20.52 6.71 32.65
CA ASP C 154 -21.01 5.74 31.67
C ASP C 154 -22.05 4.79 32.24
N SER C 155 -21.61 3.83 33.05
CA SER C 155 -22.55 3.03 33.83
C SER C 155 -22.63 3.44 35.29
N ARG C 156 -21.80 4.36 35.75
CA ARG C 156 -21.60 4.59 37.18
C ARG C 156 -20.82 5.88 37.35
N GLY C 157 -20.40 6.15 38.58
CA GLY C 157 -19.70 7.38 38.86
C GLY C 157 -19.15 7.41 40.28
N ALA C 158 -18.88 8.62 40.75
CA ALA C 158 -18.39 8.79 42.12
C ALA C 158 -19.29 8.05 43.10
N ASP C 159 -18.65 7.22 43.93
CA ASP C 159 -19.34 6.37 44.95
C ASP C 159 -20.54 7.13 45.52
N THR C 160 -20.83 6.90 46.80
CA THR C 160 -21.97 7.55 47.51
C THR C 160 -21.94 9.06 47.26
N ASN C 161 -23.06 9.63 46.80
CA ASN C 161 -23.15 11.08 46.51
C ASN C 161 -23.27 11.29 44.99
N THR C 162 -23.82 12.43 44.58
CA THR C 162 -23.99 12.75 43.13
C THR C 162 -22.64 12.55 42.42
N PRO C 163 -21.53 13.14 42.90
CA PRO C 163 -20.24 12.96 42.23
C PRO C 163 -19.42 14.26 42.20
N LEU C 164 -18.18 14.21 42.72
CA LEU C 164 -17.23 15.34 42.64
C LEU C 164 -16.76 15.51 41.19
N GLU C 165 -16.68 14.39 40.45
CA GLU C 165 -16.23 14.40 39.03
C GLU C 165 -17.05 15.45 38.26
N TYR C 166 -16.37 16.35 37.55
CA TYR C 166 -17.07 17.41 36.77
C TYR C 166 -16.38 17.62 35.41
N LEU C 167 -15.11 18.02 35.43
CA LEU C 167 -14.37 18.28 34.16
C LEU C 167 -13.82 16.96 33.61
N SER C 168 -13.32 16.98 32.36
CA SER C 168 -12.77 15.76 31.72
C SER C 168 -11.47 15.35 32.43
N LYS C 169 -11.55 14.26 33.20
CA LYS C 169 -10.44 13.68 33.99
C LYS C 169 -9.17 14.52 33.82
N TYR C 170 -8.23 14.01 33.01
CA TYR C 170 -6.90 14.65 32.81
C TYR C 170 -6.97 15.85 31.87
N ALA C 171 -6.88 17.06 32.46
CA ALA C 171 -6.80 18.30 31.71
C ALA C 171 -5.37 18.84 31.78
N ILE C 172 -4.92 19.53 30.72
CA ILE C 172 -3.61 20.19 30.71
C ILE C 172 -3.81 21.70 30.55
N ASP C 173 -3.56 22.42 31.63
CA ASP C 173 -4.17 23.72 31.81
C ASP C 173 -3.71 24.72 30.78
N MET C 174 -4.55 25.71 30.59
CA MET C 174 -4.20 26.88 29.81
C MET C 174 -4.37 28.08 30.71
N THR C 175 -5.62 28.44 30.94
CA THR C 175 -5.95 29.69 31.62
C THR C 175 -5.11 29.89 32.84
N GLU C 176 -5.45 29.12 33.83
CA GLU C 176 -4.71 29.09 35.05
C GLU C 176 -3.36 28.47 34.88
N GLN C 177 -3.02 27.99 33.69
CA GLN C 177 -1.72 27.37 33.55
C GLN C 177 -0.62 28.35 33.87
N ALA C 178 -0.36 29.27 32.98
CA ALA C 178 0.59 30.32 33.29
C ALA C 178 -0.11 31.53 33.84
N ARG C 179 -1.38 31.42 34.17
CA ARG C 179 -2.01 32.49 34.92
C ARG C 179 -1.10 32.95 36.03
N GLN C 180 -0.34 32.02 36.57
CA GLN C 180 0.67 32.22 37.58
C GLN C 180 2.01 32.41 36.93
N GLY C 181 2.02 32.53 35.61
CA GLY C 181 3.28 32.46 34.91
C GLY C 181 3.87 31.09 34.97
N LYS C 182 3.07 30.08 35.28
CA LYS C 182 3.65 28.74 35.38
C LYS C 182 4.27 28.29 34.08
N LEU C 183 4.07 29.04 33.00
CA LEU C 183 4.91 28.90 31.83
C LEU C 183 5.42 30.25 31.38
N ASP C 184 6.20 30.20 30.39
CA ASP C 184 7.21 31.20 30.11
C ASP C 184 6.70 32.27 29.18
N PRO C 185 7.33 33.44 29.20
CA PRO C 185 7.14 34.36 28.09
C PRO C 185 7.91 33.87 26.87
N VAL C 186 7.49 34.35 25.71
CA VAL C 186 7.95 33.83 24.42
C VAL C 186 7.85 34.95 23.40
N ILE C 187 8.50 34.75 22.26
CA ILE C 187 8.51 35.74 21.21
C ILE C 187 8.05 35.15 19.89
N GLY C 188 8.94 34.40 19.26
CA GLY C 188 8.60 33.62 18.08
C GLY C 188 7.85 34.36 17.00
N ARG C 189 6.77 33.74 16.60
CA ARG C 189 5.95 34.04 15.44
C ARG C 189 4.73 34.83 15.80
N GLU C 190 4.78 35.54 16.89
CA GLU C 190 3.65 36.21 17.49
C GLU C 190 2.56 36.65 16.52
N GLU C 191 2.76 37.66 15.69
CA GLU C 191 1.70 37.94 14.75
C GLU C 191 1.54 36.80 13.82
N GLU C 192 2.67 36.34 13.32
CA GLU C 192 2.73 35.21 12.42
C GLU C 192 1.79 34.21 13.03
N ILE C 193 2.03 33.94 14.28
CA ILE C 193 1.07 33.31 15.13
C ILE C 193 -0.23 34.09 15.07
N ARG C 194 -0.23 35.30 15.63
CA ARG C 194 -1.48 36.01 15.81
C ARG C 194 -2.31 35.89 14.57
N SER C 195 -1.64 36.00 13.44
CA SER C 195 -2.26 35.84 12.15
C SER C 195 -3.19 34.66 12.21
N THR C 196 -2.59 33.51 12.40
CA THR C 196 -3.35 32.33 12.70
C THR C 196 -4.40 32.64 13.71
N ILE C 197 -3.99 33.24 14.79
CA ILE C 197 -4.82 33.11 15.95
C ILE C 197 -6.10 33.82 15.71
N ARG C 198 -6.00 34.90 14.96
CA ARG C 198 -7.15 35.49 14.35
C ARG C 198 -7.85 34.32 13.72
N VAL C 199 -7.20 33.87 12.65
CA VAL C 199 -7.82 32.94 11.76
C VAL C 199 -8.29 31.75 12.53
N LEU C 200 -7.71 31.52 13.69
CA LEU C 200 -8.28 30.51 14.55
C LEU C 200 -9.75 30.79 14.75
N ALA C 201 -10.11 32.04 14.78
CA ALA C 201 -11.53 32.29 14.70
C ALA C 201 -12.05 32.06 13.31
N ARG C 202 -11.21 32.24 12.31
CA ARG C 202 -11.72 32.68 11.02
C ARG C 202 -12.78 31.74 10.53
N ARG C 203 -13.96 32.26 10.38
CA ARG C 203 -15.15 31.50 10.67
C ARG C 203 -15.42 30.53 9.54
N ILE C 204 -16.58 29.88 9.59
CA ILE C 204 -16.81 28.71 8.78
C ILE C 204 -15.68 27.79 9.19
N LYS C 205 -14.74 27.55 8.32
CA LYS C 205 -13.69 26.62 8.66
C LYS C 205 -12.61 27.45 9.36
N SER C 206 -12.52 27.33 10.69
CA SER C 206 -11.71 28.25 11.51
C SER C 206 -10.41 27.72 12.11
N ASN C 207 -10.14 26.43 12.05
CA ASN C 207 -9.02 26.10 12.91
C ASN C 207 -7.81 26.15 11.99
N PRO C 208 -6.58 25.93 12.43
CA PRO C 208 -5.49 26.07 11.47
C PRO C 208 -5.38 24.90 10.53
N CYS C 209 -5.47 23.69 11.08
CA CYS C 209 -5.20 22.43 10.39
C CYS C 209 -4.15 22.53 9.30
N LEU C 210 -3.16 23.40 9.48
CA LEU C 210 -1.81 23.21 8.97
C LEU C 210 -0.84 23.44 10.10
N ILE C 211 0.40 23.03 9.83
CA ILE C 211 1.61 23.31 10.60
C ILE C 211 2.74 22.44 10.06
N GLY C 212 3.96 22.91 10.21
CA GLY C 212 5.04 22.22 9.55
C GLY C 212 5.61 20.96 10.16
N GLU C 213 5.98 21.01 11.45
CA GLU C 213 6.98 20.08 11.97
C GLU C 213 7.40 20.51 13.38
N PRO C 214 7.61 19.58 14.33
CA PRO C 214 7.62 19.96 15.75
C PRO C 214 8.82 20.71 16.29
N GLY C 215 8.84 20.81 17.61
CA GLY C 215 10.01 20.97 18.42
C GLY C 215 10.24 22.35 18.98
N ILE C 216 9.76 23.40 18.32
CA ILE C 216 10.33 24.71 18.52
C ILE C 216 9.54 25.60 19.46
N GLY C 217 8.52 25.12 20.10
CA GLY C 217 7.67 26.04 20.83
C GLY C 217 6.41 26.32 20.11
N LYS C 218 6.20 25.68 18.98
CA LYS C 218 4.91 25.76 18.36
C LYS C 218 3.86 25.36 19.37
N THR C 219 4.18 24.37 20.17
CA THR C 219 3.48 24.22 21.40
C THR C 219 3.48 25.60 22.00
N ALA C 220 4.65 25.98 22.50
CA ALA C 220 4.79 27.14 23.37
C ALA C 220 4.08 28.33 22.77
N ILE C 221 3.97 28.30 21.45
CA ILE C 221 3.12 29.26 20.81
C ILE C 221 1.74 29.27 21.44
N ILE C 222 1.11 28.11 21.41
CA ILE C 222 -0.30 28.04 21.74
C ILE C 222 -0.54 28.79 23.02
N GLU C 223 0.47 28.84 23.81
CA GLU C 223 0.40 29.44 25.10
C GLU C 223 0.63 30.92 24.94
N GLY C 224 1.78 31.28 24.39
CA GLY C 224 1.90 32.64 23.91
C GLY C 224 0.71 32.99 23.08
N VAL C 225 0.22 32.03 22.34
CA VAL C 225 -1.08 32.23 21.76
C VAL C 225 -1.97 32.50 22.93
N ALA C 226 -2.15 31.50 23.76
CA ALA C 226 -3.03 31.69 24.88
C ALA C 226 -2.68 32.98 25.56
N GLN C 227 -1.44 33.43 25.42
CA GLN C 227 -1.05 34.60 26.16
C GLN C 227 -2.01 35.75 25.99
N ARG C 228 -2.01 36.41 24.84
CA ARG C 228 -2.93 37.54 24.73
C ARG C 228 -4.32 37.06 25.00
N ILE C 229 -4.58 35.83 24.62
CA ILE C 229 -5.80 35.19 25.04
C ILE C 229 -5.88 35.19 26.54
N ILE C 230 -4.86 34.66 27.18
CA ILE C 230 -4.85 34.71 28.63
C ILE C 230 -4.75 36.13 29.08
N ASP C 231 -4.06 36.95 28.30
CA ASP C 231 -4.20 38.36 28.55
C ASP C 231 -5.64 38.77 28.41
N ASP C 232 -6.48 37.89 27.86
CA ASP C 232 -7.90 38.09 27.80
C ASP C 232 -8.22 39.37 27.06
N ASP C 233 -7.28 39.83 26.25
CA ASP C 233 -7.55 40.85 25.26
C ASP C 233 -7.69 40.05 23.99
N VAL C 234 -8.93 39.89 23.56
CA VAL C 234 -9.23 38.82 22.63
C VAL C 234 -10.36 39.35 21.76
N PRO C 235 -10.48 38.89 20.53
CA PRO C 235 -11.77 39.00 19.89
C PRO C 235 -12.81 38.43 20.83
N THR C 236 -13.86 39.20 21.07
CA THR C 236 -14.93 38.71 21.91
C THR C 236 -15.38 37.35 21.45
N ILE C 237 -15.72 37.26 20.17
CA ILE C 237 -16.05 35.97 19.60
C ILE C 237 -15.02 34.95 20.03
N LEU C 238 -13.78 35.37 20.13
CA LEU C 238 -12.76 34.52 20.69
C LEU C 238 -12.58 34.71 22.16
N GLN C 239 -13.24 35.72 22.74
CA GLN C 239 -12.85 36.20 24.06
C GLN C 239 -12.65 35.10 25.08
N GLY C 240 -13.72 34.46 25.52
CA GLY C 240 -13.58 33.28 26.33
C GLY C 240 -12.97 32.14 25.53
N ALA C 241 -12.52 31.12 26.26
CA ALA C 241 -12.01 29.87 25.71
C ALA C 241 -11.41 29.08 26.84
N LYS C 242 -11.17 27.81 26.58
CA LYS C 242 -10.14 27.08 27.30
C LYS C 242 -9.79 25.91 26.44
N LEU C 243 -8.58 25.42 26.58
CA LEU C 243 -8.33 24.07 26.14
C LEU C 243 -7.78 23.25 27.27
N PHE C 244 -7.64 21.99 26.94
CA PHE C 244 -6.50 21.21 27.35
C PHE C 244 -6.20 20.40 26.10
N SER C 245 -5.07 20.67 25.50
CA SER C 245 -4.78 20.12 24.20
C SER C 245 -4.02 18.83 24.47
N LEU C 246 -4.65 17.72 24.23
CA LEU C 246 -4.35 16.54 25.02
C LEU C 246 -3.85 15.38 24.18
N ASP C 247 -3.64 14.25 24.86
CA ASP C 247 -3.21 13.03 24.19
C ASP C 247 -4.11 11.90 24.63
N LEU C 248 -4.05 11.62 25.90
CA LEU C 248 -4.27 10.32 26.43
C LEU C 248 -4.82 10.51 27.82
N ALA C 249 -5.10 9.40 28.46
CA ALA C 249 -6.23 9.38 29.37
C ALA C 249 -5.95 8.33 30.41
N ALA C 250 -6.99 7.97 31.15
CA ALA C 250 -7.03 6.60 31.56
C ALA C 250 -7.63 5.94 30.34
N LEU C 251 -6.77 5.34 29.54
CA LEU C 251 -7.15 4.90 28.22
C LEU C 251 -6.72 3.46 28.05
N THR C 252 -5.42 3.22 28.15
CA THR C 252 -4.99 1.86 28.35
C THR C 252 -5.69 1.26 29.57
N ALA C 253 -6.18 2.12 30.47
CA ALA C 253 -6.91 1.69 31.65
C ALA C 253 -7.93 0.62 31.30
N GLY C 254 -8.91 0.97 30.48
CA GLY C 254 -9.80 -0.04 29.99
C GLY C 254 -9.02 -1.14 29.32
N ALA C 255 -9.18 -2.36 29.78
CA ALA C 255 -8.39 -3.47 29.27
C ALA C 255 -9.07 -3.96 28.00
N LYS C 256 -8.38 -3.84 26.87
CA LYS C 256 -8.81 -4.46 25.63
C LYS C 256 -10.10 -3.85 25.12
N TYR C 257 -10.64 -2.89 25.85
CA TYR C 257 -11.87 -2.25 25.46
C TYR C 257 -11.56 -1.31 24.30
N LYS C 258 -12.53 -0.51 23.89
CA LYS C 258 -12.39 0.28 22.69
C LYS C 258 -12.66 1.72 23.06
N GLY C 259 -11.97 2.64 22.39
CA GLY C 259 -12.15 4.05 22.60
C GLY C 259 -12.24 4.40 24.06
N ASP C 260 -11.43 3.77 24.92
CA ASP C 260 -11.43 4.22 26.31
C ASP C 260 -11.34 5.73 26.36
N PHE C 261 -10.66 6.30 25.39
CA PHE C 261 -10.90 7.67 25.01
C PHE C 261 -12.39 7.86 24.89
N GLU C 262 -12.97 7.32 23.81
CA GLU C 262 -14.33 7.65 23.45
C GLU C 262 -15.16 7.54 24.70
N GLU C 263 -14.73 6.70 25.63
CA GLU C 263 -15.48 6.58 26.85
C GLU C 263 -15.45 7.92 27.53
N ARG C 264 -14.31 8.34 28.07
CA ARG C 264 -14.30 9.72 28.58
C ARG C 264 -14.45 10.68 27.41
N PHE C 265 -13.74 10.41 26.32
CA PHE C 265 -13.70 11.32 25.19
C PHE C 265 -15.08 11.69 24.72
N LYS C 266 -15.90 10.71 24.37
CA LYS C 266 -17.18 11.09 23.81
C LYS C 266 -17.97 11.90 24.80
N GLY C 267 -17.95 11.50 26.06
CA GLY C 267 -18.48 12.36 27.09
C GLY C 267 -17.72 13.65 27.17
N VAL C 268 -16.41 13.60 27.01
CA VAL C 268 -15.66 14.85 26.95
C VAL C 268 -16.25 15.73 25.90
N LEU C 269 -16.54 15.15 24.75
CA LEU C 269 -17.19 15.89 23.71
C LEU C 269 -18.36 16.49 24.41
N LYS C 270 -19.18 15.61 24.94
CA LYS C 270 -20.33 16.05 25.68
C LYS C 270 -19.93 17.00 26.78
N GLU C 271 -18.84 16.71 27.49
CA GLU C 271 -18.32 17.67 28.44
C GLU C 271 -18.34 18.96 27.69
N ILE C 272 -17.55 18.97 26.64
CA ILE C 272 -17.37 20.19 25.91
C ILE C 272 -18.62 20.52 25.14
N GLU C 273 -19.46 19.53 24.91
CA GLU C 273 -20.54 19.76 23.98
C GLU C 273 -21.50 20.82 24.48
N GLU C 274 -21.51 21.10 25.78
CA GLU C 274 -22.75 21.69 26.23
C GLU C 274 -22.83 23.20 26.07
N SER C 275 -22.30 23.98 26.99
CA SER C 275 -22.19 25.39 26.65
C SER C 275 -20.84 25.90 27.07
N LYS C 276 -20.74 26.17 28.35
CA LYS C 276 -19.47 26.48 28.95
C LYS C 276 -18.89 27.70 28.27
N THR C 277 -19.77 28.45 27.64
CA THR C 277 -19.40 29.58 26.82
C THR C 277 -18.30 29.17 25.86
N LEU C 278 -17.36 30.08 25.63
CA LEU C 278 -16.24 29.81 24.75
C LEU C 278 -15.24 28.97 25.51
N ILE C 279 -14.97 27.76 25.01
CA ILE C 279 -13.89 26.93 25.50
C ILE C 279 -13.32 26.13 24.35
N VAL C 280 -12.02 26.20 24.16
CA VAL C 280 -11.46 25.74 22.91
C VAL C 280 -10.97 24.32 23.04
N LEU C 281 -11.35 23.49 22.11
CA LEU C 281 -11.13 22.08 22.24
C LEU C 281 -9.90 21.56 21.50
N PHE C 282 -8.96 22.40 21.09
CA PHE C 282 -7.79 21.77 20.50
C PHE C 282 -7.15 20.79 21.46
N ILE C 283 -7.03 19.57 20.96
CA ILE C 283 -6.28 18.44 21.49
C ILE C 283 -4.98 18.58 20.74
N ASP C 284 -4.26 17.50 20.47
CA ASP C 284 -3.03 17.74 19.73
C ASP C 284 -2.73 16.86 18.52
N GLU C 285 -2.46 15.58 18.74
CA GLU C 285 -1.65 14.80 17.82
C GLU C 285 -2.35 13.76 16.98
N ILE C 286 -3.67 13.61 17.08
CA ILE C 286 -4.29 12.44 16.48
C ILE C 286 -4.00 12.48 15.01
N HIS C 287 -3.69 13.66 14.53
CA HIS C 287 -3.18 13.74 13.19
C HIS C 287 -2.15 12.67 13.05
N MET C 288 -1.20 12.68 13.95
CA MET C 288 -0.17 11.69 13.92
C MET C 288 -0.77 10.35 14.20
N LEU C 289 -1.91 10.36 14.83
CA LEU C 289 -2.55 9.15 15.27
C LEU C 289 -3.50 8.83 14.15
N MET C 290 -4.47 7.95 14.38
CA MET C 290 -5.30 7.46 13.28
C MET C 290 -4.43 6.67 12.34
N GLY C 291 -4.38 7.09 11.08
CA GLY C 291 -3.43 6.49 10.17
C GLY C 291 -3.79 5.05 9.94
N ASN C 292 -2.89 4.18 10.33
CA ASN C 292 -3.21 2.77 10.42
C ASN C 292 -3.32 2.42 11.89
N GLY C 293 -4.16 1.42 12.19
CA GLY C 293 -4.60 1.30 13.55
C GLY C 293 -5.28 2.57 13.99
N LYS C 294 -6.02 3.18 13.08
CA LYS C 294 -6.79 4.37 13.43
C LYS C 294 -7.65 4.08 14.62
N ASP C 295 -7.69 5.02 15.54
CA ASP C 295 -8.57 4.83 16.67
C ASP C 295 -9.88 5.58 16.54
N ASP C 296 -10.03 6.42 15.52
CA ASP C 296 -11.14 7.35 15.46
C ASP C 296 -11.45 7.90 16.84
N ALA C 297 -10.50 8.65 17.40
CA ALA C 297 -10.94 9.31 18.60
C ALA C 297 -12.11 10.19 18.21
N ALA C 298 -11.83 11.30 17.55
CA ALA C 298 -12.89 12.07 16.95
C ALA C 298 -13.00 11.85 15.48
N ASN C 299 -12.07 11.10 14.91
CA ASN C 299 -11.68 11.38 13.54
C ASN C 299 -12.82 11.13 12.62
N ILE C 300 -13.68 10.21 13.03
CA ILE C 300 -14.96 10.13 12.39
C ILE C 300 -15.85 11.23 12.88
N LEU C 301 -15.88 11.40 14.19
CA LEU C 301 -17.08 11.96 14.76
C LEU C 301 -17.03 13.47 14.77
N LYS C 302 -16.02 14.02 15.41
CA LYS C 302 -15.87 15.45 15.42
C LYS C 302 -16.10 16.02 14.03
N PRO C 303 -15.63 15.38 12.98
CA PRO C 303 -15.88 15.92 11.65
C PRO C 303 -17.31 16.34 11.47
N ALA C 304 -18.23 15.46 11.83
CA ALA C 304 -19.58 15.93 12.08
C ALA C 304 -19.61 16.71 13.38
N LEU C 305 -19.06 16.11 14.42
CA LEU C 305 -19.30 16.66 15.73
C LEU C 305 -18.59 17.96 15.92
N SER C 306 -17.88 18.39 14.88
CA SER C 306 -17.68 19.81 14.70
C SER C 306 -18.96 20.53 15.02
N ARG C 307 -20.06 20.05 14.44
CA ARG C 307 -21.39 20.39 14.89
C ARG C 307 -21.49 21.87 15.18
N GLY C 308 -22.16 22.23 16.24
CA GLY C 308 -22.14 23.63 16.60
C GLY C 308 -20.85 24.07 17.23
N GLN C 309 -20.12 24.95 16.55
CA GLN C 309 -19.01 25.67 17.14
C GLN C 309 -18.13 24.81 18.01
N LEU C 310 -17.46 23.82 17.43
CA LEU C 310 -16.66 22.91 18.23
C LEU C 310 -15.22 22.98 17.71
N LYS C 311 -14.32 23.48 18.55
CA LYS C 311 -13.19 24.28 18.17
C LYS C 311 -11.84 23.65 18.55
N VAL C 312 -11.12 23.13 17.57
CA VAL C 312 -9.89 22.39 17.82
C VAL C 312 -8.88 22.70 16.73
N ILE C 313 -7.65 23.02 17.14
CA ILE C 313 -6.74 23.83 16.33
C ILE C 313 -5.35 23.21 16.20
N GLY C 314 -5.03 22.72 15.00
CA GLY C 314 -4.09 21.63 14.86
C GLY C 314 -2.60 21.96 14.83
N ALA C 315 -1.82 20.94 15.21
CA ALA C 315 -0.38 21.01 15.34
C ALA C 315 0.26 19.70 14.91
N THR C 316 1.29 19.78 14.04
CA THR C 316 1.88 18.62 13.40
C THR C 316 2.98 18.86 12.36
N THR C 317 3.54 17.75 11.87
CA THR C 317 4.50 17.76 10.80
C THR C 317 3.83 17.68 9.45
N ASN C 318 4.35 18.49 8.54
CA ASN C 318 3.85 18.56 7.18
C ASN C 318 3.80 17.21 6.48
N ASN C 319 4.92 16.53 6.42
CA ASN C 319 4.88 15.26 5.70
C ASN C 319 4.04 14.29 6.46
N GLU C 320 4.20 14.28 7.77
CA GLU C 320 3.19 13.75 8.66
C GLU C 320 1.82 14.28 8.28
N TYR C 321 1.71 15.59 8.09
CA TYR C 321 0.45 16.12 7.60
C TYR C 321 0.12 15.50 6.26
N ARG C 322 1.03 15.65 5.30
CA ARG C 322 0.76 15.01 4.05
C ARG C 322 0.61 13.53 4.27
N SER C 323 1.21 13.03 5.33
CA SER C 323 0.94 11.65 5.66
C SER C 323 -0.54 11.42 5.88
N ILE C 324 -1.32 12.47 6.14
CA ILE C 324 -2.75 12.28 6.02
C ILE C 324 -3.30 12.83 4.73
N VAL C 325 -2.56 13.65 4.00
CA VAL C 325 -3.01 13.94 2.66
C VAL C 325 -3.17 12.62 1.95
N GLU C 326 -2.38 11.65 2.35
CA GLU C 326 -2.64 10.25 2.12
C GLU C 326 -4.07 9.92 2.45
N LYS C 327 -4.39 9.92 3.74
CA LYS C 327 -5.73 9.53 4.15
C LYS C 327 -6.76 10.45 3.53
N ASP C 328 -6.48 11.75 3.55
CA ASP C 328 -7.33 12.74 2.87
C ASP C 328 -8.75 12.63 3.43
N GLY C 329 -9.79 12.77 2.61
CA GLY C 329 -11.14 12.85 3.14
C GLY C 329 -11.46 14.21 3.75
N ALA C 330 -12.40 14.21 4.69
CA ALA C 330 -12.76 15.42 5.41
C ALA C 330 -11.56 16.05 6.08
N PHE C 331 -10.49 15.29 6.23
CA PHE C 331 -9.16 15.85 6.38
C PHE C 331 -8.92 16.93 5.38
N GLU C 332 -9.66 16.95 4.30
CA GLU C 332 -9.75 18.22 3.62
C GLU C 332 -10.53 19.18 4.46
N ARG C 333 -11.81 18.90 4.66
CA ARG C 333 -12.60 19.94 5.26
C ARG C 333 -12.16 20.14 6.66
N ARG C 334 -12.78 21.09 7.31
CA ARG C 334 -12.48 21.36 8.69
C ARG C 334 -11.02 21.77 8.79
N PHE C 335 -10.30 21.64 7.68
CA PHE C 335 -8.85 21.74 7.70
C PHE C 335 -8.43 22.93 6.87
N GLN C 336 -7.43 23.64 7.39
CA GLN C 336 -7.09 25.00 6.98
C GLN C 336 -5.58 25.06 6.92
N LYS C 337 -5.01 26.25 6.86
CA LYS C 337 -3.64 26.37 6.41
C LYS C 337 -2.81 27.32 7.26
N ILE C 338 -1.86 26.77 7.99
CA ILE C 338 -0.83 27.56 8.63
C ILE C 338 0.49 26.82 8.51
N GLU C 339 1.50 27.53 8.09
CA GLU C 339 2.82 26.95 7.98
C GLU C 339 3.47 26.93 9.33
N VAL C 340 4.80 26.73 9.35
CA VAL C 340 5.68 27.17 10.41
C VAL C 340 6.97 27.63 9.75
N ALA C 341 8.00 27.87 10.54
CA ALA C 341 9.28 28.26 9.98
C ALA C 341 10.35 27.84 10.97
N GLU C 342 11.58 28.22 10.70
CA GLU C 342 12.43 28.32 11.85
C GLU C 342 13.29 29.53 11.54
N PRO C 343 13.56 30.35 12.51
CA PRO C 343 14.12 31.68 12.23
C PRO C 343 15.61 31.70 12.02
N SER C 344 16.17 32.89 11.99
CA SER C 344 17.60 33.08 12.02
C SER C 344 18.04 33.14 13.46
N VAL C 345 19.22 32.61 13.72
CA VAL C 345 19.84 32.84 15.01
C VAL C 345 19.74 34.30 15.34
N ARG C 346 20.03 35.11 14.34
CA ARG C 346 19.83 36.53 14.38
C ARG C 346 18.50 36.78 15.05
N GLN C 347 17.44 36.36 14.38
CA GLN C 347 16.14 36.41 15.00
C GLN C 347 16.15 35.77 16.37
N THR C 348 17.00 34.79 16.58
CA THR C 348 16.70 33.91 17.69
C THR C 348 17.14 34.50 19.02
N VAL C 349 18.20 35.28 19.00
CA VAL C 349 18.96 35.52 20.20
C VAL C 349 18.11 36.11 21.29
N ALA C 350 17.28 37.07 20.95
CA ALA C 350 16.54 37.73 22.00
C ALA C 350 15.78 36.72 22.81
N ILE C 351 15.08 35.83 22.13
CA ILE C 351 14.58 34.66 22.82
C ILE C 351 15.70 34.06 23.61
N LEU C 352 16.77 33.72 22.90
CA LEU C 352 17.89 33.11 23.57
C LEU C 352 18.26 33.96 24.75
N ARG C 353 18.42 35.24 24.49
CA ARG C 353 18.64 36.18 25.56
C ARG C 353 17.63 35.95 26.65
N GLY C 354 16.38 36.20 26.34
CA GLY C 354 15.49 36.69 27.35
C GLY C 354 15.44 35.87 28.61
N LEU C 355 15.11 34.61 28.47
CA LEU C 355 14.83 33.82 29.65
C LEU C 355 15.96 32.92 30.03
N GLN C 356 17.02 32.90 29.24
CA GLN C 356 18.18 32.20 29.74
C GLN C 356 18.44 32.60 31.17
N PRO C 357 18.43 33.87 31.54
CA PRO C 357 18.52 34.15 32.97
C PRO C 357 17.34 33.56 33.67
N LYS C 358 16.14 33.83 33.16
CA LYS C 358 14.98 33.24 33.76
C LYS C 358 15.20 31.76 33.87
N TYR C 359 15.75 31.16 32.83
CA TYR C 359 16.20 29.81 32.99
C TYR C 359 17.30 29.74 34.02
N GLU C 360 18.29 30.62 33.91
CA GLU C 360 19.60 30.42 34.51
C GLU C 360 19.48 29.87 35.91
N ILE C 361 18.52 30.43 36.62
CA ILE C 361 18.30 30.15 38.01
C ILE C 361 18.27 28.67 38.23
N HIS C 362 17.84 27.92 37.22
CA HIS C 362 18.02 26.49 37.24
C HIS C 362 19.40 26.18 37.73
N HIS C 363 20.37 26.82 37.12
CA HIS C 363 21.72 26.61 37.56
C HIS C 363 22.16 27.62 38.59
N GLY C 364 21.40 28.68 38.81
CA GLY C 364 21.82 29.64 39.80
C GLY C 364 23.26 30.04 39.58
N VAL C 365 23.59 30.43 38.35
CA VAL C 365 24.92 30.89 37.98
C VAL C 365 24.69 32.25 37.37
N ARG C 366 25.68 32.81 36.71
CA ARG C 366 25.38 33.88 35.82
C ARG C 366 25.85 33.53 34.43
N ILE C 367 25.36 34.29 33.51
CA ILE C 367 25.46 34.03 32.10
C ILE C 367 26.52 34.94 31.56
N LEU C 368 27.21 34.48 30.53
CA LEU C 368 27.90 35.44 29.70
C LEU C 368 26.94 36.04 28.72
N ASP C 369 27.49 36.65 27.70
CA ASP C 369 26.64 37.44 26.88
C ASP C 369 26.23 36.73 25.60
N SER C 370 27.16 36.65 24.66
CA SER C 370 26.71 36.68 23.28
C SER C 370 27.33 35.60 22.44
N ALA C 371 28.64 35.68 22.29
CA ALA C 371 29.35 34.79 21.38
C ALA C 371 28.88 33.39 21.62
N LEU C 372 28.40 33.18 22.82
CA LEU C 372 27.66 32.02 23.22
C LEU C 372 26.76 31.69 22.07
N VAL C 373 25.81 32.59 21.89
CA VAL C 373 24.80 32.39 20.87
C VAL C 373 25.47 32.14 19.54
N THR C 374 26.42 32.98 19.20
CA THR C 374 27.20 32.70 18.02
C THR C 374 27.75 31.31 18.14
N ALA C 375 28.64 31.14 19.09
CA ALA C 375 29.19 29.82 19.28
C ALA C 375 28.08 28.81 19.26
N ALA C 376 26.98 29.13 19.91
CA ALA C 376 25.80 28.32 19.72
C ALA C 376 25.44 28.21 18.26
N GLN C 377 25.28 29.34 17.59
CA GLN C 377 24.96 29.17 16.20
C GLN C 377 26.11 28.46 15.53
N LEU C 378 27.33 28.83 15.90
CA LEU C 378 28.44 28.06 15.38
C LEU C 378 28.16 26.61 15.65
N ALA C 379 27.95 26.30 16.91
CA ALA C 379 27.46 24.99 17.24
C ALA C 379 26.29 24.62 16.37
N LYS C 380 25.33 25.53 16.20
CA LYS C 380 24.12 25.12 15.51
C LYS C 380 24.52 24.49 14.20
N ARG C 381 25.53 25.07 13.57
CA ARG C 381 26.04 24.49 12.37
C ARG C 381 26.38 23.05 12.60
N TYR C 382 26.73 22.71 13.81
CA TYR C 382 27.41 21.46 14.01
C TYR C 382 26.54 20.35 14.52
N LEU C 383 25.32 20.64 14.96
CA LEU C 383 24.36 19.59 15.26
C LEU C 383 23.03 19.97 14.64
N PRO C 384 23.05 20.23 13.34
CA PRO C 384 21.94 20.96 12.71
C PRO C 384 20.66 20.16 12.53
N TYR C 385 20.71 18.82 12.57
CA TYR C 385 19.49 18.04 12.52
C TYR C 385 18.46 18.61 13.46
N ARG C 386 18.93 19.19 14.55
CA ARG C 386 18.14 19.71 15.63
C ARG C 386 17.31 20.90 15.15
N ARG C 387 16.31 21.27 15.96
CA ARG C 387 15.71 22.57 15.78
C ARG C 387 16.71 23.66 16.11
N LEU C 388 16.42 24.85 15.63
CA LEU C 388 17.19 26.01 16.05
C LEU C 388 17.08 26.28 17.54
N PRO C 389 15.93 26.61 18.08
CA PRO C 389 15.90 27.28 19.37
C PRO C 389 16.48 26.42 20.47
N ASP C 390 16.00 25.20 20.53
CA ASP C 390 16.42 24.18 21.44
C ASP C 390 17.91 24.22 21.55
N SER C 391 18.52 24.34 20.40
CA SER C 391 19.92 24.05 20.30
C SER C 391 20.64 24.75 21.41
N ALA C 392 20.33 26.01 21.54
CA ALA C 392 20.71 26.75 22.72
C ALA C 392 20.37 25.89 23.88
N LEU C 393 19.08 25.79 24.08
CA LEU C 393 18.57 25.23 25.31
C LEU C 393 19.39 24.01 25.52
N ASP C 394 19.50 23.27 24.43
CA ASP C 394 20.26 22.05 24.39
C ASP C 394 21.59 22.42 24.94
N LEU C 395 22.39 23.10 24.15
CA LEU C 395 23.67 23.49 24.68
C LEU C 395 23.48 24.21 25.97
N VAL C 396 22.48 25.07 26.03
CA VAL C 396 22.42 26.04 27.09
C VAL C 396 22.59 25.31 28.38
N ASP C 397 21.57 24.58 28.78
CA ASP C 397 21.73 23.86 30.00
C ASP C 397 22.95 22.99 29.89
N ILE C 398 23.04 22.26 28.77
CA ILE C 398 24.22 21.45 28.55
C ILE C 398 25.45 22.25 28.87
N SER C 399 25.48 23.46 28.36
CA SER C 399 26.53 24.37 28.69
C SER C 399 26.43 24.44 30.18
N CYS C 400 25.32 25.04 30.60
CA CYS C 400 25.11 25.31 32.00
C CYS C 400 25.42 24.09 32.81
N ALA C 401 24.99 22.94 32.31
CA ALA C 401 25.37 21.67 32.88
C ALA C 401 26.87 21.58 32.94
N GLY C 402 27.49 21.43 31.77
CA GLY C 402 28.92 21.29 31.76
C GLY C 402 29.52 22.34 32.63
N VAL C 403 29.03 23.56 32.49
CA VAL C 403 29.30 24.60 33.46
C VAL C 403 29.01 24.01 34.82
N ALA C 404 27.73 23.78 35.11
CA ALA C 404 27.36 23.35 36.44
C ALA C 404 28.23 22.22 36.89
N VAL C 405 28.47 21.28 36.01
CA VAL C 405 29.55 20.35 36.20
C VAL C 405 30.78 21.17 36.47
N ALA C 406 31.32 21.79 35.43
CA ALA C 406 32.56 22.52 35.59
C ALA C 406 32.45 23.48 36.75
N ARG C 407 31.25 23.92 37.05
CA ARG C 407 31.16 25.06 37.91
C ARG C 407 30.31 24.75 39.12
N ASP C 408 29.03 24.47 38.91
CA ASP C 408 28.17 24.29 40.07
C ASP C 408 28.67 23.16 40.92
N SER C 409 29.07 22.08 40.30
CA SER C 409 29.75 21.06 41.08
C SER C 409 31.00 21.61 41.74
N LYS C 410 31.44 22.82 41.34
CA LYS C 410 32.62 23.49 41.84
C LYS C 410 33.73 22.48 42.09
N PRO C 411 34.07 21.72 41.12
CA PRO C 411 35.10 20.69 41.31
C PRO C 411 36.49 21.22 41.00
N GLU C 412 36.81 22.39 41.54
CA GLU C 412 38.18 22.86 41.42
C GLU C 412 38.87 22.49 42.71
N GLU C 413 38.43 23.13 43.79
CA GLU C 413 38.87 22.74 45.11
C GLU C 413 38.65 21.25 45.34
N LEU C 414 37.52 20.71 44.85
CA LEU C 414 37.19 19.32 45.11
C LEU C 414 38.32 18.40 44.70
N ASP C 415 38.84 18.57 43.49
CA ASP C 415 39.93 17.71 43.04
C ASP C 415 41.20 17.99 43.81
N SER C 416 41.50 19.26 44.02
CA SER C 416 42.49 19.64 45.00
C SER C 416 42.13 18.91 46.29
N LYS C 417 41.02 19.31 46.90
CA LYS C 417 40.59 18.72 48.16
C LYS C 417 40.32 17.23 48.07
N GLU C 418 40.17 16.68 46.86
CA GLU C 418 40.37 15.25 46.70
C GLU C 418 41.82 14.88 46.99
N ARG C 419 42.72 15.49 46.23
CA ARG C 419 44.12 15.16 46.35
C ARG C 419 44.77 15.88 47.53
N GLN C 420 44.43 17.15 47.76
CA GLN C 420 45.19 17.99 48.68
C GLN C 420 44.79 17.76 50.14
N LEU C 421 43.53 17.39 50.40
CA LEU C 421 43.18 16.86 51.72
C LEU C 421 43.82 15.50 51.95
N GLN C 422 44.12 14.78 50.87
CA GLN C 422 45.00 13.64 50.97
C GLN C 422 46.46 14.01 50.77
N LEU C 423 46.76 15.24 50.36
CA LEU C 423 48.13 15.76 50.37
C LEU C 423 48.45 16.57 51.61
N ILE C 424 47.53 16.71 52.56
CA ILE C 424 47.84 17.49 53.75
C ILE C 424 48.75 16.71 54.68
N GLN C 425 48.28 15.56 55.19
CA GLN C 425 48.90 14.93 56.35
C GLN C 425 49.88 13.80 56.01
N VAL C 426 50.11 13.51 54.73
CA VAL C 426 50.97 12.39 54.36
C VAL C 426 52.44 12.72 54.59
N GLU C 427 52.97 13.65 53.80
CA GLU C 427 54.39 14.01 53.83
C GLU C 427 54.84 14.57 55.18
N ILE C 428 53.91 14.88 56.07
CA ILE C 428 54.19 15.56 57.34
C ILE C 428 55.28 14.84 58.13
N LYS C 429 54.94 13.69 58.72
CA LYS C 429 55.79 13.11 59.74
C LYS C 429 57.13 12.61 59.23
N ALA C 430 57.35 12.60 57.90
CA ALA C 430 58.59 12.10 57.32
C ALA C 430 59.63 13.19 57.04
N LEU C 431 59.29 14.46 57.19
CA LEU C 431 60.21 15.54 56.81
C LEU C 431 61.05 16.06 57.95
N GLU C 432 60.87 15.54 59.17
CA GLU C 432 61.54 16.16 60.30
C GLU C 432 63.00 15.74 60.43
N ARG C 433 63.33 14.49 60.11
CA ARG C 433 64.64 13.93 60.38
C ARG C 433 65.25 13.38 59.09
N ASP C 434 66.59 13.30 59.10
CA ASP C 434 67.46 12.71 58.08
C ASP C 434 68.88 12.75 58.63
N GLU C 435 69.76 11.95 58.01
CA GLU C 435 71.07 11.69 58.60
C GLU C 435 72.01 12.88 58.50
N ASP C 436 72.08 13.52 57.33
CA ASP C 436 72.89 14.71 57.16
C ASP C 436 72.03 15.92 57.51
N ALA C 437 72.39 16.62 58.59
CA ALA C 437 71.58 17.71 59.11
C ALA C 437 72.17 19.05 58.72
N ASP C 438 73.27 19.46 59.34
CA ASP C 438 73.92 20.70 58.96
C ASP C 438 74.88 20.53 57.79
N SER C 439 75.09 19.30 57.33
CA SER C 439 75.87 19.05 56.13
C SER C 439 75.05 19.40 54.89
N THR C 440 75.77 19.68 53.79
CA THR C 440 75.12 20.01 52.53
C THR C 440 75.19 18.79 51.62
N THR C 441 74.05 18.14 51.45
CA THR C 441 73.84 17.14 50.42
C THR C 441 72.58 17.55 49.69
N LYS C 442 71.46 17.56 50.41
CA LYS C 442 70.25 18.28 50.00
C LYS C 442 69.91 19.28 51.08
N ASP C 443 70.00 20.57 50.76
CA ASP C 443 69.71 21.64 51.71
C ASP C 443 68.29 22.20 51.59
N ARG C 444 67.48 21.71 50.65
CA ARG C 444 66.05 22.06 50.59
C ARG C 444 65.19 21.07 51.36
N LEU C 445 65.81 20.15 52.10
CA LEU C 445 65.16 18.95 52.61
C LEU C 445 63.85 19.28 53.35
N LYS C 446 63.91 20.14 54.36
CA LYS C 446 62.75 20.43 55.17
C LYS C 446 61.95 21.63 54.69
N LEU C 447 62.31 22.23 53.56
CA LEU C 447 61.42 23.22 52.95
C LEU C 447 60.10 22.62 52.55
N ALA C 448 60.04 21.29 52.39
CA ALA C 448 58.89 20.64 51.81
C ALA C 448 57.65 20.64 52.71
N ARG C 449 57.80 21.02 53.98
CA ARG C 449 56.65 21.13 54.89
C ARG C 449 56.07 22.53 54.97
N GLN C 450 56.75 23.55 54.42
CA GLN C 450 56.35 24.93 54.66
C GLN C 450 54.93 25.19 54.15
N LYS C 451 54.71 25.00 52.85
CA LYS C 451 53.38 25.12 52.28
C LYS C 451 52.61 23.81 52.35
N GLU C 452 53.29 22.70 52.62
CA GLU C 452 52.59 21.43 52.85
C GLU C 452 51.60 21.55 53.99
N ALA C 453 52.05 22.06 55.15
CA ALA C 453 51.14 22.31 56.25
C ALA C 453 49.97 23.17 55.79
N SER C 454 50.19 24.01 54.79
CA SER C 454 49.20 24.93 54.26
C SER C 454 48.43 24.37 53.06
N LEU C 455 48.59 23.08 52.73
CA LEU C 455 48.03 22.61 51.46
C LEU C 455 46.51 22.57 51.47
N GLN C 456 45.91 21.68 52.25
CA GLN C 456 44.48 21.80 52.48
C GLN C 456 44.16 22.92 53.45
N GLU C 457 45.14 23.33 54.26
CA GLU C 457 44.92 24.39 55.25
C GLU C 457 44.52 25.70 54.58
N GLU C 458 45.33 26.18 53.65
CA GLU C 458 44.97 27.41 52.95
C GLU C 458 43.97 27.14 51.83
N LEU C 459 43.67 25.89 51.52
CA LEU C 459 42.43 25.58 50.80
C LEU C 459 41.20 25.90 51.63
N GLU C 460 41.33 26.01 52.95
CA GLU C 460 40.22 26.55 53.73
C GLU C 460 39.94 27.98 53.35
N PRO C 461 40.91 28.90 53.31
CA PRO C 461 40.69 30.17 52.58
C PRO C 461 40.14 29.94 51.18
N LEU C 462 40.53 28.86 50.54
CA LEU C 462 39.94 28.57 49.23
C LEU C 462 38.55 27.98 49.39
N ARG C 463 38.36 27.09 50.38
CA ARG C 463 37.00 26.77 50.81
C ARG C 463 36.25 28.06 51.09
N GLN C 464 36.88 28.97 51.84
CA GLN C 464 36.33 30.29 52.04
C GLN C 464 36.10 30.91 50.67
N ARG C 465 37.20 31.29 50.01
CA ARG C 465 37.10 32.02 48.74
C ARG C 465 36.09 31.37 47.82
N TYR C 466 36.38 30.14 47.41
CA TYR C 466 35.55 29.49 46.42
C TYR C 466 34.12 29.28 46.91
N ASN C 467 33.88 29.33 48.22
CA ASN C 467 32.52 29.62 48.66
C ASN C 467 32.25 31.12 48.81
N GLU C 468 33.21 31.86 49.37
CA GLU C 468 33.06 33.28 49.70
C GLU C 468 32.44 34.05 48.56
N GLU C 469 33.22 34.24 47.51
CA GLU C 469 32.69 34.92 46.35
C GLU C 469 31.77 34.03 45.54
N LYS C 470 31.70 32.73 45.85
CA LYS C 470 30.56 31.96 45.38
C LYS C 470 29.31 32.42 46.08
N HIS C 471 29.45 32.84 47.32
CA HIS C 471 28.37 33.57 47.94
C HIS C 471 28.42 35.03 47.55
N GLY C 472 29.60 35.52 47.17
CA GLY C 472 29.64 36.70 46.34
C GLY C 472 28.99 36.47 44.99
N HIS C 473 29.04 35.23 44.49
CA HIS C 473 28.24 34.85 43.32
C HIS C 473 26.83 34.45 43.74
N GLU C 474 26.69 33.79 44.90
CA GLU C 474 25.35 33.51 45.40
C GLU C 474 24.58 34.80 45.65
N GLU C 475 25.22 35.77 46.29
CA GLU C 475 24.57 37.08 46.41
C GLU C 475 24.20 37.60 45.04
N LEU C 476 25.13 37.49 44.09
CA LEU C 476 24.86 37.92 42.73
C LEU C 476 23.61 37.22 42.21
N THR C 477 23.70 35.92 41.95
CA THR C 477 22.55 35.25 41.37
C THR C 477 21.42 35.08 42.39
N GLN C 478 21.71 34.45 43.54
CA GLN C 478 20.57 34.00 44.36
C GLN C 478 19.75 35.14 44.91
N ALA C 479 20.33 36.33 45.09
CA ALA C 479 19.48 37.46 45.44
C ALA C 479 18.55 37.80 44.29
N LYS C 480 19.11 37.90 43.09
CA LYS C 480 18.32 38.24 41.93
C LYS C 480 17.11 37.31 41.80
N LYS C 481 17.36 36.00 41.79
CA LYS C 481 16.27 35.07 41.51
C LYS C 481 15.06 35.37 42.37
N LYS C 482 15.26 35.63 43.65
CA LYS C 482 14.21 36.27 44.43
C LYS C 482 13.85 37.60 43.81
N LEU C 483 14.77 38.56 43.89
CA LEU C 483 14.49 39.91 43.39
C LEU C 483 13.97 39.88 41.97
N ASP C 484 14.35 38.85 41.22
CA ASP C 484 13.68 38.56 39.97
C ASP C 484 12.17 38.56 40.15
N GLU C 485 11.70 37.78 41.11
CA GLU C 485 10.26 37.63 41.23
C GLU C 485 9.55 38.90 41.67
N LEU C 486 10.29 39.95 42.07
CA LEU C 486 9.65 41.24 42.26
C LEU C 486 8.96 41.67 40.98
N GLU C 487 9.75 42.02 39.96
CA GLU C 487 9.17 42.44 38.69
C GLU C 487 8.49 41.29 37.97
N ASN C 488 8.97 40.07 38.18
CA ASN C 488 8.31 38.88 37.66
C ASN C 488 6.85 38.79 38.07
N LYS C 489 6.62 38.47 39.34
CA LYS C 489 5.25 38.25 39.80
C LYS C 489 4.39 39.47 39.55
N ALA C 490 4.95 40.67 39.76
CA ALA C 490 4.22 41.90 39.54
C ALA C 490 3.59 41.93 38.16
N LEU C 491 4.40 41.72 37.12
CA LEU C 491 3.85 41.69 35.78
C LEU C 491 2.71 40.69 35.69
N ASP C 492 2.83 39.55 36.38
CA ASP C 492 1.67 38.68 36.47
C ASP C 492 0.69 39.17 37.54
N ALA C 493 1.17 39.97 38.50
CA ALA C 493 0.30 40.47 39.57
C ALA C 493 -0.46 41.73 39.17
N GLU C 494 -0.21 42.26 37.99
CA GLU C 494 -1.00 43.35 37.45
C GLU C 494 -2.38 42.82 37.12
N ARG C 495 -2.56 41.52 37.38
CA ARG C 495 -3.55 40.69 36.69
C ARG C 495 -4.93 41.32 36.66
N ARG C 496 -5.26 42.15 37.64
CA ARG C 496 -6.55 42.82 37.65
C ARG C 496 -6.52 44.19 37.00
N TYR C 497 -5.42 44.55 36.32
CA TYR C 497 -5.08 45.95 36.03
C TYR C 497 -4.78 46.64 37.36
N ASP C 498 -4.05 45.92 38.20
CA ASP C 498 -3.83 46.31 39.59
C ASP C 498 -2.96 47.55 39.64
N THR C 499 -3.49 48.62 40.22
CA THR C 499 -2.64 49.74 40.63
C THR C 499 -1.94 49.43 41.94
N ALA C 500 -2.49 48.51 42.73
CA ALA C 500 -1.71 47.93 43.82
C ALA C 500 -0.46 47.27 43.29
N THR C 501 -0.56 46.63 42.12
CA THR C 501 0.63 46.08 41.48
C THR C 501 1.40 47.17 40.73
N ALA C 502 0.68 48.10 40.09
CA ALA C 502 1.29 49.08 39.20
C ALA C 502 1.98 50.19 39.95
N ALA C 503 1.98 50.15 41.26
CA ALA C 503 2.68 51.13 42.06
C ALA C 503 3.54 50.42 43.10
N ASP C 504 2.88 49.69 43.99
CA ASP C 504 3.55 49.08 45.14
C ASP C 504 4.70 48.19 44.71
N LEU C 505 4.40 47.03 44.13
CA LEU C 505 5.49 46.13 43.83
C LEU C 505 6.38 46.68 42.73
N ARG C 506 5.87 47.64 41.94
CA ARG C 506 6.76 48.40 41.07
C ARG C 506 7.65 49.32 41.90
N TYR C 507 7.11 49.96 42.93
CA TYR C 507 7.97 50.56 43.94
C TYR C 507 8.88 49.50 44.53
N PHE C 508 8.29 48.50 45.19
CA PHE C 508 9.10 47.45 45.81
C PHE C 508 10.12 46.87 44.84
N ALA C 509 9.77 46.77 43.57
CA ALA C 509 10.79 46.56 42.55
C ALA C 509 11.79 47.72 42.49
N ILE C 510 11.34 48.87 41.97
CA ILE C 510 12.28 49.82 41.38
C ILE C 510 13.26 50.39 42.39
N PRO C 511 12.82 50.95 43.54
CA PRO C 511 13.82 51.21 44.61
C PRO C 511 14.74 50.04 44.93
N ASP C 512 14.21 48.83 45.04
CA ASP C 512 15.06 47.72 45.44
C ASP C 512 15.89 47.17 44.28
N ILE C 513 15.24 46.95 43.14
CA ILE C 513 15.84 46.09 42.11
C ILE C 513 17.20 46.64 41.65
N LYS C 514 17.20 47.77 40.95
CA LYS C 514 18.41 48.29 40.32
C LYS C 514 19.54 48.42 41.34
N LYS C 515 19.24 48.95 42.52
CA LYS C 515 20.23 49.05 43.58
C LYS C 515 20.81 47.67 43.86
N GLN C 516 19.98 46.78 44.38
CA GLN C 516 20.44 45.43 44.63
C GLN C 516 20.96 44.79 43.37
N ILE C 517 20.43 45.17 42.20
CA ILE C 517 21.07 44.80 40.94
C ILE C 517 22.50 45.31 40.92
N GLU C 518 22.68 46.61 41.09
CA GLU C 518 24.02 47.17 41.10
C GLU C 518 24.90 46.44 42.09
N LYS C 519 24.38 46.24 43.30
CA LYS C 519 25.19 45.73 44.41
C LYS C 519 26.01 44.52 44.00
N LEU C 520 25.38 43.58 43.31
CA LEU C 520 25.92 42.22 43.26
C LEU C 520 27.20 42.14 42.44
N GLU C 521 27.16 42.63 41.19
CA GLU C 521 28.40 42.81 40.46
C GLU C 521 29.31 43.80 41.15
N ASP C 522 28.73 44.85 41.72
CA ASP C 522 29.52 45.76 42.54
C ASP C 522 30.04 45.05 43.78
N GLN C 523 29.34 44.00 44.21
CA GLN C 523 29.86 43.07 45.20
C GLN C 523 30.72 42.00 44.57
N VAL C 524 30.98 42.09 43.28
CA VAL C 524 32.10 41.41 42.65
C VAL C 524 33.20 42.45 42.49
N ALA C 525 34.22 42.36 43.33
CA ALA C 525 35.29 43.36 43.28
C ALA C 525 36.27 43.02 42.18
N GLU C 526 37.04 41.95 42.38
CA GLU C 526 38.23 41.71 41.58
C GLU C 526 38.86 40.42 42.09
N GLU C 527 39.72 39.84 41.26
CA GLU C 527 40.61 38.77 41.68
C GLU C 527 41.93 38.87 40.96
N GLU C 528 42.98 38.48 41.67
CA GLU C 528 44.34 38.51 41.15
C GLU C 528 44.67 37.24 40.37
N ARG C 529 44.29 36.07 40.89
CA ARG C 529 44.50 34.82 40.16
C ARG C 529 43.74 34.84 38.85
N ARG C 530 42.46 35.19 38.90
CA ARG C 530 41.56 35.15 37.77
C ARG C 530 40.78 36.47 37.72
N ALA C 531 39.86 36.57 36.78
CA ALA C 531 39.25 37.86 36.46
C ALA C 531 38.09 38.18 37.40
N GLY C 532 38.21 39.30 38.11
CA GLY C 532 37.11 39.80 38.91
C GLY C 532 36.86 38.92 40.11
N ALA C 533 36.06 39.39 41.06
CA ALA C 533 35.92 38.63 42.30
C ALA C 533 35.29 37.26 42.09
N ASN C 534 34.79 36.93 40.89
CA ASN C 534 34.25 35.61 40.64
C ASN C 534 35.38 34.59 40.50
N SER C 535 35.41 33.62 41.42
CA SER C 535 36.58 32.76 41.54
C SER C 535 36.51 31.62 40.56
N MET C 536 35.50 30.75 40.70
CA MET C 536 35.12 29.93 39.57
C MET C 536 34.74 30.79 38.40
N ILE C 537 34.57 32.08 38.63
CA ILE C 537 34.25 33.05 37.61
C ILE C 537 32.77 32.89 37.33
N GLN C 538 32.20 31.78 37.75
CA GLN C 538 30.83 31.72 38.21
C GLN C 538 29.85 32.31 37.20
N ASN C 539 30.21 32.13 35.94
CA ASN C 539 29.59 32.71 34.77
C ASN C 539 29.74 31.66 33.69
N VAL C 540 29.58 32.03 32.43
CA VAL C 540 29.74 31.01 31.42
C VAL C 540 30.50 31.51 30.20
N VAL C 541 31.67 30.95 29.92
CA VAL C 541 32.31 31.28 28.65
C VAL C 541 32.05 30.15 27.67
N ASP C 542 31.18 30.43 26.73
CA ASP C 542 30.73 29.47 25.73
C ASP C 542 31.88 28.77 25.08
N SER C 543 32.77 29.57 24.52
CA SER C 543 33.86 29.07 23.73
C SER C 543 34.39 27.88 24.44
N ASP C 544 34.91 28.21 25.61
CA ASP C 544 35.29 27.26 26.61
C ASP C 544 34.11 26.32 26.65
N THR C 545 33.01 26.84 27.18
CA THR C 545 31.92 25.99 27.56
C THR C 545 31.57 25.05 26.44
N ILE C 546 31.70 25.52 25.22
CA ILE C 546 31.34 24.67 24.12
C ILE C 546 32.43 23.74 23.76
N SER C 547 33.64 24.13 24.06
CA SER C 547 34.73 23.54 23.35
C SER C 547 34.64 22.05 23.52
N GLU C 548 34.92 21.63 24.73
CA GLU C 548 34.61 20.28 25.17
C GLU C 548 33.22 19.90 24.74
N THR C 549 32.27 20.81 24.89
CA THR C 549 30.89 20.44 24.66
C THR C 549 30.86 19.93 23.26
N ALA C 550 31.08 20.87 22.37
CA ALA C 550 31.19 20.52 20.98
C ALA C 550 32.08 19.32 20.80
N ALA C 551 33.22 19.31 21.47
CA ALA C 551 34.03 18.11 21.39
C ALA C 551 33.18 16.95 21.84
N ARG C 552 32.78 16.99 23.10
CA ARG C 552 31.96 15.93 23.65
C ARG C 552 30.65 15.85 22.93
N LEU C 553 30.35 16.83 22.11
CA LEU C 553 29.43 16.54 21.03
C LEU C 553 30.14 15.83 19.89
N THR C 554 31.25 16.40 19.43
CA THR C 554 31.70 16.03 18.09
C THR C 554 33.11 15.49 18.03
N GLY C 555 34.08 16.39 18.05
CA GLY C 555 35.41 16.00 17.64
C GLY C 555 36.35 17.15 17.85
N ILE C 556 37.61 16.88 17.59
CA ILE C 556 38.65 17.84 17.92
C ILE C 556 38.44 19.11 17.12
N PRO C 557 38.08 20.19 17.79
CA PRO C 557 37.83 21.47 17.17
C PRO C 557 39.08 22.12 16.73
N VAL C 558 40.13 21.84 17.47
CA VAL C 558 40.92 22.89 18.04
C VAL C 558 41.17 24.02 17.10
N LYS C 559 41.36 23.72 15.84
CA LYS C 559 41.15 24.77 14.86
C LYS C 559 39.81 25.42 15.14
N LYS C 560 38.77 24.60 15.21
CA LYS C 560 37.46 25.09 15.61
C LYS C 560 37.46 25.61 17.02
N LEU C 561 38.56 25.50 17.76
CA LEU C 561 38.64 26.43 18.88
C LEU C 561 38.55 27.85 18.39
N SER C 562 38.61 28.07 17.09
CA SER C 562 38.46 29.41 16.57
C SER C 562 37.64 29.42 15.30
N GLU C 563 37.22 30.63 14.90
CA GLU C 563 36.76 30.94 13.55
C GLU C 563 37.65 32.02 12.99
N SER C 564 38.28 31.73 11.88
CA SER C 564 38.70 32.79 10.99
C SER C 564 38.20 32.34 9.64
N GLU C 565 38.76 31.22 9.19
CA GLU C 565 38.23 30.32 8.17
C GLU C 565 38.25 31.02 6.84
N ASN C 566 38.18 32.32 6.92
CA ASN C 566 38.09 33.16 5.76
C ASN C 566 39.48 33.42 5.27
N GLU C 567 40.35 33.64 6.23
CA GLU C 567 41.77 33.60 6.05
C GLU C 567 42.17 32.17 5.80
N LYS C 568 41.65 31.26 6.61
CA LYS C 568 41.80 29.87 6.27
C LYS C 568 41.35 29.65 4.85
N LEU C 569 40.21 30.23 4.49
CA LEU C 569 39.86 30.27 3.08
C LEU C 569 41.12 30.62 2.35
N ILE C 570 41.65 31.80 2.63
CA ILE C 570 42.86 32.19 1.98
C ILE C 570 43.89 31.09 2.13
N HIS C 571 44.31 30.86 3.36
CA HIS C 571 45.57 30.16 3.53
C HIS C 571 45.44 28.70 3.18
N MET C 572 44.48 28.02 3.79
CA MET C 572 44.34 26.60 3.48
C MET C 572 44.34 26.41 1.99
N GLU C 573 43.51 27.19 1.31
CA GLU C 573 43.63 27.39 -0.11
C GLU C 573 45.07 27.61 -0.47
N ARG C 574 45.64 28.76 -0.08
CA ARG C 574 46.98 29.04 -0.55
C ARG C 574 47.89 27.91 -0.19
N ASP C 575 47.48 27.11 0.76
CA ASP C 575 48.26 25.97 1.16
C ASP C 575 47.73 24.69 0.59
N LEU C 576 46.58 24.70 -0.08
CA LEU C 576 46.06 23.45 -0.59
C LEU C 576 47.14 22.67 -1.29
N SER C 577 48.03 23.40 -1.94
CA SER C 577 49.33 22.88 -2.31
C SER C 577 49.88 22.03 -1.19
N SER C 578 50.15 22.71 -0.09
CA SER C 578 50.84 22.09 1.02
C SER C 578 50.19 20.77 1.32
N GLU C 579 48.90 20.70 1.09
CA GLU C 579 48.22 19.44 1.09
C GLU C 579 47.94 18.88 -0.29
N VAL C 580 48.26 19.60 -1.35
CA VAL C 580 48.08 18.96 -2.64
C VAL C 580 49.30 19.10 -3.53
N VAL C 581 49.58 20.34 -3.92
CA VAL C 581 50.55 20.63 -4.96
C VAL C 581 50.11 20.02 -6.28
N GLY C 582 49.20 20.68 -6.93
CA GLY C 582 48.55 20.15 -8.10
C GLY C 582 47.90 21.28 -8.84
N GLN C 583 46.93 20.92 -9.67
CA GLN C 583 46.23 21.94 -10.45
C GLN C 583 45.71 22.97 -9.50
N MET C 584 46.33 24.12 -9.56
CA MET C 584 46.08 25.06 -8.50
C MET C 584 44.85 25.86 -8.79
N ASP C 585 44.71 26.31 -10.02
CA ASP C 585 43.67 27.24 -10.30
C ASP C 585 42.33 26.68 -9.95
N ALA C 586 42.21 25.37 -10.06
CA ALA C 586 40.99 24.76 -9.59
C ALA C 586 40.69 25.28 -8.22
N ILE C 587 41.66 25.12 -7.35
CA ILE C 587 41.55 25.40 -5.94
C ILE C 587 40.84 26.71 -5.84
N LYS C 588 41.29 27.62 -6.67
CA LYS C 588 40.76 28.95 -6.64
C LYS C 588 39.30 28.82 -6.86
N ALA C 589 38.94 28.53 -8.10
CA ALA C 589 37.55 28.54 -8.47
C ALA C 589 36.79 27.80 -7.43
N VAL C 590 37.30 26.63 -7.11
CA VAL C 590 36.94 25.91 -5.94
C VAL C 590 36.86 26.89 -4.79
N SER C 591 37.98 27.44 -4.40
CA SER C 591 37.96 28.32 -3.25
C SER C 591 37.11 29.52 -3.55
N ASN C 592 37.16 29.96 -4.79
CA ASN C 592 36.32 31.06 -5.15
C ASN C 592 34.89 30.67 -4.92
N ALA C 593 34.55 29.48 -5.38
CA ALA C 593 33.26 28.95 -5.04
C ALA C 593 33.09 28.98 -3.54
N VAL C 594 34.17 28.85 -2.80
CA VAL C 594 34.02 29.01 -1.37
C VAL C 594 33.76 30.45 -1.04
N ARG C 595 34.58 31.30 -1.58
CA ARG C 595 34.27 32.70 -1.53
C ARG C 595 32.84 32.87 -1.93
N LEU C 596 32.47 32.23 -3.02
CA LEU C 596 31.07 32.14 -3.33
C LEU C 596 30.35 31.49 -2.20
N SER C 597 30.81 30.30 -1.80
CA SER C 597 30.16 29.61 -0.71
C SER C 597 29.96 30.58 0.40
N ARG C 598 30.93 31.40 0.63
CA ARG C 598 30.68 32.43 1.59
C ARG C 598 30.30 33.74 0.98
N SER C 599 30.22 33.81 -0.33
CA SER C 599 29.64 35.03 -0.87
C SER C 599 28.26 35.19 -0.30
N GLY C 600 27.34 34.36 -0.76
CA GLY C 600 25.98 34.42 -0.27
C GLY C 600 25.35 35.65 -0.89
N LEU C 601 26.24 36.60 -1.19
CA LEU C 601 26.03 37.47 -2.31
C LEU C 601 26.04 36.66 -3.57
N ALA C 602 26.69 35.51 -3.50
CA ALA C 602 26.37 34.44 -4.40
C ALA C 602 24.88 34.18 -4.34
N ASN C 603 24.32 33.76 -5.46
CA ASN C 603 22.93 33.37 -5.42
C ASN C 603 22.71 32.37 -4.30
N PRO C 604 21.84 32.68 -3.35
CA PRO C 604 21.61 31.76 -2.23
C PRO C 604 21.30 30.36 -2.67
N ARG C 605 20.91 30.17 -3.92
CA ARG C 605 20.27 28.93 -4.31
C ARG C 605 21.04 27.70 -3.87
N GLN C 606 22.22 27.47 -4.43
CA GLN C 606 22.64 26.09 -4.64
C GLN C 606 24.14 26.01 -4.51
N PRO C 607 24.68 24.92 -3.98
CA PRO C 607 26.13 24.81 -3.85
C PRO C 607 26.76 24.74 -5.22
N ALA C 608 28.06 24.96 -5.22
CA ALA C 608 28.77 25.18 -6.46
C ALA C 608 28.69 23.98 -7.37
N SER C 609 28.45 24.27 -8.63
CA SER C 609 28.93 23.39 -9.66
C SER C 609 30.43 23.52 -9.76
N PHE C 610 31.07 22.48 -10.28
CA PHE C 610 32.42 22.62 -10.78
C PHE C 610 32.73 21.43 -11.67
N LEU C 611 34.00 21.29 -12.00
CA LEU C 611 34.47 20.56 -13.14
C LEU C 611 34.11 19.09 -13.13
N PHE C 612 34.12 18.54 -14.33
CA PHE C 612 34.68 17.23 -14.57
C PHE C 612 36.18 17.41 -14.61
N LEU C 613 36.86 16.56 -13.89
CA LEU C 613 38.30 16.63 -13.92
C LEU C 613 38.93 15.86 -15.07
N GLY C 614 38.41 14.71 -15.46
CA GLY C 614 39.34 13.74 -16.01
C GLY C 614 39.69 12.57 -15.10
N LEU C 615 40.89 12.01 -15.25
CA LEU C 615 41.19 10.62 -14.92
C LEU C 615 41.19 10.38 -13.41
N SER C 616 41.61 9.19 -13.01
CA SER C 616 41.24 8.67 -11.72
C SER C 616 42.44 8.23 -10.90
N GLY C 617 42.14 7.57 -9.80
CA GLY C 617 43.06 6.86 -8.94
C GLY C 617 44.27 7.66 -8.54
N SER C 618 44.05 8.86 -8.04
CA SER C 618 45.11 9.84 -8.11
C SER C 618 44.70 11.08 -7.34
N GLY C 619 45.51 12.11 -7.46
CA GLY C 619 45.19 13.35 -6.79
C GLY C 619 43.74 13.71 -6.94
N LYS C 620 43.11 13.26 -8.03
CA LYS C 620 41.66 13.38 -8.14
C LYS C 620 41.05 12.98 -6.82
N THR C 621 41.61 11.95 -6.23
CA THR C 621 40.96 11.37 -5.09
C THR C 621 41.22 12.26 -3.89
N GLU C 622 42.47 12.66 -3.67
CA GLU C 622 42.72 13.67 -2.66
C GLU C 622 41.92 14.92 -3.00
N LEU C 623 41.97 15.32 -4.27
CA LEU C 623 41.05 16.33 -4.74
C LEU C 623 39.69 16.02 -4.18
N ALA C 624 39.16 14.89 -4.62
CA ALA C 624 37.88 14.45 -4.13
C ALA C 624 37.87 14.57 -2.62
N LYS C 625 38.88 14.02 -1.99
CA LYS C 625 38.91 14.14 -0.57
C LYS C 625 38.98 15.59 -0.17
N LYS C 626 40.09 16.20 -0.48
CA LYS C 626 40.70 17.11 0.45
C LYS C 626 39.82 18.28 0.79
N VAL C 627 38.69 18.31 0.15
CA VAL C 627 37.76 19.41 0.23
C VAL C 627 37.48 19.88 1.64
N ALA C 628 36.66 19.13 2.35
CA ALA C 628 36.32 19.54 3.70
C ALA C 628 37.53 19.51 4.58
N GLY C 629 38.60 18.83 4.13
CA GLY C 629 39.87 19.00 4.77
C GLY C 629 40.15 20.46 4.98
N PHE C 630 39.80 21.28 4.00
CA PHE C 630 39.56 22.64 4.38
C PHE C 630 38.46 22.63 5.42
N LEU C 631 37.28 22.26 4.98
CA LEU C 631 36.13 22.81 5.63
C LEU C 631 35.87 22.09 6.91
N PHE C 632 35.23 20.97 6.73
CA PHE C 632 34.62 20.25 7.82
C PHE C 632 35.36 19.00 8.13
N ASN C 633 36.41 18.74 7.37
CA ASN C 633 37.57 18.04 7.86
C ASN C 633 37.21 16.67 8.38
N ASP C 634 36.06 16.16 8.02
CA ASP C 634 35.86 14.73 7.96
C ASP C 634 35.58 14.45 6.50
N GLU C 635 36.58 13.99 5.77
CA GLU C 635 36.36 13.64 4.39
C GLU C 635 36.14 12.16 4.27
N ASP C 636 36.05 11.51 5.41
CA ASP C 636 35.20 10.34 5.55
C ASP C 636 33.85 10.57 4.88
N MET C 637 33.33 11.77 5.00
CA MET C 637 31.98 12.20 4.66
C MET C 637 31.45 11.70 3.31
N MET C 638 32.08 12.09 2.20
CA MET C 638 31.40 12.18 0.90
C MET C 638 30.57 10.95 0.54
N ILE C 639 29.46 11.19 -0.13
CA ILE C 639 28.62 10.10 -0.59
C ILE C 639 28.97 9.73 -2.02
N ARG C 640 28.31 8.70 -2.52
CA ARG C 640 28.75 7.98 -3.69
C ARG C 640 27.54 7.57 -4.51
N VAL C 641 27.78 7.34 -5.80
CA VAL C 641 26.80 6.77 -6.72
C VAL C 641 27.61 6.04 -7.78
N ASP C 642 26.96 5.11 -8.49
CA ASP C 642 27.53 4.59 -9.72
C ASP C 642 26.62 4.88 -10.89
N CYS C 643 27.18 5.52 -11.93
CA CYS C 643 26.50 5.62 -13.21
C CYS C 643 25.93 4.28 -13.61
N SER C 644 26.70 3.22 -13.35
CA SER C 644 26.18 1.87 -13.47
C SER C 644 24.85 1.75 -12.75
N GLU C 645 24.78 2.24 -11.52
CA GLU C 645 23.57 2.02 -10.76
C GLU C 645 22.39 2.69 -11.42
N LEU C 646 22.64 3.45 -12.44
CA LEU C 646 21.58 4.26 -12.98
C LEU C 646 20.93 3.41 -14.04
N SER C 647 19.78 2.88 -13.68
CA SER C 647 19.08 1.93 -14.50
C SER C 647 18.22 2.73 -15.44
N GLU C 648 17.45 2.03 -16.22
CA GLU C 648 16.63 2.69 -17.20
C GLU C 648 15.25 2.95 -16.66
N LYS C 649 14.95 2.43 -15.50
CA LYS C 649 13.88 2.95 -14.67
C LYS C 649 14.44 3.30 -13.32
N TYR C 650 13.62 4.03 -12.59
CA TYR C 650 14.02 4.46 -11.27
C TYR C 650 13.59 3.39 -10.29
N ALA C 651 14.57 2.76 -9.65
CA ALA C 651 14.39 2.37 -8.28
C ALA C 651 15.16 3.25 -7.31
N VAL C 652 15.94 4.20 -7.80
CA VAL C 652 17.27 4.37 -7.22
C VAL C 652 17.14 4.79 -5.77
N SER C 653 17.68 3.98 -4.88
CA SER C 653 17.42 4.05 -3.46
C SER C 653 18.16 5.17 -2.78
N LYS C 654 19.03 5.86 -3.50
CA LYS C 654 19.68 7.04 -3.00
C LYS C 654 18.68 7.91 -2.27
N LEU C 655 17.80 8.51 -3.05
CA LEU C 655 16.63 9.28 -2.75
C LEU C 655 15.45 8.53 -3.36
N LEU C 656 14.24 9.03 -3.14
CA LEU C 656 13.06 8.48 -3.78
C LEU C 656 13.02 6.98 -3.49
N GLY C 657 13.30 6.14 -4.47
CA GLY C 657 13.00 4.76 -4.21
C GLY C 657 11.49 4.64 -4.04
N THR C 658 11.08 3.67 -3.23
CA THR C 658 9.67 3.57 -2.90
C THR C 658 9.21 4.81 -2.16
N THR C 659 8.21 5.47 -2.71
CA THR C 659 7.55 6.56 -2.01
C THR C 659 6.09 6.21 -1.74
N ALA C 660 5.29 6.06 -2.78
CA ALA C 660 3.85 5.86 -2.63
C ALA C 660 3.55 4.37 -2.78
N GLY C 661 3.18 3.74 -1.68
CA GLY C 661 2.50 2.45 -1.69
C GLY C 661 3.34 1.29 -2.15
N TYR C 662 4.54 1.52 -2.65
CA TYR C 662 5.40 0.42 -3.08
C TYR C 662 6.09 -0.16 -1.88
N VAL C 663 7.10 -0.98 -2.13
CA VAL C 663 7.65 -1.82 -1.08
C VAL C 663 8.78 -1.05 -0.39
N GLY C 664 8.54 -0.67 0.86
CA GLY C 664 9.55 -0.24 1.82
C GLY C 664 9.81 1.25 1.88
N TYR C 665 9.99 1.77 3.07
CA TYR C 665 10.32 3.17 3.25
C TYR C 665 11.75 3.43 3.68
N ASP C 666 12.54 2.38 3.89
CA ASP C 666 13.97 2.62 3.81
C ASP C 666 14.39 2.96 2.39
N GLU C 667 13.47 2.84 1.44
CA GLU C 667 13.78 3.08 0.04
C GLU C 667 13.93 4.57 -0.21
N GLY C 668 15.09 4.98 -0.70
CA GLY C 668 15.36 6.37 -0.98
C GLY C 668 15.88 7.19 0.18
N GLY C 669 15.69 6.74 1.41
CA GLY C 669 16.23 7.49 2.52
C GLY C 669 17.71 7.64 2.50
N PHE C 670 18.37 6.86 1.64
CA PHE C 670 19.78 6.57 1.74
C PHE C 670 20.54 7.83 2.04
N LEU C 671 20.60 8.69 1.06
CA LEU C 671 21.16 10.00 1.29
C LEU C 671 20.38 10.72 2.35
N THR C 672 19.06 10.72 2.22
CA THR C 672 18.26 11.65 2.99
C THR C 672 18.68 11.62 4.42
N ASN C 673 18.36 10.49 5.02
CA ASN C 673 18.60 10.30 6.43
C ASN C 673 20.06 10.54 6.73
N GLN C 674 20.90 10.00 5.88
CA GLN C 674 22.29 10.40 5.83
C GLN C 674 22.28 11.92 5.77
N LEU C 675 21.90 12.48 4.64
CA LEU C 675 21.93 13.93 4.47
C LEU C 675 21.31 14.61 5.65
N GLN C 676 20.17 14.10 6.08
CA GLN C 676 19.57 14.56 7.31
C GLN C 676 20.65 14.74 8.35
N TYR C 677 21.25 13.65 8.75
CA TYR C 677 22.36 13.74 9.65
C TYR C 677 23.67 13.88 8.91
N LYS C 678 23.62 14.08 7.61
CA LYS C 678 24.80 14.46 6.85
C LYS C 678 24.50 15.77 6.14
N PRO C 679 24.25 16.83 6.88
CA PRO C 679 23.88 18.09 6.25
C PRO C 679 24.99 18.66 5.40
N TYR C 680 26.20 18.14 5.52
CA TYR C 680 27.31 18.64 4.71
C TYR C 680 28.10 17.48 4.15
N SER C 681 28.43 17.57 2.86
CA SER C 681 29.21 16.58 2.15
C SER C 681 29.50 17.06 0.75
N VAL C 682 29.95 16.10 -0.05
CA VAL C 682 29.77 16.04 -1.48
C VAL C 682 29.36 14.59 -1.77
N LEU C 683 28.83 14.36 -2.95
CA LEU C 683 28.47 13.02 -3.41
C LEU C 683 29.50 12.53 -4.41
N LEU C 684 29.34 11.26 -4.78
CA LEU C 684 30.05 10.68 -5.90
C LEU C 684 29.06 10.02 -6.85
N PHE C 685 29.40 10.05 -8.14
CA PHE C 685 28.82 9.18 -9.16
C PHE C 685 29.93 8.84 -10.15
N ASP C 686 29.71 7.86 -11.03
CA ASP C 686 30.85 7.25 -11.70
C ASP C 686 31.41 8.28 -12.66
N GLU C 687 32.52 8.90 -12.25
CA GLU C 687 33.00 10.10 -12.90
C GLU C 687 31.89 11.14 -12.82
N VAL C 688 30.75 10.69 -12.30
CA VAL C 688 29.37 11.12 -12.51
C VAL C 688 28.99 10.87 -13.96
N GLU C 689 29.95 10.43 -14.76
CA GLU C 689 29.88 10.45 -16.21
C GLU C 689 28.74 9.64 -16.81
N LYS C 690 28.84 8.33 -16.72
CA LYS C 690 28.07 7.42 -17.56
C LYS C 690 26.61 7.44 -17.23
N ALA C 691 26.23 8.24 -16.25
CA ALA C 691 24.97 8.10 -15.56
C ALA C 691 23.80 7.98 -16.54
N HIS C 692 22.83 7.17 -16.16
CA HIS C 692 21.67 6.96 -17.00
C HIS C 692 20.98 8.29 -17.32
N PRO C 693 20.55 8.49 -18.56
CA PRO C 693 20.12 9.83 -18.96
C PRO C 693 18.96 10.35 -18.18
N ASP C 694 17.93 9.52 -18.03
CA ASP C 694 16.78 9.98 -17.28
C ASP C 694 17.21 10.36 -15.89
N VAL C 695 18.02 9.49 -15.28
CA VAL C 695 18.69 9.86 -14.06
C VAL C 695 19.37 11.20 -14.23
N LEU C 696 20.15 11.31 -15.30
CA LEU C 696 20.88 12.54 -15.53
C LEU C 696 19.95 13.72 -15.40
N THR C 697 18.80 13.62 -16.02
CA THR C 697 17.76 14.59 -15.75
C THR C 697 17.57 14.56 -14.27
N VAL C 698 16.99 13.44 -13.85
CA VAL C 698 16.55 13.29 -12.48
C VAL C 698 17.61 13.81 -11.56
N MET C 699 18.83 13.33 -11.74
CA MET C 699 19.87 13.83 -10.90
C MET C 699 19.94 15.32 -11.12
N LEU C 700 20.29 15.78 -12.30
CA LEU C 700 20.38 17.21 -12.46
C LEU C 700 19.07 17.84 -12.08
N GLN C 701 17.98 17.17 -12.45
CA GLN C 701 16.68 17.64 -12.00
C GLN C 701 16.73 17.99 -10.54
N MET C 702 17.17 17.04 -9.74
CA MET C 702 17.40 17.38 -8.35
C MET C 702 18.70 18.12 -8.17
N LEU C 703 19.71 17.78 -8.96
CA LEU C 703 20.96 18.50 -8.85
C LEU C 703 20.72 19.97 -9.08
N ASP C 704 19.97 20.29 -10.12
CA ASP C 704 19.55 21.66 -10.24
C ASP C 704 18.67 22.02 -9.06
N ASP C 705 18.47 23.32 -8.89
CA ASP C 705 17.57 23.83 -7.87
C ASP C 705 18.11 23.49 -6.50
N GLY C 706 18.92 24.37 -5.97
CA GLY C 706 19.44 24.20 -4.64
C GLY C 706 18.41 24.31 -3.54
N ARG C 707 17.11 24.27 -3.85
CA ARG C 707 16.11 24.08 -2.81
C ARG C 707 15.10 23.04 -3.25
N ILE C 708 15.08 21.88 -2.59
CA ILE C 708 14.17 20.83 -3.03
C ILE C 708 13.67 20.02 -1.84
N THR C 709 12.97 18.93 -2.14
CA THR C 709 12.28 18.07 -1.21
C THR C 709 12.14 16.70 -1.86
N SER C 710 12.19 15.66 -1.03
CA SER C 710 12.45 14.32 -1.53
C SER C 710 11.35 13.85 -2.46
N GLY C 711 11.72 12.93 -3.35
CA GLY C 711 10.72 12.14 -4.03
C GLY C 711 9.91 11.29 -3.08
N GLN C 712 10.41 11.07 -1.89
CA GLN C 712 9.57 10.59 -0.81
C GLN C 712 8.89 11.75 -0.11
N GLY C 713 9.06 12.97 -0.61
CA GLY C 713 8.39 14.10 0.00
C GLY C 713 9.00 14.56 1.31
N LYS C 714 10.29 14.86 1.30
CA LYS C 714 10.99 15.40 2.46
C LYS C 714 12.10 16.31 1.99
N THR C 715 12.31 17.41 2.70
CA THR C 715 13.08 18.52 2.17
C THR C 715 14.43 18.10 1.67
N ILE C 716 14.77 18.56 0.48
CA ILE C 716 16.08 18.35 -0.09
C ILE C 716 16.84 19.66 0.02
N ASP C 717 18.10 19.66 -0.40
CA ASP C 717 18.86 20.87 -0.65
C ASP C 717 19.12 21.67 0.61
N CYS C 718 19.96 21.08 1.46
CA CYS C 718 20.66 21.91 2.41
C CYS C 718 21.51 22.91 1.67
N SER C 719 22.01 22.52 0.50
CA SER C 719 22.43 23.42 -0.57
C SER C 719 23.64 24.24 -0.16
N ASN C 720 23.80 24.38 1.14
CA ASN C 720 25.09 24.73 1.68
C ASN C 720 26.09 23.65 1.31
N CYS C 721 25.79 22.42 1.71
CA CYS C 721 26.58 21.27 1.37
C CYS C 721 26.84 21.20 -0.12
N ILE C 722 28.09 20.97 -0.49
CA ILE C 722 28.47 20.84 -1.88
C ILE C 722 28.21 19.43 -2.37
N VAL C 723 28.06 19.32 -3.68
CA VAL C 723 28.64 18.22 -4.44
C VAL C 723 29.26 18.85 -5.67
N ILE C 724 30.39 18.30 -6.09
CA ILE C 724 30.85 18.46 -7.46
C ILE C 724 31.44 17.14 -7.87
N MET C 725 30.95 16.59 -8.97
CA MET C 725 31.43 15.32 -9.46
C MET C 725 32.07 15.56 -10.81
N THR C 726 33.03 14.71 -11.15
CA THR C 726 34.01 15.11 -12.16
C THR C 726 34.39 13.89 -12.97
N SER C 727 34.65 14.07 -14.25
CA SER C 727 34.75 12.92 -15.13
C SER C 727 35.95 12.95 -16.04
N ALA C 728 36.32 11.74 -16.44
CA ALA C 728 37.49 11.40 -17.23
C ALA C 728 37.20 11.24 -18.70
N LEU C 729 36.00 11.55 -19.14
CA LEU C 729 35.53 11.17 -20.47
C LEU C 729 36.52 11.37 -21.61
N GLY C 730 37.23 12.49 -21.61
CA GLY C 730 37.91 12.99 -22.80
C GLY C 730 39.38 12.66 -23.00
N ALA C 731 39.81 11.52 -22.46
CA ALA C 731 41.24 11.28 -22.30
C ALA C 731 42.03 11.59 -23.55
N GLU C 732 41.39 11.56 -24.69
CA GLU C 732 42.02 11.75 -25.98
C GLU C 732 42.98 12.89 -25.87
N PHE C 733 42.50 13.95 -25.24
CA PHE C 733 43.39 15.03 -24.90
C PHE C 733 44.48 14.55 -23.96
N ILE C 734 44.11 13.94 -22.83
CA ILE C 734 45.16 13.45 -21.95
C ILE C 734 45.97 12.46 -22.72
N ASN C 735 45.33 11.77 -23.66
CA ASN C 735 46.07 10.85 -24.47
C ASN C 735 47.16 11.59 -25.23
N SER C 736 46.90 12.85 -25.56
CA SER C 736 48.00 13.70 -25.98
C SER C 736 48.79 14.08 -24.75
N GLN C 737 50.09 13.84 -24.77
CA GLN C 737 50.96 14.29 -23.70
C GLN C 737 51.54 15.63 -24.10
N GLN C 738 51.13 16.67 -23.41
CA GLN C 738 51.51 18.02 -23.77
C GLN C 738 52.67 18.56 -22.94
N GLY C 739 53.15 17.81 -21.97
CA GLY C 739 53.95 18.42 -20.92
C GLY C 739 53.07 18.85 -19.76
N SER C 740 53.74 19.38 -18.73
CA SER C 740 53.15 19.56 -17.40
C SER C 740 51.78 20.20 -17.45
N LYS C 741 51.76 21.48 -17.76
CA LYS C 741 50.46 22.10 -17.92
C LYS C 741 49.92 21.72 -19.29
N ILE C 742 48.68 22.11 -19.55
CA ILE C 742 47.89 21.53 -20.58
C ILE C 742 47.30 22.66 -21.43
N GLN C 743 46.60 22.30 -22.50
CA GLN C 743 46.38 23.29 -23.55
C GLN C 743 45.04 23.98 -23.49
N GLU C 744 45.11 25.28 -23.73
CA GLU C 744 44.04 25.98 -24.39
C GLU C 744 43.55 25.10 -25.52
N SER C 745 44.47 24.65 -26.34
CA SER C 745 44.16 23.76 -27.45
C SER C 745 43.38 22.57 -26.95
N THR C 746 43.94 21.89 -25.96
CA THR C 746 43.26 20.79 -25.31
C THR C 746 41.84 21.17 -25.00
N LYS C 747 41.72 22.12 -24.11
CA LYS C 747 40.50 22.30 -23.37
C LYS C 747 39.31 22.47 -24.27
N ASN C 748 39.55 22.52 -25.57
CA ASN C 748 38.50 22.95 -26.44
C ASN C 748 37.59 21.79 -26.76
N LEU C 749 38.03 20.91 -27.66
CA LEU C 749 37.16 19.81 -28.08
C LEU C 749 36.72 19.02 -26.87
N VAL C 750 37.46 19.18 -25.81
CA VAL C 750 36.97 18.89 -24.48
C VAL C 750 35.55 19.39 -24.36
N MET C 751 35.39 20.69 -24.47
CA MET C 751 34.04 21.22 -24.52
C MET C 751 33.20 20.48 -25.54
N GLY C 752 33.77 20.17 -26.68
CA GLY C 752 33.03 19.30 -27.55
C GLY C 752 32.76 18.04 -26.79
N ALA C 753 33.84 17.41 -26.33
CA ALA C 753 33.70 16.20 -25.54
C ALA C 753 32.67 16.42 -24.46
N VAL C 754 32.68 17.61 -23.87
CA VAL C 754 31.52 18.01 -23.12
C VAL C 754 30.34 17.97 -24.06
N ARG C 755 30.24 19.01 -24.89
CA ARG C 755 28.92 19.41 -25.37
C ARG C 755 28.15 18.23 -25.89
N GLN C 756 28.89 17.20 -26.29
CA GLN C 756 28.33 16.00 -26.85
C GLN C 756 27.15 15.53 -26.06
N HIS C 757 27.39 14.98 -24.89
CA HIS C 757 26.35 14.23 -24.23
C HIS C 757 25.93 14.96 -22.99
N PHE C 758 24.90 15.78 -23.10
CA PHE C 758 24.44 16.67 -22.03
C PHE C 758 23.24 17.47 -22.50
N ARG C 759 22.54 17.99 -21.55
CA ARG C 759 21.72 19.15 -21.81
C ARG C 759 22.58 20.38 -21.74
N PRO C 760 22.52 21.24 -22.75
CA PRO C 760 23.16 22.54 -22.60
C PRO C 760 22.71 23.23 -21.35
N GLU C 761 21.42 23.23 -21.05
CA GLU C 761 20.97 23.75 -19.77
C GLU C 761 21.83 23.20 -18.66
N PHE C 762 22.03 21.90 -18.67
CA PHE C 762 22.85 21.29 -17.65
C PHE C 762 24.13 22.06 -17.43
N LEU C 763 24.63 22.70 -18.47
CA LEU C 763 25.90 23.39 -18.35
C LEU C 763 25.76 24.70 -17.58
N ASN C 764 24.58 25.27 -17.58
CA ASN C 764 24.44 26.65 -17.11
C ASN C 764 24.65 26.70 -15.63
N ARG C 765 24.25 25.64 -14.96
CA ARG C 765 24.75 25.37 -13.64
C ARG C 765 26.25 25.49 -13.59
N ILE C 766 26.93 24.94 -14.60
CA ILE C 766 28.24 24.39 -14.32
C ILE C 766 29.29 25.47 -14.31
N SER C 767 29.95 25.63 -13.17
CA SER C 767 30.97 26.65 -13.02
C SER C 767 32.28 26.25 -13.68
N SER C 768 32.79 25.07 -13.36
CA SER C 768 34.21 24.84 -13.53
C SER C 768 34.53 23.69 -14.47
N ILE C 769 35.83 23.54 -14.67
CA ILE C 769 36.42 22.67 -15.67
C ILE C 769 37.78 22.27 -15.12
N VAL C 770 38.23 21.06 -15.42
CA VAL C 770 39.64 20.80 -15.21
C VAL C 770 40.01 19.43 -15.71
N ILE C 771 41.31 19.21 -15.68
CA ILE C 771 42.04 18.21 -16.34
C ILE C 771 42.62 17.13 -15.46
N PHE C 772 42.63 17.39 -14.17
CA PHE C 772 43.88 17.32 -13.45
C PHE C 772 44.67 18.33 -14.19
N ASN C 773 45.86 17.85 -14.53
CA ASN C 773 46.82 18.36 -15.49
C ASN C 773 47.83 17.24 -15.64
N LYS C 774 48.89 17.50 -16.40
CA LYS C 774 49.96 16.52 -16.47
C LYS C 774 50.95 16.81 -15.35
N LEU C 775 51.02 15.93 -14.37
CA LEU C 775 51.56 16.38 -13.10
C LEU C 775 53.00 15.96 -12.88
N SER C 776 53.18 14.70 -12.48
CA SER C 776 54.49 14.10 -12.48
C SER C 776 55.57 14.92 -11.79
N ARG C 777 56.56 15.33 -12.56
CA ARG C 777 57.91 15.46 -12.07
C ARG C 777 57.98 16.18 -10.75
N LYS C 778 57.82 17.48 -10.79
CA LYS C 778 57.99 18.27 -9.59
C LYS C 778 57.22 17.62 -8.48
N ALA C 779 55.92 17.43 -8.73
CA ALA C 779 55.07 16.69 -7.82
C ALA C 779 55.73 15.40 -7.41
N ILE C 780 55.95 14.53 -8.37
CA ILE C 780 56.52 13.27 -7.99
C ILE C 780 57.92 13.48 -7.44
N HIS C 781 58.66 14.43 -8.00
CA HIS C 781 59.94 14.78 -7.41
C HIS C 781 59.77 15.11 -5.96
N LYS C 782 58.55 15.39 -5.54
CA LYS C 782 58.34 15.58 -4.12
C LYS C 782 57.18 14.72 -3.66
N ILE C 783 55.96 15.09 -4.03
CA ILE C 783 54.80 14.89 -3.17
C ILE C 783 54.78 13.51 -2.59
N VAL C 784 55.45 12.62 -3.25
CA VAL C 784 55.23 11.22 -3.06
C VAL C 784 55.49 10.91 -1.59
N ASP C 785 56.75 10.98 -1.23
CA ASP C 785 57.15 11.03 0.15
C ASP C 785 56.22 11.92 0.91
N ILE C 786 55.96 13.10 0.38
CA ILE C 786 55.08 14.00 1.09
C ILE C 786 53.78 13.28 1.37
N ARG C 787 53.14 12.79 0.30
CA ARG C 787 51.98 11.95 0.49
C ARG C 787 52.30 10.97 1.59
N LEU C 788 53.30 10.15 1.34
CA LEU C 788 53.83 9.29 2.37
C LEU C 788 53.99 10.01 3.68
N LYS C 789 54.68 11.15 3.64
CA LYS C 789 55.23 11.63 4.90
C LYS C 789 54.13 11.58 5.90
N GLU C 790 53.05 12.23 5.54
CA GLU C 790 51.79 12.09 6.20
C GLU C 790 51.60 10.63 6.53
N ILE C 791 51.42 9.85 5.48
CA ILE C 791 51.03 8.47 5.66
C ILE C 791 51.91 7.86 6.73
N GLU C 792 53.20 8.04 6.56
CA GLU C 792 54.09 7.81 7.67
C GLU C 792 53.62 8.58 8.86
N GLU C 793 53.90 9.87 8.82
CA GLU C 793 53.70 10.70 9.98
C GLU C 793 52.32 10.51 10.52
N ARG C 794 51.34 10.69 9.66
CA ARG C 794 49.99 10.52 10.09
C ARG C 794 49.79 9.17 10.70
N PHE C 795 50.60 8.19 10.33
CA PHE C 795 50.19 6.83 10.57
C PHE C 795 49.68 6.69 11.99
N GLU C 796 50.52 6.94 12.98
CA GLU C 796 50.09 6.60 14.31
C GLU C 796 50.79 7.45 15.33
N GLN C 797 50.25 7.36 16.54
CA GLN C 797 50.70 7.90 17.79
C GLN C 797 51.96 7.14 18.20
N ASN C 798 52.31 7.18 19.49
CA ASN C 798 53.55 6.54 19.89
C ASN C 798 53.55 5.07 19.52
N ASP C 799 54.76 4.58 19.31
CA ASP C 799 55.06 3.35 18.61
C ASP C 799 56.56 3.28 18.46
N LYS C 800 57.07 2.22 17.87
CA LYS C 800 58.26 2.45 17.07
C LYS C 800 57.91 3.58 16.15
N HIS C 801 58.67 4.65 16.20
CA HIS C 801 58.21 5.86 15.55
C HIS C 801 58.71 5.88 14.10
N TYR C 802 58.65 7.04 13.47
CA TYR C 802 58.75 7.18 12.03
C TYR C 802 60.19 7.45 11.57
N LYS C 803 60.51 6.95 10.39
CA LYS C 803 61.87 6.97 9.87
C LYS C 803 62.11 8.09 8.90
N LEU C 804 61.68 7.85 7.67
CA LEU C 804 62.14 8.51 6.45
C LEU C 804 63.62 8.19 6.24
N ASN C 805 64.44 9.20 5.97
CA ASN C 805 65.69 9.06 5.24
C ASN C 805 65.45 8.22 4.01
N LEU C 806 64.79 8.77 3.04
CA LEU C 806 64.70 8.08 1.79
C LEU C 806 65.85 8.46 0.89
N THR C 807 66.69 9.37 1.34
CA THR C 807 67.60 10.05 0.43
C THR C 807 66.76 10.36 -0.78
N GLN C 808 67.15 9.89 -1.94
CA GLN C 808 66.34 10.25 -3.08
C GLN C 808 65.97 9.03 -3.87
N GLU C 809 67.01 8.36 -4.33
CA GLU C 809 66.96 7.17 -5.15
C GLU C 809 65.80 6.29 -4.74
N ALA C 810 65.57 6.20 -3.44
CA ALA C 810 64.39 5.53 -2.95
C ALA C 810 63.21 6.07 -3.71
N LYS C 811 62.83 7.31 -3.40
CA LYS C 811 61.67 7.92 -4.03
C LYS C 811 61.72 7.59 -5.49
N ASP C 812 62.89 7.83 -6.04
CA ASP C 812 63.17 7.65 -7.44
C ASP C 812 62.75 6.25 -7.77
N PHE C 813 63.56 5.31 -7.34
CA PHE C 813 63.31 3.92 -7.68
C PHE C 813 61.86 3.63 -7.53
N LEU C 814 61.34 4.01 -6.39
CA LEU C 814 59.96 3.78 -6.08
C LEU C 814 59.16 4.38 -7.19
N ALA C 815 59.04 5.69 -7.20
CA ALA C 815 58.30 6.30 -8.29
C ALA C 815 58.86 5.87 -9.61
N LYS C 816 60.17 5.70 -9.68
CA LYS C 816 60.80 5.28 -10.92
C LYS C 816 60.06 4.09 -11.43
N TYR C 817 60.28 2.96 -10.79
CA TYR C 817 59.48 1.85 -11.23
C TYR C 817 58.06 1.96 -10.73
N GLY C 818 57.87 2.65 -9.65
CA GLY C 818 56.53 2.70 -9.12
C GLY C 818 55.65 3.65 -9.86
N TYR C 819 56.07 4.88 -10.09
CA TYR C 819 55.10 5.79 -10.65
C TYR C 819 54.67 5.33 -12.03
N SER C 820 53.38 5.38 -12.29
CA SER C 820 52.82 5.07 -13.57
C SER C 820 52.03 6.24 -14.08
N ASP C 821 52.37 6.65 -15.29
CA ASP C 821 51.51 7.57 -16.01
C ASP C 821 50.07 7.14 -15.90
N ASP C 822 49.80 5.83 -15.97
CA ASP C 822 48.47 5.38 -15.61
C ASP C 822 48.21 5.78 -14.18
N MET C 823 48.82 5.10 -13.23
CA MET C 823 48.62 5.48 -11.85
C MET C 823 49.93 5.57 -11.09
N GLY C 824 50.45 4.41 -10.74
CA GLY C 824 51.73 4.34 -10.05
C GLY C 824 51.86 5.33 -8.93
N ALA C 825 50.79 5.53 -8.19
CA ALA C 825 50.92 6.40 -7.03
C ALA C 825 50.23 5.85 -5.81
N ARG C 826 48.96 5.98 -5.81
CA ARG C 826 48.19 5.48 -4.70
C ARG C 826 48.38 3.98 -4.80
N PRO C 827 48.30 3.42 -6.00
CA PRO C 827 48.87 2.10 -6.20
C PRO C 827 50.32 2.02 -5.75
N LEU C 828 51.17 2.95 -6.16
CA LEU C 828 52.48 2.99 -5.54
C LEU C 828 52.33 2.90 -4.05
N ASN C 829 51.68 3.89 -3.47
CA ASN C 829 51.46 3.81 -2.05
C ASN C 829 50.93 2.44 -1.73
N ARG C 830 49.93 2.02 -2.49
CA ARG C 830 49.38 0.69 -2.28
C ARG C 830 50.45 -0.36 -2.43
N LEU C 831 51.47 -0.11 -3.23
CA LEU C 831 52.65 -0.88 -2.90
C LEU C 831 53.23 -0.35 -1.63
N ILE C 832 53.52 0.94 -1.63
CA ILE C 832 54.57 1.42 -0.78
C ILE C 832 54.34 1.02 0.64
N GLN C 833 53.09 0.81 1.00
CA GLN C 833 52.82 0.07 2.21
C GLN C 833 53.71 -1.15 2.30
N ASN C 834 53.99 -1.77 1.18
CA ASN C 834 54.76 -2.98 1.29
C ASN C 834 56.18 -2.63 1.64
N GLU C 835 56.59 -1.45 1.21
CA GLU C 835 57.88 -0.98 1.67
C GLU C 835 57.86 -0.71 3.15
N ILE C 836 56.68 -0.49 3.69
CA ILE C 836 56.61 -0.44 5.13
C ILE C 836 57.03 -1.78 5.64
N LEU C 837 56.16 -2.71 5.34
CA LEU C 837 56.01 -3.87 6.18
C LEU C 837 57.24 -4.72 6.13
N ASN C 838 57.79 -4.87 4.94
CA ASN C 838 59.10 -5.46 4.84
C ASN C 838 60.00 -4.87 5.90
N LYS C 839 59.94 -3.57 6.04
CA LYS C 839 60.65 -2.99 7.16
C LYS C 839 59.85 -3.13 8.43
N LEU C 840 58.53 -3.19 8.35
CA LEU C 840 57.82 -3.00 9.59
C LEU C 840 58.16 -4.03 10.67
N ALA C 841 57.68 -5.26 10.52
CA ALA C 841 58.04 -6.27 11.50
C ALA C 841 59.53 -6.38 11.62
N LEU C 842 60.23 -6.02 10.55
CA LEU C 842 61.64 -6.25 10.46
C LEU C 842 62.37 -5.92 11.75
N ARG C 843 62.13 -4.77 12.35
CA ARG C 843 62.75 -4.63 13.65
C ARG C 843 61.84 -4.99 14.80
N ILE C 844 60.54 -5.17 14.57
CA ILE C 844 59.85 -6.08 15.48
C ILE C 844 60.63 -7.35 15.52
N LEU C 845 60.96 -7.84 14.34
CA LEU C 845 61.94 -8.87 14.21
C LEU C 845 63.27 -8.38 14.75
N LYS C 846 63.93 -7.49 14.00
CA LYS C 846 65.34 -7.18 14.25
C LYS C 846 65.59 -6.85 15.71
N ASN C 847 64.69 -6.09 16.32
CA ASN C 847 64.79 -5.85 17.75
C ASN C 847 66.09 -5.15 18.10
N GLU C 848 66.72 -4.48 17.14
CA GLU C 848 67.89 -3.70 17.50
C GLU C 848 67.48 -2.42 18.21
N ILE C 849 66.39 -1.80 17.76
CA ILE C 849 66.11 -0.41 18.06
C ILE C 849 64.69 -0.32 18.61
N LYS C 850 64.38 0.82 19.24
CA LYS C 850 63.00 1.23 19.43
C LYS C 850 62.68 2.48 18.64
N ASP C 851 63.13 3.62 19.12
CA ASP C 851 62.68 4.85 18.53
C ASP C 851 63.88 5.66 18.13
N LYS C 852 63.64 6.90 17.75
CA LYS C 852 64.68 7.75 17.21
C LYS C 852 65.27 7.07 15.98
N GLU C 853 64.40 7.03 14.98
CA GLU C 853 64.43 6.00 13.98
C GLU C 853 64.33 6.67 12.63
N THR C 854 65.39 6.56 11.84
CA THR C 854 65.28 6.90 10.44
C THR C 854 66.38 6.19 9.68
N VAL C 855 66.07 5.66 8.50
CA VAL C 855 67.04 4.89 7.71
C VAL C 855 66.66 4.95 6.24
N ASN C 856 67.63 4.68 5.38
CA ASN C 856 67.34 4.47 3.97
C ASN C 856 67.00 3.01 3.69
N VAL C 857 66.81 2.72 2.42
CA VAL C 857 66.35 1.44 1.91
C VAL C 857 67.06 1.16 0.60
N VAL C 858 67.72 0.00 0.49
CA VAL C 858 68.85 -0.16 -0.40
C VAL C 858 68.87 -1.55 -1.03
N LEU C 859 69.21 -1.58 -2.32
CA LEU C 859 69.31 -2.77 -3.18
C LEU C 859 68.66 -4.03 -2.62
N GLU C 872 61.60 -10.38 -15.16
CA GLU C 872 61.05 -9.44 -16.12
C GLU C 872 61.68 -8.08 -16.01
N ALA C 873 60.94 -7.18 -15.37
CA ALA C 873 61.32 -5.79 -15.19
C ALA C 873 62.07 -5.63 -13.88
N GLU C 874 62.17 -4.39 -13.41
CA GLU C 874 62.66 -3.96 -12.10
C GLU C 874 64.13 -4.34 -11.91
N GLU C 875 64.55 -4.59 -10.67
CA GLU C 875 65.98 -4.62 -10.34
C GLU C 875 66.17 -4.97 -8.87
N CYS C 876 67.29 -4.52 -8.30
CA CYS C 876 67.66 -4.80 -6.92
C CYS C 876 66.49 -4.63 -5.96
N LEU C 877 65.68 -3.60 -6.13
CA LEU C 877 64.43 -3.39 -5.41
C LEU C 877 64.64 -2.80 -4.02
N GLU C 878 65.86 -2.48 -3.62
CA GLU C 878 66.10 -1.77 -2.38
C GLU C 878 65.76 -2.57 -1.13
N VAL C 879 64.94 -1.99 -0.27
CA VAL C 879 64.55 -2.59 0.99
C VAL C 879 65.73 -2.75 1.94
N LEU C 880 66.18 -1.66 2.55
CA LEU C 880 67.16 -1.71 3.62
C LEU C 880 66.53 -1.54 4.99
N PRO C 881 66.64 -2.55 5.86
CA PRO C 881 66.22 -2.37 7.27
C PRO C 881 66.99 -1.31 8.03
N ASN C 882 68.30 -1.40 8.00
CA ASN C 882 69.14 -0.61 8.87
C ASN C 882 69.43 0.73 8.21
N GLN D 6 -40.94 18.27 23.85
CA GLN D 6 -40.27 18.98 24.95
C GLN D 6 -40.70 20.43 24.97
N PHE D 7 -41.58 20.81 24.04
CA PHE D 7 -42.11 22.17 23.98
C PHE D 7 -43.63 22.18 24.07
N THR D 8 -44.35 21.77 23.02
CA THR D 8 -45.80 21.61 23.06
C THR D 8 -46.29 21.21 21.68
N GLU D 9 -47.48 20.63 21.62
CA GLU D 9 -48.14 20.27 20.38
C GLU D 9 -47.42 19.16 19.60
N ARG D 10 -46.22 18.80 20.04
CA ARG D 10 -45.43 17.79 19.35
C ARG D 10 -46.20 16.49 19.28
N ALA D 11 -46.37 15.82 20.41
CA ALA D 11 -47.19 14.63 20.46
C ALA D 11 -47.56 14.31 21.90
N LEU D 12 -48.59 13.47 22.04
CA LEU D 12 -48.76 12.61 23.20
C LEU D 12 -49.07 11.23 22.64
N THR D 13 -48.16 10.28 22.85
CA THR D 13 -48.28 8.99 22.16
C THR D 13 -49.58 8.31 22.53
N ILE D 14 -49.80 8.09 23.82
CA ILE D 14 -51.11 7.74 24.31
C ILE D 14 -51.80 9.05 24.61
N LEU D 15 -51.21 9.84 25.52
CA LEU D 15 -51.85 11.02 26.06
C LEU D 15 -52.37 11.96 24.99
N THR D 16 -51.77 11.98 23.81
CA THR D 16 -52.30 12.83 22.76
C THR D 16 -53.59 12.26 22.19
N LEU D 17 -53.82 10.97 22.36
CA LEU D 17 -55.07 10.33 21.94
C LEU D 17 -56.07 10.16 23.07
N ALA D 18 -55.71 10.54 24.30
CA ALA D 18 -56.54 10.29 25.48
C ALA D 18 -57.93 10.90 25.39
N GLN D 19 -58.01 12.23 25.50
CA GLN D 19 -59.24 12.94 25.19
C GLN D 19 -59.26 13.47 23.77
N LYS D 20 -58.14 13.42 23.05
CA LYS D 20 -57.98 14.07 21.76
C LYS D 20 -58.21 13.16 20.58
N LEU D 21 -58.48 11.87 20.80
CA LEU D 21 -58.87 11.02 19.69
C LEU D 21 -60.16 11.52 19.06
N ALA D 22 -60.98 12.22 19.85
CA ALA D 22 -62.15 12.92 19.34
C ALA D 22 -62.24 14.27 20.04
N SER D 23 -63.11 15.14 19.53
CA SER D 23 -63.25 16.45 20.14
C SER D 23 -64.30 16.44 21.24
N ASP D 24 -65.58 16.43 20.87
CA ASP D 24 -66.66 16.25 21.83
C ASP D 24 -67.74 15.37 21.23
N HIS D 25 -67.99 14.20 21.83
CA HIS D 25 -69.17 13.43 21.49
C HIS D 25 -69.91 12.97 22.74
N GLN D 26 -69.34 11.98 23.44
CA GLN D 26 -69.86 11.48 24.70
C GLN D 26 -69.13 12.05 25.90
N HIS D 27 -68.18 12.95 25.69
CA HIS D 27 -67.27 13.38 26.75
C HIS D 27 -66.45 12.19 27.24
N PRO D 28 -65.77 11.47 26.33
CA PRO D 28 -64.86 10.41 26.78
C PRO D 28 -63.56 10.91 27.39
N GLN D 29 -63.21 12.19 27.19
CA GLN D 29 -61.89 12.69 27.58
C GLN D 29 -61.60 12.54 29.06
N LEU D 30 -62.62 12.36 29.89
CA LEU D 30 -62.46 12.16 31.33
C LEU D 30 -62.96 10.76 31.69
N GLN D 31 -62.03 9.90 32.09
CA GLN D 31 -62.39 8.56 32.56
C GLN D 31 -61.22 7.93 33.30
N PRO D 32 -61.39 6.75 33.89
CA PRO D 32 -60.29 6.17 34.69
C PRO D 32 -59.04 5.88 33.88
N ILE D 33 -59.20 5.26 32.72
CA ILE D 33 -58.08 5.04 31.81
C ILE D 33 -57.77 6.33 31.06
N HIS D 34 -56.55 6.41 30.54
CA HIS D 34 -56.12 7.49 29.67
C HIS D 34 -56.33 7.19 28.20
N ILE D 35 -57.01 6.10 27.87
CA ILE D 35 -57.04 5.53 26.51
C ILE D 35 -58.22 6.03 25.68
N LEU D 36 -58.93 7.04 26.16
CA LEU D 36 -60.31 7.28 25.73
C LEU D 36 -60.49 7.72 24.28
N ALA D 37 -60.03 8.92 23.93
CA ALA D 37 -60.28 9.47 22.60
C ALA D 37 -59.86 8.47 21.52
N ALA D 38 -58.72 7.81 21.70
CA ALA D 38 -58.32 6.69 20.86
C ALA D 38 -57.43 5.77 21.68
N PHE D 39 -57.54 4.46 21.47
CA PHE D 39 -56.63 3.52 22.10
C PHE D 39 -55.81 2.84 21.01
N ILE D 40 -54.54 3.28 20.90
CA ILE D 40 -53.50 2.65 20.08
C ILE D 40 -53.99 2.26 18.70
N GLU D 41 -54.94 3.00 18.14
CA GLU D 41 -55.60 2.54 16.93
C GLU D 41 -56.21 1.16 17.19
N THR D 42 -55.67 0.14 16.55
CA THR D 42 -56.05 -1.24 16.74
C THR D 42 -54.85 -1.97 17.35
N PRO D 43 -54.92 -3.30 17.55
CA PRO D 43 -53.90 -3.97 18.36
C PRO D 43 -52.54 -4.10 17.70
N GLU D 44 -52.03 -3.00 17.17
CA GLU D 44 -50.66 -2.91 16.68
C GLU D 44 -50.31 -1.44 16.61
N ASP D 45 -49.02 -1.13 16.57
CA ASP D 45 -48.64 0.27 16.49
C ASP D 45 -48.51 0.58 15.01
N GLY D 46 -49.56 1.20 14.48
CA GLY D 46 -49.49 2.12 13.37
C GLY D 46 -49.83 3.50 13.86
N SER D 47 -49.89 3.68 15.16
CA SER D 47 -50.50 4.80 15.87
C SER D 47 -49.80 4.85 17.22
N VAL D 48 -50.42 5.50 18.19
CA VAL D 48 -49.92 5.48 19.57
C VAL D 48 -49.91 4.04 20.04
N PRO D 49 -49.60 3.78 21.31
CA PRO D 49 -49.08 2.46 21.67
C PRO D 49 -50.03 1.32 21.40
N TYR D 50 -50.15 0.96 20.11
CA TYR D 50 -51.05 -0.09 19.68
C TYR D 50 -50.38 -1.46 19.76
N LEU D 51 -51.11 -2.42 20.33
CA LEU D 51 -50.71 -3.82 20.40
C LEU D 51 -49.31 -4.01 20.96
N GLN D 52 -48.55 -4.92 20.38
CA GLN D 52 -47.18 -5.11 20.79
C GLN D 52 -46.41 -3.82 20.54
N ASN D 53 -45.61 -3.41 21.51
CA ASN D 53 -44.88 -2.16 21.40
C ASN D 53 -43.87 -2.09 22.55
N LEU D 54 -43.16 -0.96 22.63
CA LEU D 54 -42.20 -0.71 23.69
C LEU D 54 -42.85 -0.76 25.07
N ILE D 55 -44.18 -0.75 25.12
CA ILE D 55 -44.87 -1.23 26.31
C ILE D 55 -44.24 -2.54 26.76
N GLU D 56 -44.28 -3.55 25.89
CA GLU D 56 -43.40 -4.68 26.07
C GLU D 56 -43.65 -5.66 24.92
N LYS D 57 -42.67 -6.50 24.67
CA LYS D 57 -42.84 -7.60 23.73
C LYS D 57 -43.58 -8.76 24.38
N GLY D 58 -43.13 -9.16 25.57
CA GLY D 58 -43.79 -10.20 26.33
C GLY D 58 -44.94 -9.72 27.18
N ARG D 59 -45.07 -8.40 27.36
CA ARG D 59 -46.14 -7.80 28.13
C ARG D 59 -46.84 -6.77 27.26
N TYR D 60 -48.09 -7.05 26.90
CA TYR D 60 -48.89 -6.13 26.11
C TYR D 60 -50.35 -6.48 26.35
N ASP D 61 -51.22 -5.53 26.03
CA ASP D 61 -52.66 -5.69 26.23
C ASP D 61 -53.23 -6.27 24.93
N TYR D 62 -53.65 -7.53 24.98
CA TYR D 62 -54.28 -8.15 23.83
C TYR D 62 -55.73 -7.70 23.71
N ASP D 63 -56.48 -7.77 24.81
CA ASP D 63 -57.80 -7.17 24.89
C ASP D 63 -57.76 -5.74 25.39
N LEU D 64 -56.54 -5.20 25.62
CA LEU D 64 -56.39 -3.89 26.23
C LEU D 64 -57.01 -2.76 25.41
N PHE D 65 -57.19 -2.97 24.10
CA PHE D 65 -57.89 -1.98 23.29
C PHE D 65 -59.26 -1.68 23.88
N LYS D 66 -60.06 -2.72 24.11
CA LYS D 66 -61.31 -2.54 24.84
C LYS D 66 -61.03 -2.24 26.30
N LYS D 67 -59.93 -2.75 26.85
CA LYS D 67 -59.65 -2.61 28.27
C LYS D 67 -59.11 -1.22 28.62
N VAL D 68 -58.14 -0.73 27.85
CA VAL D 68 -57.56 0.57 28.16
C VAL D 68 -58.47 1.69 27.67
N VAL D 69 -59.01 1.56 26.47
CA VAL D 69 -59.85 2.60 25.91
C VAL D 69 -61.20 2.66 26.60
N ASN D 70 -61.65 1.56 27.19
CA ASN D 70 -62.95 1.54 27.84
C ASN D 70 -62.87 2.37 29.12
N ARG D 71 -62.06 1.92 30.08
CA ARG D 71 -61.74 2.77 31.21
C ARG D 71 -61.19 4.11 30.75
N ASN D 72 -60.53 4.14 29.60
CA ASN D 72 -60.20 5.41 28.97
C ASN D 72 -61.48 6.19 28.75
N LEU D 73 -62.29 5.77 27.78
CA LEU D 73 -63.55 6.46 27.53
C LEU D 73 -64.76 5.52 27.53
N VAL D 74 -64.97 4.80 26.43
CA VAL D 74 -66.28 4.20 26.14
C VAL D 74 -67.30 5.27 26.50
N ARG D 75 -67.24 6.41 25.81
CA ARG D 75 -67.58 7.68 26.41
C ARG D 75 -69.03 8.07 26.20
N ILE D 76 -69.81 8.01 27.26
CA ILE D 76 -70.85 9.01 27.50
C ILE D 76 -70.71 9.37 28.97
N PRO D 77 -69.49 9.65 29.46
CA PRO D 77 -69.35 10.25 30.79
C PRO D 77 -69.00 11.73 30.74
N GLN D 78 -69.84 12.55 30.11
CA GLN D 78 -69.43 13.92 29.87
C GLN D 78 -70.49 14.92 30.34
N GLN D 79 -71.64 14.90 29.68
CA GLN D 79 -72.70 15.90 29.77
C GLN D 79 -72.46 17.07 28.82
N GLN D 80 -71.29 17.16 28.20
CA GLN D 80 -71.07 18.12 27.14
C GLN D 80 -69.89 17.69 26.28
N PRO D 81 -69.61 18.39 25.18
CA PRO D 81 -68.40 18.08 24.40
C PRO D 81 -67.14 18.43 25.17
N ALA D 82 -67.26 19.33 26.13
CA ALA D 82 -66.28 19.50 27.21
C ALA D 82 -67.07 19.17 28.46
N PRO D 83 -67.49 17.91 28.60
CA PRO D 83 -68.36 17.54 29.73
C PRO D 83 -67.74 17.78 31.08
N ALA D 84 -66.43 17.96 31.15
CA ALA D 84 -65.74 18.26 32.40
C ALA D 84 -64.60 19.22 32.13
N GLU D 85 -64.14 19.87 33.20
CA GLU D 85 -62.94 20.70 33.09
C GLU D 85 -61.78 19.78 32.73
N ILE D 86 -61.12 20.08 31.61
CA ILE D 86 -60.18 19.14 31.02
C ILE D 86 -60.91 17.83 30.77
N THR D 87 -60.25 16.71 31.08
CA THR D 87 -60.85 15.38 30.97
C THR D 87 -60.42 14.59 32.19
N PRO D 88 -60.91 14.96 33.37
CA PRO D 88 -60.41 14.35 34.60
C PRO D 88 -60.88 12.92 34.78
N SER D 89 -60.00 12.08 35.31
CA SER D 89 -60.30 10.68 35.57
C SER D 89 -59.18 10.12 36.44
N TYR D 90 -59.24 8.81 36.68
CA TYR D 90 -58.21 8.16 37.49
C TYR D 90 -56.84 8.34 36.85
N ALA D 91 -56.68 7.87 35.62
CA ALA D 91 -55.49 8.25 34.87
C ALA D 91 -55.55 9.70 34.45
N LEU D 92 -56.77 10.26 34.32
CA LEU D 92 -56.91 11.63 33.85
C LEU D 92 -56.43 12.64 34.88
N GLY D 93 -56.99 12.59 36.09
CA GLY D 93 -56.47 13.39 37.17
C GLY D 93 -55.02 13.04 37.46
N LYS D 94 -54.63 11.81 37.13
CA LYS D 94 -53.25 11.38 37.20
C LYS D 94 -52.36 12.16 36.24
N VAL D 95 -52.93 13.08 35.44
CA VAL D 95 -52.15 13.82 34.46
C VAL D 95 -50.91 14.43 35.09
N LEU D 96 -50.93 14.69 36.39
CA LEU D 96 -49.70 14.96 37.11
C LEU D 96 -48.66 13.88 36.85
N GLN D 97 -49.06 12.61 36.97
CA GLN D 97 -48.21 11.49 36.58
C GLN D 97 -48.49 11.00 35.17
N ASP D 98 -49.44 11.61 34.45
CA ASP D 98 -49.61 11.29 33.04
C ASP D 98 -48.38 11.74 32.25
N ALA D 99 -48.03 13.02 32.36
CA ALA D 99 -46.69 13.43 31.96
C ALA D 99 -45.66 12.58 32.69
N ALA D 100 -45.92 12.26 33.97
CA ALA D 100 -45.04 11.37 34.70
C ALA D 100 -44.92 10.00 34.05
N LYS D 101 -45.81 9.68 33.10
CA LYS D 101 -45.64 8.47 32.30
C LYS D 101 -44.26 8.43 31.66
N ILE D 102 -43.74 9.59 31.26
CA ILE D 102 -42.35 9.71 30.85
C ILE D 102 -41.44 10.20 31.97
N GLN D 103 -41.95 10.35 33.19
CA GLN D 103 -41.24 11.11 34.22
C GLN D 103 -40.03 10.36 34.76
N LYS D 104 -40.27 9.28 35.50
CA LYS D 104 -39.19 8.56 36.16
C LYS D 104 -38.39 7.76 35.14
N GLN D 105 -37.47 6.94 35.63
CA GLN D 105 -36.63 6.13 34.74
C GLN D 105 -37.49 5.28 33.82
N GLN D 106 -36.98 5.06 32.62
CA GLN D 106 -37.56 4.24 31.54
C GLN D 106 -38.61 4.97 30.72
N LYS D 107 -39.08 6.13 31.17
CA LYS D 107 -40.00 6.95 30.39
C LYS D 107 -39.29 8.27 30.12
N ASP D 108 -39.76 8.99 29.11
CA ASP D 108 -39.14 10.23 28.69
C ASP D 108 -40.14 11.38 28.85
N SER D 109 -39.80 12.35 29.70
CA SER D 109 -40.54 13.61 29.82
C SER D 109 -42.00 13.32 30.11
N PHE D 110 -42.95 13.64 29.22
CA PHE D 110 -44.30 13.12 29.36
C PHE D 110 -44.38 11.67 28.90
N ILE D 111 -43.74 11.36 27.78
CA ILE D 111 -43.72 10.05 27.14
C ILE D 111 -42.94 10.25 25.85
N ALA D 112 -42.72 9.20 25.08
CA ALA D 112 -42.15 9.47 23.77
C ALA D 112 -42.03 8.18 22.99
N GLN D 113 -41.96 8.33 21.67
CA GLN D 113 -42.00 7.21 20.74
C GLN D 113 -43.20 6.32 21.07
N ASP D 114 -43.00 5.01 20.98
CA ASP D 114 -44.00 4.08 21.47
C ASP D 114 -44.16 4.19 22.98
N HIS D 115 -43.09 4.54 23.69
CA HIS D 115 -43.23 4.88 25.10
C HIS D 115 -44.16 6.07 25.29
N ILE D 116 -44.53 6.78 24.22
CA ILE D 116 -45.61 7.74 24.32
C ILE D 116 -46.95 7.04 24.54
N LEU D 117 -47.09 5.80 24.07
CA LEU D 117 -48.36 5.07 24.18
C LEU D 117 -48.89 4.82 25.59
N PHE D 118 -48.27 3.89 26.32
CA PHE D 118 -48.93 3.32 27.52
C PHE D 118 -48.72 4.14 28.79
N ALA D 119 -47.49 4.59 29.05
CA ALA D 119 -47.14 5.07 30.39
C ALA D 119 -47.87 6.37 30.73
N LEU D 120 -47.97 7.28 29.77
CA LEU D 120 -48.70 8.52 29.99
C LEU D 120 -50.15 8.24 30.40
N PHE D 121 -50.72 7.15 29.88
CA PHE D 121 -52.06 6.74 30.31
C PHE D 121 -52.12 6.50 31.81
N ASN D 122 -50.99 6.21 32.46
CA ASN D 122 -50.95 5.97 33.89
C ASN D 122 -51.92 4.84 34.18
N ASP D 123 -52.99 5.06 34.95
CA ASP D 123 -53.99 4.03 35.20
C ASP D 123 -54.81 3.79 33.95
N SER D 124 -54.96 2.51 33.60
CA SER D 124 -55.89 2.07 32.57
C SER D 124 -55.84 0.55 32.49
N SER D 125 -56.94 -0.07 32.04
CA SER D 125 -57.14 -1.51 32.23
C SER D 125 -57.26 -1.81 33.72
N ILE D 126 -56.86 -0.85 34.54
CA ILE D 126 -56.79 -0.88 36.00
C ILE D 126 -56.06 0.41 36.33
N GLN D 127 -55.87 0.72 37.61
CA GLN D 127 -54.92 1.80 37.86
C GLN D 127 -53.57 1.17 37.58
N GLN D 128 -53.11 0.32 38.49
CA GLN D 128 -52.37 -0.88 38.13
C GLN D 128 -52.94 -1.95 39.05
N ILE D 129 -53.70 -2.89 38.52
CA ILE D 129 -54.26 -3.92 39.39
C ILE D 129 -54.07 -5.33 38.82
N PHE D 130 -54.87 -5.68 37.82
CA PHE D 130 -54.77 -7.00 37.20
C PHE D 130 -54.88 -6.84 35.69
N LYS D 131 -53.80 -7.11 34.98
CA LYS D 131 -53.83 -7.19 33.53
C LYS D 131 -52.39 -7.30 33.04
N GLU D 132 -52.21 -7.71 31.80
CA GLU D 132 -50.92 -7.55 31.14
C GLU D 132 -51.19 -6.53 30.05
N ALA D 133 -50.75 -5.30 30.27
CA ALA D 133 -50.76 -4.28 29.23
C ALA D 133 -49.43 -3.54 29.31
N GLN D 134 -48.59 -3.73 28.30
CA GLN D 134 -47.44 -2.89 28.00
C GLN D 134 -46.62 -2.48 29.23
N VAL D 135 -46.23 -1.20 29.26
CA VAL D 135 -45.45 -0.60 30.34
C VAL D 135 -45.05 0.80 29.88
N ASP D 136 -44.53 1.62 30.78
CA ASP D 136 -44.02 2.93 30.37
C ASP D 136 -42.56 3.14 30.76
N ILE D 137 -42.31 3.47 32.04
CA ILE D 137 -40.95 3.65 32.52
C ILE D 137 -40.40 2.44 33.27
N GLU D 138 -41.22 1.43 33.54
CA GLU D 138 -40.80 0.29 34.32
C GLU D 138 -41.10 -0.97 33.54
N ALA D 139 -42.39 -1.21 33.27
CA ALA D 139 -42.81 -2.36 32.48
C ALA D 139 -42.28 -2.30 31.05
N ILE D 140 -41.73 -1.17 30.61
CA ILE D 140 -41.16 -1.07 29.27
C ILE D 140 -39.68 -1.43 29.25
N LYS D 141 -39.12 -1.88 30.37
CA LYS D 141 -37.68 -2.17 30.43
C LYS D 141 -37.25 -3.10 29.31
N GLN D 142 -38.10 -4.05 28.94
CA GLN D 142 -37.84 -4.85 27.75
C GLN D 142 -38.09 -4.04 26.48
N GLN D 143 -39.27 -3.43 26.39
CA GLN D 143 -39.67 -2.69 25.19
C GLN D 143 -38.93 -1.37 25.02
N ALA D 144 -38.12 -0.98 26.00
CA ALA D 144 -37.40 0.28 25.91
C ALA D 144 -36.48 0.36 24.71
N LEU D 145 -36.17 -0.78 24.07
CA LEU D 145 -35.38 -0.71 22.86
C LEU D 145 -36.14 0.01 21.76
N GLU D 146 -37.37 -0.39 21.50
CA GLU D 146 -38.11 0.12 20.37
C GLU D 146 -39.02 1.27 20.80
N LEU D 147 -40.09 0.95 21.53
CA LEU D 147 -41.00 2.00 21.98
C LEU D 147 -40.27 3.00 22.85
N ARG D 148 -39.12 2.61 23.40
CA ARG D 148 -38.24 3.53 24.09
C ARG D 148 -37.03 3.83 23.21
N GLY D 149 -36.11 4.64 23.71
CA GLY D 149 -34.97 5.09 22.94
C GLY D 149 -35.06 6.50 22.41
N ASN D 150 -35.98 7.32 22.92
CA ASN D 150 -36.20 8.64 22.35
C ASN D 150 -34.97 9.49 22.66
N THR D 151 -34.75 9.77 23.93
CA THR D 151 -33.49 10.38 24.35
C THR D 151 -33.42 11.83 23.91
N ARG D 152 -34.27 12.20 22.97
CA ARG D 152 -34.52 13.59 22.60
C ARG D 152 -36.03 13.72 22.58
N ILE D 153 -36.56 14.50 23.54
CA ILE D 153 -37.99 14.74 23.66
C ILE D 153 -38.43 16.11 23.14
N ASP D 154 -37.50 16.96 22.69
CA ASP D 154 -37.81 18.35 22.43
C ASP D 154 -37.33 18.78 21.06
N SER D 155 -38.01 19.78 20.50
CA SER D 155 -37.72 20.47 19.25
C SER D 155 -38.13 19.71 17.99
N ARG D 156 -38.44 18.42 18.06
CA ARG D 156 -38.75 17.61 16.88
C ARG D 156 -40.08 16.91 17.07
N GLY D 157 -40.87 16.85 16.00
CA GLY D 157 -42.22 16.32 16.09
C GLY D 157 -42.19 14.80 16.25
N ALA D 158 -43.08 14.30 17.12
CA ALA D 158 -43.25 12.86 17.26
C ALA D 158 -43.73 12.24 15.96
N ASP D 159 -44.95 12.56 15.57
CA ASP D 159 -45.55 12.11 14.30
C ASP D 159 -45.64 10.58 14.30
N THR D 160 -45.08 9.90 13.31
CA THR D 160 -45.23 8.46 13.20
C THR D 160 -44.50 7.78 14.36
N ASN D 161 -44.88 6.53 14.60
CA ASN D 161 -44.28 5.75 15.68
C ASN D 161 -42.78 5.90 15.65
N THR D 162 -42.14 5.41 14.60
CA THR D 162 -40.69 5.43 14.43
C THR D 162 -40.02 5.10 15.76
N PRO D 163 -40.41 4.01 16.42
CA PRO D 163 -39.80 3.67 17.70
C PRO D 163 -38.40 3.12 17.50
N LEU D 164 -37.63 3.09 18.59
CA LEU D 164 -36.30 2.51 18.53
C LEU D 164 -35.50 3.21 17.44
N GLU D 165 -35.27 2.49 16.35
CA GLU D 165 -34.67 2.87 15.08
C GLU D 165 -33.26 3.41 15.31
N TYR D 166 -32.74 4.29 14.46
CA TYR D 166 -31.41 4.82 14.74
C TYR D 166 -31.37 6.23 14.20
N LEU D 167 -31.84 7.17 14.98
CA LEU D 167 -32.58 8.17 14.25
C LEU D 167 -31.67 9.32 13.91
N SER D 168 -31.10 9.95 14.92
CA SER D 168 -29.95 10.78 14.65
C SER D 168 -29.03 10.02 13.74
N LYS D 169 -28.53 8.92 14.23
CA LYS D 169 -27.48 8.32 13.48
C LYS D 169 -28.04 7.57 12.31
N TYR D 170 -29.35 7.58 12.15
CA TYR D 170 -29.82 7.56 10.77
C TYR D 170 -29.06 8.57 9.95
N ALA D 171 -29.44 9.83 10.13
CA ALA D 171 -29.31 10.82 9.08
C ALA D 171 -29.93 12.13 9.50
N ILE D 172 -29.89 13.12 8.64
CA ILE D 172 -30.28 14.47 8.98
C ILE D 172 -31.18 15.02 7.92
N ASP D 173 -32.39 15.36 8.27
CA ASP D 173 -33.12 16.28 7.44
C ASP D 173 -32.85 17.67 7.93
N MET D 174 -32.07 18.41 7.18
CA MET D 174 -31.86 19.77 7.61
C MET D 174 -33.01 20.66 7.23
N THR D 175 -34.04 20.11 6.60
CA THR D 175 -35.28 20.85 6.55
C THR D 175 -35.66 21.25 7.95
N GLU D 176 -35.14 20.54 8.90
CA GLU D 176 -35.27 20.99 10.26
C GLU D 176 -34.33 22.13 10.53
N GLN D 177 -33.09 21.99 10.10
CA GLN D 177 -32.34 23.22 10.06
C GLN D 177 -32.96 24.19 9.09
N ALA D 178 -33.75 23.71 8.14
CA ALA D 178 -34.58 24.66 7.42
C ALA D 178 -35.74 25.11 8.28
N ARG D 179 -36.35 24.18 9.01
CA ARG D 179 -37.20 24.66 10.10
C ARG D 179 -36.43 25.67 10.91
N GLN D 180 -35.21 25.31 11.28
CA GLN D 180 -34.32 26.31 11.84
C GLN D 180 -34.10 27.43 10.84
N GLY D 181 -34.05 27.10 9.57
CA GLY D 181 -33.56 28.05 8.60
C GLY D 181 -32.07 28.27 8.67
N LYS D 182 -31.39 27.69 9.67
CA LYS D 182 -30.02 28.06 9.98
C LYS D 182 -29.07 27.84 8.84
N LEU D 183 -29.48 27.12 7.81
CA LEU D 183 -28.65 27.00 6.64
C LEU D 183 -28.69 28.26 5.81
N ASP D 184 -28.09 28.17 4.65
CA ASP D 184 -27.74 29.35 3.87
C ASP D 184 -28.54 29.33 2.59
N PRO D 185 -29.57 30.15 2.45
CA PRO D 185 -30.34 30.14 1.20
C PRO D 185 -29.52 30.65 0.04
N VAL D 186 -28.54 29.83 -0.35
CA VAL D 186 -27.52 30.27 -1.27
C VAL D 186 -27.96 29.83 -2.66
N ILE D 187 -28.38 30.76 -3.49
CA ILE D 187 -29.26 30.35 -4.57
C ILE D 187 -28.73 30.74 -5.93
N GLY D 188 -29.54 30.48 -6.97
CA GLY D 188 -29.36 31.02 -8.30
C GLY D 188 -28.93 30.03 -9.38
N ARG D 189 -28.29 28.92 -9.03
CA ARG D 189 -28.06 27.84 -9.98
C ARG D 189 -29.06 26.76 -9.62
N GLU D 190 -30.11 26.67 -10.41
CA GLU D 190 -31.39 26.26 -9.86
C GLU D 190 -32.10 25.30 -10.80
N GLU D 191 -32.32 25.77 -12.02
CA GLU D 191 -33.02 25.00 -13.03
C GLU D 191 -32.49 23.59 -13.07
N GLU D 192 -31.18 23.47 -13.16
CA GLU D 192 -30.56 22.17 -13.14
C GLU D 192 -31.18 21.36 -12.03
N ILE D 193 -31.26 21.96 -10.86
CA ILE D 193 -31.94 21.32 -9.78
C ILE D 193 -33.38 21.14 -10.17
N ARG D 194 -34.02 22.22 -10.56
CA ARG D 194 -35.40 22.14 -10.99
C ARG D 194 -35.55 21.01 -11.98
N SER D 195 -34.74 21.05 -13.03
CA SER D 195 -34.62 19.89 -13.85
C SER D 195 -34.41 18.69 -12.96
N THR D 196 -33.28 18.64 -12.28
CA THR D 196 -32.98 17.50 -11.45
C THR D 196 -34.19 17.14 -10.63
N ILE D 197 -34.73 18.12 -9.97
CA ILE D 197 -36.00 18.00 -9.29
C ILE D 197 -36.95 17.30 -10.22
N ARG D 198 -37.30 18.00 -11.30
CA ARG D 198 -38.14 17.38 -12.29
C ARG D 198 -37.61 16.00 -12.59
N VAL D 199 -36.30 15.92 -12.80
CA VAL D 199 -35.68 14.64 -13.06
C VAL D 199 -35.77 13.75 -11.84
N LEU D 200 -35.91 14.30 -10.66
CA LEU D 200 -36.10 13.43 -9.53
C LEU D 200 -37.39 12.68 -9.64
N ALA D 201 -38.40 13.28 -10.24
CA ALA D 201 -39.70 12.63 -10.30
C ALA D 201 -39.73 11.44 -11.24
N ARG D 202 -38.69 11.21 -12.01
CA ARG D 202 -38.83 10.34 -13.16
C ARG D 202 -39.10 8.91 -12.75
N ARG D 203 -40.12 8.32 -13.33
CA ARG D 203 -40.35 6.92 -13.06
C ARG D 203 -39.47 6.06 -13.94
N ILE D 204 -39.76 4.78 -13.94
CA ILE D 204 -38.84 3.81 -14.45
C ILE D 204 -37.59 4.10 -13.65
N LYS D 205 -36.51 4.44 -14.32
CA LYS D 205 -35.33 4.82 -13.60
C LYS D 205 -35.53 6.19 -12.97
N SER D 206 -34.66 6.52 -12.01
CA SER D 206 -34.70 7.83 -11.37
C SER D 206 -33.44 8.14 -10.59
N ASN D 207 -33.57 9.09 -9.67
CA ASN D 207 -32.51 9.51 -8.78
C ASN D 207 -31.32 10.05 -9.55
N PRO D 208 -31.49 11.22 -10.14
CA PRO D 208 -30.34 11.96 -10.64
C PRO D 208 -29.36 12.31 -9.54
N CYS D 209 -28.09 12.35 -9.92
CA CYS D 209 -27.01 12.79 -9.05
C CYS D 209 -25.95 13.41 -9.93
N LEU D 210 -25.21 14.34 -9.35
CA LEU D 210 -24.36 15.19 -10.16
C LEU D 210 -23.05 15.33 -9.50
N ILE D 211 -22.11 15.97 -10.18
CA ILE D 211 -21.32 17.09 -9.65
C ILE D 211 -20.13 17.46 -10.53
N GLY D 212 -19.80 18.75 -10.39
CA GLY D 212 -18.62 19.49 -10.81
C GLY D 212 -17.66 19.71 -9.64
N GLU D 213 -17.25 20.96 -9.45
CA GLU D 213 -16.46 21.38 -8.28
C GLU D 213 -16.98 20.80 -6.98
N PRO D 214 -16.06 20.27 -6.17
CA PRO D 214 -16.05 19.73 -4.82
C PRO D 214 -16.60 20.46 -3.63
N GLY D 215 -17.47 19.70 -3.02
CA GLY D 215 -17.43 19.46 -1.58
C GLY D 215 -18.35 20.09 -0.60
N ILE D 216 -18.89 21.24 -0.91
CA ILE D 216 -19.67 21.89 0.11
C ILE D 216 -21.13 21.54 -0.03
N GLY D 217 -21.45 20.52 -0.81
CA GLY D 217 -22.77 19.94 -0.70
C GLY D 217 -23.98 20.64 -1.27
N LYS D 218 -24.08 20.78 -2.57
CA LYS D 218 -25.33 21.30 -3.14
C LYS D 218 -26.54 20.64 -2.55
N THR D 219 -26.40 19.51 -1.92
CA THR D 219 -27.56 18.84 -1.39
C THR D 219 -28.48 19.82 -0.69
N ALA D 220 -28.04 20.30 0.45
CA ALA D 220 -28.86 21.27 1.15
C ALA D 220 -29.24 22.35 0.17
N ILE D 221 -28.27 22.79 -0.61
CA ILE D 221 -28.61 23.65 -1.73
C ILE D 221 -29.78 23.04 -2.47
N ILE D 222 -29.65 21.78 -2.82
CA ILE D 222 -30.78 21.15 -3.46
C ILE D 222 -31.93 21.12 -2.49
N GLU D 223 -31.63 20.73 -1.26
CA GLU D 223 -32.70 20.75 -0.28
C GLU D 223 -33.29 22.14 -0.19
N GLY D 224 -32.52 23.15 -0.53
CA GLY D 224 -33.02 24.48 -0.31
C GLY D 224 -34.34 24.64 -1.01
N VAL D 225 -34.31 24.45 -2.31
CA VAL D 225 -35.58 24.39 -2.99
C VAL D 225 -36.32 23.18 -2.52
N ALA D 226 -35.62 22.12 -2.17
CA ALA D 226 -36.38 21.00 -1.67
C ALA D 226 -37.08 21.38 -0.38
N GLN D 227 -36.47 22.24 0.42
CA GLN D 227 -37.27 22.87 1.45
C GLN D 227 -38.30 23.77 0.83
N ARG D 228 -37.92 24.48 -0.20
CA ARG D 228 -38.98 25.16 -0.89
C ARG D 228 -39.94 24.13 -1.45
N ILE D 229 -39.46 22.92 -1.67
CA ILE D 229 -40.40 21.87 -1.95
C ILE D 229 -40.99 21.32 -0.66
N ILE D 230 -40.31 21.47 0.48
CA ILE D 230 -41.09 21.40 1.70
C ILE D 230 -42.14 22.47 1.68
N ASP D 231 -41.74 23.64 1.23
CA ASP D 231 -42.71 24.65 0.92
C ASP D 231 -43.52 24.25 -0.27
N ASP D 232 -43.19 23.11 -0.84
CA ASP D 232 -43.94 22.45 -1.88
C ASP D 232 -43.90 23.24 -3.17
N ASP D 233 -42.72 23.22 -3.79
CA ASP D 233 -42.53 23.72 -5.13
C ASP D 233 -43.23 22.85 -6.16
N VAL D 234 -43.73 21.70 -5.73
CA VAL D 234 -43.68 20.51 -6.55
C VAL D 234 -44.97 19.71 -6.48
N PRO D 235 -45.33 19.00 -7.53
CA PRO D 235 -46.41 18.02 -7.42
C PRO D 235 -46.19 17.07 -6.26
N THR D 236 -47.31 16.55 -5.81
CA THR D 236 -47.45 15.89 -4.52
C THR D 236 -46.30 14.96 -4.22
N ILE D 237 -45.96 14.14 -5.19
CA ILE D 237 -45.03 13.05 -4.96
C ILE D 237 -43.76 13.61 -4.37
N LEU D 238 -43.00 14.30 -5.20
CA LEU D 238 -41.75 14.82 -4.70
C LEU D 238 -42.03 15.80 -3.59
N GLN D 239 -43.08 16.61 -3.78
CA GLN D 239 -43.64 17.35 -2.67
C GLN D 239 -43.80 16.49 -1.44
N GLY D 240 -44.27 15.27 -1.61
CA GLY D 240 -44.45 14.39 -0.48
C GLY D 240 -43.24 13.51 -0.28
N ALA D 241 -42.11 13.93 -0.80
CA ALA D 241 -40.88 13.20 -0.57
C ALA D 241 -39.91 14.13 0.11
N LYS D 242 -39.02 13.58 0.94
CA LYS D 242 -37.98 14.40 1.56
C LYS D 242 -36.94 13.48 2.17
N LEU D 243 -35.99 14.04 2.88
CA LEU D 243 -34.72 13.37 2.93
C LEU D 243 -33.93 13.74 4.17
N PHE D 244 -32.97 12.89 4.47
CA PHE D 244 -32.32 12.88 5.76
C PHE D 244 -30.87 12.52 5.49
N SER D 245 -29.98 13.30 6.06
CA SER D 245 -28.59 13.29 5.66
C SER D 245 -27.75 12.51 6.63
N LEU D 246 -27.30 11.34 6.19
CA LEU D 246 -26.07 10.77 6.67
C LEU D 246 -25.52 9.90 5.55
N ASP D 247 -24.20 9.86 5.47
CA ASP D 247 -23.51 8.84 4.71
C ASP D 247 -22.47 8.23 5.64
N LEU D 248 -21.53 9.06 6.05
CA LEU D 248 -20.58 8.63 7.05
C LEU D 248 -21.25 8.12 8.30
N ALA D 249 -21.80 9.05 9.06
CA ALA D 249 -21.68 8.96 10.50
C ALA D 249 -22.01 7.58 11.02
N ALA D 250 -22.93 6.90 10.40
CA ALA D 250 -23.07 5.50 10.74
C ALA D 250 -21.80 4.73 10.45
N LEU D 251 -20.77 5.35 9.91
CA LEU D 251 -19.58 4.63 9.54
C LEU D 251 -18.89 4.08 10.78
N THR D 252 -17.68 3.55 10.60
CA THR D 252 -17.16 2.46 11.42
C THR D 252 -17.22 2.74 12.90
N ALA D 253 -17.53 3.98 13.25
CA ALA D 253 -18.00 4.24 14.61
C ALA D 253 -19.47 3.91 14.76
N GLY D 254 -20.27 4.16 13.72
CA GLY D 254 -21.72 3.92 13.77
C GLY D 254 -22.05 2.46 13.96
N ALA D 255 -21.02 1.62 13.99
CA ALA D 255 -21.14 0.26 14.49
C ALA D 255 -19.78 -0.18 15.03
N LYS D 256 -19.78 -1.20 15.89
CA LYS D 256 -18.53 -1.78 16.37
C LYS D 256 -17.64 -2.17 15.20
N TYR D 257 -18.12 -3.13 14.42
CA TYR D 257 -17.52 -3.50 13.16
C TYR D 257 -18.68 -3.80 12.22
N LYS D 258 -18.37 -4.35 11.06
CA LYS D 258 -19.33 -4.41 9.98
C LYS D 258 -20.46 -5.38 10.34
N GLY D 259 -21.57 -5.22 9.63
CA GLY D 259 -22.52 -6.28 9.43
C GLY D 259 -23.86 -6.11 10.10
N ASP D 260 -23.97 -5.31 11.15
CA ASP D 260 -25.20 -4.54 11.30
C ASP D 260 -25.04 -3.23 10.61
N PHE D 261 -23.80 -2.90 10.41
CA PHE D 261 -23.31 -1.58 10.20
C PHE D 261 -24.17 -0.96 9.12
N GLU D 262 -23.95 -1.44 7.91
CA GLU D 262 -24.90 -1.29 6.82
C GLU D 262 -26.27 -1.82 7.17
N GLU D 263 -26.36 -2.80 8.02
CA GLU D 263 -27.60 -3.54 8.04
C GLU D 263 -28.68 -2.78 8.75
N ARG D 264 -28.35 -2.26 9.92
CA ARG D 264 -29.33 -1.54 10.72
C ARG D 264 -30.07 -0.59 9.80
N PHE D 265 -29.26 0.21 9.13
CA PHE D 265 -29.68 0.91 7.94
C PHE D 265 -30.55 0.04 7.07
N LYS D 266 -29.98 -1.04 6.60
CA LYS D 266 -30.68 -1.82 5.62
C LYS D 266 -32.05 -2.15 6.18
N GLY D 267 -32.07 -2.60 7.41
CA GLY D 267 -33.33 -2.63 8.12
C GLY D 267 -34.00 -1.27 8.11
N VAL D 268 -33.25 -0.25 8.51
CA VAL D 268 -33.85 1.07 8.60
C VAL D 268 -34.51 1.44 7.29
N LEU D 269 -33.91 1.01 6.19
CA LEU D 269 -34.60 1.12 4.93
C LEU D 269 -35.99 0.57 5.03
N LYS D 270 -36.14 -0.47 5.80
CA LYS D 270 -37.42 -1.10 5.79
C LYS D 270 -38.39 -0.35 6.66
N GLU D 271 -37.91 0.48 7.56
CA GLU D 271 -38.84 1.41 8.16
C GLU D 271 -39.45 2.26 7.06
N ILE D 272 -38.59 3.16 6.58
CA ILE D 272 -38.98 4.26 5.74
C ILE D 272 -39.81 3.80 4.57
N GLU D 273 -39.52 2.61 4.06
CA GLU D 273 -40.16 2.13 2.86
C GLU D 273 -41.68 2.14 2.95
N GLU D 274 -42.23 2.22 4.15
CA GLU D 274 -43.59 1.75 4.35
C GLU D 274 -44.58 2.89 4.43
N SER D 275 -45.28 3.13 3.31
CA SER D 275 -46.28 4.18 3.17
C SER D 275 -45.78 5.46 3.80
N LYS D 276 -44.48 5.67 3.80
CA LYS D 276 -43.92 6.79 4.50
C LYS D 276 -43.50 7.79 3.44
N THR D 277 -44.27 8.85 3.32
CA THR D 277 -43.97 9.90 2.37
C THR D 277 -42.76 10.67 2.87
N LEU D 278 -42.37 11.69 2.11
CA LEU D 278 -41.35 12.58 2.59
C LEU D 278 -40.11 11.80 2.98
N ILE D 279 -39.75 10.84 2.14
CA ILE D 279 -38.59 10.02 2.43
C ILE D 279 -37.77 9.83 1.17
N VAL D 280 -36.57 10.39 1.18
CA VAL D 280 -35.60 10.25 0.10
C VAL D 280 -34.25 10.25 0.77
N LEU D 281 -33.24 9.81 0.06
CA LEU D 281 -32.07 9.28 0.71
C LEU D 281 -30.87 10.12 0.38
N PHE D 282 -30.37 10.80 1.37
CA PHE D 282 -29.14 11.53 1.17
C PHE D 282 -28.00 10.59 0.94
N ILE D 283 -27.29 10.82 -0.16
CA ILE D 283 -25.93 10.34 -0.25
C ILE D 283 -25.07 11.48 -0.74
N ASP D 284 -23.83 11.47 -0.32
CA ASP D 284 -22.83 12.15 -1.10
C ASP D 284 -22.28 11.26 -2.19
N GLU D 285 -21.39 10.36 -1.79
CA GLU D 285 -20.50 9.73 -2.74
C GLU D 285 -20.48 8.23 -2.59
N ILE D 286 -21.04 7.57 -3.60
CA ILE D 286 -20.65 6.20 -3.86
C ILE D 286 -19.16 6.14 -4.00
N HIS D 287 -18.56 7.24 -4.44
CA HIS D 287 -17.13 7.42 -4.25
C HIS D 287 -16.74 6.99 -2.86
N MET D 288 -17.25 7.72 -1.87
CA MET D 288 -17.02 7.29 -0.52
C MET D 288 -17.47 5.87 -0.36
N LEU D 289 -18.41 5.44 -1.16
CA LEU D 289 -18.90 4.08 -1.04
C LEU D 289 -17.99 3.21 -1.89
N MET D 290 -18.42 1.97 -2.13
CA MET D 290 -17.63 1.03 -2.90
C MET D 290 -16.30 0.89 -2.19
N GLY D 291 -15.20 0.89 -2.91
CA GLY D 291 -13.89 1.07 -2.34
C GLY D 291 -12.90 0.21 -3.06
N ASN D 292 -11.68 0.16 -2.54
CA ASN D 292 -10.82 -0.95 -2.83
C ASN D 292 -11.37 -2.10 -2.00
N GLY D 293 -11.77 -3.19 -2.64
CA GLY D 293 -12.62 -4.07 -1.89
C GLY D 293 -13.93 -3.35 -1.63
N LYS D 294 -14.61 -2.97 -2.72
CA LYS D 294 -15.91 -2.33 -2.61
C LYS D 294 -16.79 -3.10 -1.65
N ASP D 295 -17.38 -2.38 -0.72
CA ASP D 295 -17.94 -3.04 0.43
C ASP D 295 -19.36 -3.57 0.19
N ASP D 296 -19.99 -3.19 -0.93
CA ASP D 296 -21.42 -3.36 -1.16
C ASP D 296 -22.15 -2.55 -0.10
N ALA D 297 -21.38 -2.02 0.84
CA ALA D 297 -21.58 -0.69 1.40
C ALA D 297 -23.04 -0.40 1.59
N ALA D 298 -23.82 -1.39 2.03
CA ALA D 298 -25.23 -1.17 2.25
C ALA D 298 -25.91 -0.71 0.97
N ASN D 299 -25.41 -1.12 -0.18
CA ASN D 299 -25.70 -0.39 -1.40
C ASN D 299 -26.29 -1.30 -2.48
N ILE D 300 -25.46 -2.09 -3.15
CA ILE D 300 -25.84 -2.82 -4.34
C ILE D 300 -27.18 -3.48 -4.11
N LEU D 301 -27.34 -4.00 -2.91
CA LEU D 301 -28.63 -4.46 -2.47
C LEU D 301 -29.72 -3.47 -2.80
N LYS D 302 -29.50 -2.20 -2.54
CA LYS D 302 -30.57 -1.28 -2.86
C LYS D 302 -30.82 -1.28 -4.35
N PRO D 303 -29.83 -1.22 -5.19
CA PRO D 303 -30.12 -1.37 -6.62
C PRO D 303 -31.07 -2.51 -6.90
N ALA D 304 -30.94 -3.59 -6.17
CA ALA D 304 -32.10 -4.46 -6.16
C ALA D 304 -33.22 -3.67 -5.55
N LEU D 305 -33.08 -3.45 -4.26
CA LEU D 305 -34.16 -2.93 -3.44
C LEU D 305 -34.62 -1.59 -3.96
N SER D 306 -33.85 -1.01 -4.89
CA SER D 306 -34.34 0.01 -5.77
C SER D 306 -35.71 -0.33 -6.24
N ARG D 307 -35.94 -1.61 -6.40
CA ARG D 307 -37.20 -2.15 -6.87
C ARG D 307 -38.36 -1.41 -6.24
N GLY D 308 -38.54 -1.52 -4.93
CA GLY D 308 -39.74 -0.97 -4.38
C GLY D 308 -39.85 0.54 -4.38
N GLN D 309 -38.97 1.20 -3.65
CA GLN D 309 -39.26 2.58 -3.29
C GLN D 309 -37.97 3.30 -2.93
N LEU D 310 -38.14 4.44 -2.25
CA LEU D 310 -37.08 5.08 -1.51
C LEU D 310 -36.02 5.59 -2.45
N LYS D 311 -36.37 6.60 -3.22
CA LYS D 311 -35.32 7.20 -3.99
C LYS D 311 -34.40 7.96 -3.06
N VAL D 312 -33.34 8.48 -3.65
CA VAL D 312 -32.15 8.84 -2.93
C VAL D 312 -31.61 10.13 -3.53
N ILE D 313 -30.48 10.57 -2.98
CA ILE D 313 -29.63 11.53 -3.66
C ILE D 313 -28.20 11.12 -3.43
N GLY D 314 -27.31 11.66 -4.25
CA GLY D 314 -25.89 11.40 -4.19
C GLY D 314 -25.18 12.40 -5.07
N ALA D 315 -23.86 12.40 -4.96
CA ALA D 315 -23.04 13.32 -5.73
C ALA D 315 -22.10 12.51 -6.60
N THR D 316 -21.69 13.07 -7.75
CA THR D 316 -20.81 12.37 -8.67
C THR D 316 -19.72 13.36 -9.17
N THR D 317 -18.51 13.17 -8.64
CA THR D 317 -17.29 13.97 -8.85
C THR D 317 -17.19 14.44 -10.28
N ASN D 318 -15.94 14.60 -10.73
CA ASN D 318 -15.61 15.05 -12.10
C ASN D 318 -15.01 13.84 -12.82
N ASN D 319 -13.69 13.80 -13.06
CA ASN D 319 -13.17 12.63 -13.75
C ASN D 319 -13.61 11.36 -13.04
N GLU D 320 -13.36 11.25 -11.75
CA GLU D 320 -13.64 9.99 -11.08
C GLU D 320 -15.05 9.51 -11.31
N TYR D 321 -16.00 10.43 -11.44
CA TYR D 321 -17.35 10.02 -11.79
C TYR D 321 -17.32 9.08 -12.97
N ARG D 322 -16.53 9.41 -13.98
CA ARG D 322 -16.19 8.42 -14.98
C ARG D 322 -15.63 7.18 -14.32
N SER D 323 -14.58 7.35 -13.49
CA SER D 323 -13.99 6.19 -12.83
C SER D 323 -15.04 5.48 -12.02
N ILE D 324 -16.11 6.17 -11.69
CA ILE D 324 -17.29 5.45 -11.28
C ILE D 324 -17.95 4.81 -12.46
N VAL D 325 -18.20 5.62 -13.50
CA VAL D 325 -19.23 5.30 -14.48
C VAL D 325 -19.14 3.85 -14.92
N GLU D 326 -17.92 3.40 -15.17
CA GLU D 326 -17.70 2.11 -15.79
C GLU D 326 -17.89 0.94 -14.85
N LYS D 327 -17.87 1.15 -13.54
CA LYS D 327 -17.82 0.03 -12.62
C LYS D 327 -18.98 -0.91 -12.85
N ASP D 328 -20.19 -0.38 -12.81
CA ASP D 328 -21.30 -1.07 -13.43
C ASP D 328 -22.32 -0.07 -13.97
N GLY D 329 -22.75 -0.30 -15.19
CA GLY D 329 -23.87 0.44 -15.72
C GLY D 329 -25.16 -0.10 -15.17
N ALA D 330 -25.25 -1.43 -15.05
CA ALA D 330 -26.42 -1.99 -14.39
C ALA D 330 -26.64 -1.33 -13.05
N PHE D 331 -25.57 -1.26 -12.27
CA PHE D 331 -25.53 -0.34 -11.15
C PHE D 331 -26.05 1.02 -11.58
N GLU D 332 -25.34 1.67 -12.49
CA GLU D 332 -25.86 2.92 -13.01
C GLU D 332 -27.33 2.78 -13.34
N ARG D 333 -27.72 1.64 -13.92
CA ARG D 333 -28.98 1.55 -14.64
C ARG D 333 -30.15 2.03 -13.85
N ARG D 334 -30.03 2.16 -12.54
CA ARG D 334 -31.21 2.61 -11.83
C ARG D 334 -31.15 4.03 -11.30
N PHE D 335 -30.02 4.69 -11.28
CA PHE D 335 -29.97 6.02 -10.70
C PHE D 335 -29.60 7.01 -11.77
N GLN D 336 -30.44 8.02 -11.93
CA GLN D 336 -30.19 9.00 -12.97
C GLN D 336 -28.92 9.79 -12.67
N LYS D 337 -28.35 10.36 -13.72
CA LYS D 337 -27.10 11.09 -13.61
C LYS D 337 -27.15 12.33 -14.45
N ILE D 338 -26.78 13.43 -13.84
CA ILE D 338 -26.48 14.68 -14.51
C ILE D 338 -25.25 15.23 -13.83
N GLU D 339 -24.77 16.39 -14.27
CA GLU D 339 -23.55 16.96 -13.72
C GLU D 339 -23.67 18.48 -13.79
N VAL D 340 -22.59 19.13 -13.40
CA VAL D 340 -22.67 20.50 -12.93
C VAL D 340 -21.68 21.39 -13.67
N ALA D 341 -21.96 22.68 -13.63
CA ALA D 341 -21.10 23.71 -14.17
C ALA D 341 -20.63 24.66 -13.08
N GLU D 342 -19.61 25.33 -13.37
CA GLU D 342 -19.06 26.30 -12.45
C GLU D 342 -19.58 27.68 -12.76
N PRO D 343 -20.03 28.38 -11.80
CA PRO D 343 -20.39 29.77 -12.02
C PRO D 343 -19.17 30.65 -11.91
N SER D 344 -19.38 31.95 -11.86
CA SER D 344 -18.23 32.83 -11.86
C SER D 344 -18.73 34.24 -11.75
N VAL D 345 -17.82 35.12 -11.35
CA VAL D 345 -17.97 36.51 -11.71
C VAL D 345 -19.33 36.94 -11.23
N ARG D 346 -20.16 37.30 -12.19
CA ARG D 346 -21.46 37.84 -11.89
C ARG D 346 -22.30 36.81 -11.18
N GLN D 347 -22.30 35.60 -11.73
CA GLN D 347 -22.87 34.46 -11.04
C GLN D 347 -22.41 34.59 -9.62
N THR D 348 -21.11 34.49 -9.46
CA THR D 348 -20.56 34.64 -8.15
C THR D 348 -20.98 35.96 -7.54
N VAL D 349 -20.94 37.03 -8.31
CA VAL D 349 -21.33 38.31 -7.76
C VAL D 349 -22.64 38.16 -7.02
N ALA D 350 -23.60 37.53 -7.66
CA ALA D 350 -24.87 37.32 -7.00
C ALA D 350 -24.64 36.73 -5.62
N ILE D 351 -23.81 35.70 -5.56
CA ILE D 351 -23.37 35.25 -4.27
C ILE D 351 -22.73 36.40 -3.55
N LEU D 352 -21.73 36.98 -4.19
CA LEU D 352 -21.03 38.09 -3.57
C LEU D 352 -22.04 39.06 -3.07
N ARG D 353 -22.95 39.42 -3.96
CA ARG D 353 -24.16 40.06 -3.51
C ARG D 353 -24.76 39.27 -2.37
N GLY D 354 -25.18 38.04 -2.65
CA GLY D 354 -25.94 37.29 -1.67
C GLY D 354 -25.29 37.36 -0.31
N LEU D 355 -23.98 37.19 -0.28
CA LEU D 355 -23.35 36.82 0.97
C LEU D 355 -23.13 37.98 1.92
N GLN D 356 -22.89 39.18 1.41
CA GLN D 356 -22.32 40.19 2.30
C GLN D 356 -23.03 40.24 3.62
N PRO D 357 -24.34 40.25 3.69
CA PRO D 357 -24.97 40.15 5.00
C PRO D 357 -24.41 39.01 5.78
N LYS D 358 -24.12 37.93 5.10
CA LYS D 358 -24.22 36.68 5.81
C LYS D 358 -23.13 36.54 6.82
N TYR D 359 -21.94 36.96 6.47
CA TYR D 359 -20.97 36.96 7.53
C TYR D 359 -20.82 38.30 8.18
N GLU D 360 -21.39 39.35 7.58
CA GLU D 360 -21.85 40.43 8.40
C GLU D 360 -22.79 39.88 9.43
N ILE D 361 -23.75 39.09 8.95
CA ILE D 361 -24.62 38.36 9.84
C ILE D 361 -23.80 37.59 10.83
N HIS D 362 -22.56 37.30 10.50
CA HIS D 362 -21.70 37.08 11.64
C HIS D 362 -20.76 38.22 11.97
N HIS D 363 -19.69 38.32 11.21
CA HIS D 363 -18.61 39.18 11.64
C HIS D 363 -19.02 40.63 11.68
N GLY D 364 -20.11 40.98 11.03
CA GLY D 364 -20.65 42.31 11.17
C GLY D 364 -19.75 43.39 10.63
N VAL D 365 -19.42 43.33 9.34
CA VAL D 365 -18.58 44.35 8.71
C VAL D 365 -19.10 44.67 7.32
N ARG D 366 -19.50 45.91 7.09
CA ARG D 366 -19.75 46.27 5.71
C ARG D 366 -18.44 46.63 5.08
N ILE D 367 -18.34 46.41 3.78
CA ILE D 367 -17.39 47.13 2.95
C ILE D 367 -18.09 47.49 1.67
N LEU D 368 -17.60 48.56 1.04
CA LEU D 368 -17.96 48.87 -0.33
C LEU D 368 -17.93 47.64 -1.19
N ASP D 369 -16.86 46.86 -1.05
CA ASP D 369 -16.95 45.47 -1.44
C ASP D 369 -16.92 45.27 -2.94
N SER D 370 -17.19 46.33 -3.67
CA SER D 370 -17.21 46.20 -5.11
C SER D 370 -15.89 45.65 -5.64
N ALA D 371 -14.85 46.46 -5.58
CA ALA D 371 -13.54 45.99 -5.96
C ALA D 371 -13.23 44.70 -5.25
N LEU D 372 -13.50 44.70 -3.96
CA LEU D 372 -13.41 43.52 -3.16
C LEU D 372 -14.01 42.34 -3.89
N VAL D 373 -15.21 42.51 -4.40
CA VAL D 373 -15.73 41.50 -5.30
C VAL D 373 -14.69 41.21 -6.35
N THR D 374 -14.38 42.21 -7.15
CA THR D 374 -13.45 42.01 -8.24
C THR D 374 -12.17 41.41 -7.74
N ALA D 375 -11.86 41.64 -6.47
CA ALA D 375 -10.69 40.97 -5.96
C ALA D 375 -10.79 39.49 -6.19
N ALA D 376 -11.99 38.96 -6.07
CA ALA D 376 -12.15 37.54 -6.16
C ALA D 376 -11.43 36.99 -7.37
N GLN D 377 -11.98 37.30 -8.52
CA GLN D 377 -11.55 36.78 -9.78
C GLN D 377 -10.04 36.76 -9.82
N LEU D 378 -9.48 37.86 -9.41
CA LEU D 378 -8.07 37.98 -9.22
C LEU D 378 -7.65 36.92 -8.24
N ALA D 379 -8.01 37.16 -7.00
CA ALA D 379 -7.69 36.20 -5.98
C ALA D 379 -8.05 34.82 -6.45
N LYS D 380 -9.24 34.69 -7.04
CA LYS D 380 -9.56 33.50 -7.77
C LYS D 380 -8.38 33.18 -8.63
N ARG D 381 -8.15 34.00 -9.63
CA ARG D 381 -7.08 33.59 -10.51
C ARG D 381 -5.79 33.48 -9.75
N TYR D 382 -5.77 33.91 -8.50
CA TYR D 382 -4.50 33.79 -7.83
C TYR D 382 -4.28 32.42 -7.23
N LEU D 383 -5.27 31.80 -6.60
CA LEU D 383 -5.11 30.42 -6.17
C LEU D 383 -6.30 29.57 -6.56
N PRO D 384 -6.68 29.61 -7.83
CA PRO D 384 -7.99 29.11 -8.25
C PRO D 384 -8.12 27.62 -8.24
N TYR D 385 -7.01 26.89 -8.09
CA TYR D 385 -7.16 25.46 -7.89
C TYR D 385 -8.24 25.18 -6.89
N ARG D 386 -8.32 26.01 -5.86
CA ARG D 386 -9.38 25.79 -4.91
C ARG D 386 -10.71 26.26 -5.49
N ARG D 387 -11.81 25.72 -4.96
CA ARG D 387 -13.07 25.76 -5.68
C ARG D 387 -13.61 27.16 -5.80
N LEU D 388 -13.75 27.57 -7.03
CA LEU D 388 -13.64 28.98 -7.36
C LEU D 388 -14.53 29.76 -6.44
N PRO D 389 -15.84 29.59 -6.51
CA PRO D 389 -16.68 30.41 -5.65
C PRO D 389 -16.38 30.12 -4.21
N ASP D 390 -16.38 28.88 -3.83
CA ASP D 390 -16.23 28.66 -2.42
C ASP D 390 -14.80 28.98 -2.03
N SER D 391 -13.86 28.77 -2.91
CA SER D 391 -12.61 29.45 -2.69
C SER D 391 -12.84 30.94 -2.67
N ALA D 392 -13.55 31.46 -3.65
CA ALA D 392 -13.85 32.86 -3.55
C ALA D 392 -14.55 33.13 -2.24
N LEU D 393 -15.46 32.26 -1.88
CA LEU D 393 -15.98 32.33 -0.55
C LEU D 393 -14.83 32.42 0.43
N ASP D 394 -13.80 31.62 0.22
CA ASP D 394 -12.71 31.66 1.17
C ASP D 394 -12.27 33.09 1.37
N LEU D 395 -12.23 33.83 0.27
CA LEU D 395 -11.88 35.21 0.39
C LEU D 395 -12.78 35.87 1.39
N VAL D 396 -14.06 35.64 1.20
CA VAL D 396 -15.06 36.23 2.08
C VAL D 396 -14.63 36.04 3.50
N ASP D 397 -14.21 34.83 3.83
CA ASP D 397 -13.49 34.71 5.09
C ASP D 397 -12.36 35.70 5.11
N ILE D 398 -11.43 35.38 4.23
CA ILE D 398 -10.13 36.00 4.27
C ILE D 398 -10.33 37.48 4.44
N SER D 399 -11.35 37.96 3.79
CA SER D 399 -11.90 39.26 4.03
C SER D 399 -12.05 39.46 5.51
N CYS D 400 -13.06 38.79 6.07
CA CYS D 400 -13.33 39.02 7.46
C CYS D 400 -12.16 38.58 8.28
N ALA D 401 -11.44 37.57 7.80
CA ALA D 401 -10.14 37.33 8.36
C ALA D 401 -9.39 38.65 8.38
N GLY D 402 -9.11 39.16 7.20
CA GLY D 402 -8.47 40.46 7.13
C GLY D 402 -9.19 41.47 7.97
N VAL D 403 -10.47 41.27 8.17
CA VAL D 403 -11.20 42.16 9.06
C VAL D 403 -10.93 41.79 10.50
N ALA D 404 -11.28 40.57 10.87
CA ALA D 404 -10.92 40.10 12.18
C ALA D 404 -9.49 40.44 12.47
N VAL D 405 -8.64 40.33 11.46
CA VAL D 405 -7.32 40.91 11.53
C VAL D 405 -7.50 42.30 12.07
N ALA D 406 -8.07 43.17 11.24
CA ALA D 406 -8.33 44.52 11.70
C ALA D 406 -9.00 44.44 13.04
N ARG D 407 -9.94 43.53 13.18
CA ARG D 407 -10.57 43.51 14.48
C ARG D 407 -9.62 43.17 15.60
N ASP D 408 -9.18 41.91 15.72
CA ASP D 408 -8.67 41.45 17.00
C ASP D 408 -9.70 41.76 18.07
N SER D 409 -9.24 42.07 19.27
CA SER D 409 -10.02 42.84 20.22
C SER D 409 -10.25 44.19 19.57
N LYS D 410 -11.49 44.66 19.61
CA LYS D 410 -11.84 45.90 18.92
C LYS D 410 -11.80 45.59 17.43
N PRO D 411 -12.20 46.51 16.58
CA PRO D 411 -11.60 46.57 15.25
C PRO D 411 -10.19 47.10 15.39
N GLU D 412 -9.56 47.53 14.31
CA GLU D 412 -8.23 48.12 14.39
C GLU D 412 -8.31 49.64 14.38
N GLU D 413 -8.23 50.24 15.56
CA GLU D 413 -7.63 51.56 15.77
C GLU D 413 -6.85 51.55 17.08
N LEU D 414 -7.56 51.40 18.21
CA LEU D 414 -6.88 51.44 19.50
C LEU D 414 -6.10 50.17 19.76
N ASP D 415 -6.70 49.00 19.54
CA ASP D 415 -5.91 47.80 19.76
C ASP D 415 -4.56 47.94 19.06
N SER D 416 -4.54 48.63 17.93
CA SER D 416 -3.32 49.28 17.46
C SER D 416 -2.86 50.33 18.46
N LYS D 417 -3.61 51.45 18.53
CA LYS D 417 -3.22 52.59 19.36
C LYS D 417 -3.01 52.20 20.81
N GLU D 418 -3.51 51.04 21.21
CA GLU D 418 -3.07 50.37 22.42
C GLU D 418 -1.56 50.31 22.48
N ARG D 419 -0.91 50.29 21.32
CA ARG D 419 0.54 50.49 21.29
C ARG D 419 0.93 51.82 21.92
N GLN D 420 0.13 52.87 21.72
CA GLN D 420 0.41 54.17 22.33
C GLN D 420 -0.57 54.48 23.46
N LEU D 421 -1.81 54.84 23.14
CA LEU D 421 -2.71 55.45 24.10
C LEU D 421 -2.74 54.65 25.40
N GLN D 422 -2.90 53.34 25.28
CA GLN D 422 -2.93 52.50 26.47
C GLN D 422 -1.54 52.38 27.08
N LEU D 423 -0.51 52.21 26.24
CA LEU D 423 0.84 52.23 26.78
C LEU D 423 1.24 53.64 27.22
N ILE D 424 0.50 54.65 26.78
CA ILE D 424 0.54 55.95 27.44
C ILE D 424 -0.35 55.95 28.67
N GLN D 425 -1.45 55.19 28.66
CA GLN D 425 -2.15 54.96 29.92
C GLN D 425 -1.33 54.08 30.85
N VAL D 426 -0.42 53.27 30.32
CA VAL D 426 0.62 52.70 31.17
C VAL D 426 1.47 53.82 31.75
N GLU D 427 1.86 54.78 30.91
CA GLU D 427 2.48 55.99 31.43
C GLU D 427 1.59 56.67 32.47
N ILE D 428 0.26 56.50 32.39
CA ILE D 428 -0.63 57.08 33.39
C ILE D 428 -0.43 56.43 34.76
N LYS D 429 -0.53 55.10 34.83
CA LYS D 429 -0.07 54.36 36.00
C LYS D 429 0.82 53.22 35.51
N ALA D 430 2.11 53.42 35.64
CA ALA D 430 3.14 52.40 35.61
C ALA D 430 4.07 52.79 36.74
N LEU D 431 4.58 54.00 36.60
CA LEU D 431 5.52 54.65 37.50
C LEU D 431 4.86 55.14 38.77
N GLU D 432 3.58 54.83 38.96
CA GLU D 432 2.78 55.37 40.06
C GLU D 432 3.55 55.37 41.37
N ARG D 433 4.30 54.30 41.65
CA ARG D 433 5.21 54.30 42.79
C ARG D 433 6.57 53.73 42.39
N ASP D 434 7.59 54.61 42.42
CA ASP D 434 9.01 54.31 42.48
C ASP D 434 9.49 55.05 43.72
N GLU D 435 10.82 55.15 43.94
CA GLU D 435 11.36 55.64 45.20
C GLU D 435 10.57 56.85 45.73
N ASP D 436 10.55 57.94 44.96
CA ASP D 436 9.67 59.06 45.26
C ASP D 436 9.13 59.67 43.98
N ALA D 437 7.82 59.93 43.96
CA ALA D 437 7.20 60.74 42.92
C ALA D 437 6.35 61.80 43.61
N ASP D 438 6.78 63.05 43.54
CA ASP D 438 5.98 64.14 44.09
C ASP D 438 5.90 65.32 43.11
N SER D 439 6.99 66.06 42.95
CA SER D 439 6.99 67.26 42.10
C SER D 439 8.14 67.25 41.10
N THR D 440 9.36 67.43 41.59
CA THR D 440 10.55 67.38 40.76
C THR D 440 11.37 66.17 41.20
N THR D 441 11.38 65.13 40.38
CA THR D 441 12.10 63.89 40.66
C THR D 441 12.22 63.15 39.33
N LYS D 442 12.89 62.01 39.35
CA LYS D 442 13.09 61.22 38.15
C LYS D 442 11.83 60.46 37.73
N ASP D 443 10.77 60.48 38.54
CA ASP D 443 9.59 59.65 38.32
C ASP D 443 8.57 60.40 37.47
N ARG D 444 8.34 59.91 36.25
CA ARG D 444 7.66 60.63 35.18
C ARG D 444 6.17 60.31 35.03
N LEU D 445 5.59 59.56 35.97
CA LEU D 445 4.25 58.99 35.83
C LEU D 445 3.15 59.91 35.32
N LYS D 446 2.78 60.90 36.14
CA LYS D 446 1.42 61.44 36.13
C LYS D 446 1.04 62.10 34.81
N LEU D 447 1.99 62.73 34.13
CA LEU D 447 1.65 63.70 33.07
C LEU D 447 0.77 63.11 31.98
N ALA D 448 0.78 61.79 31.79
CA ALA D 448 -0.03 61.20 30.73
C ALA D 448 -1.52 61.35 31.02
N ARG D 449 -1.91 61.46 32.29
CA ARG D 449 -3.33 61.54 32.63
C ARG D 449 -3.95 62.83 32.13
N GLN D 450 -3.15 63.87 31.97
CA GLN D 450 -3.68 65.15 31.52
C GLN D 450 -4.26 65.06 30.11
N LYS D 451 -3.55 64.38 29.21
CA LYS D 451 -3.85 64.38 27.78
C LYS D 451 -4.80 63.25 27.38
N GLU D 452 -4.34 62.01 27.59
CA GLU D 452 -5.03 60.83 27.06
C GLU D 452 -6.50 60.79 27.41
N ALA D 453 -6.93 61.48 28.46
CA ALA D 453 -8.32 61.54 28.84
C ALA D 453 -9.18 61.78 27.62
N SER D 454 -9.09 62.99 27.07
CA SER D 454 -9.80 63.32 25.85
C SER D 454 -9.59 62.24 24.80
N LEU D 455 -8.32 61.87 24.58
CA LEU D 455 -8.00 60.76 23.69
C LEU D 455 -8.74 59.51 24.12
N GLN D 456 -8.39 58.99 25.29
CA GLN D 456 -9.02 57.78 25.81
C GLN D 456 -10.51 57.96 25.98
N GLU D 457 -11.00 59.19 26.12
CA GLU D 457 -12.43 59.39 25.99
C GLU D 457 -12.90 58.93 24.62
N GLU D 458 -12.30 59.48 23.56
CA GLU D 458 -12.75 59.14 22.21
C GLU D 458 -12.76 57.64 21.99
N LEU D 459 -11.90 56.92 22.70
CA LEU D 459 -12.02 55.47 22.68
C LEU D 459 -13.47 55.09 22.89
N GLU D 460 -14.13 55.73 23.83
CA GLU D 460 -15.47 55.30 24.18
C GLU D 460 -16.41 55.38 23.00
N PRO D 461 -16.55 56.51 22.30
CA PRO D 461 -17.27 56.43 21.03
C PRO D 461 -16.59 55.43 20.13
N LEU D 462 -15.28 55.55 19.94
CA LEU D 462 -14.56 54.59 19.12
C LEU D 462 -14.93 53.17 19.50
N ARG D 463 -15.00 52.91 20.80
CA ARG D 463 -15.53 51.67 21.33
C ARG D 463 -16.95 51.51 20.80
N GLN D 464 -17.84 52.40 21.21
CA GLN D 464 -19.20 52.42 20.69
C GLN D 464 -19.21 52.31 19.18
N ARG D 465 -18.31 53.05 18.54
CA ARG D 465 -18.39 53.25 17.09
C ARG D 465 -18.55 51.92 16.37
N TYR D 466 -17.78 50.91 16.74
CA TYR D 466 -18.24 49.60 16.32
C TYR D 466 -19.33 49.12 17.24
N ASN D 467 -19.08 49.19 18.55
CA ASN D 467 -19.94 48.54 19.53
C ASN D 467 -21.36 49.06 19.43
N GLU D 468 -21.55 50.31 19.83
CA GLU D 468 -22.90 50.86 19.76
C GLU D 468 -23.45 50.73 18.35
N GLU D 469 -22.56 50.75 17.36
CA GLU D 469 -23.04 50.39 16.05
C GLU D 469 -23.36 48.90 15.98
N LYS D 470 -22.39 48.07 16.33
CA LYS D 470 -22.67 46.66 16.52
C LYS D 470 -23.91 46.46 17.38
N HIS D 471 -24.00 47.22 18.47
CA HIS D 471 -25.22 47.29 19.26
C HIS D 471 -26.39 47.40 18.31
N GLY D 472 -26.50 48.52 17.63
CA GLY D 472 -27.45 48.59 16.54
C GLY D 472 -27.25 47.43 15.59
N HIS D 473 -26.02 47.24 15.13
CA HIS D 473 -25.81 46.24 14.12
C HIS D 473 -26.17 44.86 14.60
N GLU D 474 -26.13 44.63 15.90
CA GLU D 474 -26.64 43.41 16.47
C GLU D 474 -28.02 43.19 15.90
N GLU D 475 -28.94 44.05 16.30
CA GLU D 475 -30.29 43.98 15.78
C GLU D 475 -30.26 43.91 14.27
N LEU D 476 -29.44 44.74 13.64
CA LEU D 476 -29.37 44.76 12.18
C LEU D 476 -29.34 43.35 11.63
N THR D 477 -28.25 42.65 11.92
CA THR D 477 -28.22 41.23 11.61
C THR D 477 -29.46 40.56 12.14
N GLN D 478 -29.75 40.72 13.43
CA GLN D 478 -30.91 40.09 14.01
C GLN D 478 -32.17 40.39 13.23
N ALA D 479 -32.20 41.55 12.59
CA ALA D 479 -33.50 42.12 12.28
C ALA D 479 -34.19 41.27 11.24
N LYS D 480 -33.69 41.31 10.01
CA LYS D 480 -34.32 40.48 9.01
C LYS D 480 -34.05 39.02 9.28
N LYS D 481 -32.93 38.72 9.95
CA LYS D 481 -32.69 37.37 10.43
C LYS D 481 -33.91 36.87 11.15
N LYS D 482 -34.35 37.62 12.13
CA LYS D 482 -35.53 37.22 12.86
C LYS D 482 -36.76 37.36 11.99
N LEU D 483 -36.77 38.29 11.05
CA LEU D 483 -37.82 38.27 10.05
C LEU D 483 -37.73 36.98 9.26
N ASP D 484 -36.52 36.67 8.78
CA ASP D 484 -36.29 35.40 8.14
C ASP D 484 -36.64 34.25 9.05
N GLU D 485 -36.65 34.49 10.35
CA GLU D 485 -37.43 33.63 11.22
C GLU D 485 -38.89 33.99 11.05
N LEU D 486 -39.24 35.23 11.42
CA LEU D 486 -40.63 35.59 11.57
C LEU D 486 -41.38 35.55 10.26
N GLU D 487 -40.76 36.02 9.19
CA GLU D 487 -41.49 35.88 7.95
C GLU D 487 -41.43 34.46 7.45
N ASN D 488 -40.44 33.70 7.89
CA ASN D 488 -40.59 32.26 7.83
C ASN D 488 -41.63 31.81 8.84
N LYS D 489 -41.58 32.36 10.04
CA LYS D 489 -42.67 32.11 10.98
C LYS D 489 -43.97 32.62 10.39
N ALA D 490 -43.89 33.62 9.53
CA ALA D 490 -44.99 33.84 8.61
C ALA D 490 -45.09 32.69 7.63
N LEU D 491 -44.00 32.43 6.91
CA LEU D 491 -43.95 31.31 5.98
C LEU D 491 -44.23 29.99 6.67
N ASP D 492 -44.32 30.01 8.01
CA ASP D 492 -44.52 28.83 8.83
C ASP D 492 -45.52 27.92 8.17
N ALA D 493 -46.77 28.34 8.12
CA ALA D 493 -47.62 27.91 7.03
C ALA D 493 -47.98 29.17 6.28
N GLU D 494 -47.27 29.45 5.20
CA GLU D 494 -47.84 30.14 4.08
C GLU D 494 -47.95 29.30 2.82
N ARG D 495 -47.34 28.11 2.79
CA ARG D 495 -47.21 27.29 1.58
C ARG D 495 -48.29 26.23 1.47
N ARG D 496 -49.17 26.16 2.45
CA ARG D 496 -50.31 25.26 2.46
C ARG D 496 -51.56 25.94 1.92
N TYR D 497 -51.40 27.15 1.35
CA TYR D 497 -52.43 28.17 1.18
C TYR D 497 -52.89 28.72 2.52
N ASP D 498 -52.09 28.55 3.56
CA ASP D 498 -52.29 29.26 4.81
C ASP D 498 -51.84 30.69 4.61
N THR D 499 -52.55 31.61 5.23
CA THR D 499 -52.22 33.00 5.06
C THR D 499 -52.16 33.77 6.37
N ALA D 500 -53.31 34.00 7.00
CA ALA D 500 -53.41 35.06 8.00
C ALA D 500 -52.71 34.71 9.30
N THR D 501 -52.64 33.41 9.65
CA THR D 501 -51.88 33.00 10.82
C THR D 501 -50.53 33.66 10.82
N ALA D 502 -49.84 33.58 9.69
CA ALA D 502 -48.68 34.41 9.42
C ALA D 502 -49.01 35.88 9.57
N ALA D 503 -49.83 36.41 8.65
CA ALA D 503 -50.09 37.84 8.58
C ALA D 503 -50.43 38.40 9.93
N ASP D 504 -51.11 37.60 10.75
CA ASP D 504 -51.48 37.96 12.11
C ASP D 504 -50.32 38.63 12.80
N LEU D 505 -49.28 37.86 13.12
CA LEU D 505 -48.10 38.48 13.68
C LEU D 505 -47.39 39.32 12.63
N ARG D 506 -47.39 38.84 11.38
CA ARG D 506 -46.69 39.55 10.33
C ARG D 506 -47.23 40.95 10.10
N TYR D 507 -48.50 41.17 10.43
CA TYR D 507 -49.02 42.52 10.41
C TYR D 507 -48.10 43.42 11.24
N PHE D 508 -47.66 44.50 10.60
CA PHE D 508 -46.83 45.53 11.23
C PHE D 508 -45.45 45.00 11.58
N ALA D 509 -45.32 43.69 11.70
CA ALA D 509 -44.02 43.13 11.99
C ALA D 509 -43.08 43.38 10.84
N ILE D 510 -43.58 43.33 9.62
CA ILE D 510 -42.76 43.80 8.53
C ILE D 510 -42.54 45.30 8.74
N PRO D 511 -43.58 46.12 8.77
CA PRO D 511 -43.31 47.55 8.85
C PRO D 511 -43.13 47.97 10.29
N ASP D 512 -42.35 47.22 11.04
CA ASP D 512 -41.86 47.74 12.31
C ASP D 512 -40.38 47.43 12.39
N ILE D 513 -40.05 46.16 12.35
CA ILE D 513 -38.67 45.71 12.25
C ILE D 513 -38.01 46.52 11.14
N LYS D 514 -38.50 46.33 9.93
CA LYS D 514 -38.00 47.09 8.81
C LYS D 514 -38.01 48.58 9.11
N LYS D 515 -39.03 49.04 9.83
CA LYS D 515 -39.04 50.43 10.25
C LYS D 515 -37.90 50.70 11.21
N GLN D 516 -37.75 49.87 12.24
CA GLN D 516 -36.57 49.98 13.09
C GLN D 516 -35.32 49.98 12.24
N ILE D 517 -35.20 48.97 11.37
CA ILE D 517 -34.16 48.93 10.36
C ILE D 517 -34.11 50.29 9.74
N GLU D 518 -35.20 50.65 9.06
CA GLU D 518 -35.32 51.96 8.43
C GLU D 518 -34.86 53.04 9.39
N LYS D 519 -35.39 53.02 10.62
CA LYS D 519 -34.90 53.92 11.64
C LYS D 519 -33.41 53.74 11.86
N LEU D 520 -33.04 52.56 12.33
CA LEU D 520 -31.69 52.39 12.81
C LEU D 520 -30.69 52.38 11.67
N GLU D 521 -31.05 51.77 10.55
CA GLU D 521 -30.15 51.75 9.41
C GLU D 521 -29.67 53.15 9.06
N ASP D 522 -30.55 54.13 9.23
CA ASP D 522 -30.20 55.49 8.86
C ASP D 522 -29.19 56.11 9.81
N GLN D 523 -28.83 55.42 10.88
CA GLN D 523 -28.21 56.09 12.00
C GLN D 523 -26.71 55.95 11.93
N VAL D 524 -26.03 57.08 12.04
CA VAL D 524 -24.67 57.25 11.57
C VAL D 524 -23.78 57.61 12.74
N ALA D 525 -24.01 58.80 13.27
CA ALA D 525 -23.27 59.37 14.39
C ALA D 525 -21.78 59.48 14.12
N GLU D 526 -21.39 59.47 12.85
CA GLU D 526 -20.04 59.83 12.47
C GLU D 526 -19.88 61.34 12.55
N GLU D 527 -18.63 61.83 12.62
CA GLU D 527 -18.44 63.28 12.46
C GLU D 527 -19.06 63.55 11.13
N GLU D 528 -18.27 63.19 10.14
CA GLU D 528 -18.70 62.19 9.24
C GLU D 528 -17.37 61.45 9.22
N ARG D 529 -17.37 60.27 9.81
CA ARG D 529 -16.13 59.56 10.08
C ARG D 529 -15.69 58.84 8.82
N ARG D 530 -16.49 57.87 8.37
CA ARG D 530 -16.31 57.35 7.03
C ARG D 530 -17.58 57.43 6.20
N ALA D 531 -18.52 56.49 6.38
CA ALA D 531 -19.77 56.50 5.62
C ALA D 531 -20.93 56.07 6.51
N GLY D 532 -21.89 56.97 6.70
CA GLY D 532 -23.22 56.63 7.20
C GLY D 532 -23.29 55.78 8.46
N ALA D 533 -22.23 55.81 9.25
CA ALA D 533 -22.03 54.80 10.26
C ALA D 533 -20.99 55.30 11.25
N ASN D 534 -20.46 54.38 12.06
CA ASN D 534 -19.34 54.71 12.93
C ASN D 534 -18.13 53.81 12.67
N SER D 535 -18.13 52.56 13.14
CA SER D 535 -17.17 51.54 12.70
C SER D 535 -17.93 50.29 12.29
N MET D 536 -17.99 50.04 10.98
CA MET D 536 -18.74 48.94 10.37
C MET D 536 -17.82 48.25 9.40
N ILE D 537 -17.32 49.04 8.46
CA ILE D 537 -16.03 48.71 7.89
C ILE D 537 -14.92 49.09 8.84
N GLN D 538 -15.22 49.65 10.00
CA GLN D 538 -14.29 49.72 11.11
C GLN D 538 -13.06 50.53 10.79
N ASN D 539 -13.04 51.07 9.58
CA ASN D 539 -11.85 51.27 8.77
C ASN D 539 -11.32 49.93 8.28
N VAL D 540 -12.00 49.25 7.34
CA VAL D 540 -11.41 48.08 6.67
C VAL D 540 -11.47 48.21 5.15
N VAL D 541 -10.31 48.39 4.51
CA VAL D 541 -10.23 48.42 3.06
C VAL D 541 -10.00 47.02 2.54
N ASP D 542 -10.93 46.59 1.70
CA ASP D 542 -10.76 45.39 0.94
C ASP D 542 -9.35 45.33 0.38
N SER D 543 -9.02 46.26 -0.52
CA SER D 543 -7.81 46.13 -1.30
C SER D 543 -6.68 45.70 -0.42
N ASP D 544 -6.69 46.18 0.79
CA ASP D 544 -5.56 45.97 1.66
C ASP D 544 -5.63 44.60 2.29
N THR D 545 -6.79 44.26 2.81
CA THR D 545 -7.06 42.87 3.07
C THR D 545 -6.75 42.10 1.83
N ILE D 546 -7.35 42.53 0.74
CA ILE D 546 -7.03 41.95 -0.53
C ILE D 546 -5.53 41.94 -0.70
N SER D 547 -4.93 43.06 -0.38
CA SER D 547 -3.49 43.06 -0.35
C SER D 547 -3.07 41.97 0.60
N GLU D 548 -3.56 42.05 1.82
CA GLU D 548 -3.22 41.03 2.78
C GLU D 548 -3.52 39.67 2.24
N THR D 549 -4.58 39.56 1.48
CA THR D 549 -4.80 38.33 0.76
C THR D 549 -3.54 37.97 0.02
N ALA D 550 -3.21 38.79 -0.97
CA ALA D 550 -1.90 38.63 -1.57
C ALA D 550 -0.85 38.57 -0.50
N ALA D 551 -0.93 39.47 0.46
CA ALA D 551 0.09 39.42 1.50
C ALA D 551 0.02 38.12 2.24
N ARG D 552 -1.09 37.41 2.12
CA ARG D 552 -0.94 36.00 2.37
C ARG D 552 -0.45 35.30 1.13
N LEU D 553 -0.95 35.69 0.01
CA LEU D 553 -0.84 34.85 -1.15
C LEU D 553 0.18 35.45 -2.06
N THR D 554 1.35 34.87 -2.07
CA THR D 554 2.48 35.28 -2.92
C THR D 554 2.99 36.65 -2.53
N GLY D 555 2.18 37.45 -1.84
CA GLY D 555 2.57 38.83 -1.66
C GLY D 555 2.99 39.42 -2.99
N ILE D 556 4.08 40.19 -2.98
CA ILE D 556 4.64 40.82 -4.17
C ILE D 556 3.63 41.84 -4.69
N PRO D 557 3.20 42.77 -3.87
CA PRO D 557 1.91 43.38 -4.08
C PRO D 557 1.97 44.53 -5.06
N VAL D 558 0.90 45.29 -5.01
CA VAL D 558 0.95 46.73 -5.20
C VAL D 558 1.10 47.03 -6.67
N LYS D 559 1.70 46.10 -7.37
CA LYS D 559 1.35 45.94 -8.74
C LYS D 559 0.07 45.19 -8.79
N LYS D 560 -0.06 44.28 -7.87
CA LYS D 560 -1.34 43.67 -7.74
C LYS D 560 -2.31 44.57 -7.07
N LEU D 561 -1.82 45.67 -6.54
CA LEU D 561 -2.75 46.76 -6.30
C LEU D 561 -3.05 47.49 -7.58
N SER D 562 -2.25 47.28 -8.59
CA SER D 562 -2.09 48.28 -9.63
C SER D 562 -2.99 48.08 -10.83
N GLU D 563 -3.96 47.20 -10.78
CA GLU D 563 -4.38 46.65 -12.06
C GLU D 563 -5.22 47.51 -12.98
N SER D 564 -4.56 47.98 -14.04
CA SER D 564 -5.18 47.98 -15.34
C SER D 564 -4.30 47.11 -16.15
N GLU D 565 -4.69 45.85 -16.14
CA GLU D 565 -3.98 44.81 -16.84
C GLU D 565 -3.62 45.31 -18.21
N ASN D 566 -4.62 45.77 -18.91
CA ASN D 566 -4.44 46.50 -20.13
C ASN D 566 -3.45 47.62 -19.94
N GLU D 567 -3.88 48.69 -19.30
CA GLU D 567 -3.03 49.86 -19.32
C GLU D 567 -1.63 49.49 -18.91
N LYS D 568 -1.54 48.77 -17.80
CA LYS D 568 -0.28 48.24 -17.36
C LYS D 568 0.41 47.60 -18.53
N LEU D 569 -0.21 46.58 -19.12
CA LEU D 569 0.40 46.05 -20.31
C LEU D 569 0.60 47.17 -21.30
N ILE D 570 -0.43 47.98 -21.48
CA ILE D 570 -0.52 48.77 -22.69
C ILE D 570 0.72 49.60 -22.87
N HIS D 571 1.35 49.96 -21.76
CA HIS D 571 2.70 50.47 -21.84
C HIS D 571 3.69 49.32 -21.89
N MET D 572 3.41 48.28 -21.12
CA MET D 572 4.43 47.38 -20.64
C MET D 572 5.28 46.87 -21.79
N GLU D 573 4.71 46.79 -22.96
CA GLU D 573 5.44 46.42 -24.14
C GLU D 573 6.52 47.45 -24.29
N ARG D 574 6.08 48.65 -24.65
CA ARG D 574 6.93 49.83 -24.62
C ARG D 574 7.68 49.90 -23.33
N ASP D 575 7.14 49.31 -22.29
CA ASP D 575 7.95 49.28 -21.10
C ASP D 575 8.89 48.10 -21.17
N LEU D 576 8.38 46.87 -21.11
CA LEU D 576 9.27 45.73 -21.12
C LEU D 576 10.24 45.81 -22.26
N SER D 577 9.91 46.61 -23.24
CA SER D 577 10.95 47.11 -24.12
C SER D 577 12.16 47.49 -23.28
N SER D 578 11.94 48.30 -22.25
CA SER D 578 12.98 48.53 -21.26
C SER D 578 13.60 47.23 -20.85
N GLU D 579 12.75 46.30 -20.46
CA GLU D 579 13.30 45.04 -20.03
C GLU D 579 13.93 44.34 -21.19
N VAL D 580 13.49 44.67 -22.40
CA VAL D 580 13.91 43.89 -23.54
C VAL D 580 15.41 43.89 -23.64
N VAL D 581 15.94 42.74 -23.99
CA VAL D 581 17.27 42.65 -24.55
C VAL D 581 17.05 42.74 -26.05
N GLY D 582 17.36 43.89 -26.64
CA GLY D 582 17.40 44.02 -28.08
C GLY D 582 16.12 43.91 -28.90
N GLN D 583 16.12 42.92 -29.79
CA GLN D 583 15.29 42.88 -30.97
C GLN D 583 13.83 43.10 -30.70
N MET D 584 13.32 44.13 -31.31
CA MET D 584 12.14 44.81 -30.82
C MET D 584 10.83 44.26 -31.36
N ASP D 585 10.76 43.95 -32.64
CA ASP D 585 9.45 43.84 -33.21
C ASP D 585 8.78 42.59 -32.75
N ALA D 586 9.60 41.64 -32.35
CA ALA D 586 9.05 40.44 -31.79
C ALA D 586 8.04 40.82 -30.74
N ILE D 587 8.53 41.56 -29.75
CA ILE D 587 7.70 42.18 -28.76
C ILE D 587 6.57 42.73 -29.54
N LYS D 588 6.92 43.65 -30.40
CA LYS D 588 5.90 44.39 -31.10
C LYS D 588 4.93 43.42 -31.72
N ALA D 589 5.47 42.48 -32.49
CA ALA D 589 4.67 41.34 -32.85
C ALA D 589 3.99 40.76 -31.62
N VAL D 590 4.79 40.20 -30.73
CA VAL D 590 4.22 39.55 -29.55
C VAL D 590 3.21 40.45 -28.93
N SER D 591 3.59 41.70 -28.75
CA SER D 591 2.74 42.67 -28.11
C SER D 591 1.36 42.60 -28.67
N ASN D 592 1.28 42.51 -29.98
CA ASN D 592 -0.01 42.41 -30.64
C ASN D 592 -0.63 41.24 -29.95
N ALA D 593 -0.07 40.09 -30.29
CA ALA D 593 -0.55 38.83 -29.77
C ALA D 593 -0.82 39.03 -28.31
N VAL D 594 0.18 39.53 -27.61
CA VAL D 594 0.02 39.85 -26.22
C VAL D 594 -1.27 40.59 -26.01
N ARG D 595 -1.36 41.79 -26.55
CA ARG D 595 -2.55 42.55 -26.29
C ARG D 595 -3.73 41.72 -26.74
N LEU D 596 -3.63 41.29 -27.99
CA LEU D 596 -4.60 40.35 -28.52
C LEU D 596 -4.84 39.25 -27.52
N SER D 597 -3.80 38.81 -26.86
CA SER D 597 -3.95 37.66 -26.02
C SER D 597 -4.97 37.95 -24.95
N ARG D 598 -4.54 38.67 -23.93
CA ARG D 598 -5.48 38.77 -22.85
C ARG D 598 -6.69 39.50 -23.32
N SER D 599 -6.56 40.26 -24.41
CA SER D 599 -7.76 40.67 -25.09
C SER D 599 -8.59 39.45 -25.36
N GLY D 600 -7.99 38.48 -26.01
CA GLY D 600 -8.81 37.50 -26.63
C GLY D 600 -9.73 38.25 -27.56
N LEU D 601 -11.01 38.10 -27.34
CA LEU D 601 -12.11 38.75 -28.04
C LEU D 601 -12.33 38.13 -29.42
N ALA D 602 -11.47 37.24 -29.86
CA ALA D 602 -11.72 36.48 -31.08
C ALA D 602 -12.19 35.06 -30.78
N ASN D 603 -11.37 34.26 -30.10
CA ASN D 603 -11.69 32.90 -29.73
C ASN D 603 -11.54 32.73 -28.23
N PRO D 604 -12.48 32.07 -27.56
CA PRO D 604 -12.21 31.68 -26.17
C PRO D 604 -11.12 30.66 -26.08
N ARG D 605 -10.95 29.89 -27.13
CA ARG D 605 -10.08 28.74 -27.04
C ARG D 605 -8.62 29.11 -27.20
N GLN D 606 -8.33 30.08 -28.03
CA GLN D 606 -7.06 29.82 -28.66
C GLN D 606 -5.97 30.75 -28.21
N PRO D 607 -4.89 30.21 -27.71
CA PRO D 607 -3.65 30.96 -27.49
C PRO D 607 -2.91 31.27 -28.77
N ALA D 608 -1.67 31.79 -28.69
CA ALA D 608 -0.92 32.15 -29.89
C ALA D 608 0.57 31.90 -29.73
N SER D 609 1.19 31.34 -30.77
CA SER D 609 2.59 31.01 -30.73
C SER D 609 3.29 31.59 -31.93
N PHE D 610 4.56 31.88 -31.74
CA PHE D 610 5.38 32.53 -32.74
C PHE D 610 6.37 31.52 -33.26
N LEU D 611 6.81 31.72 -34.49
CA LEU D 611 7.97 30.93 -34.89
C LEU D 611 9.16 31.29 -34.05
N PHE D 612 9.19 32.53 -33.57
CA PHE D 612 10.12 33.00 -32.57
C PHE D 612 11.44 32.34 -32.81
N LEU D 613 12.05 32.64 -33.92
CA LEU D 613 13.24 31.92 -34.29
C LEU D 613 14.40 32.58 -33.57
N GLY D 614 15.07 31.83 -32.74
CA GLY D 614 16.11 32.42 -31.91
C GLY D 614 17.56 32.06 -32.11
N LEU D 615 18.32 32.36 -31.06
CA LEU D 615 19.62 31.76 -30.80
C LEU D 615 19.69 31.27 -29.36
N SER D 616 20.57 30.31 -29.13
CA SER D 616 20.72 29.69 -27.83
C SER D 616 20.86 30.76 -26.75
N GLY D 617 20.00 30.66 -25.76
CA GLY D 617 19.92 31.51 -24.61
C GLY D 617 19.39 32.84 -25.07
N SER D 618 19.67 33.10 -26.35
CA SER D 618 20.16 34.41 -26.71
C SER D 618 19.18 35.47 -26.29
N GLY D 619 18.08 35.57 -27.00
CA GLY D 619 16.94 36.18 -26.39
C GLY D 619 16.10 35.00 -26.02
N LYS D 620 16.46 33.83 -26.51
CA LYS D 620 15.49 32.76 -26.51
C LYS D 620 14.97 32.53 -25.11
N THR D 621 15.85 32.09 -24.24
CA THR D 621 15.61 32.13 -22.82
C THR D 621 15.11 33.49 -22.41
N GLU D 622 15.81 34.54 -22.85
CA GLU D 622 15.46 35.89 -22.42
C GLU D 622 13.97 36.14 -22.60
N LEU D 623 13.46 35.84 -23.79
CA LEU D 623 12.05 35.94 -24.04
C LEU D 623 11.31 35.39 -22.85
N ALA D 624 11.54 34.12 -22.65
CA ALA D 624 10.81 33.35 -21.66
C ALA D 624 10.70 34.14 -20.40
N LYS D 625 11.83 34.30 -19.73
CA LYS D 625 11.78 35.02 -18.48
C LYS D 625 11.12 36.35 -18.68
N LYS D 626 11.58 37.10 -19.67
CA LYS D 626 10.93 38.37 -19.93
C LYS D 626 9.47 38.16 -20.07
N VAL D 627 9.12 37.32 -21.03
CA VAL D 627 7.75 36.91 -21.16
C VAL D 627 7.22 36.51 -19.82
N ALA D 628 7.94 35.59 -19.18
CA ALA D 628 7.54 35.18 -17.85
C ALA D 628 7.44 36.39 -16.97
N GLY D 629 8.53 37.12 -16.87
CA GLY D 629 8.48 38.38 -16.18
C GLY D 629 7.36 39.23 -16.70
N PHE D 630 7.01 39.09 -17.99
CA PHE D 630 5.86 39.89 -18.30
C PHE D 630 4.65 39.51 -17.48
N LEU D 631 4.09 38.31 -17.69
CA LEU D 631 2.71 38.12 -17.28
C LEU D 631 2.52 38.76 -15.97
N PHE D 632 3.26 38.26 -15.03
CA PHE D 632 3.43 38.83 -13.74
C PHE D 632 4.89 38.62 -13.49
N ASN D 633 5.33 38.88 -12.27
CA ASN D 633 6.71 38.57 -11.96
C ASN D 633 7.04 37.11 -12.22
N ASP D 634 6.05 36.26 -12.41
CA ASP D 634 6.25 34.88 -12.06
C ASP D 634 7.43 34.31 -12.81
N GLU D 635 8.44 33.92 -12.06
CA GLU D 635 9.43 33.05 -12.63
C GLU D 635 8.96 31.63 -12.59
N ASP D 636 8.07 31.32 -11.64
CA ASP D 636 7.53 29.99 -11.51
C ASP D 636 7.05 29.46 -12.85
N MET D 637 6.66 30.34 -13.75
CA MET D 637 5.83 29.99 -14.87
C MET D 637 6.47 28.92 -15.76
N MET D 638 7.69 28.55 -15.38
CA MET D 638 8.55 27.74 -16.22
C MET D 638 7.82 26.52 -16.73
N ILE D 639 7.87 26.35 -18.03
CA ILE D 639 7.29 25.18 -18.66
C ILE D 639 8.13 24.88 -19.89
N ARG D 640 8.21 23.60 -20.23
CA ARG D 640 9.03 23.13 -21.34
C ARG D 640 8.73 21.66 -21.53
N VAL D 641 9.42 21.02 -22.46
CA VAL D 641 9.19 19.62 -22.75
C VAL D 641 10.56 18.96 -22.89
N ASP D 642 10.59 17.66 -23.17
CA ASP D 642 11.75 16.98 -23.72
C ASP D 642 11.46 16.03 -24.85
N CYS D 643 10.69 14.98 -24.57
CA CYS D 643 10.65 13.70 -25.24
C CYS D 643 10.41 13.78 -26.70
N SER D 644 10.57 14.97 -27.26
CA SER D 644 10.85 15.06 -28.69
C SER D 644 11.73 13.88 -29.02
N GLU D 645 12.66 13.59 -28.13
CA GLU D 645 13.33 12.32 -28.19
C GLU D 645 12.29 11.29 -27.81
N LEU D 646 11.89 10.47 -28.78
CA LEU D 646 11.14 9.25 -28.52
C LEU D 646 10.70 8.65 -29.84
N SER D 647 10.10 7.46 -29.72
CA SER D 647 9.35 6.86 -30.82
C SER D 647 7.96 6.53 -30.30
N GLU D 648 7.84 5.60 -29.36
CA GLU D 648 6.70 5.53 -28.46
C GLU D 648 7.23 5.69 -27.05
N LYS D 649 6.96 6.84 -26.45
CA LYS D 649 7.20 6.97 -25.02
C LYS D 649 6.00 7.54 -24.33
N TYR D 650 5.65 8.74 -24.74
CA TYR D 650 5.12 9.79 -23.89
C TYR D 650 4.13 9.23 -22.89
N ALA D 651 4.42 9.47 -21.62
CA ALA D 651 3.52 9.12 -20.56
C ALA D 651 3.50 10.26 -19.57
N VAL D 652 4.61 10.42 -18.86
CA VAL D 652 4.88 11.66 -18.16
C VAL D 652 5.06 12.77 -19.17
N SER D 653 5.66 12.42 -20.30
CA SER D 653 5.92 13.41 -21.32
C SER D 653 4.64 13.73 -22.08
N LYS D 654 3.90 12.71 -22.46
CA LYS D 654 2.53 13.09 -22.70
C LYS D 654 1.94 13.51 -21.38
N LEU D 655 0.84 14.21 -21.46
CA LEU D 655 0.06 14.26 -20.26
C LEU D 655 -0.29 12.85 -19.86
N LEU D 656 -1.26 12.27 -20.57
CA LEU D 656 -2.16 11.31 -19.97
C LEU D 656 -1.43 10.16 -19.31
N GLY D 657 -0.17 9.95 -19.65
CA GLY D 657 0.46 8.75 -19.18
C GLY D 657 -0.40 7.62 -19.66
N THR D 658 -0.93 6.89 -18.69
CA THR D 658 -1.94 5.87 -18.90
C THR D 658 -3.13 6.16 -18.02
N THR D 659 -4.02 5.20 -17.88
CA THR D 659 -4.90 5.16 -16.73
C THR D 659 -4.06 4.82 -15.51
N ALA D 660 -4.71 4.68 -14.36
CA ALA D 660 -4.05 4.05 -13.24
C ALA D 660 -3.52 2.69 -13.67
N GLY D 661 -2.43 2.27 -13.05
CA GLY D 661 -1.80 1.01 -13.35
C GLY D 661 -0.51 1.09 -14.14
N TYR D 662 0.10 2.28 -14.24
CA TYR D 662 1.41 2.39 -14.87
C TYR D 662 2.22 3.41 -14.08
N VAL D 663 3.40 3.76 -14.57
CA VAL D 663 4.40 4.41 -13.72
C VAL D 663 3.93 5.80 -13.32
N GLY D 664 3.75 6.01 -12.03
CA GLY D 664 3.22 7.25 -11.52
C GLY D 664 1.73 7.21 -11.73
N TYR D 665 0.93 7.74 -10.82
CA TYR D 665 -0.44 8.05 -11.17
C TYR D 665 -0.60 9.49 -11.57
N ASP D 666 0.50 10.23 -11.55
CA ASP D 666 0.48 11.60 -12.00
C ASP D 666 -0.15 11.69 -13.37
N GLU D 667 0.24 10.80 -14.28
CA GLU D 667 -0.31 10.75 -15.64
C GLU D 667 -0.16 12.10 -16.34
N GLY D 668 1.09 12.55 -16.49
CA GLY D 668 1.35 13.93 -16.87
C GLY D 668 1.03 14.93 -15.79
N GLY D 669 0.42 14.51 -14.68
CA GLY D 669 0.29 15.40 -13.55
C GLY D 669 1.59 16.12 -13.32
N PHE D 670 2.68 15.43 -13.60
CA PHE D 670 3.98 16.00 -13.87
C PHE D 670 3.82 17.29 -14.62
N LEU D 671 3.39 17.19 -15.85
CA LEU D 671 3.11 18.42 -16.53
C LEU D 671 1.81 18.99 -16.01
N THR D 672 0.94 18.14 -15.51
CA THR D 672 -0.40 18.64 -15.29
C THR D 672 -0.56 19.38 -13.99
N ASN D 673 -0.03 18.85 -12.90
CA ASN D 673 -0.10 19.63 -11.67
C ASN D 673 0.35 21.03 -11.99
N GLN D 674 1.46 21.12 -12.68
CA GLN D 674 1.86 22.31 -13.37
C GLN D 674 0.64 22.85 -14.08
N LEU D 675 0.15 22.11 -15.08
CA LEU D 675 -0.98 22.58 -15.84
C LEU D 675 -2.05 23.06 -14.89
N GLN D 676 -2.37 22.21 -13.93
CA GLN D 676 -3.14 22.68 -12.80
C GLN D 676 -2.55 23.99 -12.32
N TYR D 677 -1.33 23.92 -11.82
CA TYR D 677 -0.91 24.97 -10.93
C TYR D 677 -0.60 26.26 -11.64
N LYS D 678 -0.72 26.28 -12.97
CA LYS D 678 -0.62 27.53 -13.71
C LYS D 678 -1.69 27.56 -14.75
N PRO D 679 -2.84 28.08 -14.44
CA PRO D 679 -3.82 28.34 -15.49
C PRO D 679 -3.24 29.12 -16.63
N TYR D 680 -2.30 30.00 -16.33
CA TYR D 680 -1.91 31.04 -17.26
C TYR D 680 -0.40 31.03 -17.39
N SER D 681 0.10 30.72 -18.56
CA SER D 681 1.52 30.69 -18.82
C SER D 681 1.72 30.74 -20.31
N VAL D 682 2.94 30.44 -20.74
CA VAL D 682 3.22 30.24 -22.14
C VAL D 682 4.26 29.15 -22.23
N LEU D 683 4.17 28.33 -23.26
CA LEU D 683 5.15 27.29 -23.44
C LEU D 683 6.05 27.56 -24.63
N LEU D 684 7.32 27.22 -24.45
CA LEU D 684 8.17 26.76 -25.53
C LEU D 684 8.77 25.44 -25.11
N PHE D 685 8.99 24.58 -26.09
CA PHE D 685 10.11 23.69 -25.97
C PHE D 685 10.67 23.50 -27.36
N ASP D 686 11.99 23.67 -27.48
CA ASP D 686 12.65 23.37 -28.73
C ASP D 686 13.07 21.91 -28.69
N GLU D 687 13.89 21.48 -29.65
CA GLU D 687 13.89 20.12 -30.16
C GLU D 687 12.59 20.00 -30.93
N VAL D 688 11.71 20.99 -30.78
CA VAL D 688 10.49 21.02 -31.56
C VAL D 688 10.84 20.86 -33.01
N GLU D 689 11.99 21.41 -33.39
CA GLU D 689 12.66 21.01 -34.60
C GLU D 689 12.80 19.49 -34.67
N LYS D 690 13.39 18.91 -33.66
CA LYS D 690 13.62 17.47 -33.64
C LYS D 690 12.38 16.71 -33.22
N ALA D 691 11.31 17.41 -32.89
CA ALA D 691 10.27 16.84 -32.06
C ALA D 691 9.70 15.56 -32.64
N HIS D 692 9.38 14.62 -31.77
CA HIS D 692 8.78 13.40 -32.25
C HIS D 692 7.47 13.71 -32.95
N PRO D 693 7.31 13.28 -34.19
CA PRO D 693 6.21 13.82 -35.01
C PRO D 693 4.86 13.52 -34.42
N ASP D 694 4.64 12.29 -34.03
CA ASP D 694 3.33 11.98 -33.50
C ASP D 694 3.17 12.65 -32.17
N VAL D 695 4.26 12.81 -31.45
CA VAL D 695 4.23 13.72 -30.34
C VAL D 695 3.72 15.06 -30.80
N LEU D 696 4.09 15.44 -32.01
CA LEU D 696 3.51 16.67 -32.48
C LEU D 696 2.06 16.42 -32.81
N THR D 697 1.75 15.24 -33.30
CA THR D 697 0.36 14.88 -33.34
C THR D 697 -0.18 14.80 -31.94
N VAL D 698 0.67 14.50 -30.98
CA VAL D 698 0.24 14.66 -29.61
C VAL D 698 0.28 16.14 -29.26
N MET D 699 1.22 16.86 -29.83
CA MET D 699 1.13 18.30 -29.78
C MET D 699 -0.10 18.78 -30.51
N LEU D 700 -0.51 18.04 -31.51
CA LEU D 700 -1.53 18.51 -32.42
C LEU D 700 -2.65 19.24 -31.70
N GLN D 701 -3.40 18.45 -30.97
CA GLN D 701 -4.48 18.92 -30.13
C GLN D 701 -4.02 20.12 -29.38
N MET D 702 -2.80 20.07 -28.88
CA MET D 702 -2.33 21.18 -28.12
C MET D 702 -2.16 22.33 -29.08
N LEU D 703 -2.98 23.33 -28.85
CA LEU D 703 -3.51 24.13 -29.93
C LEU D 703 -4.70 24.84 -29.32
N ASP D 704 -5.43 25.62 -30.09
CA ASP D 704 -6.85 25.60 -29.79
C ASP D 704 -7.26 24.15 -29.79
N ASP D 705 -8.16 23.79 -28.93
CA ASP D 705 -8.31 22.38 -28.63
C ASP D 705 -7.02 21.81 -28.07
N GLY D 706 -6.18 22.67 -27.53
CA GLY D 706 -5.13 22.23 -26.65
C GLY D 706 -5.70 21.88 -25.30
N ARG D 707 -7.02 21.87 -25.24
CA ARG D 707 -7.70 21.46 -24.02
C ARG D 707 -7.23 20.07 -23.62
N ILE D 708 -7.16 19.84 -22.32
CA ILE D 708 -6.53 18.64 -21.80
C ILE D 708 -7.38 17.41 -22.09
N THR D 709 -6.71 16.30 -22.28
CA THR D 709 -7.20 15.00 -21.91
C THR D 709 -6.32 14.52 -20.79
N SER D 710 -6.86 13.75 -19.85
CA SER D 710 -6.00 13.17 -18.85
C SER D 710 -6.11 11.66 -18.86
N GLY D 711 -5.06 11.02 -18.36
CA GLY D 711 -5.18 9.61 -18.04
C GLY D 711 -6.29 9.37 -17.06
N GLN D 712 -6.79 10.43 -16.43
CA GLN D 712 -8.06 10.41 -15.73
C GLN D 712 -9.20 11.01 -16.54
N GLY D 713 -8.90 11.61 -17.70
CA GLY D 713 -9.93 12.23 -18.52
C GLY D 713 -10.14 13.71 -18.30
N LYS D 714 -9.16 14.42 -17.76
CA LYS D 714 -9.36 15.83 -17.50
C LYS D 714 -9.34 16.61 -18.81
N THR D 715 -9.65 17.90 -18.70
CA THR D 715 -9.61 18.78 -19.85
C THR D 715 -9.21 20.16 -19.38
N ILE D 716 -8.41 20.84 -20.18
CA ILE D 716 -8.07 22.21 -19.89
C ILE D 716 -8.81 23.01 -20.92
N ASP D 717 -8.69 24.31 -20.85
CA ASP D 717 -8.73 25.14 -22.02
C ASP D 717 -7.41 25.91 -22.05
N CYS D 718 -7.24 26.69 -23.09
CA CYS D 718 -6.02 27.46 -23.16
C CYS D 718 -6.32 28.75 -23.89
N SER D 719 -5.22 29.41 -24.27
CA SER D 719 -5.11 30.85 -24.26
C SER D 719 -5.07 31.24 -22.79
N ASN D 720 -5.47 30.33 -21.91
CA ASN D 720 -5.25 30.47 -20.48
C ASN D 720 -3.76 30.57 -20.24
N CYS D 721 -3.10 29.45 -20.34
CA CYS D 721 -1.69 29.49 -20.66
C CYS D 721 -1.54 29.88 -22.11
N ILE D 722 -0.29 29.91 -22.59
CA ILE D 722 -0.03 30.05 -24.01
C ILE D 722 1.16 29.18 -24.36
N VAL D 723 1.59 29.32 -25.59
CA VAL D 723 2.79 28.71 -26.10
C VAL D 723 3.37 29.67 -27.10
N ILE D 724 4.67 29.78 -27.10
CA ILE D 724 5.39 29.90 -28.34
C ILE D 724 6.50 28.89 -28.20
N MET D 725 6.37 27.76 -28.89
CA MET D 725 7.41 26.73 -28.88
C MET D 725 8.14 26.84 -30.20
N THR D 726 9.44 27.03 -30.14
CA THR D 726 10.15 27.35 -31.35
C THR D 726 11.48 26.66 -31.30
N SER D 727 12.23 26.86 -32.36
CA SER D 727 13.51 26.24 -32.54
C SER D 727 14.47 27.28 -33.08
N ALA D 728 15.61 26.79 -33.53
CA ALA D 728 16.45 27.52 -34.43
C ALA D 728 16.35 26.81 -35.76
N LEU D 729 16.98 25.65 -35.84
CA LEU D 729 16.85 24.72 -36.95
C LEU D 729 17.44 25.34 -38.19
N GLY D 730 17.49 26.65 -38.23
CA GLY D 730 18.03 27.31 -39.37
C GLY D 730 19.53 27.35 -39.27
N ALA D 731 20.16 27.57 -40.42
CA ALA D 731 21.55 27.97 -40.42
C ALA D 731 21.70 29.12 -41.40
N GLU D 732 21.49 28.84 -42.69
CA GLU D 732 21.82 29.77 -43.73
C GLU D 732 21.34 31.14 -43.38
N PHE D 733 20.17 31.23 -42.77
CA PHE D 733 19.82 32.52 -42.21
C PHE D 733 20.44 32.65 -40.86
N ILE D 734 20.24 31.63 -40.04
CA ILE D 734 20.78 31.67 -38.69
C ILE D 734 22.22 32.05 -38.75
N ASN D 735 22.93 31.54 -39.72
CA ASN D 735 24.28 31.96 -39.88
C ASN D 735 24.41 33.17 -40.78
N SER D 736 23.31 33.70 -41.30
CA SER D 736 23.37 34.53 -42.50
C SER D 736 24.44 35.58 -42.39
N GLN D 737 24.86 35.90 -41.17
CA GLN D 737 25.85 36.93 -40.99
C GLN D 737 25.29 38.16 -41.64
N GLN D 738 25.76 38.47 -42.83
CA GLN D 738 25.21 39.62 -43.52
C GLN D 738 23.69 39.60 -43.50
N GLY D 739 23.16 40.72 -43.08
CA GLY D 739 21.78 40.91 -42.71
C GLY D 739 21.58 40.49 -41.26
N SER D 740 20.80 41.25 -40.50
CA SER D 740 20.59 40.95 -39.10
C SER D 740 19.13 41.03 -38.73
N LYS D 741 18.63 42.25 -38.64
CA LYS D 741 17.22 42.53 -38.72
C LYS D 741 16.83 42.38 -40.18
N ILE D 742 15.70 41.73 -40.43
CA ILE D 742 15.15 41.76 -41.77
C ILE D 742 16.12 41.13 -42.74
N GLN D 743 16.86 41.96 -43.47
CA GLN D 743 17.48 41.58 -44.74
C GLN D 743 16.41 40.87 -45.56
N GLU D 744 16.72 39.74 -46.17
CA GLU D 744 15.84 39.38 -47.27
C GLU D 744 14.86 38.32 -46.82
N SER D 745 13.96 38.07 -47.70
CA SER D 745 12.96 37.05 -47.84
C SER D 745 13.55 35.80 -47.90
N THR D 746 14.88 35.90 -47.98
CA THR D 746 15.67 34.85 -47.39
C THR D 746 14.91 34.37 -46.22
N LYS D 747 14.70 35.29 -45.28
CA LYS D 747 14.00 34.98 -44.07
C LYS D 747 12.95 33.95 -44.35
N ASN D 748 12.21 34.18 -45.41
CA ASN D 748 11.14 33.27 -45.75
C ASN D 748 11.72 31.89 -46.00
N LEU D 749 12.83 31.83 -46.71
CA LEU D 749 13.25 30.56 -47.26
C LEU D 749 13.28 29.47 -46.20
N VAL D 750 14.26 29.50 -45.30
CA VAL D 750 14.26 28.59 -44.17
C VAL D 750 12.89 28.62 -43.53
N MET D 751 12.45 29.82 -43.22
CA MET D 751 11.14 29.98 -42.63
C MET D 751 10.08 29.31 -43.46
N GLY D 752 9.92 29.75 -44.69
CA GLY D 752 8.94 29.17 -45.55
C GLY D 752 9.18 27.68 -45.52
N ALA D 753 10.38 27.27 -45.88
CA ALA D 753 10.64 25.84 -45.93
C ALA D 753 10.29 25.19 -44.60
N VAL D 754 11.12 25.45 -43.59
CA VAL D 754 11.28 24.52 -42.49
C VAL D 754 9.95 24.00 -42.04
N ARG D 755 9.07 24.93 -41.70
CA ARG D 755 7.72 24.57 -41.36
C ARG D 755 7.10 23.71 -42.44
N GLN D 756 6.72 24.31 -43.55
CA GLN D 756 6.12 23.58 -44.65
C GLN D 756 7.00 22.46 -45.06
N HIS D 757 8.31 22.65 -44.92
CA HIS D 757 9.24 21.56 -45.07
C HIS D 757 9.01 20.51 -44.01
N PHE D 758 9.07 20.90 -42.74
CA PHE D 758 9.04 19.89 -41.71
C PHE D 758 7.65 19.66 -41.16
N ARG D 759 6.70 20.52 -41.50
CA ARG D 759 5.52 20.57 -40.65
C ARG D 759 4.26 20.96 -41.42
N PRO D 760 3.08 20.46 -40.98
CA PRO D 760 1.86 20.51 -41.80
C PRO D 760 0.92 21.68 -41.62
N GLU D 761 -0.23 21.47 -42.25
CA GLU D 761 -1.38 22.37 -42.14
C GLU D 761 -1.74 22.63 -40.70
N PHE D 762 -1.27 21.79 -39.80
CA PHE D 762 -1.26 22.12 -38.39
C PHE D 762 -0.92 23.57 -38.26
N LEU D 763 0.30 23.84 -38.65
CA LEU D 763 0.86 25.15 -38.44
C LEU D 763 -0.04 26.17 -39.05
N ASN D 764 -0.54 25.86 -40.24
CA ASN D 764 -1.42 26.77 -40.92
C ASN D 764 -2.55 27.18 -40.01
N ARG D 765 -3.07 26.24 -39.25
CA ARG D 765 -3.95 26.63 -38.16
C ARG D 765 -3.25 27.63 -37.28
N ILE D 766 -2.00 27.38 -36.97
CA ILE D 766 -1.49 27.89 -35.73
C ILE D 766 -1.01 29.31 -35.94
N SER D 767 -0.45 29.90 -34.89
CA SER D 767 -0.50 31.35 -34.75
C SER D 767 0.55 32.13 -35.51
N SER D 768 1.76 32.19 -34.99
CA SER D 768 2.60 33.29 -35.41
C SER D 768 4.01 32.82 -35.66
N ILE D 769 4.75 33.69 -36.32
CA ILE D 769 5.95 33.26 -37.02
C ILE D 769 7.01 34.33 -36.87
N VAL D 770 8.08 34.00 -36.18
CA VAL D 770 8.89 35.03 -35.56
C VAL D 770 10.31 34.52 -35.40
N ILE D 771 11.24 35.45 -35.17
CA ILE D 771 12.66 35.23 -35.42
C ILE D 771 13.49 36.15 -34.52
N PHE D 772 14.76 35.80 -34.35
CA PHE D 772 15.71 36.78 -33.83
C PHE D 772 16.36 37.57 -34.94
N ASN D 773 17.38 38.34 -34.54
CA ASN D 773 18.12 39.21 -35.44
C ASN D 773 19.53 39.42 -34.94
N LYS D 774 20.44 39.61 -35.88
CA LYS D 774 21.86 39.65 -35.56
C LYS D 774 22.24 40.98 -34.93
N LEU D 775 23.37 40.97 -34.26
CA LEU D 775 23.44 41.56 -32.94
C LEU D 775 23.93 42.99 -32.67
N SER D 776 24.64 43.64 -33.57
CA SER D 776 25.00 45.04 -33.35
C SER D 776 25.78 45.33 -32.08
N ARG D 777 27.10 45.21 -32.14
CA ARG D 777 27.96 45.44 -31.00
C ARG D 777 27.49 46.61 -30.16
N LYS D 778 27.07 47.69 -30.81
CA LYS D 778 26.41 48.74 -30.07
C LYS D 778 25.22 48.19 -29.32
N ALA D 779 24.18 47.85 -30.08
CA ALA D 779 22.99 47.26 -29.48
C ALA D 779 23.41 46.16 -28.55
N ILE D 780 24.30 45.31 -29.02
CA ILE D 780 24.98 44.43 -28.11
C ILE D 780 25.39 45.22 -26.91
N HIS D 781 26.27 46.19 -27.11
CA HIS D 781 27.12 46.62 -26.03
C HIS D 781 26.35 46.80 -24.73
N LYS D 782 25.62 47.90 -24.65
CA LYS D 782 25.06 48.36 -23.40
C LYS D 782 24.39 47.23 -22.66
N ILE D 783 23.90 46.25 -23.40
CA ILE D 783 23.25 45.15 -22.76
C ILE D 783 24.18 44.60 -21.73
N VAL D 784 25.44 44.91 -21.91
CA VAL D 784 26.47 44.51 -20.98
C VAL D 784 26.00 44.75 -19.55
N ASP D 785 26.06 45.98 -19.09
CA ASP D 785 25.95 46.12 -17.65
C ASP D 785 24.54 45.85 -17.26
N ILE D 786 23.67 45.89 -18.24
CA ILE D 786 22.26 45.70 -17.95
C ILE D 786 22.10 44.53 -17.02
N ARG D 787 22.70 43.41 -17.39
CA ARG D 787 22.75 42.31 -16.43
C ARG D 787 23.56 42.74 -15.22
N LEU D 788 24.61 43.48 -15.46
CA LEU D 788 25.61 43.66 -14.43
C LEU D 788 25.14 44.72 -13.47
N LYS D 789 24.60 45.78 -14.04
CA LYS D 789 23.68 46.65 -13.35
C LYS D 789 22.80 45.79 -12.52
N GLU D 790 22.06 44.98 -13.26
CA GLU D 790 21.13 44.11 -12.63
C GLU D 790 21.77 43.36 -11.49
N ILE D 791 23.07 43.12 -11.56
CA ILE D 791 23.66 42.29 -10.54
C ILE D 791 23.48 42.85 -9.14
N GLU D 792 24.18 43.93 -8.83
CA GLU D 792 24.18 44.37 -7.44
C GLU D 792 22.77 44.43 -6.88
N GLU D 793 21.80 44.54 -7.78
CA GLU D 793 20.46 44.91 -7.38
C GLU D 793 19.88 43.91 -6.38
N ARG D 794 19.78 42.66 -6.78
CA ARG D 794 19.06 41.71 -5.94
C ARG D 794 19.71 41.54 -4.59
N PHE D 795 20.85 42.15 -4.37
CA PHE D 795 21.66 41.74 -3.24
C PHE D 795 20.95 42.16 -1.99
N GLU D 796 20.67 41.19 -1.13
CA GLU D 796 19.82 41.49 -0.01
C GLU D 796 20.79 41.75 1.12
N GLN D 797 21.12 43.02 1.25
CA GLN D 797 22.05 43.60 2.20
C GLN D 797 22.35 44.99 1.66
N ASN D 798 22.91 45.88 2.48
CA ASN D 798 23.45 47.14 1.96
C ASN D 798 24.72 47.53 2.70
N ASP D 799 25.82 47.65 1.97
CA ASP D 799 26.88 48.59 2.29
C ASP D 799 27.31 49.27 0.99
N LYS D 800 27.90 48.49 0.11
CA LYS D 800 28.66 48.99 -1.01
C LYS D 800 27.70 49.41 -2.10
N HIS D 801 27.12 48.43 -2.79
CA HIS D 801 25.86 48.53 -3.47
C HIS D 801 25.84 49.77 -4.33
N TYR D 802 26.54 49.68 -5.46
CA TYR D 802 27.17 50.82 -6.07
C TYR D 802 27.55 50.43 -7.49
N LYS D 803 28.06 51.40 -8.21
CA LYS D 803 28.23 51.28 -9.66
C LYS D 803 29.53 50.65 -10.09
N LEU D 804 30.63 51.06 -9.48
CA LEU D 804 31.94 50.52 -9.79
C LEU D 804 32.27 50.83 -11.24
N ASN D 805 32.53 49.84 -12.06
CA ASN D 805 33.54 50.01 -13.07
C ASN D 805 33.04 50.85 -14.20
N LEU D 806 32.19 50.23 -14.98
CA LEU D 806 31.42 50.91 -15.97
C LEU D 806 32.43 51.60 -16.88
N THR D 807 32.15 52.77 -17.39
CA THR D 807 32.93 53.32 -18.50
C THR D 807 32.98 52.23 -19.58
N GLN D 808 34.03 52.20 -20.37
CA GLN D 808 34.08 51.20 -21.42
C GLN D 808 35.13 50.14 -21.24
N GLU D 809 36.01 50.31 -20.28
CA GLU D 809 37.31 49.67 -20.31
C GLU D 809 37.15 48.20 -20.65
N ALA D 810 36.58 47.40 -19.75
CA ALA D 810 36.46 45.99 -20.09
C ALA D 810 35.31 45.76 -21.03
N LYS D 811 34.34 46.65 -21.02
CA LYS D 811 33.03 46.46 -21.62
C LYS D 811 33.28 45.86 -22.98
N ASP D 812 34.35 46.35 -23.52
CA ASP D 812 34.82 46.02 -24.84
C ASP D 812 35.65 44.75 -24.81
N PHE D 813 36.58 44.63 -23.87
CA PHE D 813 37.09 43.32 -23.49
C PHE D 813 35.92 42.40 -23.29
N LEU D 814 34.98 42.86 -22.48
CA LEU D 814 33.73 42.16 -22.37
C LEU D 814 33.12 42.02 -23.72
N ALA D 815 33.15 43.06 -24.53
CA ALA D 815 32.66 42.90 -25.88
C ALA D 815 33.57 41.99 -26.68
N LYS D 816 34.88 42.25 -26.62
CA LYS D 816 35.81 41.31 -27.22
C LYS D 816 35.54 39.94 -26.70
N TYR D 817 35.03 39.85 -25.50
CA TYR D 817 34.47 38.60 -25.05
C TYR D 817 32.97 38.59 -25.14
N GLY D 818 32.38 39.66 -25.65
CA GLY D 818 30.96 39.67 -25.91
C GLY D 818 30.75 38.80 -27.10
N TYR D 819 29.60 38.96 -27.75
CA TYR D 819 29.03 37.87 -28.49
C TYR D 819 30.06 37.20 -29.35
N SER D 820 30.09 35.90 -29.26
CA SER D 820 30.83 35.13 -30.23
C SER D 820 29.85 34.34 -31.05
N ASP D 821 30.27 34.02 -32.26
CA ASP D 821 29.33 33.65 -33.30
C ASP D 821 28.46 32.47 -32.89
N ASP D 822 28.75 31.84 -31.78
CA ASP D 822 27.76 30.95 -31.21
C ASP D 822 26.95 31.72 -30.16
N MET D 823 27.53 31.92 -28.99
CA MET D 823 27.08 32.98 -28.10
C MET D 823 28.27 33.85 -27.79
N GLY D 824 29.14 33.37 -26.92
CA GLY D 824 30.18 34.22 -26.39
C GLY D 824 29.48 35.43 -25.86
N ALA D 825 28.21 35.23 -25.54
CA ALA D 825 27.33 36.31 -25.23
C ALA D 825 26.48 35.94 -24.03
N ARG D 826 25.51 35.07 -24.26
CA ARG D 826 24.70 34.63 -23.13
C ARG D 826 25.53 34.05 -22.02
N PRO D 827 26.55 33.24 -22.28
CA PRO D 827 27.30 32.66 -21.18
C PRO D 827 27.99 33.69 -20.36
N LEU D 828 28.28 34.83 -20.95
CA LEU D 828 29.33 35.66 -20.41
C LEU D 828 29.13 35.86 -18.95
N ASN D 829 27.89 35.86 -18.52
CA ASN D 829 27.52 36.15 -17.17
C ASN D 829 28.52 35.49 -16.29
N ARG D 830 28.48 34.16 -16.27
CA ARG D 830 29.52 33.42 -15.58
C ARG D 830 30.84 34.04 -15.93
N LEU D 831 31.15 33.94 -17.21
CA LEU D 831 32.45 34.26 -17.72
C LEU D 831 32.81 35.65 -17.29
N ILE D 832 31.79 36.47 -17.12
CA ILE D 832 31.92 37.79 -16.56
C ILE D 832 32.07 37.64 -15.08
N GLN D 833 30.97 37.17 -14.51
CA GLN D 833 30.76 37.35 -13.10
C GLN D 833 31.89 36.74 -12.35
N ASN D 834 32.26 35.53 -12.75
CA ASN D 834 33.41 34.87 -12.19
C ASN D 834 34.46 35.93 -12.01
N GLU D 835 34.93 36.48 -13.11
CA GLU D 835 35.92 37.54 -13.02
C GLU D 835 35.48 38.52 -11.98
N ILE D 836 34.26 38.98 -12.13
CA ILE D 836 33.73 39.92 -11.17
C ILE D 836 33.82 39.28 -9.81
N LEU D 837 33.15 38.15 -9.68
CA LEU D 837 33.25 37.39 -8.46
C LEU D 837 34.68 37.26 -8.06
N ASN D 838 35.49 36.81 -9.01
CA ASN D 838 36.88 36.64 -8.73
C ASN D 838 37.42 37.90 -8.10
N LYS D 839 37.03 39.05 -8.64
CA LYS D 839 37.64 40.27 -8.15
C LYS D 839 37.16 40.47 -6.73
N LEU D 840 35.87 40.76 -6.63
CA LEU D 840 35.31 41.13 -5.35
C LEU D 840 35.63 40.09 -4.29
N ALA D 841 35.70 38.83 -4.69
CA ALA D 841 36.11 37.79 -3.75
C ALA D 841 37.29 38.28 -2.95
N LEU D 842 38.39 38.50 -3.64
CA LEU D 842 39.57 39.11 -3.08
C LEU D 842 39.23 40.27 -2.20
N ARG D 843 38.37 41.12 -2.68
CA ARG D 843 38.08 42.27 -1.88
C ARG D 843 37.05 41.92 -0.85
N ILE D 844 36.01 41.24 -1.28
CA ILE D 844 35.05 40.78 -0.31
C ILE D 844 35.75 39.89 0.69
N LEU D 845 36.79 39.23 0.25
CA LEU D 845 37.80 38.87 1.22
C LEU D 845 38.15 40.09 2.05
N LYS D 846 38.87 41.04 1.48
CA LYS D 846 39.54 41.99 2.35
C LYS D 846 38.59 43.09 2.78
N ASN D 847 37.79 43.58 1.84
CA ASN D 847 36.73 44.52 2.14
C ASN D 847 37.31 45.82 2.67
N GLU D 848 38.32 46.36 1.98
CA GLU D 848 39.08 47.49 2.52
C GLU D 848 38.16 48.57 3.03
N ILE D 849 37.00 48.72 2.41
CA ILE D 849 35.88 49.45 3.00
C ILE D 849 34.60 48.78 2.50
N LYS D 850 33.61 48.61 3.38
CA LYS D 850 32.37 48.04 2.89
C LYS D 850 31.58 49.01 2.07
N ASP D 851 31.98 50.27 2.10
CA ASP D 851 31.50 51.30 1.21
C ASP D 851 32.76 51.80 0.54
N LYS D 852 32.76 52.99 -0.05
CA LYS D 852 33.80 53.39 -1.00
C LYS D 852 33.66 52.57 -2.26
N GLU D 853 34.65 51.73 -2.52
CA GLU D 853 34.67 50.75 -3.61
C GLU D 853 34.54 51.52 -4.93
N THR D 854 33.75 51.01 -5.87
CA THR D 854 33.27 51.79 -7.00
C THR D 854 34.44 52.32 -7.82
N VAL D 855 35.16 51.39 -8.43
CA VAL D 855 36.35 51.67 -9.21
C VAL D 855 36.08 51.14 -10.60
N ASN D 856 37.01 51.27 -11.55
CA ASN D 856 36.97 50.47 -12.78
C ASN D 856 38.38 50.01 -13.13
N VAL D 857 38.44 49.03 -14.00
CA VAL D 857 39.60 48.17 -14.06
C VAL D 857 40.65 48.74 -14.99
N VAL D 858 41.90 48.66 -14.55
CA VAL D 858 43.02 48.90 -15.44
C VAL D 858 43.04 47.91 -16.58
N LEU D 859 42.43 46.75 -16.40
CA LEU D 859 42.69 45.61 -17.25
C LEU D 859 41.50 44.67 -17.36
N GLU D 872 47.29 39.61 -19.79
CA GLU D 872 48.25 38.95 -20.66
C GLU D 872 48.46 39.74 -21.92
N ALA D 873 48.71 39.01 -23.01
CA ALA D 873 48.71 39.61 -24.32
C ALA D 873 47.44 40.38 -24.57
N GLU D 874 46.36 40.00 -23.89
CA GLU D 874 45.19 40.85 -23.83
C GLU D 874 45.55 42.25 -23.38
N GLU D 875 46.61 42.39 -22.58
CA GLU D 875 46.87 43.64 -21.86
C GLU D 875 45.64 43.97 -21.03
N CYS D 876 45.29 43.00 -20.18
CA CYS D 876 43.98 42.90 -19.56
C CYS D 876 44.16 42.11 -18.27
N LEU D 877 43.10 41.43 -17.83
CA LEU D 877 43.07 40.59 -16.65
C LEU D 877 42.93 41.40 -15.37
N GLU D 878 42.26 42.51 -15.48
CA GLU D 878 41.27 42.86 -14.47
C GLU D 878 41.70 43.19 -13.05
N VAL D 879 40.99 42.57 -12.11
CA VAL D 879 40.84 42.98 -10.71
C VAL D 879 40.44 44.46 -10.72
N LEU D 880 40.90 45.22 -9.72
CA LEU D 880 40.41 46.53 -9.28
C LEU D 880 41.13 46.96 -8.00
N PRO D 881 41.31 48.26 -7.77
CA PRO D 881 42.00 48.70 -6.55
C PRO D 881 41.20 48.54 -5.28
N ASN D 882 39.92 48.91 -5.30
CA ASN D 882 39.10 49.13 -4.12
C ASN D 882 37.78 49.68 -4.56
N TYR E 166 -32.97 -20.22 -4.76
CA TYR E 166 -33.61 -20.54 -3.51
C TYR E 166 -34.04 -19.26 -2.89
N LEU E 167 -34.94 -19.34 -1.92
CA LEU E 167 -35.39 -18.13 -1.27
C LEU E 167 -34.20 -17.30 -0.82
N SER E 168 -33.31 -17.91 -0.03
CA SER E 168 -32.05 -17.26 0.30
C SER E 168 -31.28 -16.98 -0.95
N LYS E 169 -31.34 -17.91 -1.86
CA LYS E 169 -30.67 -17.62 -3.11
C LYS E 169 -31.49 -16.66 -3.93
N TYR E 170 -32.63 -16.22 -3.42
CA TYR E 170 -33.33 -15.06 -3.96
C TYR E 170 -33.77 -15.28 -5.38
N ALA E 171 -34.76 -16.15 -5.55
CA ALA E 171 -35.42 -16.22 -6.83
C ALA E 171 -35.86 -14.84 -7.26
N ILE E 172 -35.46 -14.40 -8.45
CA ILE E 172 -36.15 -13.27 -9.04
C ILE E 172 -37.08 -13.92 -10.03
N ASP E 173 -38.28 -14.19 -9.56
CA ASP E 173 -39.13 -15.15 -10.21
C ASP E 173 -40.19 -14.49 -11.05
N MET E 174 -40.09 -13.20 -11.33
CA MET E 174 -41.21 -12.28 -11.33
C MET E 174 -42.54 -12.88 -11.78
N THR E 175 -42.53 -14.07 -12.35
CA THR E 175 -43.72 -14.79 -12.78
C THR E 175 -44.87 -14.66 -11.81
N GLU E 176 -44.56 -14.31 -10.59
CA GLU E 176 -45.50 -13.82 -9.60
C GLU E 176 -45.91 -12.38 -9.89
N GLN E 177 -44.97 -11.44 -9.79
CA GLN E 177 -45.30 -10.10 -10.24
C GLN E 177 -45.63 -10.13 -11.70
N ALA E 178 -44.99 -11.04 -12.41
CA ALA E 178 -45.37 -11.29 -13.78
C ALA E 178 -46.64 -12.11 -13.83
N ARG E 179 -46.95 -12.87 -12.80
CA ARG E 179 -48.34 -13.26 -12.64
C ARG E 179 -49.16 -12.01 -12.48
N GLN E 180 -48.78 -11.18 -11.52
CA GLN E 180 -49.37 -9.85 -11.45
C GLN E 180 -49.12 -9.04 -12.70
N GLY E 181 -48.13 -9.45 -13.49
CA GLY E 181 -47.94 -8.90 -14.83
C GLY E 181 -47.78 -7.41 -14.89
N LYS E 182 -47.04 -6.83 -13.96
CA LYS E 182 -46.96 -5.37 -13.92
C LYS E 182 -45.93 -4.80 -14.91
N LEU E 183 -44.89 -5.56 -15.25
CA LEU E 183 -43.77 -4.97 -15.98
C LEU E 183 -43.97 -5.00 -17.50
N ASP E 184 -45.00 -5.73 -17.99
CA ASP E 184 -45.72 -5.51 -19.24
C ASP E 184 -45.12 -6.02 -20.55
N PRO E 185 -45.99 -6.32 -21.53
CA PRO E 185 -45.61 -7.17 -22.67
C PRO E 185 -44.70 -6.55 -23.71
N VAL E 186 -43.40 -6.73 -23.55
CA VAL E 186 -42.43 -6.47 -24.60
C VAL E 186 -42.82 -7.24 -25.86
N ILE E 187 -42.50 -6.71 -27.04
CA ILE E 187 -42.95 -7.32 -28.30
C ILE E 187 -41.83 -7.37 -29.34
N GLY E 188 -42.01 -8.26 -30.32
CA GLY E 188 -41.40 -8.22 -31.64
C GLY E 188 -40.35 -9.26 -31.92
N ARG E 189 -39.69 -9.79 -30.91
CA ARG E 189 -38.66 -10.77 -31.14
C ARG E 189 -39.21 -12.17 -31.01
N GLU E 190 -40.53 -12.26 -30.85
CA GLU E 190 -41.24 -13.49 -30.55
C GLU E 190 -40.70 -14.59 -31.40
N GLU E 191 -40.87 -14.39 -32.69
CA GLU E 191 -40.46 -15.35 -33.68
C GLU E 191 -39.13 -15.97 -33.31
N GLU E 192 -38.16 -15.13 -32.98
CA GLU E 192 -36.88 -15.61 -32.52
C GLU E 192 -37.22 -16.46 -31.35
N ILE E 193 -37.68 -15.73 -30.38
CA ILE E 193 -37.95 -16.21 -29.05
C ILE E 193 -38.73 -17.47 -29.24
N ARG E 194 -39.83 -17.38 -29.98
CA ARG E 194 -40.63 -18.53 -30.29
C ARG E 194 -39.71 -19.67 -30.64
N SER E 195 -39.06 -19.52 -31.77
CA SER E 195 -38.07 -20.50 -32.15
C SER E 195 -37.00 -20.61 -31.11
N THR E 196 -36.51 -19.47 -30.63
CA THR E 196 -35.53 -19.55 -29.56
C THR E 196 -36.09 -20.36 -28.42
N ILE E 197 -37.28 -20.01 -27.96
CA ILE E 197 -37.97 -20.85 -26.99
C ILE E 197 -37.90 -22.28 -27.42
N ARG E 198 -38.31 -22.53 -28.65
CA ARG E 198 -38.15 -23.86 -29.19
C ARG E 198 -36.72 -24.31 -28.98
N VAL E 199 -35.75 -23.47 -29.38
CA VAL E 199 -34.35 -23.77 -29.07
C VAL E 199 -34.20 -23.98 -27.59
N LEU E 200 -34.77 -23.10 -26.81
CA LEU E 200 -34.73 -23.27 -25.38
C LEU E 200 -35.39 -24.56 -24.96
N ALA E 201 -36.12 -25.21 -25.84
CA ALA E 201 -36.62 -26.54 -25.54
C ALA E 201 -35.74 -27.65 -26.09
N ARG E 202 -34.59 -27.33 -26.70
CA ARG E 202 -33.86 -28.30 -27.50
C ARG E 202 -33.60 -29.60 -26.75
N ARG E 203 -33.91 -30.71 -27.43
CA ARG E 203 -33.63 -32.03 -26.88
C ARG E 203 -32.20 -32.14 -26.39
N ILE E 204 -31.31 -31.39 -26.98
CA ILE E 204 -29.91 -31.73 -26.83
C ILE E 204 -29.21 -30.68 -26.02
N LYS E 205 -29.13 -29.46 -26.53
CA LYS E 205 -28.67 -28.35 -25.70
C LYS E 205 -29.58 -27.19 -26.05
N SER E 206 -30.29 -26.69 -25.05
CA SER E 206 -31.27 -25.65 -25.23
C SER E 206 -30.76 -24.25 -24.93
N ASN E 207 -29.46 -24.04 -24.75
CA ASN E 207 -29.08 -22.76 -24.17
C ASN E 207 -28.33 -21.84 -25.10
N PRO E 208 -29.05 -21.10 -25.93
CA PRO E 208 -28.44 -20.00 -26.68
C PRO E 208 -28.38 -18.73 -25.88
N CYS E 209 -28.07 -17.65 -26.59
CA CYS E 209 -28.07 -16.31 -26.03
C CYS E 209 -28.24 -15.33 -27.16
N LEU E 210 -28.54 -14.09 -26.79
CA LEU E 210 -28.47 -12.99 -27.72
C LEU E 210 -27.52 -11.95 -27.17
N ILE E 211 -26.83 -11.31 -28.09
CA ILE E 211 -25.59 -10.60 -27.80
C ILE E 211 -25.59 -9.31 -28.58
N GLY E 212 -24.92 -8.31 -28.05
CA GLY E 212 -24.88 -7.05 -28.75
C GLY E 212 -24.84 -5.89 -27.78
N GLU E 213 -25.29 -4.74 -28.26
CA GLU E 213 -25.37 -3.56 -27.42
C GLU E 213 -26.17 -3.88 -26.16
N PRO E 214 -25.95 -3.14 -25.09
CA PRO E 214 -26.35 -3.63 -23.77
C PRO E 214 -27.74 -3.15 -23.34
N GLY E 215 -28.13 -3.63 -22.17
CA GLY E 215 -29.24 -3.03 -21.44
C GLY E 215 -30.59 -3.26 -22.09
N ILE E 216 -31.43 -2.25 -21.95
CA ILE E 216 -32.54 -1.93 -22.85
C ILE E 216 -33.44 -3.13 -23.03
N GLY E 217 -34.01 -3.35 -24.19
CA GLY E 217 -35.16 -4.22 -24.31
C GLY E 217 -34.89 -5.67 -24.01
N LYS E 218 -33.73 -5.95 -23.47
CA LYS E 218 -33.19 -7.25 -23.77
C LYS E 218 -33.65 -8.30 -22.77
N THR E 219 -33.27 -8.18 -21.52
CA THR E 219 -33.87 -9.07 -20.55
C THR E 219 -35.37 -9.01 -20.70
N ALA E 220 -35.87 -7.83 -21.02
CA ALA E 220 -37.27 -7.69 -21.34
C ALA E 220 -37.69 -8.76 -22.32
N ILE E 221 -36.83 -9.05 -23.29
CA ILE E 221 -37.09 -10.22 -24.10
C ILE E 221 -37.23 -11.41 -23.19
N ILE E 222 -36.18 -11.70 -22.44
CA ILE E 222 -36.24 -12.82 -21.52
C ILE E 222 -37.53 -12.78 -20.79
N GLU E 223 -37.86 -11.60 -20.30
CA GLU E 223 -39.15 -11.39 -19.71
C GLU E 223 -40.23 -11.69 -20.71
N GLY E 224 -40.20 -10.98 -21.82
CA GLY E 224 -41.16 -11.29 -22.86
C GLY E 224 -41.16 -12.78 -23.14
N VAL E 225 -39.97 -13.35 -23.29
CA VAL E 225 -39.85 -14.79 -23.26
C VAL E 225 -40.61 -15.31 -22.07
N ALA E 226 -40.12 -14.95 -20.90
CA ALA E 226 -40.75 -15.36 -19.66
C ALA E 226 -42.23 -15.16 -19.77
N GLN E 227 -42.63 -14.07 -20.38
CA GLN E 227 -44.06 -14.00 -20.58
C GLN E 227 -44.57 -15.20 -21.33
N ARG E 228 -44.19 -15.34 -22.59
CA ARG E 228 -44.81 -16.40 -23.37
C ARG E 228 -44.70 -17.70 -22.63
N ILE E 229 -43.60 -17.85 -21.94
CA ILE E 229 -43.48 -18.90 -20.97
C ILE E 229 -44.72 -18.88 -20.11
N ILE E 230 -44.81 -17.86 -19.27
CA ILE E 230 -45.94 -17.73 -18.37
C ILE E 230 -47.22 -17.92 -19.16
N ASP E 231 -47.19 -17.47 -20.41
CA ASP E 231 -48.34 -17.58 -21.29
C ASP E 231 -48.72 -19.01 -21.55
N ASP E 232 -48.00 -19.93 -20.92
CA ASP E 232 -48.41 -21.32 -21.02
C ASP E 232 -48.30 -21.75 -22.47
N ASP E 233 -49.42 -22.00 -23.14
CA ASP E 233 -49.55 -23.12 -24.08
C ASP E 233 -48.30 -23.32 -24.93
N VAL E 234 -47.79 -24.55 -24.87
CA VAL E 234 -46.48 -24.95 -25.39
C VAL E 234 -46.41 -26.46 -25.51
N PRO E 235 -45.31 -26.98 -26.02
CA PRO E 235 -45.02 -28.39 -25.80
C PRO E 235 -45.03 -28.73 -24.34
N THR E 236 -45.39 -29.98 -24.08
CA THR E 236 -45.75 -30.42 -22.74
C THR E 236 -44.73 -29.98 -21.72
N ILE E 237 -43.48 -30.32 -21.98
CA ILE E 237 -42.40 -30.07 -21.04
C ILE E 237 -42.43 -28.61 -20.60
N LEU E 238 -42.86 -27.75 -21.50
CA LEU E 238 -42.39 -26.39 -21.42
C LEU E 238 -43.12 -25.61 -20.34
N GLN E 239 -44.44 -25.70 -20.24
CA GLN E 239 -45.11 -25.03 -19.14
C GLN E 239 -45.00 -25.85 -17.86
N GLY E 240 -44.29 -26.97 -17.92
CA GLY E 240 -43.86 -27.67 -16.74
C GLY E 240 -42.66 -26.95 -16.18
N ALA E 241 -42.55 -25.66 -16.52
CA ALA E 241 -41.46 -24.83 -16.07
C ALA E 241 -41.96 -23.64 -15.27
N LYS E 242 -41.02 -23.01 -14.59
CA LYS E 242 -41.15 -21.66 -14.05
C LYS E 242 -39.73 -21.10 -14.04
N LEU E 243 -39.47 -20.09 -13.24
CA LEU E 243 -38.17 -19.51 -13.38
C LEU E 243 -37.70 -18.94 -12.07
N PHE E 244 -36.62 -18.20 -12.18
CA PHE E 244 -36.34 -17.06 -11.34
C PHE E 244 -35.27 -16.27 -12.06
N SER E 245 -34.77 -15.25 -11.39
CA SER E 245 -33.51 -14.66 -11.75
C SER E 245 -32.88 -14.26 -10.45
N LEU E 246 -31.84 -13.45 -10.51
CA LEU E 246 -31.05 -13.24 -9.30
C LEU E 246 -29.88 -12.31 -9.51
N ASP E 247 -29.16 -12.02 -8.45
CA ASP E 247 -27.71 -11.94 -8.49
C ASP E 247 -27.12 -12.76 -7.38
N LEU E 248 -26.26 -13.68 -7.74
CA LEU E 248 -25.19 -13.93 -6.80
C LEU E 248 -24.44 -12.65 -6.58
N ALA E 249 -24.36 -11.80 -7.59
CA ALA E 249 -23.79 -10.49 -7.36
C ALA E 249 -24.39 -9.93 -6.09
N ALA E 250 -25.69 -10.08 -5.95
CA ALA E 250 -26.29 -10.00 -4.64
C ALA E 250 -25.66 -11.03 -3.72
N LEU E 251 -25.94 -12.29 -3.97
CA LEU E 251 -25.48 -13.29 -3.04
C LEU E 251 -23.97 -13.35 -2.88
N THR E 252 -23.20 -12.57 -3.65
CA THR E 252 -21.75 -12.57 -3.52
C THR E 252 -21.32 -12.49 -2.06
N ALA E 253 -21.44 -11.31 -1.45
CA ALA E 253 -21.44 -11.29 0.00
C ALA E 253 -22.86 -11.46 0.51
N GLY E 254 -23.84 -11.28 -0.39
CA GLY E 254 -25.23 -11.42 -0.05
C GLY E 254 -25.64 -12.81 0.34
N ALA E 255 -24.82 -13.80 0.01
CA ALA E 255 -24.93 -15.09 0.69
C ALA E 255 -24.12 -15.01 1.98
N LYS E 256 -22.79 -15.03 1.86
CA LYS E 256 -21.99 -15.51 2.98
C LYS E 256 -20.57 -14.95 2.87
N TYR E 257 -19.67 -15.55 3.65
CA TYR E 257 -18.25 -15.24 3.71
C TYR E 257 -17.51 -15.79 2.49
N LYS E 258 -16.29 -15.31 2.32
CA LYS E 258 -15.51 -15.58 1.11
C LYS E 258 -15.35 -17.06 0.82
N GLY E 259 -15.39 -17.39 -0.47
CA GLY E 259 -15.36 -18.75 -0.98
C GLY E 259 -16.66 -19.26 -1.55
N ASP E 260 -17.73 -18.48 -1.49
CA ASP E 260 -19.06 -18.97 -1.79
C ASP E 260 -19.54 -18.69 -3.19
N PHE E 261 -18.64 -18.26 -4.09
CA PHE E 261 -19.03 -18.07 -5.48
C PHE E 261 -19.96 -19.17 -5.90
N GLU E 262 -19.41 -20.36 -6.01
CA GLU E 262 -20.19 -21.46 -6.49
C GLU E 262 -21.12 -21.99 -5.42
N GLU E 263 -21.02 -21.46 -4.21
CA GLU E 263 -21.57 -22.11 -3.03
C GLU E 263 -22.97 -22.59 -3.20
N ARG E 264 -23.87 -21.63 -3.25
CA ARG E 264 -25.26 -21.96 -3.12
C ARG E 264 -25.78 -22.72 -4.32
N PHE E 265 -25.05 -22.66 -5.43
CA PHE E 265 -25.35 -23.55 -6.53
C PHE E 265 -25.53 -24.94 -6.01
N LYS E 266 -24.64 -25.33 -5.10
CA LYS E 266 -24.70 -26.67 -4.54
C LYS E 266 -26.10 -26.98 -4.05
N GLY E 267 -26.67 -26.05 -3.30
CA GLY E 267 -28.06 -26.20 -2.98
C GLY E 267 -28.77 -26.23 -4.31
N VAL E 268 -28.52 -25.19 -5.09
CA VAL E 268 -29.25 -24.96 -6.33
C VAL E 268 -29.31 -26.28 -7.04
N LEU E 269 -28.20 -27.00 -6.98
CA LEU E 269 -28.10 -28.25 -7.69
C LEU E 269 -29.32 -29.07 -7.42
N LYS E 270 -29.43 -29.59 -6.22
CA LYS E 270 -30.63 -30.36 -6.00
C LYS E 270 -31.82 -29.45 -5.95
N GLU E 271 -31.63 -28.24 -5.43
CA GLU E 271 -32.72 -27.29 -5.46
C GLU E 271 -33.35 -27.30 -6.82
N ILE E 272 -32.51 -27.22 -7.83
CA ILE E 272 -32.98 -27.60 -9.15
C ILE E 272 -33.56 -28.98 -9.10
N GLU E 273 -32.76 -29.94 -8.70
CA GLU E 273 -33.08 -31.28 -9.09
C GLU E 273 -34.10 -31.93 -8.18
N GLU E 274 -34.52 -31.22 -7.15
CA GLU E 274 -35.43 -31.81 -6.18
C GLU E 274 -36.85 -31.43 -6.55
N SER E 275 -37.60 -32.43 -7.00
CA SER E 275 -39.05 -32.32 -7.18
C SER E 275 -39.37 -31.24 -8.19
N LYS E 276 -38.38 -30.45 -8.52
CA LYS E 276 -38.60 -29.18 -9.16
C LYS E 276 -38.99 -29.39 -10.62
N THR E 277 -39.99 -28.64 -11.06
CA THR E 277 -40.40 -28.68 -12.45
C THR E 277 -39.42 -27.81 -13.23
N LEU E 278 -39.73 -27.49 -14.47
CA LEU E 278 -38.71 -27.01 -15.40
C LEU E 278 -38.32 -25.57 -15.09
N ILE E 279 -38.67 -25.12 -13.89
CA ILE E 279 -38.34 -23.81 -13.39
C ILE E 279 -36.89 -23.47 -13.66
N VAL E 280 -36.64 -22.28 -14.15
CA VAL E 280 -35.28 -21.89 -14.49
C VAL E 280 -35.01 -20.48 -14.00
N LEU E 281 -34.15 -20.36 -13.00
CA LEU E 281 -33.56 -19.06 -12.78
C LEU E 281 -32.48 -18.85 -13.83
N PHE E 282 -31.89 -17.67 -13.81
CA PHE E 282 -30.84 -17.30 -14.74
C PHE E 282 -30.55 -15.86 -14.43
N ILE E 283 -29.42 -15.39 -14.92
CA ILE E 283 -29.11 -13.97 -14.98
C ILE E 283 -28.18 -13.83 -16.16
N ASP E 284 -27.97 -12.60 -16.63
CA ASP E 284 -27.43 -12.55 -17.97
C ASP E 284 -25.94 -12.56 -18.04
N GLU E 285 -25.29 -11.39 -17.93
CA GLU E 285 -23.86 -11.46 -18.11
C GLU E 285 -23.22 -12.22 -16.99
N ILE E 286 -23.94 -12.41 -15.91
CA ILE E 286 -23.41 -13.18 -14.80
C ILE E 286 -22.72 -14.42 -15.34
N HIS E 287 -23.29 -15.02 -16.38
CA HIS E 287 -22.68 -16.16 -17.02
C HIS E 287 -21.26 -15.84 -17.42
N MET E 288 -20.99 -14.58 -17.78
CA MET E 288 -19.59 -14.19 -17.87
C MET E 288 -18.89 -14.60 -16.60
N LEU E 289 -19.51 -14.33 -15.47
CA LEU E 289 -18.80 -14.48 -14.23
C LEU E 289 -17.60 -13.60 -14.45
N MET E 290 -16.44 -14.25 -14.49
CA MET E 290 -15.22 -13.71 -15.05
C MET E 290 -15.11 -12.25 -14.72
N GLY E 291 -14.92 -11.95 -13.44
CA GLY E 291 -14.33 -10.66 -13.11
C GLY E 291 -13.05 -10.47 -13.89
N ASN E 292 -12.15 -11.44 -13.79
CA ASN E 292 -10.95 -11.49 -14.59
C ASN E 292 -10.58 -12.94 -14.78
N GLY E 293 -9.78 -13.21 -15.81
CA GLY E 293 -9.28 -14.56 -15.97
C GLY E 293 -10.42 -15.54 -16.16
N LYS E 294 -10.50 -16.52 -15.26
CA LYS E 294 -11.46 -17.60 -15.39
C LYS E 294 -12.11 -17.88 -14.04
N ASP E 295 -13.44 -17.73 -13.99
CA ASP E 295 -14.20 -18.03 -12.78
C ASP E 295 -14.61 -19.50 -12.73
N ASP E 296 -15.41 -19.93 -13.70
CA ASP E 296 -15.67 -21.34 -13.92
C ASP E 296 -16.49 -22.03 -12.84
N ALA E 297 -16.79 -21.30 -11.77
CA ALA E 297 -17.53 -21.89 -10.68
C ALA E 297 -18.76 -22.60 -11.23
N ALA E 298 -19.78 -21.85 -11.64
CA ALA E 298 -20.88 -22.54 -12.28
C ALA E 298 -20.46 -23.14 -13.61
N ASN E 299 -19.29 -22.78 -14.12
CA ASN E 299 -18.80 -23.53 -15.26
C ASN E 299 -18.38 -24.92 -14.85
N ILE E 300 -17.86 -25.06 -13.64
CA ILE E 300 -17.90 -26.39 -13.04
C ILE E 300 -19.30 -26.94 -13.17
N LEU E 301 -20.25 -26.17 -12.69
CA LEU E 301 -21.63 -26.56 -12.84
C LEU E 301 -22.04 -26.66 -14.29
N LYS E 302 -21.35 -26.00 -15.19
CA LYS E 302 -21.81 -26.03 -16.55
C LYS E 302 -22.11 -27.45 -16.97
N PRO E 303 -21.17 -28.38 -16.89
CA PRO E 303 -21.60 -29.75 -17.13
C PRO E 303 -22.56 -30.17 -16.06
N ALA E 304 -22.33 -29.75 -14.82
CA ALA E 304 -23.26 -30.13 -13.77
C ALA E 304 -24.64 -29.58 -14.06
N LEU E 305 -24.70 -28.52 -14.86
CA LEU E 305 -25.96 -28.16 -15.47
C LEU E 305 -26.45 -29.29 -16.35
N SER E 306 -25.66 -29.68 -17.33
CA SER E 306 -26.03 -30.80 -18.18
C SER E 306 -26.25 -32.02 -17.33
N ARG E 307 -25.46 -32.17 -16.27
CA ARG E 307 -25.80 -33.14 -15.25
C ARG E 307 -27.16 -32.80 -14.66
N GLY E 308 -27.28 -31.59 -14.14
CA GLY E 308 -28.58 -31.14 -13.66
C GLY E 308 -29.65 -31.26 -14.70
N GLN E 309 -29.26 -31.25 -15.98
CA GLN E 309 -30.22 -31.45 -17.05
C GLN E 309 -31.31 -30.39 -17.00
N LEU E 310 -30.91 -29.15 -16.74
CA LEU E 310 -31.85 -28.04 -16.76
C LEU E 310 -31.22 -26.83 -17.42
N LYS E 311 -31.93 -26.28 -18.38
CA LYS E 311 -31.55 -25.00 -18.94
C LYS E 311 -31.33 -23.96 -17.87
N VAL E 312 -30.28 -23.18 -18.06
CA VAL E 312 -30.21 -21.81 -17.60
C VAL E 312 -29.50 -21.06 -18.70
N ILE E 313 -29.75 -19.75 -18.81
CA ILE E 313 -29.09 -18.93 -19.82
C ILE E 313 -28.72 -17.56 -19.26
N GLY E 314 -27.47 -17.15 -19.49
CA GLY E 314 -27.05 -15.77 -19.30
C GLY E 314 -26.99 -15.03 -20.63
N ALA E 315 -26.62 -13.77 -20.55
CA ALA E 315 -26.58 -12.95 -21.76
C ALA E 315 -25.48 -11.93 -21.67
N THR E 316 -24.73 -11.79 -22.75
CA THR E 316 -23.68 -10.80 -22.86
C THR E 316 -23.78 -10.11 -24.20
N THR E 317 -22.84 -9.22 -24.45
CA THR E 317 -22.70 -8.63 -25.75
C THR E 317 -22.20 -9.66 -26.72
N ASN E 318 -22.09 -9.25 -27.96
CA ASN E 318 -21.16 -9.93 -28.82
C ASN E 318 -19.82 -10.01 -28.14
N ASN E 319 -19.39 -8.88 -27.58
CA ASN E 319 -17.98 -8.68 -27.28
C ASN E 319 -17.41 -9.84 -26.50
N GLU E 320 -18.10 -10.23 -25.45
CA GLU E 320 -17.42 -11.07 -24.46
C GLU E 320 -17.24 -12.49 -24.95
N TYR E 321 -18.35 -13.20 -25.18
CA TYR E 321 -18.32 -14.65 -25.17
C TYR E 321 -17.21 -15.22 -26.01
N ARG E 322 -16.87 -14.56 -27.12
CA ARG E 322 -15.85 -15.10 -27.98
C ARG E 322 -14.62 -15.34 -27.14
N SER E 323 -14.02 -14.27 -26.63
CA SER E 323 -12.91 -14.40 -25.71
C SER E 323 -13.19 -15.48 -24.69
N ILE E 324 -14.40 -15.45 -24.15
CA ILE E 324 -14.78 -16.45 -23.17
C ILE E 324 -14.79 -17.83 -23.81
N VAL E 325 -15.48 -17.96 -24.93
CA VAL E 325 -15.47 -19.27 -25.59
C VAL E 325 -14.10 -19.52 -26.17
N GLU E 326 -13.39 -18.48 -26.57
CA GLU E 326 -11.97 -18.63 -26.86
C GLU E 326 -11.27 -19.23 -25.66
N LYS E 327 -11.62 -18.78 -24.47
CA LYS E 327 -11.10 -19.41 -23.27
C LYS E 327 -11.80 -20.73 -22.99
N ASP E 328 -13.13 -20.75 -23.05
CA ASP E 328 -13.80 -21.99 -22.69
C ASP E 328 -13.80 -23.01 -23.82
N GLY E 329 -14.04 -22.60 -25.06
CA GLY E 329 -14.40 -23.66 -25.97
C GLY E 329 -15.79 -24.15 -25.67
N ALA E 330 -15.88 -25.33 -25.06
CA ALA E 330 -17.12 -26.09 -24.99
C ALA E 330 -18.31 -25.26 -24.59
N PHE E 331 -18.07 -24.09 -24.03
CA PHE E 331 -19.14 -23.24 -23.56
C PHE E 331 -20.28 -23.19 -24.54
N GLU E 332 -20.08 -22.44 -25.61
CA GLU E 332 -21.15 -22.40 -26.57
C GLU E 332 -21.11 -23.64 -27.41
N ARG E 333 -19.97 -24.29 -27.46
CA ARG E 333 -20.00 -25.64 -27.95
C ARG E 333 -21.02 -26.45 -27.19
N ARG E 334 -21.20 -26.17 -25.92
CA ARG E 334 -22.32 -26.73 -25.20
C ARG E 334 -23.51 -25.79 -25.20
N PHE E 335 -23.45 -24.73 -25.98
CA PHE E 335 -24.54 -23.77 -26.12
C PHE E 335 -24.94 -23.46 -27.52
N GLN E 336 -25.73 -22.41 -27.64
CA GLN E 336 -26.17 -21.86 -28.90
C GLN E 336 -26.07 -20.35 -28.78
N LYS E 337 -26.54 -19.63 -29.79
CA LYS E 337 -26.75 -18.19 -29.69
C LYS E 337 -27.80 -17.74 -30.67
N ILE E 338 -28.28 -16.54 -30.44
CA ILE E 338 -28.90 -15.72 -31.46
C ILE E 338 -28.35 -14.34 -31.11
N GLU E 339 -28.88 -13.29 -31.70
CA GLU E 339 -28.24 -12.01 -31.47
C GLU E 339 -29.26 -10.89 -31.60
N VAL E 340 -28.94 -9.78 -30.93
CA VAL E 340 -29.75 -8.57 -31.02
C VAL E 340 -29.86 -8.14 -32.48
N ALA E 341 -31.09 -8.03 -32.96
CA ALA E 341 -31.33 -7.42 -34.24
C ALA E 341 -31.68 -5.96 -34.13
N GLU E 342 -31.89 -5.49 -32.92
CA GLU E 342 -32.44 -4.18 -32.67
C GLU E 342 -33.89 -4.15 -33.14
N PRO E 343 -34.72 -3.33 -32.52
CA PRO E 343 -36.09 -3.16 -33.00
C PRO E 343 -36.16 -2.50 -34.37
N SER E 344 -37.35 -2.59 -34.96
CA SER E 344 -37.61 -1.99 -36.24
C SER E 344 -37.85 -0.51 -36.03
N VAL E 345 -36.99 0.30 -36.62
CA VAL E 345 -36.81 1.69 -36.25
C VAL E 345 -38.17 2.33 -36.06
N ARG E 346 -38.91 2.46 -37.14
CA ARG E 346 -40.28 2.93 -37.04
C ARG E 346 -41.06 2.18 -36.00
N GLN E 347 -41.38 0.96 -36.37
CA GLN E 347 -42.45 0.21 -35.79
C GLN E 347 -42.17 -0.03 -34.35
N THR E 348 -40.94 0.20 -33.98
CA THR E 348 -40.53 0.27 -32.60
C THR E 348 -41.62 1.04 -31.88
N VAL E 349 -42.04 2.14 -32.49
CA VAL E 349 -42.94 3.02 -31.78
C VAL E 349 -44.23 2.35 -31.42
N ALA E 350 -44.74 1.48 -32.28
CA ALA E 350 -46.01 0.84 -31.97
C ALA E 350 -46.00 0.32 -30.56
N ILE E 351 -45.01 -0.49 -30.27
CA ILE E 351 -44.67 -0.80 -28.89
C ILE E 351 -44.68 0.49 -28.11
N LEU E 352 -43.81 1.40 -28.47
CA LEU E 352 -43.67 2.60 -27.70
C LEU E 352 -45.02 3.26 -27.57
N ARG E 353 -45.74 3.31 -28.68
CA ARG E 353 -47.13 3.67 -28.61
C ARG E 353 -47.82 2.82 -27.58
N GLY E 354 -47.89 1.52 -27.85
CA GLY E 354 -48.45 0.65 -26.86
C GLY E 354 -47.77 0.76 -25.53
N LEU E 355 -46.57 1.32 -25.48
CA LEU E 355 -46.00 1.51 -24.17
C LEU E 355 -46.75 2.58 -23.41
N GLN E 356 -47.21 3.59 -24.11
CA GLN E 356 -47.89 4.68 -23.45
C GLN E 356 -48.90 4.21 -22.42
N PRO E 357 -49.90 3.41 -22.82
CA PRO E 357 -50.96 3.08 -21.87
C PRO E 357 -50.41 2.64 -20.54
N LYS E 358 -49.43 1.77 -20.54
CA LYS E 358 -48.67 1.61 -19.31
C LYS E 358 -48.06 2.94 -18.97
N TYR E 359 -47.23 3.36 -19.90
CA TYR E 359 -46.22 4.32 -19.52
C TYR E 359 -46.84 5.65 -19.20
N GLU E 360 -47.85 6.04 -19.97
CA GLU E 360 -48.55 7.27 -19.66
C GLU E 360 -48.91 7.34 -18.20
N ILE E 361 -49.64 6.33 -17.75
CA ILE E 361 -50.34 6.42 -16.47
C ILE E 361 -49.41 6.88 -15.39
N HIS E 362 -48.13 6.59 -15.56
CA HIS E 362 -47.16 6.97 -14.59
C HIS E 362 -47.41 8.42 -14.27
N HIS E 363 -47.02 9.27 -15.16
CA HIS E 363 -47.40 10.64 -15.05
C HIS E 363 -48.45 10.74 -16.12
N GLY E 364 -49.72 10.74 -15.72
CA GLY E 364 -50.81 10.72 -16.70
C GLY E 364 -51.00 12.07 -17.36
N VAL E 365 -51.08 12.08 -18.68
CA VAL E 365 -51.28 13.28 -19.49
C VAL E 365 -51.95 12.85 -20.77
N ARG E 366 -52.07 13.74 -21.73
CA ARG E 366 -52.47 13.29 -23.04
C ARG E 366 -51.22 12.83 -23.77
N ILE E 367 -51.38 12.31 -24.98
CA ILE E 367 -50.23 12.12 -25.84
C ILE E 367 -50.58 12.34 -27.30
N LEU E 368 -49.75 13.14 -27.97
CA LEU E 368 -49.67 13.20 -29.42
C LEU E 368 -48.59 12.26 -29.93
N ASP E 369 -49.00 11.31 -30.73
CA ASP E 369 -48.11 10.30 -31.26
C ASP E 369 -46.94 10.83 -32.06
N SER E 370 -47.24 11.36 -33.24
CA SER E 370 -46.22 11.49 -34.27
C SER E 370 -44.94 12.08 -33.72
N ALA E 371 -45.08 13.09 -32.87
CA ALA E 371 -43.93 13.66 -32.23
C ALA E 371 -43.05 12.53 -31.73
N LEU E 372 -43.60 11.78 -30.79
CA LEU E 372 -42.85 10.75 -30.09
C LEU E 372 -42.04 9.97 -31.08
N VAL E 373 -42.71 9.55 -32.11
CA VAL E 373 -42.13 8.84 -33.20
C VAL E 373 -41.02 9.69 -33.74
N THR E 374 -41.46 10.73 -34.42
CA THR E 374 -40.52 11.65 -34.98
C THR E 374 -39.49 12.04 -33.95
N ALA E 375 -39.94 12.24 -32.72
CA ALA E 375 -39.00 12.44 -31.64
C ALA E 375 -37.97 11.34 -31.69
N ALA E 376 -38.44 10.11 -31.53
CA ALA E 376 -37.52 8.99 -31.56
C ALA E 376 -36.55 9.12 -32.71
N GLN E 377 -37.04 9.56 -33.86
CA GLN E 377 -36.20 9.63 -35.03
C GLN E 377 -34.94 10.38 -34.70
N LEU E 378 -35.08 11.66 -34.51
CA LEU E 378 -33.85 12.40 -34.33
C LEU E 378 -33.33 12.19 -32.95
N ALA E 379 -34.21 11.85 -32.01
CA ALA E 379 -33.70 11.29 -30.79
C ALA E 379 -32.63 10.29 -31.13
N LYS E 380 -33.05 9.24 -31.81
CA LYS E 380 -32.07 8.37 -32.42
C LYS E 380 -31.09 9.18 -33.21
N ARG E 381 -31.59 9.99 -34.13
CA ARG E 381 -30.60 10.69 -34.93
C ARG E 381 -29.72 11.54 -34.05
N TYR E 382 -30.30 12.61 -33.55
CA TYR E 382 -29.52 13.52 -32.72
C TYR E 382 -28.84 12.80 -31.59
N LEU E 383 -29.42 11.76 -31.04
CA LEU E 383 -28.63 10.99 -30.10
C LEU E 383 -28.72 9.54 -30.52
N PRO E 384 -27.79 9.13 -31.33
CA PRO E 384 -27.70 7.70 -31.63
C PRO E 384 -27.39 6.87 -30.42
N TYR E 385 -26.37 7.24 -29.67
CA TYR E 385 -25.69 6.25 -28.87
C TYR E 385 -26.50 5.76 -27.71
N ARG E 386 -27.72 6.24 -27.57
CA ARG E 386 -28.74 5.55 -26.79
C ARG E 386 -29.52 4.60 -27.69
N ARG E 387 -29.54 3.33 -27.33
CA ARG E 387 -29.96 2.28 -28.25
C ARG E 387 -31.43 2.42 -28.59
N LEU E 388 -31.80 1.82 -29.73
CA LEU E 388 -33.01 2.21 -30.43
C LEU E 388 -34.16 2.46 -29.47
N PRO E 389 -34.55 1.55 -28.59
CA PRO E 389 -35.50 1.96 -27.56
C PRO E 389 -34.96 3.04 -26.66
N ASP E 390 -33.74 2.86 -26.15
CA ASP E 390 -33.31 3.64 -25.00
C ASP E 390 -33.56 5.10 -25.22
N SER E 391 -33.00 5.62 -26.30
CA SER E 391 -33.14 7.03 -26.58
C SER E 391 -34.60 7.42 -26.48
N ALA E 392 -35.45 6.68 -27.17
CA ALA E 392 -36.87 6.90 -26.98
C ALA E 392 -37.21 6.77 -25.52
N LEU E 393 -36.85 5.62 -24.94
CA LEU E 393 -37.14 5.41 -23.55
C LEU E 393 -36.77 6.66 -22.79
N ASP E 394 -35.67 7.28 -23.21
CA ASP E 394 -35.30 8.54 -22.63
C ASP E 394 -36.31 9.61 -22.99
N LEU E 395 -36.60 9.77 -24.28
CA LEU E 395 -37.71 10.63 -24.64
C LEU E 395 -38.87 10.34 -23.72
N VAL E 396 -39.30 9.10 -23.81
CA VAL E 396 -40.37 8.50 -23.05
C VAL E 396 -40.22 8.99 -21.64
N ASP E 397 -39.09 8.68 -21.03
CA ASP E 397 -38.74 9.41 -19.84
C ASP E 397 -38.95 10.89 -20.04
N ILE E 398 -38.04 11.47 -20.80
CA ILE E 398 -37.85 12.89 -20.70
C ILE E 398 -39.12 13.59 -21.04
N SER E 399 -39.92 12.97 -21.88
CA SER E 399 -41.27 13.40 -22.02
C SER E 399 -41.83 13.68 -20.64
N CYS E 400 -42.01 12.61 -19.89
CA CYS E 400 -42.55 12.77 -18.55
C CYS E 400 -41.80 13.83 -17.81
N ALA E 401 -40.52 13.94 -18.08
CA ALA E 401 -39.76 14.96 -17.40
C ALA E 401 -40.37 16.31 -17.70
N GLY E 402 -40.16 16.84 -18.89
CA GLY E 402 -40.66 18.16 -19.18
C GLY E 402 -42.13 18.23 -18.85
N VAL E 403 -42.80 17.11 -18.97
CA VAL E 403 -44.10 16.95 -18.36
C VAL E 403 -44.05 17.20 -16.87
N ALA E 404 -43.08 16.61 -16.20
CA ALA E 404 -43.21 16.44 -14.76
C ALA E 404 -43.60 17.72 -14.04
N VAL E 405 -42.68 18.66 -13.89
CA VAL E 405 -43.08 19.86 -13.19
C VAL E 405 -44.16 20.56 -13.98
N ALA E 406 -44.19 20.35 -15.28
CA ALA E 406 -45.32 20.86 -16.03
C ALA E 406 -46.61 20.30 -15.46
N ARG E 407 -46.50 19.24 -14.68
CA ARG E 407 -47.63 18.81 -13.88
C ARG E 407 -47.58 19.34 -12.46
N ASP E 408 -46.60 20.13 -12.09
CA ASP E 408 -46.83 20.99 -10.95
C ASP E 408 -47.99 21.89 -11.33
N SER E 409 -48.85 22.18 -10.36
CA SER E 409 -50.20 22.60 -10.69
C SER E 409 -50.22 23.82 -11.58
N LYS E 410 -49.91 24.99 -11.03
CA LYS E 410 -49.81 26.22 -11.82
C LYS E 410 -48.54 26.92 -11.44
N PRO E 411 -47.41 26.24 -11.56
CA PRO E 411 -46.22 26.64 -10.78
C PRO E 411 -45.96 28.12 -10.83
N GLU E 412 -46.06 28.73 -12.02
CA GLU E 412 -46.01 30.17 -12.08
C GLU E 412 -47.27 30.78 -11.50
N GLU E 413 -48.42 30.40 -12.03
CA GLU E 413 -49.64 30.93 -11.47
C GLU E 413 -49.91 30.41 -10.08
N LEU E 414 -49.15 29.41 -9.64
CA LEU E 414 -49.05 29.12 -8.22
C LEU E 414 -48.55 30.35 -7.48
N ASP E 415 -47.29 30.73 -7.68
CA ASP E 415 -46.76 31.80 -6.86
C ASP E 415 -47.18 33.17 -7.38
N SER E 416 -47.42 33.31 -8.69
CA SER E 416 -47.76 34.60 -9.29
C SER E 416 -48.92 35.25 -8.58
N LYS E 417 -50.13 34.72 -8.75
CA LYS E 417 -51.28 35.42 -8.24
C LYS E 417 -51.43 35.29 -6.73
N GLU E 418 -50.86 34.23 -6.15
CA GLU E 418 -50.87 34.09 -4.70
C GLU E 418 -50.38 35.35 -4.02
N ARG E 419 -49.39 36.01 -4.64
CA ARG E 419 -48.80 37.21 -4.06
C ARG E 419 -49.86 38.25 -3.73
N GLN E 420 -50.90 38.34 -4.57
CA GLN E 420 -51.93 39.35 -4.37
C GLN E 420 -52.43 39.33 -2.95
N LEU E 421 -52.47 38.15 -2.33
CA LEU E 421 -52.67 38.07 -0.90
C LEU E 421 -51.59 38.87 -0.21
N GLN E 422 -50.38 38.32 -0.19
CA GLN E 422 -49.31 38.90 0.60
C GLN E 422 -49.07 40.36 0.24
N LEU E 423 -49.27 40.71 -1.03
CA LEU E 423 -49.20 42.11 -1.41
C LEU E 423 -50.08 42.94 -0.50
N ILE E 424 -51.37 42.60 -0.47
CA ILE E 424 -52.33 43.39 0.29
C ILE E 424 -52.57 42.81 1.68
N GLN E 425 -52.06 41.62 1.95
CA GLN E 425 -52.29 40.93 3.22
C GLN E 425 -51.79 41.70 4.42
N VAL E 426 -50.47 41.91 4.53
CA VAL E 426 -49.92 42.56 5.73
C VAL E 426 -50.59 43.89 5.98
N GLU E 427 -50.84 44.65 4.92
CA GLU E 427 -51.43 45.97 5.07
C GLU E 427 -52.89 45.91 5.51
N ILE E 428 -53.47 44.72 5.59
CA ILE E 428 -54.81 44.58 6.17
C ILE E 428 -54.83 45.07 7.59
N LYS E 429 -53.76 44.84 8.34
CA LYS E 429 -53.53 45.47 9.64
C LYS E 429 -52.43 46.52 9.59
N ALA E 430 -51.27 46.21 9.05
CA ALA E 430 -50.13 47.12 9.09
C ALA E 430 -50.50 48.55 8.70
N LEU E 431 -51.58 48.73 7.93
CA LEU E 431 -52.16 50.07 7.80
C LEU E 431 -53.13 50.38 8.95
N GLU E 432 -53.84 49.37 9.47
CA GLU E 432 -54.82 49.60 10.53
C GLU E 432 -54.23 50.48 11.62
N ARG E 433 -53.00 50.21 12.00
CA ARG E 433 -52.17 51.17 12.70
C ARG E 433 -51.02 51.54 11.78
N ASP E 434 -50.84 52.84 11.55
CA ASP E 434 -49.89 53.37 10.59
C ASP E 434 -49.90 54.88 10.70
N GLU E 435 -48.80 55.51 10.28
CA GLU E 435 -48.71 56.96 10.23
C GLU E 435 -48.84 57.38 8.78
N ASP E 436 -50.00 57.92 8.45
CA ASP E 436 -50.42 58.31 7.12
C ASP E 436 -51.45 59.41 7.30
N ALA E 437 -52.09 59.82 6.21
CA ALA E 437 -53.26 60.67 6.35
C ALA E 437 -54.37 59.87 7.02
N ASP E 438 -55.12 60.53 7.89
CA ASP E 438 -56.11 59.82 8.71
C ASP E 438 -57.22 59.29 7.83
N SER E 439 -57.56 58.01 8.04
CA SER E 439 -58.70 57.33 7.43
C SER E 439 -58.46 56.98 5.96
N THR E 440 -57.49 57.64 5.31
CA THR E 440 -57.07 57.17 3.99
C THR E 440 -56.14 55.99 4.12
N THR E 441 -55.43 55.91 5.25
CA THR E 441 -54.75 54.68 5.63
C THR E 441 -55.71 53.51 5.51
N LYS E 442 -56.80 53.58 6.27
CA LYS E 442 -57.84 52.56 6.16
C LYS E 442 -58.41 52.50 4.74
N ASP E 443 -58.44 53.62 4.02
CA ASP E 443 -58.90 53.59 2.65
C ASP E 443 -58.00 52.73 1.79
N ARG E 444 -56.71 53.08 1.72
CA ARG E 444 -55.76 52.18 1.08
C ARG E 444 -55.80 50.82 1.74
N LEU E 445 -55.98 50.77 3.06
CA LEU E 445 -56.24 49.49 3.69
C LEU E 445 -57.53 48.86 3.16
N LYS E 446 -58.54 49.66 2.90
CA LYS E 446 -59.75 49.07 2.36
C LYS E 446 -59.65 48.82 0.86
N LEU E 447 -59.18 49.80 0.10
CA LEU E 447 -59.31 49.74 -1.36
C LEU E 447 -58.42 48.67 -1.98
N ALA E 448 -57.26 48.41 -1.38
CA ALA E 448 -56.46 47.31 -1.89
C ALA E 448 -56.98 45.97 -1.40
N ARG E 449 -57.38 45.89 -0.13
CA ARG E 449 -58.07 44.69 0.32
C ARG E 449 -59.28 44.42 -0.56
N GLN E 450 -59.95 45.48 -1.01
CA GLN E 450 -60.97 45.35 -2.03
C GLN E 450 -60.42 44.62 -3.24
N LYS E 451 -59.36 45.17 -3.83
CA LYS E 451 -58.76 44.51 -4.97
C LYS E 451 -58.11 43.20 -4.54
N GLU E 452 -57.69 43.10 -3.28
CA GLU E 452 -57.25 41.79 -2.80
C GLU E 452 -58.44 40.84 -2.74
N ALA E 453 -59.53 41.26 -2.11
CA ALA E 453 -60.73 40.41 -2.09
C ALA E 453 -61.18 40.12 -3.51
N SER E 454 -61.49 41.16 -4.28
CA SER E 454 -62.01 40.98 -5.62
C SER E 454 -61.07 40.18 -6.51
N LEU E 455 -59.95 40.78 -6.88
CA LEU E 455 -59.08 40.19 -7.89
C LEU E 455 -58.74 38.75 -7.59
N GLN E 456 -58.61 38.41 -6.31
CA GLN E 456 -58.49 37.02 -5.92
C GLN E 456 -59.54 36.17 -6.59
N GLU E 457 -60.76 36.68 -6.55
CA GLU E 457 -61.92 35.87 -6.84
C GLU E 457 -61.89 35.34 -8.26
N GLU E 458 -61.56 36.21 -9.22
CA GLU E 458 -61.63 35.83 -10.64
C GLU E 458 -60.85 34.55 -10.92
N LEU E 459 -59.76 34.34 -10.20
CA LEU E 459 -59.09 33.06 -10.22
C LEU E 459 -59.45 32.20 -9.02
N GLU E 460 -60.21 32.74 -8.07
CA GLU E 460 -60.26 32.09 -6.78
C GLU E 460 -60.91 30.73 -6.81
N PRO E 461 -62.09 30.55 -7.41
CA PRO E 461 -62.48 29.21 -7.81
C PRO E 461 -61.75 28.76 -9.06
N LEU E 462 -61.37 29.73 -9.89
CA LEU E 462 -60.93 29.41 -11.25
C LEU E 462 -59.67 28.55 -11.23
N ARG E 463 -58.72 28.89 -10.36
CA ARG E 463 -57.50 28.12 -10.32
C ARG E 463 -57.77 26.67 -9.94
N GLN E 464 -58.68 26.45 -8.99
CA GLN E 464 -59.06 25.10 -8.62
C GLN E 464 -59.68 24.39 -9.79
N ARG E 465 -60.73 24.97 -10.37
CA ARG E 465 -61.42 24.27 -11.44
C ARG E 465 -60.48 23.88 -12.56
N TYR E 466 -59.39 24.62 -12.76
CA TYR E 466 -58.28 24.00 -13.44
C TYR E 466 -57.93 22.74 -12.68
N ASN E 467 -57.35 22.96 -11.50
CA ASN E 467 -56.77 21.87 -10.74
C ASN E 467 -57.82 20.83 -10.37
N GLU E 468 -59.00 21.28 -9.97
CA GLU E 468 -60.17 20.44 -9.87
C GLU E 468 -60.25 19.54 -11.08
N GLU E 469 -60.49 20.13 -12.24
CA GLU E 469 -60.62 19.32 -13.42
C GLU E 469 -59.30 18.66 -13.76
N LYS E 470 -58.19 19.31 -13.44
CA LYS E 470 -56.93 18.60 -13.44
C LYS E 470 -57.04 17.36 -12.60
N HIS E 471 -57.45 17.53 -11.36
CA HIS E 471 -57.80 16.37 -10.56
C HIS E 471 -58.77 15.51 -11.32
N GLY E 472 -59.83 16.12 -11.83
CA GLY E 472 -60.76 15.36 -12.66
C GLY E 472 -60.04 14.57 -13.72
N HIS E 473 -59.01 15.18 -14.31
CA HIS E 473 -58.10 14.38 -15.08
C HIS E 473 -57.51 13.34 -14.15
N GLU E 474 -56.70 13.79 -13.19
CA GLU E 474 -56.01 12.84 -12.34
C GLU E 474 -56.98 11.86 -11.72
N GLU E 475 -58.21 12.30 -11.48
CA GLU E 475 -59.27 11.36 -11.17
C GLU E 475 -59.33 10.32 -12.27
N LEU E 476 -59.82 10.73 -13.42
CA LEU E 476 -59.96 9.80 -14.53
C LEU E 476 -58.63 9.16 -14.85
N THR E 477 -57.56 9.94 -14.82
CA THR E 477 -56.23 9.37 -14.96
C THR E 477 -56.06 8.18 -14.03
N GLN E 478 -56.56 8.29 -12.81
CA GLN E 478 -56.47 7.13 -11.94
C GLN E 478 -57.39 6.03 -12.39
N ALA E 479 -58.52 6.36 -12.99
CA ALA E 479 -59.30 5.31 -13.64
C ALA E 479 -58.51 4.73 -14.80
N LYS E 480 -57.95 5.61 -15.62
CA LYS E 480 -56.96 5.18 -16.59
C LYS E 480 -55.92 4.33 -15.88
N LYS E 481 -55.34 4.89 -14.83
CA LYS E 481 -54.54 4.09 -13.93
C LYS E 481 -55.29 2.83 -13.55
N LYS E 482 -56.54 2.98 -13.14
CA LYS E 482 -57.28 1.84 -12.60
C LYS E 482 -57.43 0.74 -13.63
N LEU E 483 -58.08 1.05 -14.75
CA LEU E 483 -58.63 0.07 -15.67
C LEU E 483 -57.69 -1.09 -15.94
N ASP E 484 -56.59 -0.77 -16.60
CA ASP E 484 -55.55 -1.72 -16.95
C ASP E 484 -55.16 -2.62 -15.79
N GLU E 485 -54.89 -2.03 -14.63
CA GLU E 485 -54.45 -2.75 -13.45
C GLU E 485 -55.28 -3.99 -13.32
N LEU E 486 -56.55 -3.72 -13.10
CA LEU E 486 -57.55 -4.76 -13.12
C LEU E 486 -57.39 -5.60 -14.36
N GLU E 487 -57.44 -4.94 -15.52
CA GLU E 487 -57.36 -5.65 -16.79
C GLU E 487 -56.19 -6.62 -16.78
N ASN E 488 -55.02 -6.13 -16.41
CA ASN E 488 -53.92 -7.01 -16.05
C ASN E 488 -54.41 -8.11 -15.13
N LYS E 489 -54.79 -7.73 -13.91
CA LYS E 489 -55.26 -8.70 -12.95
C LYS E 489 -56.38 -9.54 -13.55
N ALA E 490 -57.30 -8.89 -14.26
CA ALA E 490 -58.38 -9.62 -14.94
C ALA E 490 -57.80 -10.70 -15.82
N LEU E 491 -56.73 -10.39 -16.54
CA LEU E 491 -56.17 -11.39 -17.42
C LEU E 491 -55.18 -12.29 -16.70
N ASP E 492 -54.79 -11.95 -15.47
CA ASP E 492 -54.04 -12.92 -14.67
C ASP E 492 -54.96 -14.03 -14.19
N ALA E 493 -56.23 -13.73 -13.97
CA ALA E 493 -57.19 -14.78 -13.64
C ALA E 493 -57.33 -15.80 -14.76
N GLU E 494 -56.69 -15.56 -15.89
CA GLU E 494 -56.51 -16.63 -16.85
C GLU E 494 -55.55 -17.66 -16.31
N ARG E 495 -54.56 -17.25 -15.53
CA ARG E 495 -53.77 -18.18 -14.74
C ARG E 495 -54.63 -18.90 -13.70
N ARG E 496 -55.85 -18.43 -13.49
CA ARG E 496 -56.86 -19.12 -12.71
C ARG E 496 -57.58 -20.14 -13.58
N TYR E 497 -56.99 -20.45 -14.71
CA TYR E 497 -57.48 -21.23 -15.83
C TYR E 497 -58.67 -20.50 -16.41
N ASP E 498 -59.57 -21.26 -17.02
CA ASP E 498 -60.76 -20.73 -17.66
C ASP E 498 -61.87 -20.50 -16.65
N THR E 499 -61.65 -20.97 -15.43
CA THR E 499 -62.55 -20.65 -14.33
C THR E 499 -62.78 -19.14 -14.25
N ALA E 500 -61.74 -18.39 -13.88
CA ALA E 500 -61.86 -16.96 -13.74
C ALA E 500 -61.41 -16.18 -14.97
N THR E 501 -61.11 -16.85 -16.08
CA THR E 501 -60.75 -16.10 -17.29
C THR E 501 -61.77 -15.02 -17.66
N ALA E 502 -62.92 -15.42 -18.19
CA ALA E 502 -63.89 -14.43 -18.64
C ALA E 502 -64.81 -13.95 -17.52
N ALA E 503 -64.97 -14.75 -16.47
CA ALA E 503 -65.85 -14.39 -15.36
C ALA E 503 -65.55 -12.98 -14.90
N ASP E 504 -64.37 -12.78 -14.31
CA ASP E 504 -63.96 -11.44 -13.95
C ASP E 504 -63.90 -10.55 -15.18
N LEU E 505 -63.34 -11.06 -16.28
CA LEU E 505 -63.12 -10.23 -17.45
C LEU E 505 -64.44 -9.68 -17.96
N ARG E 506 -65.53 -10.40 -17.73
CA ARG E 506 -66.85 -9.84 -17.98
C ARG E 506 -67.21 -8.80 -16.91
N TYR E 507 -66.90 -9.09 -15.65
CA TYR E 507 -67.31 -8.21 -14.56
C TYR E 507 -66.74 -6.82 -14.71
N PHE E 508 -65.54 -6.73 -15.29
CA PHE E 508 -64.94 -5.44 -15.55
C PHE E 508 -65.62 -4.70 -16.69
N ALA E 509 -66.60 -5.34 -17.32
CA ALA E 509 -67.38 -4.65 -18.34
C ALA E 509 -66.45 -4.14 -19.44
N ILE E 510 -66.27 -2.83 -19.48
CA ILE E 510 -65.75 -2.09 -20.62
C ILE E 510 -66.66 -2.30 -21.80
N PRO E 511 -67.96 -2.15 -21.61
CA PRO E 511 -68.32 -1.33 -22.75
C PRO E 511 -67.83 0.08 -22.47
N ASP E 512 -68.16 0.56 -21.27
CA ASP E 512 -67.98 1.96 -20.90
C ASP E 512 -66.62 2.31 -20.32
N ILE E 513 -65.92 1.39 -19.65
CA ILE E 513 -64.88 1.82 -18.71
C ILE E 513 -63.93 2.82 -19.37
N LYS E 514 -63.65 2.62 -20.65
CA LYS E 514 -63.00 3.64 -21.45
C LYS E 514 -64.00 4.65 -22.04
N LYS E 515 -65.18 4.18 -22.47
CA LYS E 515 -66.22 5.15 -22.84
C LYS E 515 -66.43 6.13 -21.71
N GLN E 516 -66.28 5.65 -20.48
CA GLN E 516 -66.02 6.56 -19.37
C GLN E 516 -64.92 7.49 -19.82
N ILE E 517 -63.72 6.90 -19.91
CA ILE E 517 -62.48 7.63 -19.92
C ILE E 517 -62.49 8.74 -20.96
N GLU E 518 -62.39 8.36 -22.22
CA GLU E 518 -62.14 9.40 -23.20
C GLU E 518 -63.33 10.28 -23.44
N LYS E 519 -64.46 9.96 -22.83
CA LYS E 519 -65.57 10.90 -22.76
C LYS E 519 -65.56 11.73 -21.49
N LEU E 520 -64.76 11.38 -20.51
CA LEU E 520 -64.76 12.13 -19.24
C LEU E 520 -63.87 13.36 -19.35
N GLU E 521 -62.55 13.16 -19.30
CA GLU E 521 -61.63 14.26 -19.48
C GLU E 521 -61.77 14.87 -20.85
N ASP E 522 -62.56 14.24 -21.70
CA ASP E 522 -63.01 14.76 -22.97
C ASP E 522 -63.40 16.22 -22.79
N GLN E 523 -64.48 16.46 -22.03
CA GLN E 523 -65.00 17.82 -21.86
C GLN E 523 -63.92 18.82 -21.48
N VAL E 524 -63.17 18.51 -20.43
CA VAL E 524 -62.19 19.48 -19.99
C VAL E 524 -61.06 19.58 -21.02
N ALA E 525 -60.76 18.50 -21.71
CA ALA E 525 -60.00 18.65 -22.94
C ALA E 525 -60.81 19.43 -23.97
N GLU E 526 -62.10 19.09 -24.11
CA GLU E 526 -62.96 19.83 -25.02
C GLU E 526 -63.00 21.30 -24.66
N GLU E 527 -63.41 21.58 -23.43
CA GLU E 527 -63.46 22.96 -22.99
C GLU E 527 -62.05 23.52 -23.00
N GLU E 528 -61.86 24.59 -23.75
CA GLU E 528 -60.64 25.36 -23.72
C GLU E 528 -60.92 26.55 -22.81
N ARG E 529 -60.03 26.78 -21.85
CA ARG E 529 -60.25 27.85 -20.90
C ARG E 529 -60.49 29.17 -21.62
N ARG E 530 -59.44 29.71 -22.21
CA ARG E 530 -59.50 30.67 -23.28
C ARG E 530 -59.16 29.89 -24.54
N ALA E 531 -57.96 29.34 -24.56
CA ALA E 531 -57.55 28.39 -25.57
C ALA E 531 -56.65 27.36 -24.91
N GLY E 532 -56.40 26.27 -25.64
CA GLY E 532 -55.43 25.29 -25.22
C GLY E 532 -55.83 24.50 -24.00
N ALA E 533 -57.06 24.72 -23.52
CA ALA E 533 -57.53 24.04 -22.33
C ALA E 533 -56.51 24.20 -21.22
N ASN E 534 -55.92 23.10 -20.77
CA ASN E 534 -55.02 23.16 -19.62
C ASN E 534 -53.69 23.80 -20.00
N SER E 535 -53.32 24.86 -19.29
CA SER E 535 -51.92 25.28 -19.27
C SER E 535 -51.04 24.16 -18.75
N MET E 536 -51.65 23.23 -18.03
CA MET E 536 -51.04 21.92 -17.82
C MET E 536 -50.62 21.30 -19.14
N ILE E 537 -51.38 21.56 -20.20
CA ILE E 537 -51.02 21.23 -21.58
C ILE E 537 -50.76 19.73 -21.65
N GLN E 538 -51.26 18.98 -20.68
CA GLN E 538 -50.57 17.74 -20.39
C GLN E 538 -50.93 16.73 -21.46
N ASN E 539 -49.91 16.38 -22.21
CA ASN E 539 -50.01 15.86 -23.55
C ASN E 539 -48.61 15.81 -24.10
N VAL E 540 -48.42 15.20 -25.26
CA VAL E 540 -47.16 15.36 -25.95
C VAL E 540 -46.98 16.80 -26.38
N VAL E 541 -45.80 17.34 -26.15
CA VAL E 541 -45.48 18.72 -26.47
C VAL E 541 -44.39 18.70 -27.51
N ASP E 542 -44.78 18.99 -28.75
CA ASP E 542 -44.30 18.13 -29.81
C ASP E 542 -42.79 18.00 -29.69
N SER E 543 -42.02 19.02 -29.98
CA SER E 543 -40.62 18.73 -29.73
C SER E 543 -40.31 19.38 -28.42
N ASP E 544 -40.02 20.66 -28.50
CA ASP E 544 -40.30 21.49 -27.37
C ASP E 544 -39.55 20.88 -26.24
N THR E 545 -40.35 20.26 -25.40
CA THR E 545 -39.84 19.32 -24.43
C THR E 545 -38.67 18.62 -25.07
N ILE E 546 -38.97 17.95 -26.16
CA ILE E 546 -37.94 17.26 -26.89
C ILE E 546 -36.87 18.24 -27.27
N SER E 547 -37.27 19.34 -27.87
CA SER E 547 -36.31 20.36 -28.22
C SER E 547 -35.52 20.58 -26.97
N GLU E 548 -36.23 21.04 -25.95
CA GLU E 548 -35.64 21.22 -24.65
C GLU E 548 -34.84 20.02 -24.24
N THR E 549 -35.40 18.85 -24.45
CA THR E 549 -34.70 17.63 -24.10
C THR E 549 -33.38 17.71 -24.80
N ALA E 550 -33.51 17.58 -26.09
CA ALA E 550 -32.36 17.72 -26.95
C ALA E 550 -31.56 18.90 -26.56
N ALA E 551 -32.23 20.02 -26.33
CA ALA E 551 -31.52 21.16 -25.82
C ALA E 551 -30.70 20.73 -24.64
N ARG E 552 -31.37 20.28 -23.60
CA ARG E 552 -30.65 19.82 -22.43
C ARG E 552 -29.64 18.80 -22.81
N LEU E 553 -29.92 18.05 -23.84
CA LEU E 553 -28.87 17.21 -24.34
C LEU E 553 -27.86 18.02 -25.10
N THR E 554 -28.33 18.93 -25.93
CA THR E 554 -27.48 19.52 -26.96
C THR E 554 -27.54 21.03 -26.92
N GLY E 555 -28.72 21.54 -27.12
CA GLY E 555 -28.92 22.95 -27.32
C GLY E 555 -29.20 23.25 -28.77
N ILE E 556 -29.21 24.55 -29.04
CA ILE E 556 -29.35 25.13 -30.37
C ILE E 556 -30.79 24.96 -30.82
N PRO E 557 -31.34 25.93 -31.51
CA PRO E 557 -32.79 26.08 -31.56
C PRO E 557 -33.50 25.41 -32.71
N VAL E 558 -34.76 25.80 -32.80
CA VAL E 558 -35.78 25.27 -33.69
C VAL E 558 -35.19 24.98 -35.04
N LYS E 559 -34.34 25.87 -35.52
CA LYS E 559 -33.61 25.54 -36.72
C LYS E 559 -33.03 24.16 -36.55
N LYS E 560 -32.08 24.02 -35.63
CA LYS E 560 -31.61 22.69 -35.31
C LYS E 560 -32.77 21.77 -34.96
N LEU E 561 -33.80 22.32 -34.38
CA LEU E 561 -34.79 21.43 -33.83
C LEU E 561 -35.94 21.16 -34.76
N SER E 562 -36.14 21.98 -35.77
CA SER E 562 -37.29 21.87 -36.64
C SER E 562 -36.78 21.91 -38.06
N GLU E 563 -37.25 20.97 -38.87
CA GLU E 563 -36.62 20.61 -40.13
C GLU E 563 -37.44 19.53 -40.81
N SER E 564 -37.34 19.47 -42.12
CA SER E 564 -37.59 18.23 -42.85
C SER E 564 -36.54 18.16 -43.93
N GLU E 565 -35.58 17.28 -43.78
CA GLU E 565 -34.99 16.58 -44.90
C GLU E 565 -34.83 17.54 -46.03
N ASN E 566 -35.27 17.11 -47.20
CA ASN E 566 -36.33 17.84 -47.83
C ASN E 566 -36.24 19.31 -47.61
N GLU E 567 -37.28 19.76 -46.94
CA GLU E 567 -37.39 21.16 -46.57
C GLU E 567 -36.10 21.65 -45.97
N LYS E 568 -35.62 20.95 -44.95
CA LYS E 568 -34.31 21.26 -44.43
C LYS E 568 -33.33 21.38 -45.57
N LEU E 569 -33.45 20.51 -46.56
CA LEU E 569 -32.43 20.41 -47.59
C LEU E 569 -32.58 21.44 -48.67
N ILE E 570 -33.79 21.57 -49.20
CA ILE E 570 -33.98 22.01 -50.58
C ILE E 570 -33.14 23.21 -50.94
N HIS E 571 -33.03 24.16 -50.03
CA HIS E 571 -32.34 25.40 -50.34
C HIS E 571 -30.84 25.30 -50.18
N MET E 572 -30.34 24.26 -49.53
CA MET E 572 -29.03 24.33 -48.92
C MET E 572 -28.00 25.01 -49.82
N GLU E 573 -28.06 24.70 -51.09
CA GLU E 573 -27.11 25.26 -52.06
C GLU E 573 -27.01 26.75 -51.86
N ARG E 574 -28.11 27.45 -52.12
CA ARG E 574 -28.09 28.90 -51.99
C ARG E 574 -27.44 29.28 -50.67
N ASP E 575 -27.69 28.52 -49.64
CA ASP E 575 -26.89 28.69 -48.45
C ASP E 575 -25.48 28.28 -48.77
N LEU E 576 -25.34 27.05 -49.21
CA LEU E 576 -24.02 26.55 -49.45
C LEU E 576 -23.29 27.44 -50.43
N SER E 577 -24.00 27.91 -51.43
CA SER E 577 -23.48 28.97 -52.26
C SER E 577 -22.99 30.08 -51.37
N SER E 578 -23.89 30.56 -50.51
CA SER E 578 -23.50 31.59 -49.59
C SER E 578 -22.35 31.14 -48.74
N GLU E 579 -22.02 29.84 -48.76
CA GLU E 579 -20.95 29.46 -47.86
C GLU E 579 -19.57 29.71 -48.46
N VAL E 580 -19.32 29.32 -49.71
CA VAL E 580 -17.95 29.53 -50.18
C VAL E 580 -17.81 30.12 -51.58
N VAL E 581 -18.13 29.34 -52.61
CA VAL E 581 -17.63 29.58 -53.95
C VAL E 581 -18.75 29.36 -54.95
N GLY E 582 -18.52 29.78 -56.20
CA GLY E 582 -19.56 29.66 -57.19
C GLY E 582 -19.87 28.21 -57.46
N GLN E 583 -18.94 27.43 -57.99
CA GLN E 583 -18.98 25.97 -57.92
C GLN E 583 -20.38 25.39 -58.03
N MET E 584 -21.21 26.12 -58.77
CA MET E 584 -22.64 25.90 -58.73
C MET E 584 -22.94 24.46 -58.98
N ASP E 585 -22.45 23.98 -60.10
CA ASP E 585 -22.21 22.58 -60.38
C ASP E 585 -21.63 21.84 -59.18
N ALA E 586 -20.39 22.15 -58.83
CA ALA E 586 -19.75 21.41 -57.77
C ALA E 586 -20.67 21.35 -56.58
N ILE E 587 -21.21 22.51 -56.23
CA ILE E 587 -22.34 22.55 -55.34
C ILE E 587 -23.33 21.55 -55.88
N LYS E 588 -23.93 21.95 -57.00
CA LYS E 588 -25.10 21.26 -57.51
C LYS E 588 -24.88 19.78 -57.51
N ALA E 589 -23.82 19.35 -58.16
CA ALA E 589 -23.50 17.94 -58.31
C ALA E 589 -23.61 17.28 -56.95
N VAL E 590 -22.67 17.64 -56.10
CA VAL E 590 -22.67 17.12 -54.76
C VAL E 590 -24.04 17.27 -54.18
N SER E 591 -24.55 18.49 -54.25
CA SER E 591 -25.77 18.86 -53.59
C SER E 591 -26.74 17.76 -53.88
N ASN E 592 -27.08 17.69 -55.16
CA ASN E 592 -27.84 16.58 -55.65
C ASN E 592 -27.28 15.32 -55.07
N ALA E 593 -26.05 15.01 -55.44
CA ALA E 593 -25.50 13.73 -55.06
C ALA E 593 -25.84 13.49 -53.62
N VAL E 594 -25.57 14.49 -52.82
CA VAL E 594 -26.00 14.47 -51.45
C VAL E 594 -27.50 14.43 -51.36
N ARG E 595 -28.15 15.43 -51.94
CA ARG E 595 -29.58 15.38 -51.95
C ARG E 595 -29.99 14.03 -52.46
N LEU E 596 -29.54 13.72 -53.66
CA LEU E 596 -29.81 12.44 -54.24
C LEU E 596 -29.34 11.32 -53.35
N SER E 597 -28.29 11.55 -52.57
CA SER E 597 -28.02 10.57 -51.55
C SER E 597 -29.28 10.54 -50.75
N ARG E 598 -29.54 11.64 -50.06
CA ARG E 598 -30.51 11.63 -49.00
C ARG E 598 -31.91 11.25 -49.42
N SER E 599 -32.05 10.89 -50.69
CA SER E 599 -33.33 10.78 -51.34
C SER E 599 -34.12 9.49 -51.10
N GLY E 600 -33.88 8.48 -51.91
CA GLY E 600 -34.43 7.16 -51.69
C GLY E 600 -33.19 6.40 -51.30
N LEU E 601 -32.15 7.19 -51.38
CA LEU E 601 -30.77 7.02 -50.93
C LEU E 601 -30.12 5.78 -51.53
N ALA E 602 -29.14 5.27 -50.79
CA ALA E 602 -28.28 4.16 -51.20
C ALA E 602 -28.49 2.90 -50.36
N ASN E 603 -29.31 2.96 -49.35
CA ASN E 603 -29.42 2.08 -48.20
C ASN E 603 -28.09 2.13 -47.45
N PRO E 604 -28.10 1.89 -46.15
CA PRO E 604 -26.95 2.28 -45.31
C PRO E 604 -25.70 1.64 -45.85
N ARG E 605 -25.94 0.50 -46.47
CA ARG E 605 -24.86 -0.27 -47.04
C ARG E 605 -24.07 0.56 -48.02
N GLN E 606 -24.71 1.04 -49.08
CA GLN E 606 -24.03 1.95 -49.99
C GLN E 606 -23.74 3.28 -49.30
N PRO E 607 -22.46 3.70 -49.29
CA PRO E 607 -22.08 4.99 -48.69
C PRO E 607 -22.05 6.18 -49.64
N ALA E 608 -21.69 7.38 -49.15
CA ALA E 608 -21.74 8.60 -49.95
C ALA E 608 -20.40 9.32 -49.95
N SER E 609 -19.75 9.37 -51.11
CA SER E 609 -18.44 9.97 -51.14
C SER E 609 -18.01 10.41 -52.52
N PHE E 610 -17.11 11.38 -52.57
CA PHE E 610 -16.69 12.02 -53.82
C PHE E 610 -15.38 12.76 -53.60
N LEU E 611 -14.92 13.47 -54.61
CA LEU E 611 -13.77 14.32 -54.35
C LEU E 611 -13.62 15.48 -55.32
N PHE E 612 -13.15 16.60 -54.78
CA PHE E 612 -12.64 17.76 -55.48
C PHE E 612 -11.14 17.65 -55.62
N LEU E 613 -10.50 18.76 -55.94
CA LEU E 613 -9.06 18.77 -56.09
C LEU E 613 -8.57 20.18 -56.41
N GLY E 614 -7.25 20.34 -56.35
CA GLY E 614 -6.53 21.36 -57.06
C GLY E 614 -6.03 22.52 -56.22
N LEU E 615 -6.64 22.82 -55.09
CA LEU E 615 -6.30 24.06 -54.41
C LEU E 615 -6.49 23.92 -52.92
N SER E 616 -5.68 24.65 -52.19
CA SER E 616 -5.90 24.78 -50.77
C SER E 616 -6.30 26.21 -50.48
N GLY E 617 -7.01 26.38 -49.37
CA GLY E 617 -7.80 27.57 -49.25
C GLY E 617 -9.13 27.44 -49.93
N SER E 618 -9.55 26.23 -50.28
CA SER E 618 -10.66 26.03 -51.19
C SER E 618 -12.01 25.76 -50.52
N GLY E 619 -12.05 25.55 -49.21
CA GLY E 619 -13.32 25.56 -48.50
C GLY E 619 -14.24 24.38 -48.75
N LYS E 620 -13.92 23.51 -49.69
CA LYS E 620 -14.79 22.37 -49.91
C LYS E 620 -14.89 21.54 -48.64
N THR E 621 -13.83 21.51 -47.87
CA THR E 621 -13.88 20.98 -46.54
C THR E 621 -14.94 21.73 -45.78
N GLU E 622 -14.62 22.99 -45.56
CA GLU E 622 -15.50 23.94 -44.93
C GLU E 622 -16.89 23.70 -45.46
N LEU E 623 -17.00 23.71 -46.77
CA LEU E 623 -18.21 23.34 -47.44
C LEU E 623 -18.80 22.15 -46.77
N ALA E 624 -18.12 21.04 -46.97
CA ALA E 624 -18.61 19.83 -46.38
C ALA E 624 -18.78 20.08 -44.91
N LYS E 625 -17.72 20.59 -44.31
CA LYS E 625 -17.79 20.91 -42.91
C LYS E 625 -19.06 21.66 -42.66
N LYS E 626 -19.26 22.70 -43.43
CA LYS E 626 -20.51 23.41 -43.30
C LYS E 626 -21.67 22.52 -43.70
N VAL E 627 -21.49 21.72 -44.72
CA VAL E 627 -22.58 20.83 -45.06
C VAL E 627 -22.94 20.02 -43.84
N ALA E 628 -21.94 19.40 -43.24
CA ALA E 628 -22.18 18.69 -42.00
C ALA E 628 -22.93 19.57 -41.04
N GLY E 629 -22.55 20.83 -40.98
CA GLY E 629 -23.40 21.74 -40.26
C GLY E 629 -24.76 21.61 -40.86
N PHE E 630 -24.84 21.87 -42.16
CA PHE E 630 -26.14 21.78 -42.79
C PHE E 630 -26.72 20.42 -42.55
N LEU E 631 -25.84 19.45 -42.44
CA LEU E 631 -26.39 18.16 -42.13
C LEU E 631 -26.64 18.19 -40.66
N PHE E 632 -25.55 18.10 -39.95
CA PHE E 632 -25.55 17.71 -38.57
C PHE E 632 -25.54 18.88 -37.63
N ASN E 633 -25.69 20.10 -38.12
CA ASN E 633 -25.36 21.30 -37.36
C ASN E 633 -23.88 21.33 -37.17
N ASP E 634 -23.18 20.33 -37.67
CA ASP E 634 -21.82 20.11 -37.27
C ASP E 634 -20.85 20.86 -38.16
N GLU E 635 -20.10 21.71 -37.52
CA GLU E 635 -18.68 21.66 -37.67
C GLU E 635 -18.07 20.72 -36.64
N ASP E 636 -18.93 20.04 -35.90
CA ASP E 636 -18.52 19.20 -34.79
C ASP E 636 -17.90 17.92 -35.29
N MET E 637 -18.60 17.24 -36.18
CA MET E 637 -18.12 15.96 -36.67
C MET E 637 -17.03 16.22 -37.70
N MET E 638 -15.81 15.81 -37.39
CA MET E 638 -14.72 16.12 -38.28
C MET E 638 -13.77 14.94 -38.34
N ILE E 639 -13.23 14.72 -39.52
CA ILE E 639 -12.26 13.68 -39.70
C ILE E 639 -11.07 14.23 -40.45
N ARG E 640 -9.90 13.87 -39.99
CA ARG E 640 -8.65 14.17 -40.67
C ARG E 640 -7.97 12.85 -40.97
N VAL E 641 -7.91 12.49 -42.24
CA VAL E 641 -7.32 11.22 -42.64
C VAL E 641 -5.92 11.49 -43.12
N ASP E 642 -4.95 11.14 -42.28
CA ASP E 642 -3.59 10.93 -42.74
C ASP E 642 -3.55 9.73 -43.66
N CYS E 643 -2.82 9.84 -44.75
CA CYS E 643 -2.60 8.64 -45.53
C CYS E 643 -1.13 8.50 -45.83
N SER E 644 -0.58 9.48 -46.52
CA SER E 644 0.83 9.45 -46.86
C SER E 644 1.68 9.13 -45.65
N GLU E 645 1.18 9.39 -44.45
CA GLU E 645 2.06 9.51 -43.31
C GLU E 645 2.73 8.20 -42.94
N LEU E 646 2.23 7.06 -43.43
CA LEU E 646 3.05 5.85 -43.56
C LEU E 646 2.40 4.88 -44.51
N SER E 647 3.24 3.97 -45.02
CA SER E 647 2.76 2.78 -45.72
C SER E 647 2.40 1.67 -44.75
N GLU E 648 3.21 1.49 -43.72
CA GLU E 648 3.03 0.51 -42.67
C GLU E 648 2.13 1.03 -41.57
N LYS E 649 1.43 2.10 -41.91
CA LYS E 649 0.70 3.04 -41.08
C LYS E 649 -0.49 2.33 -40.44
N TYR E 650 -1.47 3.09 -39.96
CA TYR E 650 -2.86 2.66 -39.83
C TYR E 650 -3.00 1.54 -38.84
N ALA E 651 -1.91 1.10 -38.24
CA ALA E 651 -2.08 0.48 -36.95
C ALA E 651 -3.06 1.39 -36.24
N VAL E 652 -2.58 2.57 -35.90
CA VAL E 652 -3.38 3.58 -35.23
C VAL E 652 -4.61 3.88 -36.03
N SER E 653 -4.43 4.59 -37.15
CA SER E 653 -5.53 5.27 -37.82
C SER E 653 -6.67 4.32 -38.07
N LYS E 654 -6.42 3.32 -38.88
CA LYS E 654 -7.49 2.41 -39.18
C LYS E 654 -7.55 1.36 -38.09
N LEU E 655 -8.33 0.32 -38.36
CA LEU E 655 -8.66 -0.70 -37.39
C LEU E 655 -7.46 -1.17 -36.61
N LEU E 656 -6.27 -1.19 -37.22
CA LEU E 656 -5.28 -2.11 -36.71
C LEU E 656 -4.99 -1.84 -35.24
N GLY E 657 -4.22 -0.81 -34.97
CA GLY E 657 -3.83 -0.52 -33.61
C GLY E 657 -3.36 -1.82 -33.03
N THR E 658 -4.01 -2.19 -31.96
CA THR E 658 -4.12 -3.60 -31.59
C THR E 658 -5.57 -3.97 -31.87
N THR E 659 -5.79 -4.71 -32.97
CA THR E 659 -7.09 -5.23 -33.31
C THR E 659 -7.29 -6.67 -32.85
N ALA E 660 -6.24 -7.34 -32.42
CA ALA E 660 -6.34 -8.71 -31.97
C ALA E 660 -6.49 -8.82 -30.47
N GLY E 661 -6.62 -7.71 -29.76
CA GLY E 661 -6.31 -7.76 -28.34
C GLY E 661 -4.90 -8.23 -28.12
N TYR E 662 -4.05 -8.05 -29.12
CA TYR E 662 -2.73 -8.66 -29.22
C TYR E 662 -1.78 -8.06 -28.20
N VAL E 663 -1.38 -6.82 -28.39
CA VAL E 663 -0.44 -6.18 -27.48
C VAL E 663 -0.79 -4.70 -27.38
N GLY E 664 -0.79 -4.18 -26.15
CA GLY E 664 -0.82 -2.74 -25.93
C GLY E 664 -2.00 -2.06 -26.58
N TYR E 665 -3.20 -2.46 -26.18
CA TYR E 665 -4.39 -2.22 -26.99
C TYR E 665 -4.58 -0.76 -27.35
N ASP E 666 -4.69 -0.52 -28.65
CA ASP E 666 -5.06 0.73 -29.28
C ASP E 666 -5.55 0.35 -30.66
N GLU E 667 -6.31 1.24 -31.32
CA GLU E 667 -6.67 1.07 -32.72
C GLU E 667 -7.66 2.09 -33.28
N GLY E 668 -7.73 2.19 -34.61
CA GLY E 668 -8.61 3.14 -35.21
C GLY E 668 -8.35 4.45 -34.53
N GLY E 669 -7.09 4.86 -34.58
CA GLY E 669 -6.56 5.75 -33.58
C GLY E 669 -7.27 7.07 -33.56
N PHE E 670 -7.27 7.77 -34.68
CA PHE E 670 -8.26 8.84 -34.80
C PHE E 670 -9.64 8.25 -34.72
N LEU E 671 -9.77 7.01 -35.14
CA LEU E 671 -10.97 6.49 -35.74
C LEU E 671 -11.77 5.70 -34.75
N THR E 672 -11.35 4.47 -34.55
CA THR E 672 -12.10 3.53 -33.75
C THR E 672 -12.52 4.15 -32.45
N ASN E 673 -11.61 4.84 -31.81
CA ASN E 673 -11.92 5.55 -30.59
C ASN E 673 -13.23 6.29 -30.72
N GLN E 674 -13.28 7.29 -31.57
CA GLN E 674 -14.53 8.02 -31.67
C GLN E 674 -15.37 7.55 -32.84
N LEU E 675 -14.78 6.72 -33.69
CA LEU E 675 -15.37 6.37 -34.97
C LEU E 675 -16.84 6.11 -34.79
N GLN E 676 -17.07 5.01 -34.10
CA GLN E 676 -18.41 4.63 -33.71
C GLN E 676 -19.14 5.82 -33.14
N TYR E 677 -18.55 6.47 -32.16
CA TYR E 677 -19.38 7.14 -31.22
C TYR E 677 -19.88 8.44 -31.77
N LYS E 678 -19.33 8.83 -32.91
CA LYS E 678 -19.93 9.84 -33.77
C LYS E 678 -20.31 9.06 -35.01
N PRO E 679 -21.46 8.39 -34.98
CA PRO E 679 -21.86 7.62 -36.15
C PRO E 679 -22.12 8.49 -37.33
N TYR E 680 -22.42 9.75 -37.05
CA TYR E 680 -22.87 10.67 -38.07
C TYR E 680 -21.67 11.30 -38.72
N SER E 681 -21.54 11.09 -40.02
CA SER E 681 -20.23 11.01 -40.65
C SER E 681 -19.79 12.34 -41.25
N VAL E 682 -18.62 12.77 -40.83
CA VAL E 682 -17.66 13.41 -41.67
C VAL E 682 -16.78 12.27 -42.15
N LEU E 683 -15.86 12.56 -43.06
CA LEU E 683 -14.66 11.77 -43.23
C LEU E 683 -13.84 12.34 -44.37
N LEU E 684 -12.59 11.93 -44.41
CA LEU E 684 -11.59 12.48 -45.30
C LEU E 684 -10.98 11.35 -46.11
N PHE E 685 -10.39 11.70 -47.23
CA PHE E 685 -9.24 11.00 -47.74
C PHE E 685 -8.28 12.11 -48.07
N ASP E 686 -7.04 11.82 -48.37
CA ASP E 686 -6.16 12.97 -48.44
C ASP E 686 -5.44 13.04 -49.79
N GLU E 687 -4.48 13.96 -49.82
CA GLU E 687 -4.19 14.75 -51.01
C GLU E 687 -3.99 13.96 -52.27
N VAL E 688 -3.65 12.70 -52.19
CA VAL E 688 -3.38 12.01 -53.45
C VAL E 688 -3.48 10.53 -53.11
N GLU E 689 -2.93 9.68 -53.98
CA GLU E 689 -2.72 8.28 -53.60
C GLU E 689 -2.03 8.18 -52.24
N LYS E 690 -1.26 9.19 -51.88
CA LYS E 690 -0.63 9.29 -50.56
C LYS E 690 0.24 8.05 -50.38
N ALA E 691 0.27 7.46 -49.19
CA ALA E 691 1.25 6.41 -48.96
C ALA E 691 0.84 5.08 -49.57
N HIS E 692 -0.35 4.62 -49.27
CA HIS E 692 -0.38 3.18 -49.17
C HIS E 692 -1.68 2.55 -49.63
N PRO E 693 -1.61 1.37 -50.21
CA PRO E 693 -2.82 0.70 -50.66
C PRO E 693 -3.67 0.16 -49.55
N ASP E 694 -3.15 0.04 -48.34
CA ASP E 694 -4.00 -0.50 -47.30
C ASP E 694 -5.23 0.35 -47.14
N VAL E 695 -5.17 1.54 -47.68
CA VAL E 695 -6.35 2.24 -48.10
C VAL E 695 -7.18 1.27 -48.89
N LEU E 696 -6.69 0.99 -50.10
CA LEU E 696 -7.42 0.13 -51.01
C LEU E 696 -7.94 -1.04 -50.25
N THR E 697 -7.11 -1.57 -49.36
CA THR E 697 -7.56 -2.59 -48.44
C THR E 697 -8.85 -2.14 -47.81
N VAL E 698 -8.71 -1.18 -46.93
CA VAL E 698 -9.88 -0.82 -46.18
C VAL E 698 -10.79 -0.01 -47.05
N MET E 699 -10.23 0.93 -47.80
CA MET E 699 -11.07 1.81 -48.58
C MET E 699 -11.97 0.98 -49.44
N LEU E 700 -11.55 -0.25 -49.74
CA LEU E 700 -12.47 -1.21 -50.29
C LEU E 700 -13.63 -1.22 -49.33
N GLN E 701 -13.42 -1.87 -48.20
CA GLN E 701 -14.49 -1.96 -47.24
C GLN E 701 -15.01 -0.59 -46.97
N MET E 702 -14.08 0.29 -46.65
CA MET E 702 -14.49 1.63 -46.32
C MET E 702 -15.37 2.18 -47.40
N LEU E 703 -15.04 1.94 -48.65
CA LEU E 703 -16.10 2.30 -49.56
C LEU E 703 -17.10 1.17 -49.62
N ASP E 704 -16.63 -0.06 -49.50
CA ASP E 704 -17.47 -1.14 -49.90
C ASP E 704 -18.78 -1.07 -49.16
N ASP E 705 -19.83 -1.13 -49.94
CA ASP E 705 -21.19 -1.06 -49.45
C ASP E 705 -21.36 -1.97 -48.24
N GLY E 706 -21.93 -1.41 -47.18
CA GLY E 706 -22.28 -2.25 -46.05
C GLY E 706 -21.08 -2.65 -45.25
N ARG E 707 -20.12 -1.74 -45.15
CA ARG E 707 -18.85 -2.05 -44.49
C ARG E 707 -19.08 -2.24 -43.00
N ILE E 708 -18.68 -3.40 -42.49
CA ILE E 708 -18.72 -3.68 -41.08
C ILE E 708 -17.38 -4.29 -40.72
N THR E 709 -16.49 -3.52 -40.11
CA THR E 709 -15.29 -4.04 -39.46
C THR E 709 -14.84 -3.04 -38.43
N SER E 710 -14.03 -3.51 -37.50
CA SER E 710 -13.43 -2.66 -36.50
C SER E 710 -12.48 -3.56 -35.74
N GLY E 711 -11.66 -2.96 -34.89
CA GLY E 711 -10.96 -3.73 -33.91
C GLY E 711 -11.95 -4.20 -32.88
N GLN E 712 -12.09 -5.50 -32.73
CA GLN E 712 -12.59 -6.09 -31.50
C GLN E 712 -14.04 -5.71 -31.24
N GLY E 713 -14.49 -4.64 -31.85
CA GLY E 713 -15.91 -4.43 -31.99
C GLY E 713 -16.16 -5.04 -33.34
N LYS E 714 -15.09 -5.04 -34.13
CA LYS E 714 -15.05 -5.73 -35.40
C LYS E 714 -16.16 -5.26 -36.33
N THR E 715 -16.71 -4.08 -36.07
CA THR E 715 -17.79 -3.57 -36.89
C THR E 715 -17.55 -2.10 -37.20
N ILE E 716 -17.33 -1.78 -38.47
CA ILE E 716 -17.96 -0.59 -38.95
C ILE E 716 -19.43 -0.88 -38.87
N ASP E 717 -20.21 0.11 -38.56
CA ASP E 717 -21.60 0.07 -38.96
C ASP E 717 -21.75 1.34 -39.80
N CYS E 718 -21.83 1.19 -41.12
CA CYS E 718 -21.82 2.36 -41.98
C CYS E 718 -23.27 2.73 -42.27
N SER E 719 -23.72 3.81 -41.66
CA SER E 719 -25.05 4.30 -41.98
C SER E 719 -24.91 5.72 -42.45
N ASN E 720 -24.68 6.61 -41.50
CA ASN E 720 -24.31 7.95 -41.87
C ASN E 720 -23.08 7.80 -42.75
N CYS E 721 -23.20 8.19 -44.01
CA CYS E 721 -22.11 7.92 -44.93
C CYS E 721 -21.62 9.24 -45.48
N ILE E 722 -20.55 9.74 -44.88
CA ILE E 722 -19.93 10.94 -45.38
C ILE E 722 -18.43 10.82 -45.23
N VAL E 723 -17.74 10.83 -46.35
CA VAL E 723 -16.36 11.21 -46.41
C VAL E 723 -16.33 12.19 -47.52
N ILE E 724 -16.96 11.82 -48.62
CA ILE E 724 -16.55 12.40 -49.85
C ILE E 724 -15.10 12.02 -49.81
N MET E 725 -14.19 12.97 -49.76
CA MET E 725 -12.81 12.67 -49.37
C MET E 725 -11.99 13.87 -49.69
N THR E 726 -10.68 13.82 -49.48
CA THR E 726 -9.85 14.77 -50.19
C THR E 726 -8.79 14.05 -51.01
N SER E 727 -8.44 14.66 -52.13
CA SER E 727 -7.10 14.50 -52.68
C SER E 727 -6.90 15.60 -53.69
N ALA E 728 -5.65 15.87 -54.02
CA ALA E 728 -5.41 16.72 -55.18
C ALA E 728 -4.07 16.44 -55.83
N LEU E 729 -4.04 16.48 -57.17
CA LEU E 729 -2.92 17.02 -57.92
C LEU E 729 -3.46 17.79 -59.12
N GLY E 730 -3.34 19.11 -59.11
CA GLY E 730 -3.68 19.91 -60.27
C GLY E 730 -2.48 20.61 -60.89
N ALA E 731 -1.29 20.19 -60.48
CA ALA E 731 -0.12 21.06 -60.49
C ALA E 731 -0.04 21.82 -61.79
N GLU E 732 0.31 21.10 -62.84
CA GLU E 732 0.11 21.62 -64.18
C GLU E 732 -1.32 22.11 -64.32
N PHE E 733 -2.27 21.22 -64.08
CA PHE E 733 -3.62 21.44 -64.55
C PHE E 733 -4.11 22.78 -64.07
N ILE E 734 -3.92 23.05 -62.79
CA ILE E 734 -4.21 24.36 -62.23
C ILE E 734 -3.59 25.38 -63.14
N ASN E 735 -2.27 25.46 -63.05
CA ASN E 735 -1.56 26.45 -63.81
C ASN E 735 -1.90 26.31 -65.28
N SER E 736 -2.07 25.08 -65.73
CA SER E 736 -2.55 24.85 -67.08
C SER E 736 -3.82 25.62 -67.32
N GLN E 737 -4.74 25.56 -66.37
CA GLN E 737 -5.99 26.26 -66.58
C GLN E 737 -5.71 27.75 -66.62
N GLN E 738 -6.17 28.38 -67.70
CA GLN E 738 -5.97 29.79 -67.92
C GLN E 738 -7.18 30.63 -67.56
N GLY E 739 -8.27 30.00 -67.14
CA GLY E 739 -9.49 30.74 -66.92
C GLY E 739 -10.31 30.17 -65.79
N SER E 740 -11.23 31.00 -65.30
CA SER E 740 -12.05 30.69 -64.14
C SER E 740 -12.62 29.29 -64.25
N LYS E 741 -13.52 29.12 -65.19
CA LYS E 741 -14.00 27.80 -65.48
C LYS E 741 -12.88 26.97 -66.08
N ILE E 742 -12.96 25.68 -65.87
CA ILE E 742 -11.86 24.83 -66.27
C ILE E 742 -11.97 24.48 -67.75
N GLN E 743 -10.82 24.33 -68.37
CA GLN E 743 -10.77 23.83 -69.74
C GLN E 743 -11.21 22.39 -69.81
N GLU E 744 -11.95 22.09 -70.85
CA GLU E 744 -12.40 20.74 -71.09
C GLU E 744 -11.23 19.79 -71.26
N SER E 745 -11.47 18.54 -70.87
CA SER E 745 -10.59 17.41 -71.04
C SER E 745 -9.36 17.54 -70.19
N THR E 746 -9.08 18.76 -69.74
CA THR E 746 -8.09 18.94 -68.71
C THR E 746 -8.36 17.94 -67.62
N LYS E 747 -9.60 17.96 -67.18
CA LYS E 747 -10.17 16.93 -66.36
C LYS E 747 -9.82 15.57 -66.88
N ASN E 748 -10.02 15.35 -68.15
CA ASN E 748 -9.70 14.04 -68.67
C ASN E 748 -8.22 13.80 -68.53
N LEU E 749 -7.44 14.77 -68.94
CA LEU E 749 -6.05 14.80 -68.58
C LEU E 749 -5.90 14.59 -67.10
N VAL E 750 -6.75 15.26 -66.32
CA VAL E 750 -6.74 14.99 -64.90
C VAL E 750 -7.17 13.56 -64.63
N MET E 751 -8.13 13.05 -65.41
CA MET E 751 -8.74 11.79 -65.00
C MET E 751 -7.70 10.74 -64.75
N GLY E 752 -7.02 10.34 -65.82
CA GLY E 752 -6.13 9.19 -65.74
C GLY E 752 -5.25 9.24 -64.52
N ALA E 753 -4.93 10.45 -64.07
CA ALA E 753 -3.86 10.69 -63.13
C ALA E 753 -3.91 9.70 -61.99
N VAL E 754 -4.89 9.80 -61.12
CA VAL E 754 -5.00 8.74 -60.15
C VAL E 754 -5.80 7.59 -60.70
N ARG E 755 -6.88 7.90 -61.42
CA ARG E 755 -7.86 6.86 -61.71
C ARG E 755 -7.20 5.63 -62.29
N GLN E 756 -6.01 5.80 -62.86
CA GLN E 756 -5.16 4.66 -63.16
C GLN E 756 -4.84 3.89 -61.88
N HIS E 757 -4.59 4.59 -60.79
CA HIS E 757 -4.12 3.93 -59.58
C HIS E 757 -5.17 3.00 -59.03
N PHE E 758 -6.34 3.53 -58.74
CA PHE E 758 -7.29 2.78 -57.94
C PHE E 758 -8.27 2.01 -58.76
N ARG E 759 -8.33 2.27 -60.06
CA ARG E 759 -8.69 1.27 -61.04
C ARG E 759 -10.20 1.04 -61.03
N PRO E 760 -10.79 0.63 -62.15
CA PRO E 760 -12.25 0.62 -62.24
C PRO E 760 -12.95 0.02 -61.06
N GLU E 761 -12.45 -1.10 -60.53
CA GLU E 761 -13.07 -1.70 -59.36
C GLU E 761 -13.33 -0.62 -58.35
N PHE E 762 -12.33 0.17 -58.09
CA PHE E 762 -12.61 1.25 -57.20
C PHE E 762 -13.23 2.40 -57.93
N LEU E 763 -12.84 2.61 -59.18
CA LEU E 763 -13.50 3.65 -59.95
C LEU E 763 -14.98 3.44 -59.93
N ASN E 764 -15.42 2.21 -60.22
CA ASN E 764 -16.79 1.89 -59.88
C ASN E 764 -17.03 2.18 -58.42
N ARG E 765 -16.22 1.56 -57.56
CA ARG E 765 -16.46 1.70 -56.15
C ARG E 765 -16.63 3.15 -55.81
N ILE E 766 -15.93 4.02 -56.52
CA ILE E 766 -16.18 5.45 -56.44
C ILE E 766 -17.64 5.78 -56.69
N SER E 767 -18.22 6.59 -55.82
CA SER E 767 -19.51 7.19 -56.14
C SER E 767 -19.36 8.14 -57.32
N SER E 768 -18.48 9.12 -57.16
CA SER E 768 -17.97 9.99 -58.21
C SER E 768 -16.94 10.86 -57.52
N ILE E 769 -16.21 11.64 -58.32
CA ILE E 769 -15.27 12.64 -57.83
C ILE E 769 -15.25 13.80 -58.79
N VAL E 770 -15.41 15.01 -58.28
CA VAL E 770 -15.44 16.20 -59.13
C VAL E 770 -14.88 17.36 -58.32
N ILE E 771 -14.24 18.29 -59.00
CA ILE E 771 -13.18 19.08 -58.43
C ILE E 771 -13.54 20.57 -58.55
N PHE E 772 -12.72 21.40 -57.93
CA PHE E 772 -12.93 22.83 -57.94
C PHE E 772 -12.19 23.50 -59.09
N ASN E 773 -12.75 24.61 -59.55
CA ASN E 773 -12.18 25.44 -60.61
C ASN E 773 -10.94 26.18 -60.12
N LYS E 774 -10.55 27.20 -60.87
CA LYS E 774 -9.71 28.29 -60.37
C LYS E 774 -10.55 29.56 -60.50
N LEU E 775 -11.15 30.03 -59.42
CA LEU E 775 -12.24 30.98 -59.59
C LEU E 775 -11.93 32.44 -59.31
N SER E 776 -10.73 32.77 -58.86
CA SER E 776 -10.25 34.13 -59.03
C SER E 776 -11.10 35.15 -58.27
N ARG E 777 -11.69 36.14 -58.93
CA ARG E 777 -11.71 37.49 -58.39
C ARG E 777 -13.08 38.09 -58.23
N LYS E 778 -13.86 38.26 -59.31
CA LYS E 778 -15.25 38.58 -59.09
C LYS E 778 -15.78 37.68 -58.00
N ALA E 779 -15.33 36.45 -58.02
CA ALA E 779 -15.30 35.64 -56.82
C ALA E 779 -14.73 36.45 -55.68
N ILE E 780 -13.42 36.67 -55.71
CA ILE E 780 -12.80 37.23 -54.53
C ILE E 780 -13.47 38.53 -54.21
N HIS E 781 -13.93 39.22 -55.24
CA HIS E 781 -14.72 40.42 -55.05
C HIS E 781 -15.78 40.14 -54.01
N LYS E 782 -16.39 38.97 -54.07
CA LYS E 782 -17.16 38.60 -52.91
C LYS E 782 -16.16 38.23 -51.85
N ILE E 783 -15.50 37.13 -52.12
CA ILE E 783 -15.06 36.21 -51.10
C ILE E 783 -14.54 36.93 -49.91
N VAL E 784 -13.82 37.99 -50.18
CA VAL E 784 -13.31 38.78 -49.09
C VAL E 784 -14.42 39.09 -48.13
N ASP E 785 -15.59 39.38 -48.68
CA ASP E 785 -16.72 39.88 -47.92
C ASP E 785 -16.92 39.08 -46.67
N ILE E 786 -16.71 37.78 -46.75
CA ILE E 786 -16.95 36.96 -45.57
C ILE E 786 -16.18 37.53 -44.42
N ARG E 787 -14.88 37.66 -44.60
CA ARG E 787 -14.00 37.93 -43.50
C ARG E 787 -14.54 39.01 -42.59
N LEU E 788 -14.95 40.13 -43.17
CA LEU E 788 -15.56 41.16 -42.37
C LEU E 788 -16.73 40.53 -41.66
N LYS E 789 -17.75 40.26 -42.44
CA LYS E 789 -18.94 39.70 -41.85
C LYS E 789 -18.55 38.51 -41.01
N GLU E 790 -17.62 37.72 -41.51
CA GLU E 790 -17.21 36.50 -40.86
C GLU E 790 -17.08 36.65 -39.36
N ILE E 791 -16.09 37.38 -38.90
CA ILE E 791 -16.03 37.61 -37.46
C ILE E 791 -17.33 38.22 -37.02
N GLU E 792 -17.58 39.42 -37.52
CA GLU E 792 -18.76 40.13 -37.07
C GLU E 792 -19.93 39.19 -37.03
N GLU E 793 -20.11 38.42 -38.10
CA GLU E 793 -21.20 37.45 -38.14
C GLU E 793 -21.27 36.64 -36.86
N ARG E 794 -20.13 36.14 -36.40
CA ARG E 794 -20.17 35.69 -35.03
C ARG E 794 -19.56 36.72 -34.15
N PHE E 795 -18.24 36.89 -34.27
CA PHE E 795 -17.54 37.77 -33.35
C PHE E 795 -17.82 37.28 -31.92
N GLU E 796 -18.02 38.20 -30.99
CA GLU E 796 -18.72 37.97 -29.73
C GLU E 796 -20.19 38.05 -29.95
N GLN E 797 -20.90 38.17 -28.87
CA GLN E 797 -22.21 38.72 -28.94
C GLN E 797 -22.02 40.15 -28.48
N ASN E 798 -21.92 41.06 -29.44
CA ASN E 798 -22.00 42.49 -29.28
C ASN E 798 -21.44 42.97 -27.97
N ASP E 799 -20.14 42.87 -27.78
CA ASP E 799 -19.54 43.73 -26.78
C ASP E 799 -20.04 45.15 -27.05
N LYS E 800 -19.60 45.68 -28.16
CA LYS E 800 -19.90 47.00 -28.69
C LYS E 800 -20.28 46.73 -30.13
N HIS E 801 -19.37 46.02 -30.80
CA HIS E 801 -19.73 45.26 -31.98
C HIS E 801 -20.11 46.11 -33.17
N TYR E 802 -19.11 46.52 -33.90
CA TYR E 802 -19.20 47.61 -34.81
C TYR E 802 -19.20 47.17 -36.26
N LYS E 803 -19.88 47.93 -37.08
CA LYS E 803 -19.95 47.59 -38.49
C LYS E 803 -18.58 47.74 -39.15
N LEU E 804 -17.92 48.86 -38.93
CA LEU E 804 -16.51 48.99 -39.25
C LEU E 804 -16.09 48.56 -40.63
N ASN E 805 -16.41 49.30 -41.67
CA ASN E 805 -15.91 48.84 -42.96
C ASN E 805 -15.72 49.97 -43.97
N LEU E 806 -14.60 49.90 -44.71
CA LEU E 806 -14.42 50.58 -45.98
C LEU E 806 -14.66 49.67 -47.17
N THR E 807 -14.86 48.40 -46.90
CA THR E 807 -15.44 47.48 -47.84
C THR E 807 -14.62 47.50 -49.12
N GLN E 808 -15.27 47.49 -50.28
CA GLN E 808 -14.60 47.26 -51.55
C GLN E 808 -13.41 48.19 -51.69
N GLU E 809 -13.52 49.36 -51.09
CA GLU E 809 -12.34 50.15 -50.95
C GLU E 809 -11.36 49.29 -50.20
N ALA E 810 -11.55 49.23 -48.90
CA ALA E 810 -10.59 48.57 -48.05
C ALA E 810 -10.28 47.20 -48.59
N LYS E 811 -11.32 46.38 -48.60
CA LYS E 811 -11.14 44.95 -48.61
C LYS E 811 -10.32 44.55 -49.82
N ASP E 812 -10.78 45.02 -50.98
CA ASP E 812 -10.08 44.78 -52.22
C ASP E 812 -8.62 44.97 -52.00
N PHE E 813 -8.30 46.07 -51.39
CA PHE E 813 -6.94 46.51 -51.46
C PHE E 813 -6.09 45.54 -50.70
N LEU E 814 -6.64 44.97 -49.66
CA LEU E 814 -5.97 43.83 -49.11
C LEU E 814 -6.31 42.58 -49.87
N ALA E 815 -7.53 42.48 -50.39
CA ALA E 815 -7.79 41.40 -51.32
C ALA E 815 -6.79 41.44 -52.44
N LYS E 816 -6.41 42.64 -52.85
CA LYS E 816 -5.28 42.76 -53.73
C LYS E 816 -4.11 42.00 -53.16
N TYR E 817 -3.71 42.33 -51.93
CA TYR E 817 -2.80 41.43 -51.25
C TYR E 817 -3.39 40.06 -51.10
N GLY E 818 -4.71 39.97 -51.07
CA GLY E 818 -5.36 38.79 -50.57
C GLY E 818 -4.88 37.54 -51.25
N TYR E 819 -4.99 37.50 -52.56
CA TYR E 819 -4.88 36.20 -53.21
C TYR E 819 -3.44 35.78 -53.28
N SER E 820 -3.15 34.64 -52.67
CA SER E 820 -1.81 34.11 -52.57
C SER E 820 -1.44 33.31 -53.76
N ASP E 821 -2.24 33.35 -54.82
CA ASP E 821 -2.22 32.26 -55.77
C ASP E 821 -2.61 31.09 -54.90
N ASP E 822 -1.75 30.13 -54.68
CA ASP E 822 -2.12 28.93 -53.96
C ASP E 822 -3.00 29.21 -52.74
N MET E 823 -2.57 30.12 -51.89
CA MET E 823 -3.23 30.20 -50.61
C MET E 823 -4.29 31.27 -50.54
N GLY E 824 -4.36 32.17 -51.50
CA GLY E 824 -5.22 33.24 -51.12
C GLY E 824 -4.78 33.94 -49.84
N ALA E 825 -5.72 34.66 -49.27
CA ALA E 825 -5.50 35.52 -48.12
C ALA E 825 -5.52 34.78 -46.84
N ARG E 826 -5.58 33.46 -46.91
CA ARG E 826 -5.51 32.67 -45.69
C ARG E 826 -4.55 33.28 -44.69
N PRO E 827 -3.31 33.57 -45.04
CA PRO E 827 -2.52 34.29 -44.06
C PRO E 827 -3.17 35.60 -43.75
N LEU E 828 -3.49 36.34 -44.81
CA LEU E 828 -4.09 37.64 -44.62
C LEU E 828 -5.28 37.50 -43.72
N ASN E 829 -5.96 36.36 -43.80
CA ASN E 829 -7.00 36.13 -42.85
C ASN E 829 -6.48 36.45 -41.48
N ARG E 830 -5.42 35.77 -41.09
CA ARG E 830 -4.73 36.18 -39.90
C ARG E 830 -4.26 37.61 -39.99
N LEU E 831 -3.94 38.08 -41.19
CA LEU E 831 -3.16 39.30 -41.25
C LEU E 831 -4.00 40.53 -41.47
N ILE E 832 -5.26 40.34 -41.80
CA ILE E 832 -6.22 41.40 -41.95
C ILE E 832 -6.26 42.22 -40.68
N GLN E 833 -6.81 41.57 -39.71
CA GLN E 833 -7.46 42.14 -38.56
C GLN E 833 -6.46 42.50 -37.52
N ASN E 834 -5.52 41.60 -37.30
CA ASN E 834 -4.42 41.81 -36.40
C ASN E 834 -3.94 43.21 -36.63
N GLU E 835 -3.90 43.63 -37.90
CA GLU E 835 -3.82 45.05 -38.18
C GLU E 835 -4.84 45.77 -37.34
N ILE E 836 -6.09 45.58 -37.73
CA ILE E 836 -7.14 46.38 -37.16
C ILE E 836 -7.16 46.19 -35.67
N LEU E 837 -6.84 44.98 -35.23
CA LEU E 837 -7.24 44.56 -33.92
C LEU E 837 -6.69 45.43 -32.82
N ASN E 838 -5.41 45.27 -32.49
CA ASN E 838 -4.93 45.84 -31.24
C ASN E 838 -5.36 47.29 -31.13
N LYS E 839 -5.45 47.96 -32.26
CA LYS E 839 -6.09 49.26 -32.29
C LYS E 839 -7.43 49.21 -31.59
N LEU E 840 -8.14 48.10 -31.71
CA LEU E 840 -9.36 47.93 -30.95
C LEU E 840 -9.10 48.16 -29.48
N ALA E 841 -8.13 47.46 -28.94
CA ALA E 841 -7.69 47.77 -27.59
C ALA E 841 -7.33 49.24 -27.48
N LEU E 842 -6.50 49.69 -28.39
CA LEU E 842 -6.31 51.12 -28.51
C LEU E 842 -7.64 51.82 -28.60
N ARG E 843 -8.52 51.31 -29.43
CA ARG E 843 -9.82 51.94 -29.47
C ARG E 843 -10.68 51.47 -28.31
N ILE E 844 -10.15 50.58 -27.48
CA ILE E 844 -10.77 50.32 -26.20
C ILE E 844 -10.38 51.37 -25.18
N LEU E 845 -9.21 51.96 -25.31
CA LEU E 845 -8.65 52.66 -24.15
C LEU E 845 -9.27 54.04 -23.93
N LYS E 846 -8.91 55.03 -24.74
CA LYS E 846 -9.02 56.40 -24.29
C LYS E 846 -9.17 57.34 -25.46
N ASN E 847 -9.94 58.42 -25.25
CA ASN E 847 -10.10 59.51 -26.23
C ASN E 847 -10.75 59.02 -27.51
N GLU E 848 -11.72 58.14 -27.36
CA GLU E 848 -12.15 57.25 -28.43
C GLU E 848 -13.52 57.64 -28.94
N ILE E 849 -13.97 56.89 -29.93
CA ILE E 849 -15.36 56.85 -30.33
C ILE E 849 -15.77 55.39 -30.35
N LYS E 850 -16.71 55.01 -29.48
CA LYS E 850 -17.03 53.63 -29.20
C LYS E 850 -18.19 53.08 -30.01
N ASP E 851 -18.58 53.73 -31.07
CA ASP E 851 -19.62 53.16 -31.91
C ASP E 851 -19.00 52.45 -33.11
N LYS E 852 -19.84 52.15 -34.10
CA LYS E 852 -19.59 51.06 -35.03
C LYS E 852 -18.66 51.38 -36.17
N GLU E 853 -18.46 52.66 -36.47
CA GLU E 853 -17.39 53.16 -37.33
C GLU E 853 -17.13 52.34 -38.57
N THR E 854 -15.88 52.31 -38.98
CA THR E 854 -15.47 51.88 -40.30
C THR E 854 -14.00 51.49 -40.22
N VAL E 855 -13.38 51.50 -41.37
CA VAL E 855 -11.97 51.25 -41.49
C VAL E 855 -11.37 52.53 -42.02
N ASN E 856 -10.06 52.63 -41.93
CA ASN E 856 -9.37 53.59 -42.78
C ASN E 856 -8.51 52.79 -43.73
N VAL E 857 -8.34 53.29 -44.95
CA VAL E 857 -7.43 52.69 -45.91
C VAL E 857 -6.75 53.77 -46.72
N VAL E 858 -5.42 53.82 -46.68
CA VAL E 858 -4.69 54.65 -47.62
C VAL E 858 -3.38 53.93 -47.88
N LEU E 859 -2.57 54.47 -48.79
CA LEU E 859 -1.17 54.13 -48.84
C LEU E 859 -0.41 54.91 -47.79
N GLU E 872 4.68 53.45 -48.35
CA GLU E 872 5.52 53.14 -49.49
C GLU E 872 4.66 52.65 -50.64
N ALA E 873 5.30 52.05 -51.64
CA ALA E 873 4.56 51.49 -52.76
C ALA E 873 3.55 50.49 -52.25
N GLU E 874 4.03 49.35 -51.78
CA GLU E 874 3.12 48.40 -51.17
C GLU E 874 2.70 48.83 -49.77
N GLU E 875 3.53 49.61 -49.09
CA GLU E 875 3.20 49.98 -47.71
C GLU E 875 2.07 51.00 -47.74
N CYS E 876 0.99 50.69 -46.99
CA CYS E 876 -0.30 51.32 -47.20
C CYS E 876 -0.97 51.67 -45.88
N LEU E 877 -1.40 52.93 -45.75
CA LEU E 877 -1.92 53.43 -44.48
C LEU E 877 -2.92 52.48 -43.86
N GLU E 878 -4.07 52.34 -44.49
CA GLU E 878 -5.11 51.47 -44.00
C GLU E 878 -5.59 52.00 -42.65
N VAL E 879 -5.64 51.18 -41.62
CA VAL E 879 -6.05 51.50 -40.25
C VAL E 879 -7.50 51.99 -40.17
N LEU E 880 -7.80 52.91 -39.27
CA LEU E 880 -9.07 52.82 -38.56
C LEU E 880 -9.52 54.20 -38.14
N PRO E 881 -10.80 54.40 -38.02
CA PRO E 881 -11.36 55.62 -37.45
C PRO E 881 -11.09 55.70 -35.97
N ASN E 882 -11.75 56.61 -35.27
CA ASN E 882 -11.35 56.85 -33.88
C ASN E 882 -12.52 57.13 -32.95
N TYR F 166 -10.15 -38.66 -3.62
CA TYR F 166 -11.15 -38.10 -4.52
C TYR F 166 -11.80 -39.20 -5.34
N LEU F 167 -13.13 -39.21 -5.39
CA LEU F 167 -13.81 -40.35 -5.96
C LEU F 167 -14.75 -40.02 -7.11
N SER F 168 -15.95 -39.56 -6.80
CA SER F 168 -16.99 -39.43 -7.82
C SER F 168 -17.13 -38.03 -8.36
N LYS F 169 -16.40 -37.08 -7.80
CA LYS F 169 -16.70 -35.66 -7.91
C LYS F 169 -16.73 -35.13 -9.33
N TYR F 170 -15.57 -34.98 -9.94
CA TYR F 170 -15.49 -34.59 -11.35
C TYR F 170 -15.63 -35.78 -12.29
N ALA F 171 -15.83 -36.97 -11.74
CA ALA F 171 -15.79 -38.20 -12.53
C ALA F 171 -17.02 -38.31 -13.40
N ILE F 172 -16.89 -39.05 -14.49
CA ILE F 172 -18.08 -39.43 -15.25
C ILE F 172 -18.38 -40.86 -14.86
N ASP F 173 -19.26 -41.03 -13.89
CA ASP F 173 -19.72 -42.36 -13.57
C ASP F 173 -20.65 -42.75 -14.68
N MET F 174 -20.30 -43.80 -15.41
CA MET F 174 -21.02 -44.10 -16.63
C MET F 174 -21.43 -45.54 -16.76
N THR F 175 -20.45 -46.43 -16.75
CA THR F 175 -20.68 -47.83 -17.10
C THR F 175 -21.96 -48.34 -16.47
N GLU F 176 -22.23 -47.91 -15.25
CA GLU F 176 -23.53 -48.12 -14.67
C GLU F 176 -24.61 -47.49 -15.54
N GLN F 177 -24.46 -46.20 -15.86
CA GLN F 177 -25.46 -45.55 -16.69
C GLN F 177 -25.49 -46.20 -18.04
N ALA F 178 -24.44 -46.94 -18.35
CA ALA F 178 -24.52 -47.99 -19.35
C ALA F 178 -25.09 -49.27 -18.76
N ARG F 179 -24.66 -49.65 -17.55
CA ARG F 179 -25.16 -50.91 -17.00
C ARG F 179 -26.63 -50.78 -16.61
N GLN F 180 -27.00 -49.68 -15.98
CA GLN F 180 -28.42 -49.34 -15.94
C GLN F 180 -28.90 -48.81 -17.27
N GLY F 181 -28.02 -48.23 -18.08
CA GLY F 181 -28.35 -48.01 -19.47
C GLY F 181 -29.38 -46.95 -19.79
N LYS F 182 -29.39 -45.82 -19.08
CA LYS F 182 -30.16 -44.69 -19.57
C LYS F 182 -29.49 -44.05 -20.76
N LEU F 183 -28.24 -44.41 -21.02
CA LEU F 183 -27.55 -44.00 -22.23
C LEU F 183 -28.36 -44.40 -23.44
N ASP F 184 -28.25 -43.62 -24.50
CA ASP F 184 -28.96 -43.93 -25.71
C ASP F 184 -27.96 -44.42 -26.76
N PRO F 185 -27.91 -45.71 -27.05
CA PRO F 185 -26.91 -46.23 -27.98
C PRO F 185 -26.95 -45.56 -29.34
N VAL F 186 -25.79 -45.08 -29.76
CA VAL F 186 -25.59 -44.65 -31.12
C VAL F 186 -24.37 -45.41 -31.57
N ILE F 187 -24.56 -46.31 -32.52
CA ILE F 187 -23.51 -47.26 -32.86
C ILE F 187 -22.85 -46.77 -34.14
N GLY F 188 -21.63 -46.29 -34.00
CA GLY F 188 -20.88 -45.71 -35.08
C GLY F 188 -19.93 -46.71 -35.69
N ARG F 189 -18.77 -46.21 -36.10
CA ARG F 189 -17.72 -47.09 -36.63
C ARG F 189 -17.15 -47.91 -35.48
N GLU F 190 -17.26 -49.23 -35.58
CA GLU F 190 -16.82 -50.08 -34.47
C GLU F 190 -15.37 -50.47 -34.59
N GLU F 191 -14.77 -50.23 -35.74
CA GLU F 191 -13.45 -50.75 -36.04
C GLU F 191 -12.41 -50.15 -35.10
N GLU F 192 -12.28 -48.83 -35.13
CA GLU F 192 -11.27 -48.19 -34.31
C GLU F 192 -11.47 -48.58 -32.86
N ILE F 193 -12.70 -48.86 -32.48
CA ILE F 193 -12.93 -49.47 -31.20
C ILE F 193 -12.30 -50.84 -31.16
N ARG F 194 -12.63 -51.67 -32.13
CA ARG F 194 -11.95 -52.95 -32.20
C ARG F 194 -10.46 -52.73 -32.19
N SER F 195 -10.01 -51.81 -33.04
CA SER F 195 -8.66 -51.33 -32.90
C SER F 195 -8.39 -50.93 -31.48
N THR F 196 -9.27 -50.12 -30.92
CA THR F 196 -9.11 -49.75 -29.53
C THR F 196 -9.16 -50.98 -28.66
N ILE F 197 -10.05 -51.91 -28.98
CA ILE F 197 -10.07 -53.16 -28.24
C ILE F 197 -8.70 -53.81 -28.30
N ARG F 198 -7.98 -53.55 -29.37
CA ARG F 198 -6.67 -54.17 -29.52
C ARG F 198 -5.72 -53.58 -28.49
N VAL F 199 -6.23 -52.66 -27.69
CA VAL F 199 -5.47 -52.19 -26.55
C VAL F 199 -5.38 -53.23 -25.45
N LEU F 200 -6.45 -53.97 -25.17
CA LEU F 200 -6.66 -54.42 -23.79
C LEU F 200 -5.39 -54.92 -23.16
N ALA F 201 -4.73 -55.85 -23.83
CA ALA F 201 -3.39 -56.25 -23.44
C ALA F 201 -2.30 -55.59 -24.27
N ARG F 202 -2.65 -54.66 -25.15
CA ARG F 202 -1.64 -53.97 -25.95
C ARG F 202 -0.64 -53.28 -25.04
N ARG F 203 0.64 -53.34 -25.42
CA ARG F 203 1.73 -52.98 -24.50
C ARG F 203 2.61 -51.87 -25.04
N ILE F 204 3.48 -52.16 -26.00
CA ILE F 204 4.60 -51.32 -26.41
C ILE F 204 4.12 -49.89 -26.46
N LYS F 205 3.17 -49.65 -27.33
CA LYS F 205 2.29 -48.51 -27.24
C LYS F 205 0.89 -49.01 -26.96
N SER F 206 0.45 -48.86 -25.71
CA SER F 206 -0.67 -49.67 -25.25
C SER F 206 -1.96 -49.27 -25.95
N ASN F 207 -1.99 -48.10 -26.53
CA ASN F 207 -3.23 -47.57 -27.06
C ASN F 207 -2.97 -46.81 -28.34
N PRO F 208 -3.98 -46.63 -29.18
CA PRO F 208 -3.92 -45.56 -30.17
C PRO F 208 -4.60 -44.37 -29.58
N CYS F 209 -4.88 -43.39 -30.43
CA CYS F 209 -5.83 -42.35 -30.12
C CYS F 209 -6.87 -42.32 -31.22
N LEU F 210 -7.73 -41.31 -31.13
CA LEU F 210 -8.75 -41.01 -32.12
C LEU F 210 -8.78 -39.51 -32.31
N ILE F 211 -8.65 -39.07 -33.55
CA ILE F 211 -8.65 -37.64 -33.82
C ILE F 211 -9.80 -37.34 -34.76
N GLY F 212 -10.84 -36.69 -34.24
CA GLY F 212 -11.81 -36.00 -35.05
C GLY F 212 -11.74 -34.49 -34.84
N GLU F 213 -12.52 -33.78 -35.64
CA GLU F 213 -12.97 -32.48 -35.23
C GLU F 213 -13.90 -32.66 -34.03
N PRO F 214 -14.16 -31.60 -33.28
CA PRO F 214 -14.79 -31.80 -31.97
C PRO F 214 -16.08 -32.59 -31.99
N GLY F 215 -17.01 -32.25 -32.85
CA GLY F 215 -18.38 -32.61 -32.60
C GLY F 215 -18.80 -34.04 -32.84
N ILE F 216 -17.85 -34.97 -33.00
CA ILE F 216 -18.17 -36.21 -33.70
C ILE F 216 -18.50 -37.38 -32.77
N GLY F 217 -18.55 -37.17 -31.47
CA GLY F 217 -18.80 -38.30 -30.61
C GLY F 217 -17.61 -39.19 -30.44
N LYS F 218 -16.41 -38.62 -30.58
CA LYS F 218 -15.17 -39.37 -30.34
C LYS F 218 -15.28 -40.20 -29.07
N THR F 219 -15.82 -39.63 -28.02
CA THR F 219 -16.09 -40.39 -26.82
C THR F 219 -17.43 -41.11 -26.86
N ALA F 220 -18.43 -40.56 -27.54
CA ALA F 220 -19.66 -41.34 -27.72
C ALA F 220 -19.29 -42.72 -28.21
N ILE F 221 -18.32 -42.78 -29.09
CA ILE F 221 -17.55 -43.99 -29.31
C ILE F 221 -17.20 -44.61 -27.97
N ILE F 222 -16.33 -43.93 -27.21
CA ILE F 222 -15.94 -44.46 -25.92
C ILE F 222 -17.17 -44.78 -25.10
N GLU F 223 -18.23 -44.00 -25.27
CA GLU F 223 -19.51 -44.41 -24.70
C GLU F 223 -19.98 -45.69 -25.34
N GLY F 224 -20.16 -45.67 -26.66
CA GLY F 224 -20.51 -46.89 -27.34
C GLY F 224 -19.57 -48.01 -26.96
N VAL F 225 -18.29 -47.68 -26.77
CA VAL F 225 -17.36 -48.67 -26.26
C VAL F 225 -17.92 -49.35 -25.03
N ALA F 226 -18.38 -48.55 -24.07
CA ALA F 226 -18.99 -49.13 -22.89
C ALA F 226 -20.14 -50.04 -23.27
N GLN F 227 -20.96 -49.60 -24.22
CA GLN F 227 -21.95 -50.51 -24.75
C GLN F 227 -21.29 -51.77 -25.27
N ARG F 228 -20.19 -51.62 -26.02
CA ARG F 228 -19.39 -52.79 -26.33
C ARG F 228 -18.87 -53.43 -25.05
N ILE F 229 -18.75 -52.67 -23.97
CA ILE F 229 -18.24 -53.25 -22.74
C ILE F 229 -19.36 -53.84 -21.91
N ILE F 230 -20.18 -52.98 -21.28
CA ILE F 230 -21.19 -53.45 -20.32
C ILE F 230 -21.94 -54.65 -20.87
N ASP F 231 -22.24 -54.62 -22.16
CA ASP F 231 -22.95 -55.73 -22.77
C ASP F 231 -22.13 -57.00 -22.73
N ASP F 232 -20.83 -56.88 -22.48
CA ASP F 232 -19.90 -57.98 -22.23
C ASP F 232 -19.92 -58.94 -23.43
N ASP F 233 -19.80 -60.26 -23.22
CA ASP F 233 -19.64 -61.22 -24.31
C ASP F 233 -18.63 -60.75 -25.34
N VAL F 234 -17.62 -60.03 -24.88
CA VAL F 234 -16.56 -59.49 -25.71
C VAL F 234 -15.32 -59.85 -24.92
N PRO F 235 -14.12 -59.44 -25.32
CA PRO F 235 -12.95 -59.81 -24.48
C PRO F 235 -13.12 -59.32 -23.05
N THR F 236 -13.08 -60.27 -22.12
CA THR F 236 -13.03 -59.99 -20.70
C THR F 236 -11.62 -60.02 -20.17
N ILE F 237 -10.64 -60.17 -21.08
CA ILE F 237 -9.23 -60.10 -20.74
C ILE F 237 -9.07 -58.91 -19.83
N LEU F 238 -9.61 -57.78 -20.25
CA LEU F 238 -9.93 -56.72 -19.33
C LEU F 238 -11.42 -56.79 -19.08
N GLN F 239 -11.81 -57.08 -17.85
CA GLN F 239 -13.21 -57.28 -17.51
C GLN F 239 -13.68 -56.24 -16.50
N GLY F 240 -13.09 -56.19 -15.30
CA GLY F 240 -13.49 -55.17 -14.34
C GLY F 240 -13.18 -53.78 -14.83
N ALA F 241 -13.98 -52.79 -14.39
CA ALA F 241 -14.09 -51.52 -15.09
C ALA F 241 -13.68 -50.31 -14.27
N LYS F 242 -12.81 -49.48 -14.84
CA LYS F 242 -12.82 -48.04 -14.60
C LYS F 242 -12.80 -47.32 -15.94
N LEU F 243 -13.92 -46.71 -16.31
CA LEU F 243 -13.99 -45.88 -17.49
C LEU F 243 -14.03 -44.39 -17.24
N PHE F 244 -14.03 -43.96 -15.99
CA PHE F 244 -14.66 -42.70 -15.69
C PHE F 244 -13.67 -41.56 -15.62
N SER F 245 -13.99 -40.48 -16.32
CA SER F 245 -13.11 -39.33 -16.46
C SER F 245 -13.42 -38.35 -15.34
N LEU F 246 -12.49 -38.22 -14.41
CA LEU F 246 -12.62 -37.34 -13.25
C LEU F 246 -11.88 -36.01 -13.37
N ASP F 247 -11.28 -35.71 -14.52
CA ASP F 247 -10.65 -34.41 -14.66
C ASP F 247 -11.62 -33.25 -14.48
N LEU F 248 -12.50 -33.07 -15.46
CA LEU F 248 -13.22 -31.82 -15.63
C LEU F 248 -12.28 -30.65 -15.53
N ALA F 249 -12.72 -29.64 -14.80
CA ALA F 249 -11.91 -28.48 -14.52
C ALA F 249 -11.17 -28.61 -13.21
N ALA F 250 -11.22 -29.78 -12.58
CA ALA F 250 -10.60 -29.95 -11.27
C ALA F 250 -9.17 -29.46 -11.26
N LEU F 251 -8.59 -29.28 -12.44
CA LEU F 251 -7.28 -28.70 -12.65
C LEU F 251 -7.11 -27.47 -11.80
N THR F 252 -7.80 -26.38 -12.16
CA THR F 252 -7.85 -25.22 -11.29
C THR F 252 -8.92 -25.38 -10.22
N ALA F 253 -9.83 -26.32 -10.39
CA ALA F 253 -11.03 -26.41 -9.58
C ALA F 253 -10.87 -27.31 -8.36
N GLY F 254 -9.67 -27.79 -8.10
CA GLY F 254 -9.47 -28.57 -6.89
C GLY F 254 -9.93 -27.90 -5.61
N ALA F 255 -9.42 -26.69 -5.32
CA ALA F 255 -9.51 -26.10 -3.98
C ALA F 255 -9.43 -24.58 -4.08
N LYS F 256 -9.17 -23.93 -2.95
CA LYS F 256 -9.12 -22.47 -2.86
C LYS F 256 -7.75 -21.89 -3.16
N TYR F 257 -6.77 -22.69 -3.55
CA TYR F 257 -5.40 -22.18 -3.61
C TYR F 257 -4.57 -23.05 -4.56
N LYS F 258 -3.26 -22.83 -4.55
CA LYS F 258 -2.37 -23.38 -5.56
C LYS F 258 -1.64 -24.62 -5.04
N GLY F 259 -1.39 -25.54 -5.96
CA GLY F 259 -0.65 -26.77 -5.68
C GLY F 259 -1.52 -28.01 -5.66
N ASP F 260 -2.83 -27.86 -5.53
CA ASP F 260 -3.66 -29.04 -5.32
C ASP F 260 -4.13 -29.66 -6.61
N PHE F 261 -3.97 -28.98 -7.75
CA PHE F 261 -4.32 -29.56 -9.04
C PHE F 261 -3.80 -30.98 -9.11
N GLU F 262 -2.53 -31.15 -8.78
CA GLU F 262 -1.90 -32.44 -8.88
C GLU F 262 -2.38 -33.32 -7.75
N GLU F 263 -2.41 -32.75 -6.55
CA GLU F 263 -3.18 -33.33 -5.48
C GLU F 263 -4.56 -33.69 -5.97
N ARG F 264 -5.23 -32.74 -6.62
CA ARG F 264 -6.58 -32.99 -7.08
C ARG F 264 -6.62 -34.29 -7.84
N PHE F 265 -5.58 -34.57 -8.63
CA PHE F 265 -5.41 -35.92 -9.13
C PHE F 265 -4.77 -36.84 -8.12
N LYS F 266 -3.85 -36.33 -7.30
CA LYS F 266 -3.28 -37.25 -6.33
C LYS F 266 -4.34 -37.65 -5.32
N GLY F 267 -5.19 -36.72 -4.90
CA GLY F 267 -6.38 -37.09 -4.16
C GLY F 267 -7.25 -38.06 -4.93
N VAL F 268 -7.07 -38.13 -6.25
CA VAL F 268 -7.68 -39.19 -7.04
C VAL F 268 -6.88 -40.48 -6.92
N LEU F 269 -5.54 -40.37 -6.92
CA LEU F 269 -4.65 -41.52 -7.03
C LEU F 269 -5.01 -42.69 -6.12
N LYS F 270 -5.25 -42.43 -4.84
CA LYS F 270 -5.53 -43.55 -3.97
C LYS F 270 -6.97 -44.02 -4.12
N GLU F 271 -7.91 -43.12 -4.22
CA GLU F 271 -9.23 -43.63 -4.50
C GLU F 271 -9.31 -44.17 -5.91
N ILE F 272 -8.27 -43.96 -6.72
CA ILE F 272 -8.04 -44.74 -7.92
C ILE F 272 -6.92 -45.77 -7.72
N GLU F 273 -6.55 -46.09 -6.49
CA GLU F 273 -5.35 -46.90 -6.25
C GLU F 273 -5.53 -48.31 -6.81
N GLU F 274 -4.57 -49.19 -6.54
CA GLU F 274 -4.23 -50.30 -7.41
C GLU F 274 -5.44 -51.05 -7.92
N SER F 275 -5.39 -51.38 -9.20
CA SER F 275 -6.58 -51.72 -9.95
C SER F 275 -7.04 -53.13 -9.62
N LYS F 276 -8.27 -53.24 -9.11
CA LYS F 276 -9.03 -54.48 -9.21
C LYS F 276 -9.74 -54.56 -10.56
N THR F 277 -10.30 -53.44 -11.00
CA THR F 277 -11.16 -53.39 -12.19
C THR F 277 -10.30 -53.19 -13.42
N LEU F 278 -10.31 -54.20 -14.29
CA LEU F 278 -9.32 -54.34 -15.35
C LEU F 278 -9.37 -53.24 -16.38
N ILE F 279 -10.35 -52.34 -16.31
CA ILE F 279 -10.61 -51.42 -17.41
C ILE F 279 -9.97 -50.07 -17.18
N VAL F 280 -9.03 -49.74 -18.06
CA VAL F 280 -8.51 -48.40 -18.28
C VAL F 280 -9.63 -47.43 -18.51
N LEU F 281 -9.46 -46.22 -18.02
CA LEU F 281 -10.50 -45.23 -18.24
C LEU F 281 -10.06 -44.25 -19.32
N PHE F 282 -10.83 -43.19 -19.48
CA PHE F 282 -10.61 -42.26 -20.57
C PHE F 282 -10.89 -40.83 -20.09
N ILE F 283 -9.98 -39.91 -20.38
CA ILE F 283 -10.25 -38.50 -20.17
C ILE F 283 -10.19 -37.82 -21.53
N ASP F 284 -11.35 -37.50 -22.12
CA ASP F 284 -11.47 -36.44 -23.11
C ASP F 284 -10.31 -36.27 -24.08
N GLU F 285 -9.80 -35.06 -24.10
CA GLU F 285 -8.64 -34.76 -24.90
C GLU F 285 -7.40 -35.23 -24.19
N ILE F 286 -6.40 -35.62 -24.99
CA ILE F 286 -5.06 -35.62 -24.47
C ILE F 286 -4.69 -34.22 -24.03
N HIS F 287 -5.37 -33.20 -24.56
CA HIS F 287 -5.20 -31.82 -24.13
C HIS F 287 -6.23 -31.37 -23.11
N MET F 288 -7.26 -32.17 -22.89
CA MET F 288 -7.90 -32.17 -21.59
C MET F 288 -7.07 -32.99 -20.62
N LEU F 289 -6.49 -34.08 -21.13
CA LEU F 289 -5.41 -34.72 -20.40
C LEU F 289 -4.28 -33.74 -20.25
N MET F 290 -3.45 -33.98 -19.24
CA MET F 290 -2.20 -33.26 -19.08
C MET F 290 -2.46 -31.75 -18.96
N GLY F 291 -3.69 -31.40 -18.61
CA GLY F 291 -4.06 -30.01 -18.45
C GLY F 291 -3.72 -29.19 -19.67
N ASN F 292 -2.96 -28.11 -19.43
CA ASN F 292 -2.40 -27.32 -20.51
C ASN F 292 -1.60 -28.16 -21.50
N GLY F 293 -1.01 -29.26 -21.03
CA GLY F 293 -0.01 -30.02 -21.75
C GLY F 293 1.38 -29.73 -21.24
N LYS F 294 2.22 -30.76 -21.18
CA LYS F 294 3.56 -30.67 -20.59
C LYS F 294 3.57 -29.86 -19.30
N ASP F 295 2.54 -30.01 -18.47
CA ASP F 295 2.48 -29.42 -17.14
C ASP F 295 2.27 -30.51 -16.11
N ASP F 296 2.78 -30.26 -14.90
CA ASP F 296 2.59 -31.20 -13.79
C ASP F 296 1.14 -31.64 -13.70
N ALA F 297 0.23 -30.73 -14.03
CA ALA F 297 -1.19 -31.04 -14.02
C ALA F 297 -1.43 -32.35 -14.75
N ALA F 298 -2.23 -33.20 -14.13
CA ALA F 298 -2.42 -34.57 -14.56
C ALA F 298 -1.11 -35.35 -14.50
N ASN F 299 -0.38 -35.18 -13.38
CA ASN F 299 0.76 -36.02 -13.05
C ASN F 299 1.61 -36.21 -14.30
N ILE F 300 2.25 -35.12 -14.67
CA ILE F 300 2.71 -34.92 -16.03
C ILE F 300 3.37 -36.19 -16.56
N LEU F 301 4.17 -36.84 -15.75
CA LEU F 301 4.82 -38.06 -16.17
C LEU F 301 3.94 -39.23 -15.81
N LYS F 302 3.64 -40.08 -16.78
CA LYS F 302 2.63 -41.12 -16.61
C LYS F 302 3.07 -42.48 -17.14
N PRO F 303 4.20 -43.00 -16.72
CA PRO F 303 4.29 -44.46 -16.64
C PRO F 303 3.65 -44.98 -15.39
N ALA F 304 4.08 -44.37 -14.29
CA ALA F 304 4.08 -45.08 -13.02
C ALA F 304 2.69 -45.60 -12.70
N LEU F 305 1.68 -44.82 -12.98
CA LEU F 305 0.35 -45.36 -12.96
C LEU F 305 0.00 -46.05 -14.26
N SER F 306 0.33 -45.43 -15.39
CA SER F 306 -0.08 -46.03 -16.65
C SER F 306 0.67 -47.33 -16.86
N ARG F 307 1.94 -47.34 -16.50
CA ARG F 307 2.67 -48.57 -16.28
C ARG F 307 2.61 -48.66 -14.78
N GLY F 308 1.72 -49.46 -14.28
CA GLY F 308 1.16 -49.23 -12.98
C GLY F 308 -0.25 -49.80 -12.94
N GLN F 309 -1.08 -49.18 -12.10
CA GLN F 309 -2.36 -49.76 -11.77
C GLN F 309 -3.20 -50.04 -13.01
N LEU F 310 -3.27 -49.09 -13.92
CA LEU F 310 -4.24 -49.10 -15.02
C LEU F 310 -3.78 -48.03 -16.02
N LYS F 311 -4.63 -47.70 -16.98
CA LYS F 311 -4.35 -46.54 -17.82
C LYS F 311 -5.56 -45.64 -17.98
N VAL F 312 -5.42 -44.66 -18.86
CA VAL F 312 -6.49 -43.78 -19.27
C VAL F 312 -6.32 -43.53 -20.76
N ILE F 313 -7.21 -42.74 -21.34
CA ILE F 313 -7.06 -42.24 -22.69
C ILE F 313 -7.56 -40.81 -22.74
N GLY F 314 -6.87 -39.97 -23.50
CA GLY F 314 -7.40 -38.73 -24.02
C GLY F 314 -7.62 -38.78 -25.52
N ALA F 315 -8.12 -37.66 -26.06
CA ALA F 315 -8.21 -37.50 -27.51
C ALA F 315 -8.71 -36.13 -27.96
N THR F 316 -8.29 -35.71 -29.15
CA THR F 316 -8.40 -34.32 -29.56
C THR F 316 -8.46 -34.28 -31.08
N THR F 317 -8.30 -33.09 -31.64
CA THR F 317 -7.98 -33.02 -33.05
C THR F 317 -6.46 -32.95 -33.18
N ASN F 318 -5.95 -33.00 -34.40
CA ASN F 318 -4.55 -33.30 -34.63
C ASN F 318 -3.63 -32.10 -34.42
N ASN F 319 -2.44 -32.32 -35.01
CA ASN F 319 -1.23 -31.48 -35.18
C ASN F 319 -1.04 -30.41 -34.10
N GLU F 320 0.13 -29.77 -34.17
CA GLU F 320 0.58 -28.66 -33.30
C GLU F 320 0.59 -29.09 -31.82
N TYR F 321 -0.29 -28.47 -31.05
CA TYR F 321 -0.41 -28.64 -29.60
C TYR F 321 -0.25 -30.10 -29.21
N ARG F 322 -0.95 -30.97 -29.95
CA ARG F 322 -0.89 -32.43 -29.70
C ARG F 322 0.41 -32.98 -30.29
N SER F 323 0.69 -32.62 -31.54
CA SER F 323 1.93 -33.08 -32.24
C SER F 323 3.16 -32.87 -31.33
N ILE F 324 3.31 -31.66 -30.78
CA ILE F 324 4.45 -31.29 -29.89
C ILE F 324 4.70 -32.40 -28.85
N VAL F 325 3.65 -32.79 -28.11
CA VAL F 325 3.80 -33.85 -27.07
C VAL F 325 3.67 -35.23 -27.71
N GLU F 326 3.24 -35.29 -28.98
CA GLU F 326 3.10 -36.58 -29.71
C GLU F 326 4.46 -36.99 -30.25
N LYS F 327 5.39 -36.03 -30.35
CA LYS F 327 6.77 -36.31 -30.84
C LYS F 327 7.51 -37.09 -29.77
N ASP F 328 7.52 -36.58 -28.54
CA ASP F 328 8.37 -37.13 -27.44
C ASP F 328 7.56 -37.10 -26.14
N GLY F 329 7.92 -36.22 -25.21
CA GLY F 329 7.23 -36.10 -23.91
C GLY F 329 7.04 -37.46 -23.26
N ALA F 330 5.80 -37.79 -22.91
CA ALA F 330 5.49 -39.09 -22.27
C ALA F 330 4.84 -40.03 -23.29
N PHE F 331 4.53 -39.50 -24.49
CA PHE F 331 3.90 -40.32 -25.55
C PHE F 331 4.98 -40.91 -26.46
N GLU F 332 6.25 -40.60 -26.16
CA GLU F 332 7.42 -41.13 -26.93
C GLU F 332 7.23 -42.64 -27.08
N ARG F 333 6.65 -43.26 -26.04
CA ARG F 333 6.37 -44.68 -26.02
C ARG F 333 4.91 -45.00 -26.30
N ARG F 334 4.09 -43.99 -26.57
CA ARG F 334 2.67 -44.13 -26.29
C ARG F 334 1.86 -43.56 -27.45
N PHE F 335 0.57 -43.42 -27.22
CA PHE F 335 -0.45 -43.94 -28.11
C PHE F 335 -0.39 -43.37 -29.51
N GLN F 336 -0.77 -44.20 -30.47
CA GLN F 336 -1.00 -43.76 -31.84
C GLN F 336 -2.33 -43.02 -31.88
N LYS F 337 -2.86 -42.77 -33.07
CA LYS F 337 -4.20 -42.21 -33.23
C LYS F 337 -4.92 -42.90 -34.37
N ILE F 338 -6.14 -43.34 -34.11
CA ILE F 338 -6.96 -44.00 -35.10
C ILE F 338 -8.29 -43.27 -35.15
N GLU F 339 -8.62 -42.75 -36.32
CA GLU F 339 -9.49 -41.60 -36.43
C GLU F 339 -10.67 -41.96 -37.31
N VAL F 340 -11.87 -41.95 -36.73
CA VAL F 340 -13.05 -42.20 -37.53
C VAL F 340 -13.19 -41.10 -38.56
N ALA F 341 -13.88 -41.39 -39.64
CA ALA F 341 -13.97 -40.42 -40.70
C ALA F 341 -15.02 -39.37 -40.38
N GLU F 342 -15.16 -38.42 -41.28
CA GLU F 342 -16.40 -37.70 -41.36
C GLU F 342 -17.52 -38.73 -41.42
N PRO F 343 -18.59 -38.56 -40.67
CA PRO F 343 -19.65 -39.57 -40.69
C PRO F 343 -20.07 -39.84 -42.13
N SER F 344 -20.05 -41.11 -42.50
CA SER F 344 -20.11 -41.44 -43.92
C SER F 344 -21.53 -41.40 -44.44
N VAL F 345 -21.70 -41.98 -45.60
CA VAL F 345 -22.86 -41.68 -46.41
C VAL F 345 -24.07 -42.34 -45.82
N ARG F 346 -24.20 -43.64 -46.04
CA ARG F 346 -25.52 -44.25 -45.96
C ARG F 346 -25.92 -44.51 -44.52
N GLN F 347 -25.00 -45.02 -43.72
CA GLN F 347 -25.28 -45.32 -42.34
C GLN F 347 -25.95 -44.13 -41.68
N THR F 348 -25.68 -42.94 -42.18
CA THR F 348 -25.97 -41.76 -41.42
C THR F 348 -27.46 -41.64 -41.17
N VAL F 349 -28.26 -42.19 -42.06
CA VAL F 349 -29.66 -42.37 -41.74
C VAL F 349 -29.85 -43.59 -40.88
N ALA F 350 -29.25 -44.71 -41.25
CA ALA F 350 -29.29 -45.86 -40.37
C ALA F 350 -28.94 -45.39 -38.99
N ILE F 351 -27.90 -44.57 -38.90
CA ILE F 351 -27.68 -43.69 -37.78
C ILE F 351 -28.99 -42.99 -37.50
N LEU F 352 -29.33 -42.05 -38.35
CA LEU F 352 -30.48 -41.19 -38.10
C LEU F 352 -31.71 -42.00 -37.74
N ARG F 353 -32.00 -43.02 -38.53
CA ARG F 353 -33.20 -43.78 -38.24
C ARG F 353 -33.03 -44.57 -36.97
N GLY F 354 -31.84 -45.12 -36.74
CA GLY F 354 -31.59 -45.68 -35.44
C GLY F 354 -31.58 -44.57 -34.41
N LEU F 355 -31.13 -43.39 -34.82
CA LEU F 355 -31.29 -42.24 -33.95
C LEU F 355 -32.74 -41.98 -33.71
N GLN F 356 -33.55 -42.27 -34.73
CA GLN F 356 -35.02 -41.99 -34.73
C GLN F 356 -35.70 -42.50 -33.46
N PRO F 357 -36.27 -43.73 -33.48
CA PRO F 357 -37.04 -44.34 -32.39
C PRO F 357 -37.04 -43.76 -30.97
N LYS F 358 -35.87 -43.77 -30.32
CA LYS F 358 -35.71 -43.26 -28.93
C LYS F 358 -35.53 -41.74 -28.96
N TYR F 359 -34.61 -41.26 -29.79
CA TYR F 359 -34.35 -39.79 -29.84
C TYR F 359 -35.61 -39.12 -30.39
N GLU F 360 -36.11 -39.62 -31.53
CA GLU F 360 -37.35 -39.08 -32.16
C GLU F 360 -38.57 -39.44 -31.30
N ILE F 361 -38.50 -40.55 -30.57
CA ILE F 361 -39.60 -40.99 -29.67
C ILE F 361 -39.69 -39.99 -28.51
N HIS F 362 -38.55 -39.47 -28.07
CA HIS F 362 -38.50 -38.48 -26.95
C HIS F 362 -38.52 -37.06 -27.54
N HIS F 363 -38.56 -36.95 -28.86
CA HIS F 363 -38.58 -35.64 -29.55
C HIS F 363 -40.03 -35.23 -29.85
N GLY F 364 -40.86 -36.14 -30.38
CA GLY F 364 -42.23 -35.66 -30.66
C GLY F 364 -42.90 -36.33 -31.86
N VAL F 365 -44.23 -36.24 -31.92
CA VAL F 365 -45.12 -36.78 -32.99
C VAL F 365 -44.67 -38.18 -33.44
N ARG F 366 -44.64 -38.39 -34.76
CA ARG F 366 -44.22 -39.67 -35.39
C ARG F 366 -43.26 -39.35 -36.52
N ILE F 367 -43.11 -40.22 -37.53
CA ILE F 367 -42.18 -39.78 -38.56
C ILE F 367 -42.09 -40.84 -39.64
N LEU F 368 -41.57 -40.42 -40.79
CA LEU F 368 -41.38 -41.27 -41.94
C LEU F 368 -40.07 -40.91 -42.62
N ASP F 369 -39.61 -41.82 -43.48
CA ASP F 369 -38.25 -41.81 -43.99
C ASP F 369 -37.90 -40.54 -44.76
N SER F 370 -38.44 -40.42 -45.96
CA SER F 370 -37.71 -39.81 -47.07
C SER F 370 -37.04 -38.52 -46.65
N ALA F 371 -37.77 -37.68 -45.92
CA ALA F 371 -37.17 -36.45 -45.42
C ALA F 371 -35.89 -36.76 -44.66
N LEU F 372 -35.90 -37.82 -43.87
CA LEU F 372 -34.72 -38.17 -43.09
C LEU F 372 -33.51 -38.21 -43.99
N VAL F 373 -33.69 -38.69 -45.22
CA VAL F 373 -32.61 -38.74 -46.18
C VAL F 373 -32.03 -37.36 -46.40
N THR F 374 -32.83 -36.34 -46.18
CA THR F 374 -32.60 -35.17 -46.98
C THR F 374 -31.41 -34.38 -46.52
N ALA F 375 -31.56 -33.66 -45.41
CA ALA F 375 -30.46 -32.85 -44.94
C ALA F 375 -29.27 -33.74 -44.70
N ALA F 376 -29.53 -35.00 -44.39
CA ALA F 376 -28.48 -35.98 -44.34
C ALA F 376 -27.59 -35.75 -45.54
N GLN F 377 -28.14 -35.94 -46.72
CA GLN F 377 -27.46 -35.50 -47.92
C GLN F 377 -26.99 -34.08 -47.76
N LEU F 378 -27.86 -33.24 -47.25
CA LEU F 378 -27.66 -31.82 -47.42
C LEU F 378 -26.74 -31.25 -46.38
N ALA F 379 -26.82 -31.76 -45.16
CA ALA F 379 -25.76 -31.46 -44.21
C ALA F 379 -24.46 -32.02 -44.73
N LYS F 380 -24.48 -33.28 -45.14
CA LYS F 380 -23.38 -33.78 -45.92
C LYS F 380 -23.10 -32.84 -47.07
N ARG F 381 -24.15 -32.37 -47.73
CA ARG F 381 -23.95 -31.40 -48.78
C ARG F 381 -23.51 -30.08 -48.18
N TYR F 382 -22.69 -29.35 -48.92
CA TYR F 382 -22.73 -27.90 -48.78
C TYR F 382 -22.35 -27.37 -47.40
N LEU F 383 -22.28 -28.26 -46.41
CA LEU F 383 -22.25 -27.87 -45.01
C LEU F 383 -21.01 -28.39 -44.33
N PRO F 384 -19.83 -27.91 -44.70
CA PRO F 384 -18.62 -28.42 -44.07
C PRO F 384 -18.57 -28.13 -42.58
N TYR F 385 -18.70 -26.87 -42.21
CA TYR F 385 -19.13 -26.54 -40.88
C TYR F 385 -20.47 -27.24 -40.66
N ARG F 386 -20.66 -27.75 -39.45
CA ARG F 386 -21.93 -28.38 -39.09
C ARG F 386 -22.27 -29.53 -40.03
N ARG F 387 -21.26 -30.17 -40.60
CA ARG F 387 -21.47 -31.38 -41.36
C ARG F 387 -22.19 -32.44 -40.53
N LEU F 388 -21.96 -32.43 -39.22
CA LEU F 388 -22.46 -33.47 -38.35
C LEU F 388 -23.97 -33.36 -38.22
N PRO F 389 -24.62 -34.48 -37.87
CA PRO F 389 -26.09 -34.48 -37.78
C PRO F 389 -26.59 -33.43 -36.86
N ASP F 390 -25.69 -32.81 -36.10
CA ASP F 390 -26.05 -31.78 -35.16
C ASP F 390 -27.15 -30.91 -35.72
N SER F 391 -27.01 -30.52 -36.97
CA SER F 391 -28.04 -29.73 -37.59
C SER F 391 -29.31 -30.54 -37.79
N ALA F 392 -29.19 -31.72 -38.38
CA ALA F 392 -30.31 -32.63 -38.36
C ALA F 392 -30.76 -32.82 -36.94
N LEU F 393 -29.84 -33.20 -36.07
CA LEU F 393 -30.14 -33.25 -34.67
C LEU F 393 -30.82 -31.97 -34.24
N ASP F 394 -30.36 -30.84 -34.76
CA ASP F 394 -31.16 -29.64 -34.61
C ASP F 394 -32.45 -29.81 -35.37
N LEU F 395 -32.35 -30.10 -36.67
CA LEU F 395 -33.54 -30.28 -37.47
C LEU F 395 -34.51 -31.15 -36.75
N VAL F 396 -34.01 -32.18 -36.10
CA VAL F 396 -34.79 -32.97 -35.18
C VAL F 396 -35.58 -32.04 -34.28
N ASP F 397 -34.90 -31.34 -33.39
CA ASP F 397 -35.65 -30.47 -32.52
C ASP F 397 -36.28 -29.36 -33.34
N ILE F 398 -35.55 -28.86 -34.33
CA ILE F 398 -36.14 -27.92 -35.26
C ILE F 398 -37.43 -28.46 -35.79
N SER F 399 -37.50 -29.77 -35.97
CA SER F 399 -38.71 -30.34 -36.50
C SER F 399 -39.85 -30.01 -35.55
N CYS F 400 -39.83 -30.68 -34.40
CA CYS F 400 -40.92 -30.51 -33.45
C CYS F 400 -41.12 -29.04 -33.15
N ALA F 401 -40.05 -28.26 -33.28
CA ALA F 401 -40.09 -26.85 -32.99
C ALA F 401 -41.35 -26.23 -33.56
N GLY F 402 -41.49 -26.22 -34.88
CA GLY F 402 -42.69 -25.64 -35.43
C GLY F 402 -43.94 -26.42 -35.05
N VAL F 403 -43.99 -27.69 -35.45
CA VAL F 403 -45.28 -28.38 -35.49
C VAL F 403 -45.78 -28.62 -34.08
N ALA F 404 -44.97 -29.26 -33.24
CA ALA F 404 -45.40 -29.52 -31.89
C ALA F 404 -45.98 -28.25 -31.28
N VAL F 405 -45.28 -27.14 -31.46
CA VAL F 405 -45.89 -25.85 -31.21
C VAL F 405 -47.16 -25.71 -32.01
N ALA F 406 -47.07 -25.89 -33.33
CA ALA F 406 -48.22 -25.65 -34.19
C ALA F 406 -49.41 -26.47 -33.75
N ARG F 407 -49.13 -27.68 -33.29
CA ARG F 407 -50.18 -28.61 -32.78
C ARG F 407 -50.67 -28.11 -31.42
N ASP F 408 -49.83 -27.36 -30.69
CA ASP F 408 -50.24 -26.85 -29.39
C ASP F 408 -50.98 -25.54 -29.62
N SER F 409 -52.29 -25.56 -29.43
CA SER F 409 -53.14 -24.38 -29.66
C SER F 409 -54.56 -24.62 -29.15
N VAL F 541 -42.59 -33.46 -41.73
CA VAL F 541 -43.27 -32.66 -42.72
C VAL F 541 -42.25 -32.09 -43.70
N ASP F 542 -42.23 -32.68 -44.89
CA ASP F 542 -41.70 -32.09 -46.10
C ASP F 542 -40.22 -31.81 -46.00
N SER F 543 -39.59 -32.14 -44.88
CA SER F 543 -38.27 -31.61 -44.64
C SER F 543 -38.33 -30.10 -44.64
N ASP F 544 -39.50 -29.56 -44.41
CA ASP F 544 -39.50 -28.12 -44.37
C ASP F 544 -39.12 -27.64 -43.01
N THR F 545 -39.02 -28.57 -42.08
CA THR F 545 -38.07 -28.34 -41.00
C THR F 545 -36.75 -27.89 -41.59
N ILE F 546 -36.24 -28.64 -42.54
CA ILE F 546 -34.94 -28.31 -43.11
C ILE F 546 -35.04 -27.01 -43.88
N SER F 547 -36.21 -26.77 -44.46
CA SER F 547 -36.40 -25.60 -45.29
C SER F 547 -35.89 -24.35 -44.59
N GLU F 548 -36.55 -23.97 -43.50
CA GLU F 548 -36.24 -22.70 -42.90
C GLU F 548 -34.79 -22.67 -42.43
N THR F 549 -34.30 -23.80 -41.93
CA THR F 549 -32.87 -23.94 -41.77
C THR F 549 -32.17 -23.60 -43.07
N ALA F 550 -32.53 -24.33 -44.12
CA ALA F 550 -31.97 -24.04 -45.42
C ALA F 550 -32.37 -22.66 -45.88
N ALA F 551 -33.46 -22.13 -45.32
CA ALA F 551 -33.68 -20.71 -45.44
C ALA F 551 -32.68 -19.94 -44.60
N ARG F 552 -32.50 -20.37 -43.36
CA ARG F 552 -31.63 -19.66 -42.43
C ARG F 552 -30.26 -19.40 -43.03
N LEU F 553 -29.60 -20.46 -43.44
CA LEU F 553 -28.21 -20.32 -43.82
C LEU F 553 -28.05 -19.88 -45.26
N THR F 554 -28.91 -20.37 -46.16
CA THR F 554 -28.78 -20.04 -47.57
C THR F 554 -29.42 -18.68 -47.89
N GLY F 555 -30.48 -18.31 -47.18
CA GLY F 555 -31.24 -17.11 -47.41
C GLY F 555 -32.58 -17.34 -48.09
N ILE F 556 -32.69 -18.40 -48.89
CA ILE F 556 -33.92 -19.18 -49.09
C ILE F 556 -33.48 -20.61 -49.38
N PRO F 557 -34.25 -21.61 -48.96
CA PRO F 557 -33.96 -22.96 -49.43
C PRO F 557 -34.30 -23.11 -50.88
N VAL F 558 -35.27 -22.35 -51.38
CA VAL F 558 -35.54 -22.43 -52.80
C VAL F 558 -34.24 -22.14 -53.55
N LYS F 559 -33.28 -21.51 -52.89
CA LYS F 559 -31.89 -21.54 -53.35
C LYS F 559 -31.24 -22.87 -53.03
N LYS F 560 -31.41 -23.35 -51.81
CA LYS F 560 -30.82 -24.63 -51.49
C LYS F 560 -31.67 -25.76 -52.04
N LEU F 561 -32.92 -25.87 -51.59
CA LEU F 561 -33.89 -26.70 -52.29
C LEU F 561 -34.18 -26.04 -53.62
N SER F 562 -33.85 -26.72 -54.69
CA SER F 562 -33.44 -25.97 -55.85
C SER F 562 -32.99 -26.94 -56.92
N GLU F 563 -32.44 -26.40 -58.00
CA GLU F 563 -31.85 -27.26 -59.00
C GLU F 563 -30.96 -28.29 -58.34
N SER F 564 -31.29 -29.55 -58.57
CA SER F 564 -30.66 -30.66 -57.88
C SER F 564 -29.16 -30.64 -58.12
N GLU F 565 -28.72 -31.18 -59.26
CA GLU F 565 -27.45 -30.76 -59.80
C GLU F 565 -27.50 -30.63 -61.32
N ASN F 566 -27.46 -31.77 -62.01
CA ASN F 566 -26.78 -31.85 -63.30
C ASN F 566 -27.62 -31.31 -64.45
N GLU F 567 -28.77 -31.96 -64.74
CA GLU F 567 -29.76 -31.33 -65.62
C GLU F 567 -29.93 -29.91 -65.22
N LYS F 568 -29.95 -29.70 -63.93
CA LYS F 568 -30.29 -28.45 -63.37
C LYS F 568 -29.12 -27.49 -63.49
N LEU F 569 -27.90 -28.00 -63.31
CA LEU F 569 -26.75 -27.29 -63.88
C LEU F 569 -27.03 -26.86 -65.31
N ILE F 570 -27.54 -27.77 -66.13
CA ILE F 570 -27.86 -27.37 -67.50
C ILE F 570 -29.07 -26.46 -67.49
N HIS F 571 -30.03 -26.73 -66.62
CA HIS F 571 -31.10 -25.75 -66.42
C HIS F 571 -30.51 -24.45 -65.91
N MET F 572 -29.60 -24.54 -64.95
CA MET F 572 -28.78 -23.39 -64.63
C MET F 572 -28.21 -22.77 -65.88
N GLU F 573 -27.61 -23.60 -66.74
CA GLU F 573 -27.03 -23.09 -67.96
C GLU F 573 -28.08 -22.32 -68.75
N ARG F 574 -29.18 -22.97 -69.07
CA ARG F 574 -30.22 -22.27 -69.80
C ARG F 574 -30.80 -21.11 -68.99
N ASP F 575 -30.66 -21.16 -67.67
CA ASP F 575 -31.06 -20.01 -66.91
C ASP F 575 -30.00 -18.92 -66.97
N LEU F 576 -28.76 -19.33 -67.19
CA LEU F 576 -27.75 -18.32 -67.45
C LEU F 576 -27.93 -17.73 -68.84
N SER F 577 -28.34 -18.55 -69.80
CA SER F 577 -28.86 -17.99 -71.03
C SER F 577 -29.97 -17.01 -70.68
N SER F 578 -30.92 -17.48 -69.88
CA SER F 578 -31.95 -16.60 -69.38
C SER F 578 -31.33 -15.36 -68.76
N GLU F 579 -30.23 -15.54 -68.04
CA GLU F 579 -29.51 -14.37 -67.54
C GLU F 579 -29.09 -13.47 -68.66
N VAL F 580 -28.08 -13.90 -69.40
CA VAL F 580 -27.40 -13.03 -70.34
C VAL F 580 -27.24 -13.78 -71.64
N VAL F 581 -27.61 -13.14 -72.74
CA VAL F 581 -27.40 -13.65 -74.09
C VAL F 581 -26.05 -13.09 -74.54
N GLY F 582 -25.81 -13.04 -75.84
CA GLY F 582 -24.46 -12.86 -76.34
C GLY F 582 -24.02 -14.21 -76.82
N GLN F 583 -22.73 -14.44 -76.95
CA GLN F 583 -22.31 -15.67 -77.58
C GLN F 583 -22.88 -16.83 -76.80
N MET F 584 -23.80 -17.55 -77.43
CA MET F 584 -24.28 -18.79 -76.85
C MET F 584 -23.12 -19.73 -76.65
N ASP F 585 -22.22 -19.72 -77.63
CA ASP F 585 -20.96 -20.41 -77.50
C ASP F 585 -20.29 -20.04 -76.20
N ALA F 586 -20.08 -18.74 -75.97
CA ALA F 586 -19.56 -18.32 -74.68
C ALA F 586 -20.29 -19.05 -73.58
N ILE F 587 -21.61 -18.88 -73.52
CA ILE F 587 -22.43 -19.71 -72.63
C ILE F 587 -22.05 -21.17 -72.80
N LYS F 588 -22.13 -21.65 -74.03
CA LYS F 588 -21.90 -23.06 -74.28
C LYS F 588 -20.48 -23.44 -73.93
N ALA F 589 -19.50 -22.64 -74.37
CA ALA F 589 -18.14 -22.78 -73.89
C ALA F 589 -18.13 -22.86 -72.37
N VAL F 590 -18.74 -21.88 -71.74
CA VAL F 590 -18.90 -21.94 -70.29
C VAL F 590 -19.70 -23.15 -69.87
N SER F 591 -20.60 -23.62 -70.72
CA SER F 591 -21.44 -24.74 -70.36
C SER F 591 -20.68 -26.05 -70.30
N ASN F 592 -19.42 -26.06 -70.68
CA ASN F 592 -18.79 -27.30 -71.10
C ASN F 592 -18.58 -28.25 -69.94
N ALA F 593 -17.62 -27.94 -69.10
CA ALA F 593 -17.25 -28.76 -67.98
C ALA F 593 -18.15 -28.54 -66.80
N VAL F 594 -19.19 -27.72 -66.98
CA VAL F 594 -20.30 -27.62 -66.06
C VAL F 594 -20.68 -29.02 -65.65
N ARG F 595 -21.17 -29.77 -66.62
CA ARG F 595 -21.40 -31.20 -66.41
C ARG F 595 -20.15 -31.89 -65.89
N LEU F 596 -18.97 -31.59 -66.44
CA LEU F 596 -17.74 -32.19 -65.93
C LEU F 596 -17.45 -31.76 -64.51
N SER F 597 -17.87 -30.56 -64.14
CA SER F 597 -17.74 -30.13 -62.77
C SER F 597 -18.59 -31.03 -61.89
N ARG F 598 -17.99 -31.48 -60.79
CA ARG F 598 -18.61 -32.28 -59.74
C ARG F 598 -18.83 -33.72 -60.20
N SER F 599 -18.87 -33.93 -61.51
CA SER F 599 -19.10 -35.28 -61.99
C SER F 599 -17.81 -36.09 -61.98
N GLY F 600 -16.75 -35.53 -62.55
CA GLY F 600 -15.43 -36.13 -62.48
C GLY F 600 -15.22 -37.18 -63.56
N LEU F 601 -13.97 -37.27 -64.01
CA LEU F 601 -13.52 -38.35 -64.87
C LEU F 601 -12.25 -38.90 -64.27
N ALA F 602 -11.20 -38.09 -64.35
CA ALA F 602 -10.05 -38.21 -63.48
C ALA F 602 -10.19 -37.10 -62.46
N ASN F 603 -10.55 -37.48 -61.23
CA ASN F 603 -10.76 -36.56 -60.11
C ASN F 603 -11.95 -35.63 -60.30
N PRO F 604 -12.58 -35.23 -59.22
CA PRO F 604 -13.11 -33.85 -59.16
C PRO F 604 -11.99 -32.86 -59.02
N ARG F 605 -10.84 -33.27 -58.49
CA ARG F 605 -9.72 -32.39 -58.26
C ARG F 605 -9.20 -31.80 -59.56
N GLN F 606 -9.68 -32.30 -60.68
CA GLN F 606 -9.62 -31.56 -61.92
C GLN F 606 -10.16 -30.15 -61.70
N PRO F 607 -9.41 -29.09 -61.99
CA PRO F 607 -10.06 -27.82 -62.29
C PRO F 607 -10.76 -27.91 -63.64
N ALA F 608 -12.04 -27.57 -63.67
CA ALA F 608 -12.89 -27.80 -64.84
C ALA F 608 -13.07 -26.58 -65.72
N SER F 609 -12.38 -25.48 -65.46
CA SER F 609 -12.92 -24.23 -65.95
C SER F 609 -12.34 -23.49 -67.15
N PHE F 610 -13.02 -23.68 -68.27
CA PHE F 610 -13.49 -22.63 -69.16
C PHE F 610 -12.61 -21.43 -69.41
N LEU F 611 -11.31 -21.63 -69.65
CA LEU F 611 -10.33 -20.56 -69.50
C LEU F 611 -10.78 -19.27 -70.17
N PHE F 612 -10.70 -18.17 -69.43
CA PHE F 612 -11.28 -16.93 -69.88
C PHE F 612 -10.42 -16.30 -70.96
N LEU F 613 -11.05 -15.50 -71.79
CA LEU F 613 -10.34 -14.68 -72.77
C LEU F 613 -10.60 -13.23 -72.38
N GLY F 614 -9.58 -12.56 -71.85
CA GLY F 614 -9.83 -11.32 -71.15
C GLY F 614 -10.41 -10.18 -71.97
N LEU F 615 -11.61 -9.79 -71.56
CA LEU F 615 -12.41 -8.73 -72.16
C LEU F 615 -13.68 -8.67 -71.34
N SER F 616 -14.39 -7.56 -71.46
CA SER F 616 -15.62 -7.44 -70.70
C SER F 616 -16.74 -6.92 -71.58
N GLY F 617 -17.59 -7.81 -72.07
CA GLY F 617 -18.76 -7.39 -72.83
C GLY F 617 -20.07 -7.12 -72.10
N SER F 618 -20.63 -8.15 -71.46
CA SER F 618 -21.79 -7.96 -70.63
C SER F 618 -21.70 -8.75 -69.33
N GLY F 619 -21.99 -10.04 -69.40
CA GLY F 619 -21.83 -10.85 -68.22
C GLY F 619 -20.38 -10.86 -67.78
N LYS F 620 -19.48 -11.09 -68.73
CA LYS F 620 -18.06 -10.85 -68.65
C LYS F 620 -17.53 -11.37 -67.32
N THR F 621 -16.63 -10.62 -66.69
CA THR F 621 -16.24 -10.96 -65.34
C THR F 621 -17.46 -11.10 -64.46
N GLU F 622 -18.37 -10.13 -64.56
CA GLU F 622 -19.46 -10.02 -63.61
C GLU F 622 -20.30 -11.29 -63.58
N LEU F 623 -21.11 -11.52 -64.61
CA LEU F 623 -21.99 -12.67 -64.54
C LEU F 623 -21.19 -13.94 -64.38
N ALA F 624 -19.98 -13.98 -64.95
CA ALA F 624 -19.08 -15.09 -64.73
C ALA F 624 -18.99 -15.39 -63.26
N LYS F 625 -18.93 -14.36 -62.45
CA LYS F 625 -19.05 -14.64 -61.04
C LYS F 625 -20.50 -14.88 -60.67
N LYS F 626 -21.42 -14.14 -61.29
CA LYS F 626 -22.82 -14.33 -60.93
C LYS F 626 -23.24 -15.76 -61.19
N VAL F 627 -22.91 -16.27 -62.37
CA VAL F 627 -23.13 -17.67 -62.61
C VAL F 627 -22.36 -18.49 -61.58
N ALA F 628 -21.12 -18.11 -61.32
CA ALA F 628 -20.35 -18.79 -60.27
C ALA F 628 -21.09 -18.75 -58.96
N GLY F 629 -21.67 -17.59 -58.65
CA GLY F 629 -22.70 -17.59 -57.64
C GLY F 629 -23.84 -18.49 -58.03
N PHE F 630 -24.41 -18.21 -59.21
CA PHE F 630 -25.57 -18.95 -59.66
C PHE F 630 -25.30 -20.44 -59.71
N LEU F 631 -24.03 -20.83 -59.69
CA LEU F 631 -23.73 -22.17 -59.26
C LEU F 631 -24.31 -22.36 -57.88
N PHE F 632 -23.64 -21.75 -56.93
CA PHE F 632 -23.86 -22.02 -55.52
C PHE F 632 -24.85 -21.05 -54.92
N ASN F 633 -25.46 -20.21 -55.75
CA ASN F 633 -26.45 -19.24 -55.30
C ASN F 633 -25.74 -18.15 -54.52
N ASP F 634 -24.47 -18.38 -54.18
CA ASP F 634 -23.69 -17.44 -53.40
C ASP F 634 -22.95 -16.49 -54.32
N GLU F 635 -23.36 -15.23 -54.31
CA GLU F 635 -22.66 -14.22 -55.07
C GLU F 635 -21.21 -14.08 -54.63
N ASP F 636 -20.92 -14.31 -53.36
CA ASP F 636 -19.72 -13.74 -52.76
C ASP F 636 -18.44 -14.28 -53.36
N MET F 637 -18.35 -15.60 -53.50
CA MET F 637 -17.30 -16.30 -54.27
C MET F 637 -15.93 -15.73 -53.90
N MET F 638 -15.10 -15.35 -54.87
CA MET F 638 -13.74 -14.89 -54.61
C MET F 638 -13.55 -13.45 -55.03
N ILE F 639 -12.52 -12.84 -54.45
CA ILE F 639 -12.17 -11.46 -54.68
C ILE F 639 -11.25 -11.40 -55.89
N ARG F 640 -10.65 -10.24 -56.14
CA ARG F 640 -9.56 -10.08 -57.09
C ARG F 640 -8.28 -9.78 -56.32
N VAL F 641 -7.16 -10.32 -56.78
CA VAL F 641 -5.87 -9.85 -56.30
C VAL F 641 -5.33 -8.80 -57.27
N ASP F 642 -5.08 -7.61 -56.76
CA ASP F 642 -4.27 -6.67 -57.51
C ASP F 642 -2.94 -7.33 -57.79
N CYS F 643 -2.53 -7.40 -59.04
CA CYS F 643 -1.26 -8.00 -59.37
C CYS F 643 -0.14 -6.98 -59.38
N SER F 644 -0.45 -5.72 -59.06
CA SER F 644 0.53 -4.67 -59.12
C SER F 644 1.78 -5.02 -58.34
N GLU F 645 1.63 -5.28 -57.05
CA GLU F 645 2.71 -5.70 -56.18
C GLU F 645 3.31 -7.03 -56.61
N LEU F 646 2.62 -7.77 -57.45
CA LEU F 646 3.00 -9.10 -57.83
C LEU F 646 3.96 -9.10 -58.99
N SER F 647 4.44 -7.90 -59.36
CA SER F 647 5.07 -7.65 -60.65
C SER F 647 6.07 -8.71 -61.08
N GLU F 648 6.98 -9.08 -60.19
CA GLU F 648 8.03 -10.03 -60.55
C GLU F 648 7.41 -11.41 -60.67
N LYS F 649 8.26 -12.40 -60.83
CA LYS F 649 7.83 -13.77 -60.55
C LYS F 649 8.10 -14.17 -59.12
N TYR F 650 8.54 -13.23 -58.29
CA TYR F 650 8.71 -13.50 -56.87
C TYR F 650 8.49 -12.21 -56.10
N ALA F 651 7.88 -12.34 -54.93
CA ALA F 651 8.00 -11.32 -53.89
C ALA F 651 7.64 -11.95 -52.57
N VAL F 652 8.08 -11.30 -51.49
CA VAL F 652 7.49 -11.60 -50.20
C VAL F 652 5.99 -11.43 -50.31
N SER F 653 5.55 -10.57 -51.22
CA SER F 653 4.14 -10.37 -51.46
C SER F 653 3.71 -11.39 -52.50
N LYS F 654 2.88 -12.33 -52.07
CA LYS F 654 2.32 -13.35 -52.94
C LYS F 654 0.99 -13.78 -52.35
N LEU F 655 0.17 -14.44 -53.17
CA LEU F 655 -1.08 -14.95 -52.63
C LEU F 655 -0.82 -15.79 -51.39
N LEU F 656 0.27 -16.54 -51.39
CA LEU F 656 0.78 -16.99 -50.11
C LEU F 656 1.57 -15.89 -49.44
N GLY F 657 2.49 -15.29 -50.18
CA GLY F 657 3.50 -14.50 -49.52
C GLY F 657 4.21 -15.37 -48.50
N THR F 658 4.13 -14.96 -47.24
CA THR F 658 4.91 -15.59 -46.19
C THR F 658 4.53 -17.05 -46.00
N THR F 659 5.46 -17.78 -45.40
CA THR F 659 5.27 -19.17 -45.02
C THR F 659 4.68 -19.31 -43.63
N ALA F 660 4.52 -18.20 -42.92
CA ALA F 660 4.14 -18.15 -41.52
C ALA F 660 5.19 -18.76 -40.59
N GLY F 661 6.43 -18.81 -41.05
CA GLY F 661 7.52 -19.22 -40.17
C GLY F 661 8.06 -18.11 -39.29
N TYR F 662 8.15 -16.90 -39.83
CA TYR F 662 8.79 -15.76 -39.15
C TYR F 662 7.93 -14.52 -39.29
N VAL F 663 8.35 -13.46 -38.58
CA VAL F 663 7.51 -12.28 -38.36
C VAL F 663 7.02 -11.68 -39.67
N GLY F 664 5.77 -11.23 -39.65
CA GLY F 664 5.14 -10.61 -40.80
C GLY F 664 3.63 -10.80 -40.72
N TYR F 665 3.00 -10.75 -41.89
CA TYR F 665 1.61 -11.11 -42.06
C TYR F 665 1.48 -12.01 -43.28
N ASP F 666 0.32 -12.64 -43.43
CA ASP F 666 0.09 -13.48 -44.60
C ASP F 666 -0.23 -12.62 -45.80
N GLU F 667 0.61 -12.72 -46.83
CA GLU F 667 0.28 -12.09 -48.08
C GLU F 667 -0.76 -12.95 -48.78
N GLY F 668 -1.52 -12.31 -49.67
CA GLY F 668 -2.62 -13.01 -50.29
C GLY F 668 -3.44 -13.68 -49.21
N GLY F 669 -3.85 -12.90 -48.22
CA GLY F 669 -4.67 -13.44 -47.18
C GLY F 669 -5.90 -14.12 -47.69
N PHE F 670 -6.23 -13.94 -48.97
CA PHE F 670 -7.42 -14.56 -49.55
C PHE F 670 -7.42 -16.04 -49.30
N LEU F 671 -6.66 -16.77 -50.09
CA LEU F 671 -6.78 -18.20 -49.99
C LEU F 671 -6.17 -18.71 -48.72
N THR F 672 -5.33 -17.88 -48.10
CA THR F 672 -5.10 -18.03 -46.69
C THR F 672 -6.46 -18.21 -46.07
N ASN F 673 -7.21 -17.14 -46.08
CA ASN F 673 -8.48 -17.08 -45.39
C ASN F 673 -9.68 -17.53 -46.23
N GLN F 674 -9.75 -17.13 -47.51
CA GLN F 674 -10.97 -17.34 -48.30
C GLN F 674 -11.47 -18.76 -48.23
N LEU F 675 -10.57 -19.71 -48.04
CA LEU F 675 -11.06 -21.06 -47.85
C LEU F 675 -11.45 -21.27 -46.38
N GLN F 676 -10.64 -20.76 -45.45
CA GLN F 676 -11.06 -20.67 -44.06
C GLN F 676 -12.46 -20.08 -44.01
N TYR F 677 -12.67 -19.03 -44.78
CA TYR F 677 -14.02 -18.65 -45.14
C TYR F 677 -14.70 -19.80 -45.84
N LYS F 678 -14.30 -20.06 -47.09
CA LYS F 678 -15.28 -20.66 -47.96
C LYS F 678 -14.74 -21.62 -49.00
N PRO F 679 -15.47 -22.69 -49.27
CA PRO F 679 -15.23 -23.49 -50.47
C PRO F 679 -15.86 -22.87 -51.71
N TYR F 680 -15.34 -23.26 -52.86
CA TYR F 680 -15.90 -22.93 -54.18
C TYR F 680 -16.22 -21.45 -54.33
N SER F 681 -15.14 -20.69 -54.47
CA SER F 681 -15.21 -19.28 -54.80
C SER F 681 -14.97 -19.08 -56.29
N VAL F 682 -15.08 -17.83 -56.72
CA VAL F 682 -14.75 -17.46 -58.09
C VAL F 682 -13.24 -17.30 -58.09
N LEU F 683 -12.67 -16.60 -59.06
CA LEU F 683 -11.27 -16.29 -58.93
C LEU F 683 -11.03 -14.91 -59.47
N LEU F 684 -9.77 -14.63 -59.69
CA LEU F 684 -9.25 -13.30 -59.90
C LEU F 684 -8.09 -13.38 -60.87
N PHE F 685 -8.13 -12.56 -61.91
CA PHE F 685 -7.10 -12.62 -62.94
C PHE F 685 -7.02 -11.25 -63.59
N ASP F 686 -6.12 -11.13 -64.55
CA ASP F 686 -5.86 -9.84 -65.17
C ASP F 686 -5.42 -10.06 -66.60
N GLU F 687 -5.70 -9.07 -67.46
CA GLU F 687 -5.44 -9.25 -68.88
C GLU F 687 -3.96 -9.19 -69.20
N VAL F 688 -3.22 -8.33 -68.50
CA VAL F 688 -1.81 -8.60 -68.27
C VAL F 688 -1.71 -9.05 -66.83
N GLU F 689 -1.41 -10.31 -66.65
CA GLU F 689 -1.06 -10.72 -65.31
C GLU F 689 0.24 -10.02 -64.95
N LYS F 690 0.17 -9.25 -63.90
CA LYS F 690 1.37 -8.73 -63.28
C LYS F 690 1.78 -9.62 -62.14
N ALA F 691 1.07 -10.73 -61.96
CA ALA F 691 1.31 -11.67 -60.88
C ALA F 691 2.66 -12.35 -61.03
N HIS F 692 3.11 -12.97 -59.94
CA HIS F 692 4.35 -13.73 -59.96
C HIS F 692 4.14 -15.07 -60.64
N PRO F 693 4.80 -15.35 -61.76
CA PRO F 693 4.79 -16.72 -62.30
C PRO F 693 5.02 -17.76 -61.25
N ASP F 694 5.79 -17.45 -60.22
CA ASP F 694 5.97 -18.35 -59.09
C ASP F 694 4.65 -18.96 -58.68
N VAL F 695 3.78 -18.14 -58.11
CA VAL F 695 2.48 -18.65 -57.69
C VAL F 695 1.71 -19.15 -58.89
N LEU F 696 1.76 -18.41 -59.99
CA LEU F 696 1.10 -18.87 -61.22
C LEU F 696 1.48 -20.30 -61.52
N THR F 697 2.78 -20.57 -61.52
CA THR F 697 3.25 -21.94 -61.59
C THR F 697 2.83 -22.72 -60.35
N VAL F 698 3.12 -22.18 -59.17
CA VAL F 698 2.67 -22.84 -57.95
C VAL F 698 1.16 -23.03 -58.02
N MET F 699 0.49 -22.18 -58.77
CA MET F 699 -0.88 -22.50 -59.11
C MET F 699 -1.01 -23.24 -60.43
N LEU F 700 0.00 -23.25 -61.31
CA LEU F 700 -0.06 -24.22 -62.39
C LEU F 700 -0.19 -25.62 -61.83
N GLN F 701 0.44 -25.84 -60.68
CA GLN F 701 0.08 -26.92 -59.78
C GLN F 701 -1.43 -27.09 -59.71
N MET F 702 -2.09 -26.18 -59.00
CA MET F 702 -3.54 -26.23 -58.92
C MET F 702 -4.31 -25.97 -60.26
N LEU F 703 -3.54 -25.36 -61.17
CA LEU F 703 -3.98 -25.01 -62.54
C LEU F 703 -4.37 -26.37 -63.13
N ASP F 704 -3.39 -27.05 -63.73
CA ASP F 704 -3.61 -28.38 -64.39
C ASP F 704 -4.42 -29.30 -63.48
N ASP F 705 -3.87 -29.65 -62.32
CA ASP F 705 -4.55 -30.58 -61.37
C ASP F 705 -5.56 -29.80 -60.52
N GLY F 706 -6.31 -30.53 -59.67
CA GLY F 706 -7.32 -29.95 -58.76
C GLY F 706 -6.74 -29.37 -57.48
N ARG F 707 -6.20 -30.21 -56.59
CA ARG F 707 -5.59 -29.76 -55.30
C ARG F 707 -4.59 -28.62 -55.57
N ILE F 708 -4.72 -27.50 -54.86
CA ILE F 708 -3.78 -26.37 -55.12
C ILE F 708 -2.62 -26.47 -54.12
N THR F 709 -1.45 -25.97 -54.52
CA THR F 709 -0.21 -26.02 -53.70
C THR F 709 -0.36 -25.07 -52.50
N SER F 710 -1.01 -25.53 -51.43
CA SER F 710 -1.23 -24.70 -50.21
C SER F 710 0.12 -24.28 -49.63
N GLY F 711 0.43 -22.97 -49.69
CA GLY F 711 1.69 -22.44 -49.16
C GLY F 711 1.95 -22.93 -47.75
N GLN F 712 0.92 -22.85 -46.89
CA GLN F 712 1.03 -23.32 -45.48
C GLN F 712 0.66 -24.81 -45.43
N GLY F 713 0.31 -25.39 -46.57
CA GLY F 713 -0.08 -26.81 -46.66
C GLY F 713 -1.46 -27.12 -46.11
N LYS F 714 -2.45 -27.41 -46.98
CA LYS F 714 -3.78 -27.73 -46.56
C LYS F 714 -4.86 -27.38 -47.66
N THR F 715 -4.67 -28.05 -48.80
CA THR F 715 -5.50 -27.79 -49.99
C THR F 715 -6.89 -28.22 -49.52
N ILE F 716 -7.25 -27.85 -48.29
CA ILE F 716 -8.55 -28.21 -47.73
C ILE F 716 -9.44 -28.81 -48.81
N ASP F 717 -9.32 -28.33 -50.05
CA ASP F 717 -9.86 -28.93 -51.27
C ASP F 717 -9.57 -28.06 -52.47
N CYS F 718 -9.66 -28.68 -53.65
CA CYS F 718 -10.33 -28.10 -54.79
C CYS F 718 -11.39 -29.13 -55.17
N SER F 719 -12.64 -28.80 -54.93
CA SER F 719 -13.71 -29.75 -55.17
C SER F 719 -14.68 -29.12 -56.14
N ASN F 720 -15.35 -28.07 -55.68
CA ASN F 720 -16.22 -27.28 -56.54
C ASN F 720 -15.53 -26.07 -57.13
N CYS F 721 -14.25 -25.86 -56.83
CA CYS F 721 -13.60 -24.63 -57.27
C CYS F 721 -13.27 -24.76 -58.74
N ILE F 722 -14.00 -24.02 -59.56
CA ILE F 722 -13.89 -24.10 -61.01
C ILE F 722 -13.94 -22.65 -61.46
N VAL F 723 -12.81 -22.10 -61.93
CA VAL F 723 -12.74 -20.70 -62.34
C VAL F 723 -11.64 -20.57 -63.40
N ILE F 724 -11.71 -19.49 -64.20
CA ILE F 724 -11.02 -19.40 -65.48
C ILE F 724 -10.14 -18.15 -65.50
N MET F 725 -8.88 -18.31 -65.90
CA MET F 725 -8.00 -17.16 -65.93
C MET F 725 -8.45 -16.17 -66.98
N THR F 726 -8.57 -14.92 -66.58
CA THR F 726 -9.12 -13.86 -67.40
C THR F 726 -7.99 -12.96 -67.86
N SER F 727 -7.61 -13.07 -69.13
CA SER F 727 -6.62 -12.17 -69.69
C SER F 727 -6.81 -12.03 -71.18
N ALA F 728 -6.74 -10.81 -71.71
CA ALA F 728 -6.35 -10.60 -73.10
C ALA F 728 -5.88 -9.16 -73.27
N LEU F 729 -4.82 -8.97 -74.03
CA LEU F 729 -4.30 -7.65 -74.35
C LEU F 729 -4.62 -7.18 -75.76
N GLY F 730 -5.34 -7.97 -76.55
CA GLY F 730 -5.35 -7.78 -77.98
C GLY F 730 -6.37 -6.76 -78.41
N ALA F 731 -6.68 -5.85 -77.48
CA ALA F 731 -7.80 -4.94 -77.66
C ALA F 731 -7.84 -4.36 -79.05
N GLU F 732 -6.69 -3.92 -79.56
CA GLU F 732 -6.71 -3.36 -80.89
C GLU F 732 -6.95 -4.44 -81.94
N PHE F 733 -6.59 -5.66 -81.65
CA PHE F 733 -7.04 -6.73 -82.50
C PHE F 733 -8.43 -7.17 -82.11
N ILE F 734 -8.71 -7.19 -80.80
CA ILE F 734 -10.07 -7.24 -80.35
C ILE F 734 -10.88 -6.15 -81.01
N ASN F 735 -10.23 -5.03 -81.30
CA ASN F 735 -10.83 -3.98 -82.08
C ASN F 735 -11.28 -4.48 -83.44
N SER F 736 -10.85 -5.67 -83.86
CA SER F 736 -11.25 -6.16 -85.17
C SER F 736 -12.61 -6.78 -84.99
N GLN F 737 -13.63 -6.05 -85.40
CA GLN F 737 -15.01 -6.49 -85.33
C GLN F 737 -15.76 -5.78 -86.44
N GLN F 738 -16.68 -6.50 -87.08
CA GLN F 738 -17.58 -5.87 -88.03
C GLN F 738 -18.87 -6.65 -88.04
N GLY F 739 -19.98 -5.94 -88.17
CA GLY F 739 -21.23 -6.62 -87.98
C GLY F 739 -21.38 -7.03 -86.52
N SER F 740 -22.23 -8.01 -86.29
CA SER F 740 -22.49 -8.48 -84.94
C SER F 740 -21.48 -9.50 -84.46
N LYS F 741 -20.69 -10.09 -85.36
CA LYS F 741 -19.85 -11.24 -85.02
C LYS F 741 -18.51 -11.12 -85.73
N ILE F 742 -17.50 -11.83 -85.22
CA ILE F 742 -16.18 -11.86 -85.81
C ILE F 742 -15.90 -13.26 -86.32
N GLN F 743 -15.49 -13.37 -87.57
CA GLN F 743 -14.87 -14.60 -88.03
C GLN F 743 -13.45 -14.65 -87.50
N GLU F 744 -12.96 -15.84 -87.19
CA GLU F 744 -11.70 -15.97 -86.49
C GLU F 744 -10.54 -16.12 -87.45
N SER F 745 -9.70 -15.10 -87.48
CA SER F 745 -8.32 -15.26 -87.90
C SER F 745 -7.52 -14.66 -86.77
N THR F 746 -7.74 -13.35 -86.58
CA THR F 746 -7.17 -12.62 -85.46
C THR F 746 -7.31 -13.45 -84.20
N LYS F 747 -8.51 -13.98 -84.00
CA LYS F 747 -8.82 -14.66 -82.76
C LYS F 747 -8.01 -15.94 -82.61
N ASN F 748 -7.31 -16.35 -83.67
CA ASN F 748 -6.31 -17.39 -83.57
C ASN F 748 -4.98 -16.86 -83.06
N LEU F 749 -4.71 -15.59 -83.32
CA LEU F 749 -3.34 -15.15 -83.56
C LEU F 749 -2.77 -14.36 -82.40
N VAL F 750 -3.36 -13.21 -82.11
CA VAL F 750 -3.07 -12.59 -80.81
C VAL F 750 -3.27 -13.64 -79.74
N MET F 751 -4.33 -14.43 -79.90
CA MET F 751 -4.42 -15.70 -79.21
C MET F 751 -3.08 -16.39 -79.26
N GLY F 752 -2.66 -16.77 -80.46
CA GLY F 752 -1.33 -17.35 -80.63
C GLY F 752 -0.28 -16.46 -79.98
N ALA F 753 -0.24 -15.18 -80.38
CA ALA F 753 0.71 -14.25 -79.79
C ALA F 753 0.68 -14.37 -78.28
N VAL F 754 -0.50 -14.55 -77.72
CA VAL F 754 -0.59 -14.88 -76.32
C VAL F 754 -0.36 -16.37 -76.07
N ARG F 755 -0.84 -17.23 -76.98
CA ARG F 755 -0.74 -18.67 -76.75
C ARG F 755 0.66 -19.07 -76.30
N GLN F 756 1.67 -18.45 -76.88
CA GLN F 756 3.02 -18.68 -76.41
C GLN F 756 3.51 -17.60 -75.48
N HIS F 757 2.67 -16.63 -75.16
CA HIS F 757 3.17 -15.43 -74.50
C HIS F 757 3.84 -15.76 -73.17
N PHE F 758 3.09 -16.36 -72.26
CA PHE F 758 3.52 -16.50 -70.89
C PHE F 758 4.03 -17.89 -70.49
N ARG F 759 4.19 -18.83 -71.45
CA ARG F 759 4.57 -20.26 -71.45
C ARG F 759 3.37 -21.22 -71.35
N PRO F 760 3.51 -22.46 -71.85
CA PRO F 760 2.32 -23.23 -72.30
C PRO F 760 1.41 -23.81 -71.23
N GLU F 761 1.95 -24.32 -70.11
CA GLU F 761 1.07 -25.04 -69.19
C GLU F 761 -0.13 -24.21 -68.82
N PHE F 762 0.10 -22.90 -68.65
CA PHE F 762 -0.98 -21.92 -68.64
C PHE F 762 -1.98 -22.24 -69.75
N LEU F 763 -1.52 -22.15 -71.00
CA LEU F 763 -2.35 -22.29 -72.17
C LEU F 763 -2.47 -23.73 -72.62
N ASN F 764 -1.96 -24.67 -71.85
CA ASN F 764 -1.95 -26.06 -72.23
C ASN F 764 -3.30 -26.75 -72.07
N ARG F 765 -3.69 -27.00 -70.83
CA ARG F 765 -4.91 -27.74 -70.48
C ARG F 765 -6.08 -26.77 -70.39
N ILE F 766 -7.20 -27.23 -69.80
CA ILE F 766 -8.28 -26.33 -69.40
C ILE F 766 -8.89 -25.61 -70.60
N SER F 767 -9.76 -26.31 -71.31
CA SER F 767 -10.24 -25.91 -72.63
C SER F 767 -10.90 -24.51 -72.63
N SER F 768 -12.10 -24.42 -72.07
CA SER F 768 -13.17 -23.63 -72.70
C SER F 768 -12.90 -22.13 -72.81
N ILE F 769 -13.71 -21.47 -73.65
CA ILE F 769 -13.36 -20.23 -74.34
C ILE F 769 -14.31 -19.12 -73.94
N VAL F 770 -13.88 -17.88 -74.16
CA VAL F 770 -14.64 -16.68 -73.84
C VAL F 770 -14.52 -15.70 -75.00
N ILE F 771 -15.65 -15.29 -75.55
CA ILE F 771 -15.63 -14.60 -76.83
C ILE F 771 -16.40 -13.30 -76.77
N PHE F 772 -15.87 -12.29 -77.46
CA PHE F 772 -16.41 -10.94 -77.37
C PHE F 772 -16.65 -10.38 -78.76
N ASN F 773 -17.90 -10.28 -79.15
CA ASN F 773 -18.35 -9.40 -80.22
C ASN F 773 -19.00 -8.15 -79.67
N LYS F 774 -19.05 -8.04 -78.36
CA LYS F 774 -19.86 -7.11 -77.58
C LYS F 774 -21.32 -7.27 -78.01
N LEU F 775 -22.05 -6.16 -78.02
CA LEU F 775 -23.50 -6.11 -78.07
C LEU F 775 -24.06 -5.83 -79.45
N SER F 776 -23.21 -5.79 -80.48
CA SER F 776 -23.65 -5.25 -81.75
C SER F 776 -24.21 -3.88 -81.47
N ARG F 777 -25.52 -3.73 -81.64
CA ARG F 777 -26.16 -2.45 -81.35
C ARG F 777 -27.12 -2.56 -80.16
N LYS F 778 -28.31 -3.10 -80.35
CA LYS F 778 -29.25 -3.01 -79.26
C LYS F 778 -28.94 -4.03 -78.20
N ALA F 779 -28.63 -5.25 -78.61
CA ALA F 779 -29.07 -6.42 -77.86
C ALA F 779 -28.88 -6.21 -76.38
N ILE F 780 -27.74 -5.66 -75.99
CA ILE F 780 -27.50 -5.33 -74.59
C ILE F 780 -28.69 -4.61 -74.01
N HIS F 781 -29.40 -3.84 -74.84
CA HIS F 781 -30.36 -2.87 -74.38
C HIS F 781 -31.21 -3.41 -73.25
N LYS F 782 -31.66 -4.65 -73.38
CA LYS F 782 -32.49 -5.25 -72.35
C LYS F 782 -31.90 -5.09 -70.97
N ILE F 783 -30.58 -4.93 -70.89
CA ILE F 783 -29.95 -4.69 -69.61
C ILE F 783 -30.66 -3.59 -68.86
N VAL F 784 -31.26 -2.67 -69.57
CA VAL F 784 -31.90 -1.55 -68.93
C VAL F 784 -32.95 -2.02 -67.94
N ASP F 785 -33.85 -2.89 -68.38
CA ASP F 785 -34.92 -3.31 -67.49
C ASP F 785 -34.33 -4.00 -66.29
N ILE F 786 -33.32 -4.78 -66.53
CA ILE F 786 -32.47 -5.24 -65.48
C ILE F 786 -32.11 -4.01 -64.70
N ARG F 787 -31.33 -3.14 -65.34
CA ARG F 787 -30.91 -1.91 -64.70
C ARG F 787 -32.07 -1.26 -64.00
N LEU F 788 -33.19 -1.17 -64.69
CA LEU F 788 -34.43 -0.82 -64.01
C LEU F 788 -34.63 -1.71 -62.82
N LYS F 789 -34.87 -2.97 -63.08
CA LYS F 789 -35.35 -3.74 -61.96
C LYS F 789 -34.25 -3.98 -60.96
N GLU F 790 -33.06 -3.50 -61.26
CA GLU F 790 -32.05 -3.31 -60.24
C GLU F 790 -32.43 -2.23 -59.26
N ILE F 791 -33.40 -1.39 -59.60
CA ILE F 791 -33.61 -0.22 -58.78
C ILE F 791 -34.44 -0.61 -57.58
N GLU F 792 -35.72 -0.76 -57.87
CA GLU F 792 -36.77 -0.82 -56.88
C GLU F 792 -36.41 -1.75 -55.74
N GLU F 793 -35.89 -2.91 -56.07
CA GLU F 793 -35.74 -3.95 -55.06
C GLU F 793 -34.68 -3.55 -54.04
N ARG F 794 -33.61 -2.90 -54.49
CA ARG F 794 -32.37 -2.92 -53.73
C ARG F 794 -32.62 -2.56 -52.28
N PHE F 795 -33.58 -1.68 -52.06
CA PHE F 795 -33.86 -1.23 -50.72
C PHE F 795 -35.21 -1.82 -50.39
N GLU F 796 -36.24 -1.23 -50.95
CA GLU F 796 -37.55 -1.81 -51.01
C GLU F 796 -38.14 -1.39 -52.32
N GLN F 797 -38.75 -2.31 -53.03
CA GLN F 797 -39.55 -1.90 -54.16
C GLN F 797 -40.66 -0.99 -53.71
N ASN F 798 -41.06 -1.16 -52.46
CA ASN F 798 -42.08 -0.31 -51.90
C ASN F 798 -41.79 1.15 -52.07
N ASP F 799 -40.54 1.55 -51.85
CA ASP F 799 -40.20 2.96 -51.94
C ASP F 799 -40.89 3.52 -53.15
N LYS F 800 -40.51 3.02 -54.30
CA LYS F 800 -41.11 3.48 -55.54
C LYS F 800 -41.54 2.26 -56.34
N HIS F 801 -42.83 2.17 -56.58
CA HIS F 801 -43.39 1.25 -57.54
C HIS F 801 -43.49 1.90 -58.90
N TYR F 802 -42.87 3.06 -59.03
CA TYR F 802 -43.30 4.04 -60.01
C TYR F 802 -42.79 3.68 -61.39
N LYS F 803 -41.70 2.93 -61.44
CA LYS F 803 -41.43 1.92 -62.46
C LYS F 803 -41.31 2.50 -63.86
N LEU F 804 -41.86 3.69 -64.03
CA LEU F 804 -41.53 4.66 -65.07
C LEU F 804 -41.58 4.04 -66.45
N ASN F 805 -40.81 4.59 -67.36
CA ASN F 805 -40.73 4.13 -68.73
C ASN F 805 -39.45 4.66 -69.33
N LEU F 806 -38.91 3.89 -70.26
CA LEU F 806 -37.54 4.07 -70.66
C LEU F 806 -37.35 4.73 -72.02
N THR F 807 -38.41 4.99 -72.77
CA THR F 807 -38.30 5.69 -74.05
C THR F 807 -37.07 5.28 -74.83
N GLN F 808 -37.14 4.11 -75.45
CA GLN F 808 -35.98 3.49 -76.04
C GLN F 808 -35.14 4.52 -76.75
N GLU F 809 -35.83 5.39 -77.48
CA GLU F 809 -35.21 6.49 -78.19
C GLU F 809 -34.18 7.13 -77.30
N ALA F 810 -34.56 7.41 -76.06
CA ALA F 810 -33.56 7.78 -75.08
C ALA F 810 -32.58 6.63 -74.86
N LYS F 811 -33.08 5.47 -74.44
CA LYS F 811 -32.17 4.38 -74.12
C LYS F 811 -31.13 4.24 -75.20
N ASP F 812 -31.56 4.37 -76.43
CA ASP F 812 -30.64 4.56 -77.54
C ASP F 812 -29.70 5.70 -77.21
N PHE F 813 -30.25 6.91 -77.25
CA PHE F 813 -29.55 8.13 -76.92
C PHE F 813 -28.71 7.91 -75.69
N LEU F 814 -29.34 7.28 -74.71
CA LEU F 814 -28.63 6.86 -73.52
C LEU F 814 -27.48 5.99 -73.94
N ALA F 815 -27.79 4.78 -74.36
CA ALA F 815 -26.74 3.83 -74.65
C ALA F 815 -25.80 4.40 -75.70
N LYS F 816 -26.36 4.80 -76.84
CA LYS F 816 -25.58 5.11 -78.02
C LYS F 816 -24.44 6.00 -77.62
N TYR F 817 -24.78 7.19 -77.15
CA TYR F 817 -23.79 7.92 -76.38
C TYR F 817 -23.29 7.03 -75.26
N GLY F 818 -24.16 6.83 -74.29
CA GLY F 818 -23.71 6.79 -72.91
C GLY F 818 -22.61 5.82 -72.62
N TYR F 819 -22.47 4.78 -73.42
CA TYR F 819 -21.40 3.83 -73.18
C TYR F 819 -20.49 3.79 -74.38
N SER F 820 -19.19 3.74 -74.11
CA SER F 820 -18.23 3.97 -75.17
C SER F 820 -18.31 2.92 -76.24
N ASP F 821 -17.78 3.31 -77.40
CA ASP F 821 -17.24 2.35 -78.32
C ASP F 821 -16.49 1.33 -77.49
N ASP F 822 -15.41 1.76 -76.87
CA ASP F 822 -14.51 0.86 -76.20
C ASP F 822 -15.24 0.11 -75.10
N MET F 823 -15.47 0.78 -73.99
CA MET F 823 -16.46 0.33 -73.04
C MET F 823 -17.30 1.52 -72.67
N GLY F 824 -16.68 2.40 -71.88
CA GLY F 824 -17.33 3.56 -71.29
C GLY F 824 -18.62 3.10 -70.70
N ALA F 825 -18.65 1.84 -70.31
CA ALA F 825 -19.88 1.09 -70.32
C ALA F 825 -20.61 1.13 -69.01
N ARG F 826 -19.95 1.53 -67.93
CA ARG F 826 -20.67 1.58 -66.66
C ARG F 826 -21.67 2.72 -66.60
N PRO F 827 -21.31 3.97 -66.88
CA PRO F 827 -21.87 5.06 -66.08
C PRO F 827 -23.35 5.36 -66.25
N LEU F 828 -23.93 5.22 -67.44
CA LEU F 828 -25.30 5.71 -67.62
C LEU F 828 -26.16 5.33 -66.44
N ASN F 829 -25.96 4.11 -65.96
CA ASN F 829 -26.43 3.71 -64.64
C ASN F 829 -26.06 4.80 -63.66
N ARG F 830 -24.77 4.92 -63.37
CA ARG F 830 -24.25 5.96 -62.49
C ARG F 830 -24.79 7.30 -62.92
N LEU F 831 -25.28 7.40 -64.14
CA LEU F 831 -25.65 8.68 -64.68
C LEU F 831 -27.13 8.86 -64.75
N ILE F 832 -27.73 8.19 -65.72
CA ILE F 832 -29.11 8.46 -66.02
C ILE F 832 -29.91 8.43 -64.75
N GLN F 833 -29.48 7.58 -63.83
CA GLN F 833 -30.04 7.61 -62.50
C GLN F 833 -30.20 9.03 -62.05
N ASN F 834 -29.20 9.84 -62.28
CA ASN F 834 -29.07 11.06 -61.54
C ASN F 834 -30.17 11.99 -61.97
N GLU F 835 -30.06 12.47 -63.21
CA GLU F 835 -31.03 13.43 -63.69
C GLU F 835 -32.43 12.92 -63.44
N ILE F 836 -32.60 11.62 -63.52
CA ILE F 836 -33.87 11.06 -63.11
C ILE F 836 -33.95 11.23 -61.61
N LEU F 837 -32.96 10.68 -60.91
CA LEU F 837 -32.94 10.76 -59.46
C LEU F 837 -33.16 12.18 -59.00
N ASN F 838 -32.78 13.14 -59.84
CA ASN F 838 -33.21 14.49 -59.58
C ASN F 838 -34.71 14.53 -59.48
N LYS F 839 -35.39 14.23 -60.58
CA LYS F 839 -36.84 14.20 -60.51
C LYS F 839 -37.27 13.40 -59.33
N LEU F 840 -36.60 12.27 -59.10
CA LEU F 840 -36.85 11.52 -57.89
C LEU F 840 -36.81 12.50 -56.76
N ALA F 841 -35.62 13.00 -56.48
CA ALA F 841 -35.50 14.05 -55.48
C ALA F 841 -36.59 15.06 -55.70
N LEU F 842 -36.56 15.68 -56.87
CA LEU F 842 -37.56 16.65 -57.27
C LEU F 842 -38.97 16.22 -56.92
N ARG F 843 -39.48 15.23 -57.62
CA ARG F 843 -40.86 14.84 -57.40
C ARG F 843 -41.04 14.35 -55.98
N ILE F 844 -39.94 13.99 -55.32
CA ILE F 844 -39.96 13.82 -53.88
C ILE F 844 -39.79 15.14 -53.16
N LEU F 845 -39.52 16.23 -53.87
CA LEU F 845 -39.32 17.43 -53.09
C LEU F 845 -40.62 18.09 -52.70
N LYS F 846 -41.22 18.84 -53.62
CA LYS F 846 -42.46 19.51 -53.28
C LYS F 846 -43.58 18.49 -53.15
N ASN F 847 -43.42 17.35 -53.83
CA ASN F 847 -44.25 16.17 -53.66
C ASN F 847 -45.73 16.47 -53.92
N GLU F 848 -46.01 16.71 -55.20
CA GLU F 848 -47.33 16.39 -55.73
C GLU F 848 -47.10 15.28 -56.73
N ILE F 849 -47.32 14.05 -56.28
CA ILE F 849 -47.87 12.94 -57.05
C ILE F 849 -47.54 11.71 -56.21
N LYS F 850 -48.30 10.64 -56.36
CA LYS F 850 -47.75 9.33 -56.04
C LYS F 850 -48.55 8.30 -56.82
N ASP F 851 -47.84 7.32 -57.34
CA ASP F 851 -48.28 6.61 -58.54
C ASP F 851 -47.39 5.39 -58.75
N LYS F 852 -47.54 4.79 -59.92
CA LYS F 852 -46.52 3.96 -60.55
C LYS F 852 -46.48 4.45 -61.98
N GLU F 853 -45.33 4.89 -62.45
CA GLU F 853 -45.36 5.80 -63.59
C GLU F 853 -44.75 5.12 -64.80
N THR F 854 -44.82 5.83 -65.93
CA THR F 854 -44.07 5.51 -67.13
C THR F 854 -43.47 6.80 -67.67
N VAL F 855 -42.14 6.91 -67.64
CA VAL F 855 -41.51 8.20 -67.89
C VAL F 855 -41.55 8.56 -69.37
N ASN F 856 -40.77 7.84 -70.19
CA ASN F 856 -40.88 7.91 -71.65
C ASN F 856 -40.90 9.34 -72.20
N VAL F 857 -40.12 10.25 -71.60
CA VAL F 857 -40.16 11.67 -71.98
C VAL F 857 -38.75 12.21 -72.12
N VAL F 858 -38.49 12.93 -73.24
CA VAL F 858 -37.19 13.51 -73.63
C VAL F 858 -37.51 14.66 -74.60
N LEU F 859 -36.53 15.53 -74.88
CA LEU F 859 -36.76 16.51 -75.98
C LEU F 859 -36.94 15.79 -77.30
N GLU F 872 -24.17 21.55 -76.30
CA GLU F 872 -24.28 20.74 -77.51
C GLU F 872 -25.65 20.07 -77.59
N ALA F 873 -26.07 19.74 -78.81
CA ALA F 873 -27.32 19.03 -79.03
C ALA F 873 -27.32 17.66 -78.38
N GLU F 874 -26.20 17.26 -77.79
CA GLU F 874 -25.98 15.94 -77.23
C GLU F 874 -26.96 15.64 -76.11
N GLU F 875 -27.81 16.61 -75.76
CA GLU F 875 -28.81 16.41 -74.72
C GLU F 875 -30.18 16.81 -75.23
N CYS F 876 -31.06 15.83 -75.39
CA CYS F 876 -32.49 16.09 -75.48
C CYS F 876 -33.20 15.88 -74.14
N LEU F 877 -32.46 15.62 -73.07
CA LEU F 877 -32.97 16.04 -71.76
C LEU F 877 -34.30 15.40 -71.42
N GLU F 878 -34.25 14.12 -71.08
CA GLU F 878 -35.41 13.30 -70.77
C GLU F 878 -36.45 13.86 -69.79
N VAL F 879 -36.11 13.92 -68.50
CA VAL F 879 -36.97 14.33 -67.40
C VAL F 879 -38.25 13.49 -67.34
N LEU F 880 -39.33 14.08 -66.82
CA LEU F 880 -40.65 13.52 -66.53
C LEU F 880 -41.46 14.50 -65.68
N PRO F 881 -42.73 14.70 -65.99
CA PRO F 881 -43.60 15.50 -65.11
C PRO F 881 -44.42 14.68 -64.13
N ASN F 882 -45.29 15.37 -63.38
CA ASN F 882 -46.37 14.72 -62.67
C ASN F 882 -47.43 14.16 -63.58
PG AGS G . 7.20 20.59 20.53
S1G AGS G . 6.72 21.41 18.86
O2G AGS G . 6.76 19.11 20.60
O3G AGS G . 8.68 20.78 20.94
PB AGS G . 7.16 22.83 21.13
O1B AGS G . 6.25 23.53 20.13
O2B AGS G . 8.46 22.58 20.54
O3B AGS G . 6.51 21.49 21.53
PA AGS G . 8.85 23.19 22.69
O1A AGS G . 9.61 23.67 21.46
O2A AGS G . 8.84 21.73 22.65
O3A AGS G . 7.40 23.65 22.41
O5' AGS G . 9.42 23.76 24.07
C5' AGS G . 9.26 25.14 24.50
C4' AGS G . 9.73 25.95 23.34
O4' AGS G . 9.50 27.36 23.48
C3' AGS G . 11.20 25.85 22.99
O3' AGS G . 11.39 24.72 22.14
C2' AGS G . 11.46 27.15 22.22
O2' AGS G . 11.67 26.84 20.86
C1' AGS G . 10.12 27.88 22.34
N9 AGS G . 10.23 29.34 22.35
C8 AGS G . 10.25 30.13 21.24
N7 AGS G . 10.39 31.41 21.49
C5 AGS G . 10.51 31.45 22.86
C6 AGS G . 10.68 32.52 23.75
N6 AGS G . 10.79 33.80 23.38
N1 AGS G . 10.73 32.23 25.07
C2 AGS G . 10.64 30.96 25.46
N3 AGS G . 10.47 29.87 24.70
C4 AGS G . 10.42 30.19 23.42
PG AGS H . -19.15 22.00 -4.35
S1G AGS H . -18.06 23.36 -5.17
O2G AGS H . -18.99 20.55 -4.84
O3G AGS H . -18.85 22.08 -2.84
PB AGS H . -21.33 21.40 -3.49
O1B AGS H . -20.22 20.84 -2.62
O2B AGS H . -22.17 20.30 -3.97
O3B AGS H . -20.63 22.23 -4.54
PA AGS H . -21.45 23.83 -2.52
O1A AGS H . -22.06 24.83 -3.48
O2A AGS H . -20.01 23.87 -2.58
O3A AGS H . -22.14 22.43 -2.68
O5' AGS H . -21.82 24.26 -1.12
C5' AGS H . -22.32 25.55 -0.94
C4' AGS H . -21.23 26.46 -0.46
O4' AGS H . -21.02 27.46 -1.47
C3' AGS H . -21.63 27.25 0.76
O3' AGS H . -20.49 27.73 1.45
C2' AGS H . -22.48 28.36 0.17
O2' AGS H . -22.41 29.55 0.92
C1' AGS H . -21.85 28.57 -1.21
N9 AGS H . -22.86 28.61 -2.25
C8 AGS H . -23.24 27.59 -3.06
N7 AGS H . -24.20 27.89 -3.90
C5 AGS H . -24.46 29.21 -3.60
C6 AGS H . -25.38 30.14 -4.14
N6 AGS H . -26.23 29.84 -5.13
N1 AGS H . -25.40 31.38 -3.63
C2 AGS H . -24.55 31.68 -2.65
N3 AGS H . -23.64 30.90 -2.06
C4 AGS H . -23.65 29.69 -2.59
PG AGS I . -30.54 -6.21 -20.24
S1G AGS I . -28.89 -6.42 -21.23
O2G AGS I . -30.56 -7.10 -18.97
O3G AGS I . -30.60 -4.78 -19.71
PB AGS I . -32.80 -5.55 -20.11
O1B AGS I . -32.40 -4.12 -20.45
O2B AGS I . -32.50 -5.75 -18.69
O3B AGS I . -31.87 -6.38 -21.00
PA AGS I . -34.79 -4.26 -19.66
O1A AGS I . -33.95 -3.11 -20.22
O2A AGS I . -34.49 -4.40 -18.25
O3A AGS I . -34.32 -5.54 -20.43
O5' AGS I . -36.28 -3.96 -19.98
C5' AGS I . -36.60 -2.63 -20.41
C4' AGS I . -36.53 -2.64 -21.90
O4' AGS I . -37.66 -3.32 -22.44
C3' AGS I . -36.46 -1.27 -22.57
O3' AGS I . -35.46 -1.24 -23.56
C2' AGS I . -37.80 -1.16 -23.30
O2' AGS I . -37.64 -0.50 -24.55
C1' AGS I . -38.15 -2.61 -23.56
N9 AGS I . -39.57 -2.81 -23.66
C8 AGS I . -40.51 -2.59 -22.68
N7 AGS I . -41.74 -2.85 -23.06
C5 AGS I . -41.60 -3.25 -24.37
C6 AGS I . -42.54 -3.63 -25.33
N6 AGS I . -43.85 -3.73 -25.09
N1 AGS I . -42.07 -4.01 -26.54
C2 AGS I . -40.76 -3.94 -26.78
N3 AGS I . -39.79 -3.57 -25.95
C4 AGS I . -40.27 -3.23 -24.76
PG AGS J . -7.07 23.38 -47.33
S1G AGS J . -7.29 23.28 -45.41
O2G AGS J . -6.95 24.87 -47.75
O3G AGS J . -5.81 22.60 -47.76
PB AGS J . -8.64 23.60 -49.28
O1B AGS J . -8.12 24.94 -49.08
O2B AGS J . -8.20 22.85 -50.53
O3B AGS J . -8.27 22.76 -48.06
PA AGS J . -10.88 22.80 -48.43
O1A AGS J . -12.33 22.81 -48.51
O2A AGS J . -10.18 21.48 -48.70
O3A AGS J . -10.18 23.74 -49.38
O5' AGS J . -10.48 23.26 -47.00
C5' AGS J . -10.84 24.53 -46.49
C4' AGS J . -9.91 25.59 -47.01
O4' AGS J . -10.66 26.57 -47.76
C3' AGS J . -9.17 26.37 -45.94
O3' AGS J . -7.88 26.70 -46.44
C2' AGS J . -10.08 27.56 -45.72
O2' AGS J . -9.48 28.71 -45.15
C1' AGS J . -10.50 27.84 -47.17
N9 AGS J . -11.68 28.66 -47.30
C8 AGS J . -12.22 29.47 -46.33
N7 AGS J . -13.29 30.13 -46.71
C5 AGS J . -13.44 29.74 -48.05
C6 AGS J . -14.39 30.11 -49.00
N6 AGS J . -15.40 30.96 -48.78
N1 AGS J . -14.28 29.55 -50.22
C2 AGS J . -13.28 28.71 -50.45
N3 AGS J . -12.32 28.31 -49.62
C4 AGS J . -12.46 28.87 -48.40
PG AGS K . -16.87 -35.72 -29.38
S1G AGS K . -15.95 -36.84 -28.09
O2G AGS K . -16.40 -34.25 -29.31
O3G AGS K . -16.62 -36.21 -30.83
PB AGS K . -19.29 -34.73 -29.78
O1B AGS K . -18.49 -33.53 -30.10
O2B AGS K . -19.88 -35.53 -30.94
O3B AGS K . -18.38 -35.75 -29.05
PA AGS K . -20.97 -35.36 -27.82
O1A AGS K . -20.92 -34.69 -26.52
O2A AGS K . -19.98 -36.52 -27.99
O3A AGS K . -20.57 -34.36 -28.96
O5' AGS K . -22.48 -35.77 -28.09
C5' AGS K . -22.88 -37.11 -28.40
C4' AGS K . -22.23 -37.40 -29.72
O4' AGS K . -22.46 -38.74 -30.13
C3' AGS K . -22.71 -36.57 -30.88
O3' AGS K . -22.01 -35.34 -30.92
C2' AGS K . -22.35 -37.45 -32.09
O2' AGS K . -21.24 -36.89 -32.77
C1' AGS K . -22.01 -38.80 -31.46
N9 AGS K . -22.62 -39.93 -32.13
C8 AGS K . -23.80 -39.93 -32.79
N7 AGS K . -24.12 -41.08 -33.32
C5 AGS K . -23.05 -41.90 -32.99
C6 AGS K . -22.79 -43.25 -33.23
N6 AGS K . -23.59 -44.04 -33.94
N1 AGS K . -21.64 -43.76 -32.73
C2 AGS K . -20.83 -42.97 -32.04
N3 AGS K . -20.98 -41.67 -31.73
C4 AGS K . -22.12 -41.20 -32.23
PG AGS L . -16.78 -3.27 -68.68
S1G AGS L . -17.15 -1.37 -68.52
O2G AGS L . -17.65 -4.09 -67.68
O3G AGS L . -17.10 -3.78 -70.11
PB AGS L . -14.91 -4.43 -67.09
O1B AGS L . -14.84 -3.48 -65.90
O2B AGS L . -13.69 -5.20 -67.39
O3B AGS L . -15.28 -3.56 -68.36
PA AGS L . -15.66 -6.85 -66.16
O1A AGS L . -14.40 -6.58 -65.34
O2A AGS L . -15.49 -7.87 -67.20
O3A AGS L . -16.06 -5.45 -66.79
O5' AGS L . -16.87 -7.38 -65.27
C5' AGS L . -17.66 -6.58 -64.36
C4' AGS L . -18.52 -5.71 -65.24
O4' AGS L . -19.64 -6.42 -65.75
C3' AGS L . -19.09 -4.42 -64.68
O3' AGS L . -18.13 -3.39 -64.85
C2' AGS L . -20.32 -4.17 -65.57
O2' AGS L . -20.10 -3.06 -66.43
C1' AGS L . -20.35 -5.42 -66.45
N9 AGS L . -21.63 -5.93 -66.88
C8 AGS L . -22.49 -6.80 -66.24
N7 AGS L . -23.56 -7.08 -66.93
C5 AGS L . -23.40 -6.37 -68.12
C6 AGS L . -24.20 -6.25 -69.26
N6 AGS L . -25.36 -6.88 -69.43
N1 AGS L . -23.73 -5.47 -70.25
C2 AGS L . -22.57 -4.84 -70.10
N3 AGS L . -21.73 -4.89 -69.07
C4 AGS L . -22.21 -5.68 -68.08
#